data_7BRS
#
_entry.id   7BRS
#
_cell.length_a   246.653
_cell.length_b   84.423
_cell.length_c   240.650
_cell.angle_alpha   90.000
_cell.angle_beta   94.430
_cell.angle_gamma   90.000
#
_symmetry.space_group_name_H-M   'C 1 2 1'
#
loop_
_entity.id
_entity.type
_entity.pdbx_description
1 polymer Beta-galactosidase
2 non-polymer '8-[2-[(E)-2-[4-[(2S,3R,4S,5R,6R)-6-(hydroxymethyl)-3,4,5-tris(oxidanyl)oxan-2-yl]oxyphenyl]ethenyl]-3,3-dimethyl-indol-1-ium-1-yl]octanoic acid'
3 non-polymer 'MAGNESIUM ION'
4 non-polymer 'SODIUM ION'
5 non-polymer 'DIMETHYL SULFOXIDE'
6 non-polymer GLYCEROL
7 water water
#
_entity_poly.entity_id   1
_entity_poly.type   'polypeptide(L)'
_entity_poly.pdbx_seq_one_letter_code
;SMTMITDSLAVVLQRRDWENPGVTQLNRLAAHPPFASWRNSEEARTDRPSQQLRSLNGEWRFAWFPAPEAVPESWLECDL
PEADTVVVPSNWQMHGYDAPIYTNVTYPITVNPPFVPTENPTGCYSLTFNVDESWLQEGQTRIIFDGVNSAFHLWCNGRW
VGYGQDSRLPSEFDLSAFLRAGENRLAVMVLRWSDGSYLEDQDMWRMSGIFRDVSLLHKPTTQISDFHVATRFNDDFSRA
VLEAEVQMCGELRDYLRVTVSLWQGETQVASGTAPFGGEIIDERGGYADRVTLRLNVENPKLWSAEIPNLYRAVVELHTA
DGTLIEAEACDVGFREVRIENGLLLLNGKPLLIRGVNRHEHHPLHGQVMDEQTMVQDILLMKQNNFNAVRCSHYPNHPLW
YTLCDRYGLYVVDEANIETHGMVPMNRLTDDPRWLPAMSERVTRMVQRDRNHPSVIIWSLGNESGHGANHDALYRWIKSV
DPSRPVQYEGGGADTTATDIICPMYARVDEDQPFPAVPKWSIKKWLSLPGETRPLILCQYAHAMGNSLGGFAKYWQAFRQ
YPRLQGGFVWDWVDQSLIKYDENGNPWSAYGGDFGDTPNDRQFCMNGLVFADRTPHPALTEAKHQQQFFQFRLSGQTIEV
TSEYLFRHSDNELLHWMVALDGKPLASGEVPLDVAPQGKQLIELPELPQPESAGQLWLTVRVVQPNATAWSEAGHISAWQ
QWRLAENLSVTLPAASHAIPHLTTSEMDFCIELGNKRWQFNRQSGFLSQMWIGDKKQLLTPLRDQFTRAPLDNDIGVSEA
TRIDPNAWVERWKAAGHYQAEAALLQCTADTLADAVLITTAHAWQHQGKTLFISRKTYRIDGSGQMAITVDVEVASDTPH
PARIGLNCQLAQVAERVNWLGLGPQENYPDRLTAACFDRWDLPLSDMYTPYVFPSENGLRCGTRELNYGPHQWRGDFQFN
ISRYSQQQLMETSHRHLLHAEEGTWLNIDGFHMGIGGDDSWSPSVSAEFQLSAGRYHYQLVWCQK
;
_entity_poly.pdbx_strand_id   A,B,C,D
#
# COMPACT_ATOMS: atom_id res chain seq x y z
N ILE A 5 -5.92 -53.77 -20.30
CA ILE A 5 -6.89 -54.36 -19.40
C ILE A 5 -6.70 -53.77 -18.02
N THR A 6 -5.56 -54.10 -17.42
CA THR A 6 -5.36 -53.92 -15.98
C THR A 6 -4.28 -52.93 -15.63
N ASP A 7 -3.40 -52.58 -16.55
CA ASP A 7 -2.52 -51.45 -16.34
C ASP A 7 -3.24 -50.13 -16.59
N SER A 8 -4.54 -50.19 -16.86
CA SER A 8 -5.37 -49.02 -17.13
C SER A 8 -5.22 -47.98 -16.02
N LEU A 9 -5.44 -46.72 -16.38
CA LEU A 9 -5.63 -45.70 -15.35
C LEU A 9 -6.90 -45.96 -14.57
N ALA A 10 -7.95 -46.42 -15.27
CA ALA A 10 -9.22 -46.67 -14.59
C ALA A 10 -9.03 -47.65 -13.44
N VAL A 11 -8.35 -48.77 -13.69
CA VAL A 11 -8.21 -49.79 -12.66
C VAL A 11 -7.23 -49.32 -11.58
N VAL A 12 -6.10 -48.75 -11.99
CA VAL A 12 -5.08 -48.38 -11.01
C VAL A 12 -5.58 -47.28 -10.10
N LEU A 13 -6.08 -46.18 -10.66
CA LEU A 13 -6.56 -45.08 -9.83
C LEU A 13 -7.77 -45.49 -9.01
N GLN A 14 -8.50 -46.49 -9.49
CA GLN A 14 -9.69 -46.95 -8.77
C GLN A 14 -9.35 -47.46 -7.37
N ARG A 15 -8.15 -48.00 -7.20
CA ARG A 15 -7.72 -48.43 -5.87
C ARG A 15 -7.61 -47.27 -4.89
N ARG A 16 -7.39 -46.06 -5.40
CA ARG A 16 -7.18 -44.87 -4.59
C ARG A 16 -6.17 -45.13 -3.48
N ASP A 17 -5.02 -45.69 -3.88
CA ASP A 17 -3.97 -46.00 -2.93
C ASP A 17 -3.46 -44.78 -2.18
N TRP A 18 -3.68 -43.58 -2.71
CA TRP A 18 -3.20 -42.35 -2.10
C TRP A 18 -4.16 -41.79 -1.05
N GLU A 19 -5.28 -42.46 -0.82
CA GLU A 19 -6.20 -42.13 0.27
C GLU A 19 -6.35 -43.31 1.21
N ASN A 20 -5.24 -43.99 1.49
CA ASN A 20 -5.22 -45.19 2.30
C ASN A 20 -3.86 -45.36 2.97
N PRO A 21 -3.74 -45.01 4.25
CA PRO A 21 -2.44 -45.09 4.93
C PRO A 21 -1.97 -46.51 5.22
N GLY A 22 -2.73 -47.51 4.76
CA GLY A 22 -2.32 -48.89 4.89
C GLY A 22 -1.54 -49.34 3.68
N VAL A 23 -1.72 -48.64 2.57
CA VAL A 23 -0.96 -48.88 1.34
C VAL A 23 -0.02 -47.70 1.16
N THR A 24 1.24 -47.87 1.49
CA THR A 24 2.24 -46.83 1.30
C THR A 24 3.21 -47.16 0.16
N GLN A 25 3.03 -48.29 -0.51
CA GLN A 25 3.83 -48.70 -1.65
C GLN A 25 3.20 -49.96 -2.22
N LEU A 26 3.55 -50.26 -3.46
CA LEU A 26 3.21 -51.54 -4.07
C LEU A 26 4.36 -51.96 -4.95
N ASN A 27 4.83 -53.20 -4.78
CA ASN A 27 5.93 -53.75 -5.54
C ASN A 27 7.21 -52.92 -5.40
N ARG A 28 7.34 -52.17 -4.31
CA ARG A 28 8.54 -51.40 -4.05
C ARG A 28 9.58 -52.27 -3.38
N LEU A 29 10.83 -52.16 -3.85
CA LEU A 29 11.89 -52.99 -3.32
C LEU A 29 12.31 -52.53 -1.92
N ALA A 30 12.98 -53.44 -1.20
CA ALA A 30 13.47 -53.12 0.13
C ALA A 30 14.50 -52.01 0.10
N ALA A 31 14.62 -51.31 1.22
CA ALA A 31 15.59 -50.24 1.39
C ALA A 31 16.97 -50.79 1.78
N HIS A 32 18.00 -49.99 1.56
CA HIS A 32 19.38 -50.44 1.65
C HIS A 32 20.30 -49.22 1.60
N PRO A 33 21.56 -49.40 1.97
CA PRO A 33 22.55 -48.31 1.80
C PRO A 33 22.76 -48.01 0.33
N PRO A 34 23.37 -46.87 0.00
CA PRO A 34 23.57 -46.52 -1.42
C PRO A 34 24.37 -47.58 -2.14
N PHE A 35 23.85 -48.01 -3.28
CA PHE A 35 24.46 -49.04 -4.11
C PHE A 35 24.95 -48.43 -5.41
N ALA A 36 25.88 -49.14 -6.04
CA ALA A 36 26.36 -48.79 -7.37
C ALA A 36 26.63 -50.01 -8.25
N SER A 37 26.67 -51.22 -7.68
CA SER A 37 26.89 -52.46 -8.43
C SER A 37 28.13 -52.39 -9.31
N TRP A 38 29.22 -51.92 -8.72
CA TRP A 38 30.51 -51.98 -9.40
C TRP A 38 30.83 -53.43 -9.76
N ARG A 39 31.30 -53.63 -10.99
CA ARG A 39 31.78 -54.94 -11.41
C ARG A 39 33.30 -55.03 -11.36
N ASN A 40 33.95 -54.01 -10.80
CA ASN A 40 35.38 -54.03 -10.55
C ASN A 40 35.61 -53.41 -9.18
N SER A 41 36.45 -54.07 -8.36
CA SER A 41 36.59 -53.68 -6.97
C SER A 41 37.42 -52.40 -6.80
N GLU A 42 38.40 -52.18 -7.69
CA GLU A 42 39.16 -50.94 -7.59
C GLU A 42 38.29 -49.75 -7.99
N GLU A 43 37.30 -49.97 -8.86
CA GLU A 43 36.28 -48.95 -9.11
C GLU A 43 35.52 -48.62 -7.84
N ALA A 44 35.24 -49.63 -7.01
CA ALA A 44 34.48 -49.40 -5.78
C ALA A 44 35.29 -48.66 -4.74
N ARG A 45 36.57 -49.00 -4.58
CA ARG A 45 37.40 -48.29 -3.60
C ARG A 45 37.61 -46.85 -4.03
N THR A 46 37.85 -46.63 -5.31
CA THR A 46 38.08 -45.29 -5.84
C THR A 46 36.84 -44.40 -5.76
N ASP A 47 35.65 -44.98 -5.55
CA ASP A 47 34.36 -44.25 -5.61
C ASP A 47 34.15 -43.66 -7.01
N ARG A 48 34.52 -44.43 -8.03
CA ARG A 48 34.30 -44.03 -9.41
C ARG A 48 32.82 -44.02 -9.73
N PRO A 49 32.45 -43.45 -10.87
CA PRO A 49 31.19 -43.85 -11.50
C PRO A 49 31.16 -45.34 -11.76
N SER A 50 29.96 -45.87 -11.97
CA SER A 50 29.77 -47.28 -12.26
C SER A 50 28.92 -47.40 -13.52
N GLN A 51 29.34 -48.29 -14.44
CA GLN A 51 28.59 -48.50 -15.66
C GLN A 51 27.24 -49.16 -15.43
N GLN A 52 26.91 -49.49 -14.18
CA GLN A 52 25.65 -50.10 -13.84
C GLN A 52 24.69 -49.16 -13.16
N LEU A 53 25.09 -47.90 -12.92
CA LEU A 53 24.23 -46.89 -12.31
C LEU A 53 24.07 -45.73 -13.30
N ARG A 54 23.08 -45.85 -14.17
CA ARG A 54 22.76 -44.79 -15.12
C ARG A 54 21.95 -43.69 -14.44
N SER A 55 22.12 -42.47 -14.92
CA SER A 55 21.28 -41.35 -14.50
C SER A 55 20.22 -41.11 -15.56
N LEU A 56 18.97 -40.99 -15.11
CA LEU A 56 17.87 -40.60 -15.98
C LEU A 56 17.49 -39.14 -15.80
N ASN A 57 18.29 -38.37 -15.09
CA ASN A 57 18.06 -36.93 -15.00
C ASN A 57 18.17 -36.29 -16.39
N GLY A 58 17.47 -35.19 -16.57
CA GLY A 58 17.49 -34.54 -17.86
C GLY A 58 16.11 -34.14 -18.35
N GLU A 59 15.90 -34.22 -19.65
CA GLU A 59 14.68 -33.70 -20.27
C GLU A 59 13.62 -34.80 -20.29
N TRP A 60 12.55 -34.60 -19.52
CA TRP A 60 11.37 -35.46 -19.56
C TRP A 60 10.20 -34.68 -20.14
N ARG A 61 9.16 -35.42 -20.53
CA ARG A 61 7.92 -34.82 -20.98
C ARG A 61 6.97 -34.75 -19.79
N PHE A 62 6.35 -33.58 -19.59
CA PHE A 62 5.55 -33.31 -18.41
C PHE A 62 4.22 -32.68 -18.82
N ALA A 63 3.17 -33.06 -18.09
CA ALA A 63 1.85 -32.50 -18.29
C ALA A 63 1.14 -32.42 -16.94
N TRP A 64 0.49 -31.29 -16.69
CA TRP A 64 -0.15 -31.01 -15.42
C TRP A 64 -1.66 -31.20 -15.53
N PHE A 65 -2.23 -31.87 -14.54
CA PHE A 65 -3.67 -32.10 -14.50
C PHE A 65 -4.22 -31.70 -13.14
N PRO A 66 -5.49 -31.29 -13.06
CA PRO A 66 -6.04 -30.89 -11.76
C PRO A 66 -6.33 -32.05 -10.82
N ALA A 67 -6.48 -33.27 -11.34
CA ALA A 67 -6.86 -34.43 -10.56
C ALA A 67 -6.51 -35.66 -11.37
N PRO A 68 -6.05 -36.74 -10.74
CA PRO A 68 -5.62 -37.91 -11.53
C PRO A 68 -6.73 -38.50 -12.39
N GLU A 69 -7.99 -38.33 -12.01
CA GLU A 69 -9.08 -38.83 -12.83
C GLU A 69 -9.19 -38.10 -14.17
N ALA A 70 -8.57 -36.92 -14.28
CA ALA A 70 -8.57 -36.16 -15.52
C ALA A 70 -7.49 -36.60 -16.49
N VAL A 71 -6.59 -37.48 -16.08
CA VAL A 71 -5.52 -37.90 -16.98
C VAL A 71 -6.08 -38.84 -18.04
N PRO A 72 -5.87 -38.57 -19.33
CA PRO A 72 -6.39 -39.46 -20.36
C PRO A 72 -5.65 -40.78 -20.39
N GLU A 73 -6.36 -41.83 -20.81
CA GLU A 73 -5.79 -43.17 -20.84
C GLU A 73 -4.68 -43.26 -21.87
N SER A 74 -4.75 -42.44 -22.91
CA SER A 74 -3.74 -42.49 -23.96
C SER A 74 -2.34 -42.21 -23.42
N TRP A 75 -2.25 -41.48 -22.31
CA TRP A 75 -0.95 -41.09 -21.78
C TRP A 75 -0.10 -42.30 -21.38
N LEU A 76 -0.72 -43.45 -21.16
CA LEU A 76 0.05 -44.66 -20.92
C LEU A 76 0.70 -45.19 -22.19
N GLU A 77 0.07 -44.98 -23.34
CA GLU A 77 0.57 -45.53 -24.60
C GLU A 77 1.48 -44.54 -25.32
N CYS A 78 1.05 -43.30 -25.49
CA CYS A 78 1.79 -42.30 -26.24
C CYS A 78 2.10 -41.09 -25.37
N ASP A 79 2.89 -40.19 -25.91
CA ASP A 79 3.12 -38.92 -25.25
C ASP A 79 1.97 -37.96 -25.54
N LEU A 80 1.63 -37.15 -24.55
CA LEU A 80 0.57 -36.15 -24.73
C LEU A 80 1.11 -35.00 -25.57
N PRO A 81 0.44 -34.63 -26.67
CA PRO A 81 0.89 -33.46 -27.43
C PRO A 81 0.87 -32.18 -26.61
N GLU A 82 -0.06 -32.05 -25.67
CA GLU A 82 -0.11 -30.90 -24.77
C GLU A 82 1.07 -30.85 -23.81
N ALA A 83 1.87 -31.91 -23.71
CA ALA A 83 2.95 -31.97 -22.73
C ALA A 83 4.13 -31.10 -23.15
N ASP A 84 4.65 -30.35 -22.19
CA ASP A 84 5.88 -29.58 -22.37
C ASP A 84 7.08 -30.45 -22.02
N THR A 85 8.25 -30.04 -22.48
CA THR A 85 9.49 -30.71 -22.13
C THR A 85 10.10 -29.99 -20.94
N VAL A 86 10.52 -30.76 -19.95
CA VAL A 86 10.87 -30.26 -18.63
C VAL A 86 12.14 -30.97 -18.18
N VAL A 87 13.02 -30.25 -17.50
CA VAL A 87 14.19 -30.88 -16.92
C VAL A 87 13.81 -31.59 -15.63
N VAL A 88 14.44 -32.72 -15.37
CA VAL A 88 14.17 -33.51 -14.17
C VAL A 88 15.51 -33.74 -13.48
N PRO A 89 15.61 -33.60 -12.14
CA PRO A 89 14.54 -33.31 -11.18
C PRO A 89 13.99 -31.89 -11.23
N SER A 90 12.73 -31.74 -10.81
CA SER A 90 12.05 -30.45 -10.90
C SER A 90 10.88 -30.47 -9.92
N ASN A 91 10.72 -29.38 -9.18
CA ASN A 91 9.42 -29.07 -8.58
C ASN A 91 8.58 -28.31 -9.60
N TRP A 92 7.44 -28.87 -9.99
CA TRP A 92 6.69 -28.24 -11.07
C TRP A 92 6.10 -26.89 -10.68
N GLN A 93 6.09 -26.56 -9.38
CA GLN A 93 5.70 -25.20 -8.98
C GLN A 93 6.71 -24.18 -9.48
N MET A 94 8.00 -24.52 -9.41
CA MET A 94 9.04 -23.62 -9.89
C MET A 94 8.99 -23.44 -11.41
N HIS A 95 8.35 -24.34 -12.13
CA HIS A 95 8.11 -24.17 -13.56
C HIS A 95 6.82 -23.38 -13.83
N GLY A 96 6.07 -23.02 -12.78
CA GLY A 96 4.90 -22.19 -12.90
C GLY A 96 3.59 -22.93 -13.08
N TYR A 97 3.59 -24.26 -13.03
CA TYR A 97 2.38 -25.01 -13.37
C TYR A 97 1.27 -24.82 -12.33
N ASP A 98 1.62 -24.66 -11.05
CA ASP A 98 0.67 -24.19 -10.05
C ASP A 98 1.44 -23.50 -8.94
N ALA A 99 0.72 -23.05 -7.92
CA ALA A 99 1.43 -22.21 -6.97
C ALA A 99 2.08 -23.05 -5.87
N PRO A 100 3.26 -22.67 -5.43
CA PRO A 100 3.77 -23.19 -4.16
C PRO A 100 3.02 -22.55 -3.01
N ILE A 101 2.69 -23.36 -2.01
CA ILE A 101 1.93 -22.89 -0.85
C ILE A 101 2.89 -22.86 0.32
N TYR A 102 3.03 -21.70 0.95
CA TYR A 102 3.76 -21.62 2.22
C TYR A 102 2.75 -21.52 3.34
N THR A 103 2.47 -22.65 3.98
CA THR A 103 1.78 -22.69 5.26
C THR A 103 2.71 -23.31 6.29
N ASN A 104 2.58 -22.84 7.53
CA ASN A 104 3.36 -23.39 8.64
C ASN A 104 2.63 -24.58 9.24
N VAL A 105 1.85 -24.34 10.29
CA VAL A 105 1.17 -25.42 11.01
C VAL A 105 -0.04 -25.91 10.24
N THR A 106 -0.90 -25.01 9.78
CA THR A 106 -2.15 -25.41 9.17
C THR A 106 -1.90 -26.23 7.91
N TYR A 107 -2.51 -27.41 7.85
CA TYR A 107 -2.39 -28.25 6.66
C TYR A 107 -2.87 -27.49 5.43
N PRO A 108 -2.17 -27.60 4.29
CA PRO A 108 -2.64 -26.95 3.07
C PRO A 108 -3.89 -27.57 2.49
N ILE A 109 -4.34 -28.69 3.04
CA ILE A 109 -5.55 -29.37 2.61
C ILE A 109 -6.50 -29.45 3.80
N THR A 110 -7.73 -29.87 3.51
CA THR A 110 -8.73 -30.06 4.55
C THR A 110 -8.34 -31.24 5.43
N VAL A 111 -8.18 -30.99 6.72
CA VAL A 111 -7.81 -32.03 7.67
C VAL A 111 -8.96 -33.02 7.79
N ASN A 112 -8.94 -34.06 6.96
CA ASN A 112 -9.94 -35.12 6.99
C ASN A 112 -9.26 -36.44 6.64
N PRO A 113 -8.36 -36.89 7.50
CA PRO A 113 -7.57 -38.09 7.20
C PRO A 113 -8.46 -39.31 7.10
N PRO A 114 -8.17 -40.22 6.17
CA PRO A 114 -6.98 -40.20 5.30
C PRO A 114 -7.24 -39.58 3.93
N PHE A 115 -8.29 -38.77 3.81
CA PHE A 115 -8.75 -38.31 2.51
C PHE A 115 -8.06 -37.02 2.09
N VAL A 116 -7.99 -36.80 0.78
CA VAL A 116 -7.35 -35.62 0.21
C VAL A 116 -8.35 -34.97 -0.74
N PRO A 117 -8.16 -33.70 -1.07
CA PRO A 117 -9.12 -33.01 -1.94
C PRO A 117 -9.25 -33.68 -3.30
N THR A 118 -10.45 -33.59 -3.87
CA THR A 118 -10.64 -33.98 -5.26
C THR A 118 -9.73 -33.18 -6.18
N GLU A 119 -9.59 -31.88 -5.91
CA GLU A 119 -8.59 -31.07 -6.60
C GLU A 119 -7.20 -31.47 -6.11
N ASN A 120 -6.60 -32.47 -6.77
CA ASN A 120 -5.30 -33.01 -6.40
C ASN A 120 -4.36 -32.81 -7.59
N PRO A 121 -3.63 -31.68 -7.65
CA PRO A 121 -2.76 -31.42 -8.79
C PRO A 121 -1.86 -32.60 -9.14
N THR A 122 -1.98 -33.08 -10.38
CA THR A 122 -1.31 -34.29 -10.83
C THR A 122 -0.26 -33.94 -11.88
N GLY A 123 0.97 -34.38 -11.65
CA GLY A 123 2.03 -34.21 -12.61
C GLY A 123 2.37 -35.53 -13.28
N CYS A 124 2.20 -35.57 -14.60
CA CYS A 124 2.35 -36.79 -15.40
C CYS A 124 3.68 -36.71 -16.15
N TYR A 125 4.74 -37.22 -15.54
CA TYR A 125 6.05 -37.24 -16.18
C TYR A 125 6.19 -38.46 -17.07
N SER A 126 6.86 -38.30 -18.20
CA SER A 126 7.16 -39.42 -19.08
C SER A 126 8.55 -39.23 -19.65
N LEU A 127 9.15 -40.35 -20.05
CA LEU A 127 10.53 -40.34 -20.54
C LEU A 127 10.74 -41.53 -21.45
N THR A 128 11.14 -41.26 -22.69
CA THR A 128 11.56 -42.31 -23.62
C THR A 128 13.06 -42.47 -23.50
N PHE A 129 13.51 -43.70 -23.22
CA PHE A 129 14.92 -43.96 -23.00
C PHE A 129 15.29 -45.32 -23.58
N ASN A 130 16.59 -45.56 -23.69
N ASN A 130 16.59 -45.55 -23.67
CA ASN A 130 17.09 -46.81 -24.23
CA ASN A 130 17.16 -46.76 -24.24
C ASN A 130 17.84 -47.57 -23.15
C ASN A 130 17.86 -47.56 -23.14
N VAL A 131 17.90 -48.88 -23.31
CA VAL A 131 18.58 -49.77 -22.38
C VAL A 131 19.45 -50.74 -23.18
N ASP A 132 20.70 -50.92 -22.73
CA ASP A 132 21.61 -51.81 -23.43
C ASP A 132 21.07 -53.24 -23.41
N GLU A 133 21.26 -53.95 -24.52
CA GLU A 133 20.81 -55.35 -24.60
C GLU A 133 21.47 -56.22 -23.54
N SER A 134 22.66 -55.84 -23.07
CA SER A 134 23.30 -56.61 -22.00
C SER A 134 22.49 -56.56 -20.72
N TRP A 135 21.79 -55.46 -20.47
CA TRP A 135 20.99 -55.37 -19.26
C TRP A 135 19.74 -56.24 -19.32
N LEU A 136 19.38 -56.75 -20.49
CA LEU A 136 18.13 -57.46 -20.67
C LEU A 136 18.26 -58.97 -20.58
N GLN A 137 19.43 -59.54 -20.86
CA GLN A 137 19.55 -60.99 -20.79
C GLN A 137 20.17 -61.48 -19.48
N GLU A 138 20.99 -60.66 -18.82
CA GLU A 138 21.53 -61.00 -17.50
C GLU A 138 21.13 -59.96 -16.47
N GLY A 139 20.65 -60.42 -15.32
CA GLY A 139 20.59 -59.59 -14.14
C GLY A 139 19.24 -58.93 -13.91
N GLN A 140 19.28 -57.97 -12.98
CA GLN A 140 18.10 -57.26 -12.51
C GLN A 140 18.31 -55.77 -12.75
N THR A 141 17.38 -55.16 -13.46
CA THR A 141 17.43 -53.73 -13.75
C THR A 141 16.33 -53.04 -12.96
N ARG A 142 16.72 -52.08 -12.13
CA ARG A 142 15.78 -51.38 -11.28
C ARG A 142 15.89 -49.88 -11.53
N ILE A 143 14.79 -49.18 -11.31
CA ILE A 143 14.76 -47.72 -11.36
C ILE A 143 14.68 -47.20 -9.94
N ILE A 144 15.38 -46.10 -9.67
CA ILE A 144 15.44 -45.49 -8.35
C ILE A 144 14.93 -44.06 -8.45
N PHE A 145 13.88 -43.75 -7.71
CA PHE A 145 13.39 -42.38 -7.57
C PHE A 145 13.80 -41.88 -6.20
N ASP A 146 14.83 -41.05 -6.16
CA ASP A 146 15.32 -40.57 -4.88
C ASP A 146 14.34 -39.63 -4.18
N GLY A 147 13.39 -39.04 -4.90
CA GLY A 147 12.47 -38.11 -4.27
C GLY A 147 11.29 -37.70 -5.13
N VAL A 148 10.11 -38.21 -4.81
CA VAL A 148 8.88 -37.92 -5.52
C VAL A 148 7.87 -37.36 -4.52
N ASN A 149 7.52 -36.09 -4.68
CA ASN A 149 6.61 -35.40 -3.77
C ASN A 149 5.23 -35.31 -4.44
N SER A 150 4.24 -35.99 -3.87
CA SER A 150 4.32 -36.69 -2.59
C SER A 150 4.02 -38.19 -2.70
N ALA A 151 3.56 -38.63 -3.86
CA ALA A 151 3.23 -40.03 -4.09
C ALA A 151 3.08 -40.23 -5.59
N PHE A 152 3.20 -41.48 -6.04
CA PHE A 152 3.22 -41.70 -7.48
C PHE A 152 2.93 -43.15 -7.83
N HIS A 153 2.32 -43.34 -8.99
CA HIS A 153 2.26 -44.60 -9.70
C HIS A 153 3.27 -44.60 -10.82
N LEU A 154 3.81 -45.78 -11.15
CA LEU A 154 4.86 -45.91 -12.14
C LEU A 154 4.44 -46.93 -13.20
N TRP A 155 4.46 -46.50 -14.45
CA TRP A 155 4.29 -47.38 -15.59
C TRP A 155 5.58 -47.43 -16.38
N CYS A 156 5.81 -48.54 -17.06
CA CYS A 156 6.91 -48.63 -18.01
C CYS A 156 6.44 -49.47 -19.18
N ASN A 157 6.47 -48.88 -20.39
CA ASN A 157 5.95 -49.51 -21.61
C ASN A 157 4.47 -49.83 -21.47
N GLY A 158 3.73 -48.91 -20.86
CA GLY A 158 2.31 -49.05 -20.69
C GLY A 158 1.86 -49.98 -19.58
N ARG A 159 2.75 -50.81 -19.06
CA ARG A 159 2.38 -51.74 -18.02
C ARG A 159 2.63 -51.10 -16.65
N TRP A 160 1.71 -51.34 -15.72
CA TRP A 160 1.82 -50.78 -14.38
C TRP A 160 2.86 -51.55 -13.56
N VAL A 161 3.74 -50.80 -12.88
CA VAL A 161 4.87 -51.35 -12.15
C VAL A 161 4.63 -51.30 -10.64
N GLY A 162 4.38 -50.11 -10.10
CA GLY A 162 4.25 -50.00 -8.67
C GLY A 162 3.81 -48.62 -8.24
N TYR A 163 3.85 -48.42 -6.92
CA TYR A 163 3.35 -47.21 -6.27
C TYR A 163 4.28 -46.89 -5.12
N GLY A 164 4.36 -45.61 -4.76
CA GLY A 164 5.28 -45.20 -3.72
C GLY A 164 4.80 -43.96 -2.97
N GLN A 165 5.12 -43.91 -1.68
CA GLN A 165 4.88 -42.73 -0.85
C GLN A 165 6.14 -42.43 -0.04
N ASP A 166 6.04 -41.51 0.91
CA ASP A 166 7.19 -40.91 1.59
C ASP A 166 8.10 -40.24 0.58
N SER A 167 8.04 -38.91 0.52
CA SER A 167 8.62 -38.18 -0.59
C SER A 167 10.09 -37.85 -0.40
N ARG A 168 10.67 -38.11 0.77
CA ARG A 168 12.06 -37.78 1.03
C ARG A 168 12.95 -39.01 1.16
N LEU A 169 12.50 -40.16 0.70
CA LEU A 169 13.28 -41.38 0.71
C LEU A 169 13.14 -42.08 -0.64
N PRO A 170 14.20 -42.76 -1.10
CA PRO A 170 14.16 -43.34 -2.44
C PRO A 170 13.17 -44.49 -2.54
N SER A 171 12.51 -44.56 -3.69
CA SER A 171 11.60 -45.65 -4.02
C SER A 171 12.16 -46.39 -5.22
N GLU A 172 12.41 -47.69 -5.07
CA GLU A 172 13.04 -48.49 -6.12
C GLU A 172 12.10 -49.59 -6.57
N PHE A 173 12.07 -49.85 -7.88
CA PHE A 173 11.21 -50.88 -8.45
C PHE A 173 12.01 -51.69 -9.47
N ASP A 174 11.72 -52.97 -9.53
CA ASP A 174 12.34 -53.86 -10.50
C ASP A 174 11.65 -53.68 -11.85
N LEU A 175 12.42 -53.30 -12.87
CA LEU A 175 11.90 -53.08 -14.21
C LEU A 175 12.20 -54.23 -15.16
N SER A 176 12.91 -55.26 -14.70
CA SER A 176 13.47 -56.27 -15.58
C SER A 176 12.42 -56.85 -16.53
N ALA A 177 11.27 -57.23 -15.99
CA ALA A 177 10.23 -57.85 -16.80
C ALA A 177 9.48 -56.84 -17.65
N PHE A 178 9.75 -55.54 -17.48
CA PHE A 178 9.02 -54.50 -18.22
C PHE A 178 9.83 -53.88 -19.34
N LEU A 179 11.14 -54.10 -19.37
CA LEU A 179 11.99 -53.40 -20.31
C LEU A 179 12.07 -54.13 -21.64
N ARG A 180 12.07 -53.37 -22.73
CA ARG A 180 12.24 -53.85 -24.08
C ARG A 180 13.65 -53.59 -24.56
N ALA A 181 14.10 -54.39 -25.52
CA ALA A 181 15.32 -54.08 -26.23
C ALA A 181 15.09 -52.86 -27.10
N GLY A 182 15.97 -51.87 -26.99
CA GLY A 182 15.79 -50.63 -27.72
C GLY A 182 15.14 -49.54 -26.88
N GLU A 183 14.03 -48.99 -27.37
CA GLU A 183 13.41 -47.83 -26.75
C GLU A 183 12.32 -48.25 -25.78
N ASN A 184 12.31 -47.62 -24.62
CA ASN A 184 11.32 -47.85 -23.58
C ASN A 184 10.74 -46.51 -23.16
N ARG A 185 9.53 -46.54 -22.60
CA ARG A 185 8.87 -45.33 -22.13
C ARG A 185 8.40 -45.50 -20.69
N LEU A 186 8.82 -44.57 -19.84
CA LEU A 186 8.30 -44.48 -18.47
C LEU A 186 7.12 -43.53 -18.45
N ALA A 187 6.20 -43.80 -17.53
CA ALA A 187 5.09 -42.90 -17.26
C ALA A 187 4.87 -42.94 -15.75
N VAL A 188 5.21 -41.83 -15.08
CA VAL A 188 5.07 -41.72 -13.63
C VAL A 188 4.08 -40.61 -13.35
N MET A 189 2.98 -40.96 -12.70
CA MET A 189 1.94 -40.03 -12.33
C MET A 189 2.18 -39.60 -10.89
N VAL A 190 2.62 -38.36 -10.70
CA VAL A 190 2.91 -37.82 -9.37
C VAL A 190 1.70 -37.06 -8.85
N LEU A 191 1.24 -37.43 -7.66
CA LEU A 191 0.14 -36.75 -6.99
C LEU A 191 0.68 -35.75 -5.98
N ARG A 192 0.09 -34.55 -5.96
CA ARG A 192 0.52 -33.55 -4.99
C ARG A 192 0.15 -33.96 -3.57
N TRP A 193 -1.03 -34.55 -3.39
CA TRP A 193 -1.54 -34.90 -2.08
C TRP A 193 -1.81 -36.40 -1.99
N SER A 194 -1.60 -36.92 -0.78
CA SER A 194 -1.80 -38.33 -0.49
C SER A 194 -2.04 -38.46 1.00
N ASP A 195 -2.38 -39.67 1.43
CA ASP A 195 -2.42 -39.90 2.87
C ASP A 195 -1.05 -39.67 3.50
N GLY A 196 0.03 -39.82 2.73
CA GLY A 196 1.34 -39.48 3.24
C GLY A 196 1.54 -38.00 3.51
N SER A 197 0.69 -37.14 2.94
CA SER A 197 0.81 -35.71 3.20
C SER A 197 0.44 -35.36 4.62
N TYR A 198 -0.38 -36.18 5.28
CA TYR A 198 -0.74 -35.94 6.67
C TYR A 198 0.46 -36.09 7.60
N LEU A 199 1.52 -36.76 7.15
CA LEU A 199 2.77 -36.88 7.90
C LEU A 199 3.85 -35.96 7.38
N GLU A 200 3.55 -35.09 6.41
CA GLU A 200 4.51 -34.21 5.78
C GLU A 200 4.14 -32.73 5.95
N ASP A 201 3.71 -32.36 7.15
CA ASP A 201 3.31 -30.99 7.46
C ASP A 201 4.45 -30.15 8.01
N GLN A 202 5.63 -30.25 7.42
CA GLN A 202 6.76 -29.43 7.86
C GLN A 202 6.53 -27.97 7.48
N ASP A 203 6.98 -27.07 8.36
CA ASP A 203 6.91 -25.63 8.11
C ASP A 203 7.84 -25.26 6.96
N MET A 204 7.33 -25.36 5.74
CA MET A 204 8.11 -25.09 4.55
C MET A 204 7.16 -24.85 3.39
N TRP A 205 7.71 -24.52 2.23
CA TRP A 205 6.89 -24.46 1.03
C TRP A 205 6.36 -25.84 0.69
N ARG A 206 5.09 -25.89 0.29
CA ARG A 206 4.45 -27.16 -0.10
C ARG A 206 4.58 -27.29 -1.61
N MET A 207 5.58 -28.06 -2.05
CA MET A 207 5.85 -28.29 -3.46
C MET A 207 5.55 -29.74 -3.81
N SER A 208 5.83 -30.10 -5.06
CA SER A 208 5.55 -31.45 -5.54
C SER A 208 6.34 -31.70 -6.80
N GLY A 209 6.35 -32.96 -7.23
CA GLY A 209 7.06 -33.38 -8.42
C GLY A 209 8.22 -34.32 -8.11
N ILE A 210 8.84 -34.80 -9.18
CA ILE A 210 10.04 -35.62 -9.11
C ILE A 210 11.23 -34.69 -8.86
N PHE A 211 11.53 -34.42 -7.59
CA PHE A 211 12.46 -33.36 -7.23
C PHE A 211 13.85 -33.87 -6.83
N ARG A 212 14.11 -35.16 -6.95
CA ARG A 212 15.44 -35.71 -6.72
C ARG A 212 15.79 -36.63 -7.88
N ASP A 213 17.00 -37.19 -7.83
CA ASP A 213 17.55 -37.89 -8.97
C ASP A 213 16.77 -39.17 -9.27
N VAL A 214 16.65 -39.48 -10.56
CA VAL A 214 16.12 -40.75 -11.04
C VAL A 214 17.29 -41.52 -11.65
N SER A 215 17.30 -42.83 -11.44
CA SER A 215 18.46 -43.61 -11.84
C SER A 215 18.01 -45.02 -12.22
N LEU A 216 18.79 -45.63 -13.12
CA LEU A 216 18.74 -47.06 -13.35
C LEU A 216 19.94 -47.68 -12.67
N LEU A 217 19.70 -48.77 -11.94
CA LEU A 217 20.76 -49.57 -11.34
C LEU A 217 20.63 -50.99 -11.86
N HIS A 218 21.70 -51.51 -12.44
CA HIS A 218 21.74 -52.90 -12.86
C HIS A 218 22.54 -53.72 -11.86
N LYS A 219 21.95 -54.82 -11.41
CA LYS A 219 22.62 -55.72 -10.50
C LYS A 219 22.47 -57.15 -11.01
N PRO A 220 23.39 -58.03 -10.65
CA PRO A 220 23.23 -59.44 -11.03
C PRO A 220 22.15 -60.09 -10.19
N THR A 221 21.60 -61.19 -10.71
CA THR A 221 20.62 -61.96 -9.97
C THR A 221 21.14 -62.35 -8.59
N THR A 222 22.40 -62.80 -8.52
CA THR A 222 23.10 -63.04 -7.26
C THR A 222 23.75 -61.72 -6.84
N GLN A 223 23.29 -61.14 -5.74
CA GLN A 223 23.61 -59.75 -5.46
C GLN A 223 23.76 -59.51 -3.97
N ILE A 224 24.52 -58.48 -3.64
CA ILE A 224 24.50 -57.91 -2.30
C ILE A 224 23.20 -57.11 -2.14
N SER A 225 22.37 -57.51 -1.18
CA SER A 225 21.09 -56.84 -0.97
C SER A 225 21.13 -55.79 0.13
N ASP A 226 22.09 -55.88 1.04
CA ASP A 226 22.19 -55.01 2.20
C ASP A 226 23.55 -55.24 2.83
N PHE A 227 24.12 -54.20 3.43
CA PHE A 227 25.29 -54.38 4.26
C PHE A 227 25.33 -53.30 5.34
N HIS A 228 25.69 -53.72 6.55
CA HIS A 228 25.78 -52.85 7.71
C HIS A 228 27.24 -52.77 8.17
N VAL A 229 27.67 -51.56 8.54
CA VAL A 229 29.01 -51.32 9.04
C VAL A 229 28.90 -50.88 10.50
N ALA A 230 29.62 -51.59 11.37
CA ALA A 230 29.69 -51.25 12.79
C ALA A 230 31.15 -51.19 13.22
N THR A 231 31.42 -50.35 14.22
CA THR A 231 32.77 -50.18 14.75
C THR A 231 32.70 -50.19 16.28
N ARG A 232 33.24 -51.23 16.90
CA ARG A 232 33.42 -51.27 18.35
C ARG A 232 34.85 -50.88 18.70
N PHE A 233 35.00 -50.26 19.86
CA PHE A 233 36.30 -49.77 20.31
C PHE A 233 36.60 -50.33 21.69
N ASN A 234 37.86 -50.15 22.10
CA ASN A 234 38.35 -50.49 23.42
C ASN A 234 38.39 -49.23 24.28
N ASP A 235 38.91 -49.38 25.51
CA ASP A 235 38.85 -48.32 26.50
C ASP A 235 39.36 -46.98 25.95
N ASP A 236 40.55 -46.97 25.37
CA ASP A 236 41.19 -45.72 24.96
C ASP A 236 41.23 -45.54 23.44
N PHE A 237 40.44 -46.31 22.69
CA PHE A 237 40.29 -46.20 21.24
C PHE A 237 41.58 -46.51 20.48
N SER A 238 42.55 -47.15 21.11
CA SER A 238 43.74 -47.59 20.41
C SER A 238 43.48 -48.83 19.55
N ARG A 239 42.33 -49.48 19.71
CA ARG A 239 42.01 -50.68 18.98
C ARG A 239 40.52 -50.70 18.68
N ALA A 240 40.18 -50.93 17.42
CA ALA A 240 38.79 -51.03 17.00
C ALA A 240 38.57 -52.34 16.27
N VAL A 241 37.33 -52.79 16.28
CA VAL A 241 36.89 -53.91 15.46
C VAL A 241 35.81 -53.39 14.52
N LEU A 242 35.98 -53.64 13.24
CA LEU A 242 34.97 -53.28 12.25
C LEU A 242 34.17 -54.54 11.95
N GLU A 243 32.91 -54.56 12.38
CA GLU A 243 32.01 -55.64 11.99
C GLU A 243 31.24 -55.21 10.77
N ALA A 244 31.20 -56.08 9.77
CA ALA A 244 30.48 -55.83 8.53
C ALA A 244 29.55 -57.00 8.29
N GLU A 245 28.26 -56.74 8.34
CA GLU A 245 27.28 -57.74 7.98
C GLU A 245 26.93 -57.56 6.53
N VAL A 246 26.93 -58.66 5.77
CA VAL A 246 26.60 -58.63 4.36
C VAL A 246 25.47 -59.62 4.12
N GLN A 247 24.42 -59.17 3.45
CA GLN A 247 23.31 -60.03 3.08
C GLN A 247 23.24 -60.12 1.56
N MET A 248 22.72 -61.25 1.07
CA MET A 248 22.62 -61.50 -0.36
C MET A 248 21.21 -61.93 -0.74
N CYS A 249 20.88 -61.71 -2.02
CA CYS A 249 19.74 -62.33 -2.67
C CYS A 249 20.20 -63.09 -3.90
N GLY A 250 19.37 -64.00 -4.36
CA GLY A 250 19.66 -64.84 -5.50
C GLY A 250 19.87 -66.29 -5.10
N GLU A 251 20.52 -67.03 -6.01
CA GLU A 251 20.78 -68.45 -5.81
C GLU A 251 21.96 -68.60 -4.86
N LEU A 252 21.69 -69.08 -3.64
CA LEU A 252 22.75 -69.37 -2.68
C LEU A 252 23.44 -70.66 -3.06
N ARG A 253 24.76 -70.61 -3.21
CA ARG A 253 25.53 -71.78 -3.59
C ARG A 253 26.83 -71.85 -2.79
N ASP A 254 27.30 -73.07 -2.57
CA ASP A 254 28.39 -73.32 -1.63
C ASP A 254 29.68 -72.58 -2.00
N TYR A 255 29.86 -72.24 -3.26
CA TYR A 255 31.10 -71.59 -3.70
C TYR A 255 31.08 -70.08 -3.54
N LEU A 256 29.99 -69.50 -3.04
CA LEU A 256 29.89 -68.05 -2.92
C LEU A 256 30.61 -67.56 -1.67
N ARG A 257 31.41 -66.50 -1.84
CA ARG A 257 32.18 -65.93 -0.74
C ARG A 257 32.04 -64.42 -0.74
N VAL A 258 32.32 -63.82 0.41
CA VAL A 258 32.28 -62.37 0.60
C VAL A 258 33.60 -61.92 1.17
N THR A 259 34.17 -60.87 0.60
CA THR A 259 35.38 -60.24 1.13
C THR A 259 35.04 -58.80 1.45
N VAL A 260 35.50 -58.33 2.60
CA VAL A 260 35.34 -56.93 2.99
C VAL A 260 36.72 -56.37 3.21
N SER A 261 37.02 -55.27 2.53
CA SER A 261 38.33 -54.65 2.56
C SER A 261 38.20 -53.27 3.17
N LEU A 262 39.17 -52.88 3.98
CA LEU A 262 39.19 -51.56 4.59
C LEU A 262 40.44 -50.83 4.13
N TRP A 263 40.26 -49.68 3.51
CA TRP A 263 41.36 -48.91 2.93
C TRP A 263 41.43 -47.53 3.55
N GLN A 264 42.58 -46.89 3.38
CA GLN A 264 42.74 -45.47 3.69
C GLN A 264 43.84 -44.93 2.79
N GLY A 265 43.44 -44.23 1.73
CA GLY A 265 44.39 -43.94 0.68
C GLY A 265 44.65 -45.21 -0.11
N GLU A 266 45.92 -45.45 -0.42
CA GLU A 266 46.31 -46.67 -1.11
C GLU A 266 46.66 -47.81 -0.15
N THR A 267 46.51 -47.58 1.16
CA THR A 267 46.85 -48.58 2.17
C THR A 267 45.64 -49.47 2.44
N GLN A 268 45.80 -50.78 2.24
CA GLN A 268 44.81 -51.73 2.71
C GLN A 268 45.08 -51.98 4.18
N VAL A 269 44.21 -51.43 5.05
CA VAL A 269 44.43 -51.51 6.48
C VAL A 269 44.07 -52.88 7.03
N ALA A 270 43.05 -53.53 6.47
CA ALA A 270 42.67 -54.86 6.92
C ALA A 270 41.77 -55.49 5.87
N SER A 271 41.47 -56.77 6.05
CA SER A 271 40.55 -57.48 5.19
C SER A 271 40.24 -58.86 5.77
N GLY A 272 39.07 -59.38 5.40
CA GLY A 272 38.69 -60.73 5.75
C GLY A 272 37.69 -61.28 4.75
N THR A 273 37.60 -62.61 4.71
CA THR A 273 36.77 -63.31 3.75
C THR A 273 36.08 -64.48 4.43
N ALA A 274 34.89 -64.82 3.96
CA ALA A 274 34.13 -65.91 4.54
C ALA A 274 33.07 -66.35 3.54
N PRO A 275 32.61 -67.60 3.63
CA PRO A 275 31.40 -68.00 2.92
C PRO A 275 30.17 -67.47 3.65
N PHE A 276 29.01 -67.68 3.02
CA PHE A 276 27.78 -67.27 3.66
C PHE A 276 27.37 -68.25 4.76
N GLY A 277 26.56 -67.77 5.68
CA GLY A 277 26.20 -68.54 6.85
C GLY A 277 26.60 -67.82 8.11
N GLY A 278 25.62 -67.23 8.80
CA GLY A 278 25.89 -66.49 10.02
C GLY A 278 25.82 -67.38 11.25
N GLU A 279 26.06 -66.76 12.41
CA GLU A 279 25.98 -67.48 13.67
C GLU A 279 24.56 -67.98 13.91
N ILE A 280 24.45 -69.09 14.63
CA ILE A 280 23.14 -69.56 15.09
C ILE A 280 22.48 -68.46 15.91
N ILE A 281 21.23 -68.17 15.60
CA ILE A 281 20.55 -67.07 16.29
C ILE A 281 19.35 -67.57 17.10
N ASP A 282 18.70 -68.65 16.67
CA ASP A 282 17.65 -69.28 17.47
C ASP A 282 17.53 -70.75 17.09
N GLU A 283 16.43 -71.38 17.51
CA GLU A 283 16.26 -72.84 17.38
C GLU A 283 16.16 -73.32 15.95
N ARG A 284 15.92 -72.43 14.98
CA ARG A 284 15.87 -72.84 13.59
C ARG A 284 17.20 -72.63 12.88
N GLY A 285 18.21 -72.12 13.57
CA GLY A 285 19.51 -71.98 12.98
C GLY A 285 19.93 -70.54 12.86
N GLY A 286 20.64 -70.21 11.78
CA GLY A 286 21.04 -68.85 11.50
C GLY A 286 20.57 -68.40 10.14
N TYR A 287 21.13 -67.29 9.66
CA TYR A 287 20.86 -66.76 8.32
C TYR A 287 21.88 -67.34 7.35
N ALA A 288 21.44 -68.27 6.50
CA ALA A 288 22.36 -68.82 5.50
C ALA A 288 22.69 -67.79 4.42
N ASP A 289 21.80 -66.86 4.14
CA ASP A 289 22.00 -65.82 3.15
C ASP A 289 22.75 -64.60 3.70
N ARG A 290 23.50 -64.75 4.79
CA ARG A 290 24.20 -63.64 5.42
C ARG A 290 25.50 -64.15 6.01
N VAL A 291 26.38 -63.19 6.34
CA VAL A 291 27.65 -63.50 6.97
C VAL A 291 28.18 -62.21 7.58
N THR A 292 28.88 -62.33 8.69
CA THR A 292 29.47 -61.20 9.39
C THR A 292 30.99 -61.34 9.36
N LEU A 293 31.68 -60.25 9.04
CA LEU A 293 33.12 -60.24 8.98
C LEU A 293 33.67 -59.20 9.94
N ARG A 294 34.59 -59.63 10.79
CA ARG A 294 35.20 -58.77 11.81
C ARG A 294 36.65 -58.50 11.40
N LEU A 295 37.02 -57.21 11.40
CA LEU A 295 38.38 -56.81 11.04
C LEU A 295 38.96 -55.96 12.16
N ASN A 296 40.13 -56.34 12.66
CA ASN A 296 40.80 -55.54 13.67
C ASN A 296 41.51 -54.36 13.04
N VAL A 297 41.53 -53.25 13.78
CA VAL A 297 42.23 -52.04 13.34
C VAL A 297 42.95 -51.47 14.56
N GLU A 298 44.27 -51.60 14.59
CA GLU A 298 45.08 -50.99 15.63
C GLU A 298 45.25 -49.49 15.36
N ASN A 299 45.30 -48.71 16.44
CA ASN A 299 45.36 -47.24 16.44
C ASN A 299 44.61 -46.63 15.27
N PRO A 300 43.30 -46.80 15.20
CA PRO A 300 42.54 -46.24 14.06
C PRO A 300 42.46 -44.74 14.15
N LYS A 301 42.55 -44.08 13.00
CA LYS A 301 42.30 -42.65 12.96
C LYS A 301 40.80 -42.42 13.14
N LEU A 302 40.43 -41.65 14.16
CA LEU A 302 39.04 -41.54 14.56
C LEU A 302 38.33 -40.43 13.77
N TRP A 303 37.06 -40.68 13.47
CA TRP A 303 36.25 -39.69 12.76
C TRP A 303 35.70 -38.64 13.74
N SER A 304 35.92 -37.38 13.40
CA SER A 304 35.38 -36.26 14.15
C SER A 304 34.85 -35.25 13.14
N ALA A 305 34.14 -34.25 13.64
CA ALA A 305 33.91 -33.08 12.81
C ALA A 305 35.16 -32.20 12.74
N GLU A 306 36.03 -32.31 13.75
CA GLU A 306 37.30 -31.58 13.73
C GLU A 306 38.27 -32.21 12.75
N ILE A 307 38.37 -33.53 12.76
CA ILE A 307 39.18 -34.26 11.78
C ILE A 307 38.35 -35.39 11.22
N PRO A 308 37.83 -35.26 10.02
CA PRO A 308 36.94 -36.30 9.46
C PRO A 308 37.70 -37.43 8.79
N ASN A 309 38.54 -38.11 9.56
CA ASN A 309 39.28 -39.26 9.04
C ASN A 309 38.32 -40.33 8.53
N LEU A 310 38.46 -40.68 7.28
CA LEU A 310 37.59 -41.66 6.64
C LEU A 310 38.43 -42.81 6.11
N TYR A 311 37.98 -44.02 6.39
CA TYR A 311 38.42 -45.21 5.67
C TYR A 311 37.36 -45.53 4.63
N ARG A 312 37.68 -46.44 3.72
CA ARG A 312 36.70 -46.88 2.73
C ARG A 312 36.60 -48.39 2.81
N ALA A 313 35.38 -48.88 3.02
CA ALA A 313 35.09 -50.31 3.08
C ALA A 313 34.61 -50.77 1.72
N VAL A 314 35.17 -51.88 1.24
CA VAL A 314 34.79 -52.45 -0.05
C VAL A 314 34.25 -53.85 0.21
N VAL A 315 33.06 -54.13 -0.30
CA VAL A 315 32.38 -55.40 -0.07
C VAL A 315 32.32 -56.13 -1.40
N GLU A 316 33.09 -57.20 -1.52
CA GLU A 316 33.15 -57.98 -2.75
C GLU A 316 32.34 -59.25 -2.57
N LEU A 317 31.36 -59.46 -3.44
CA LEU A 317 30.68 -60.74 -3.57
C LEU A 317 31.33 -61.49 -4.73
N HIS A 318 31.97 -62.62 -4.42
CA HIS A 318 32.71 -63.36 -5.43
C HIS A 318 32.53 -64.84 -5.18
N THR A 319 33.06 -65.64 -6.09
CA THR A 319 33.13 -67.08 -5.92
C THR A 319 34.47 -67.48 -5.31
N ALA A 320 34.57 -68.75 -4.92
CA ALA A 320 35.83 -69.26 -4.37
C ALA A 320 36.94 -69.19 -5.41
N ASP A 321 36.64 -69.60 -6.65
CA ASP A 321 37.61 -69.46 -7.72
C ASP A 321 37.87 -68.00 -8.10
N GLY A 322 37.24 -67.04 -7.42
CA GLY A 322 37.63 -65.64 -7.52
C GLY A 322 36.82 -64.79 -8.48
N THR A 323 35.86 -65.36 -9.21
CA THR A 323 35.02 -64.56 -10.10
C THR A 323 34.26 -63.52 -9.29
N LEU A 324 34.58 -62.23 -9.51
CA LEU A 324 33.84 -61.17 -8.84
C LEU A 324 32.44 -61.07 -9.43
N ILE A 325 31.43 -61.22 -8.58
CA ILE A 325 30.05 -61.05 -9.03
C ILE A 325 29.63 -59.59 -8.95
N GLU A 326 29.92 -58.93 -7.83
CA GLU A 326 29.54 -57.54 -7.65
C GLU A 326 30.27 -56.99 -6.44
N ALA A 327 30.53 -55.68 -6.46
CA ALA A 327 31.15 -54.98 -5.35
C ALA A 327 30.32 -53.77 -4.95
N GLU A 328 30.16 -53.57 -3.64
CA GLU A 328 29.66 -52.34 -3.08
C GLU A 328 30.72 -51.74 -2.15
N ALA A 329 30.50 -50.48 -1.76
CA ALA A 329 31.49 -49.77 -0.99
C ALA A 329 30.82 -48.64 -0.22
N CYS A 330 31.49 -48.21 0.83
CA CYS A 330 31.02 -47.07 1.61
C CYS A 330 32.23 -46.44 2.30
N ASP A 331 32.12 -45.16 2.59
CA ASP A 331 33.07 -44.52 3.48
C ASP A 331 32.79 -44.96 4.92
N VAL A 332 33.83 -44.97 5.74
CA VAL A 332 33.74 -45.48 7.11
C VAL A 332 34.44 -44.50 8.03
N GLY A 333 33.71 -43.98 9.00
CA GLY A 333 34.31 -43.15 10.03
C GLY A 333 34.37 -43.86 11.37
N PHE A 334 35.57 -44.07 11.91
CA PHE A 334 35.72 -44.76 13.18
C PHE A 334 35.36 -43.79 14.30
N ARG A 335 34.18 -43.99 14.88
CA ARG A 335 33.63 -43.08 15.86
C ARG A 335 32.63 -43.85 16.71
N GLU A 336 32.59 -43.50 17.99
CA GLU A 336 31.65 -44.11 18.92
C GLU A 336 30.78 -43.01 19.50
N VAL A 337 29.47 -43.17 19.37
CA VAL A 337 28.50 -42.26 19.95
C VAL A 337 27.79 -43.00 21.05
N ARG A 338 27.85 -42.46 22.27
CA ARG A 338 27.11 -43.05 23.37
C ARG A 338 26.75 -41.93 24.34
N ILE A 339 25.71 -42.20 25.13
CA ILE A 339 25.32 -41.35 26.25
C ILE A 339 25.71 -42.11 27.51
N GLU A 340 26.53 -41.48 28.35
CA GLU A 340 27.01 -42.12 29.56
C GLU A 340 27.00 -41.09 30.68
N ASN A 341 26.43 -41.48 31.82
CA ASN A 341 26.27 -40.58 32.98
C ASN A 341 25.71 -39.23 32.57
N GLY A 342 24.72 -39.26 31.67
CA GLY A 342 23.99 -38.07 31.30
C GLY A 342 24.62 -37.19 30.24
N LEU A 343 25.78 -37.56 29.68
CA LEU A 343 26.45 -36.74 28.67
C LEU A 343 26.48 -37.46 27.34
N LEU A 344 26.31 -36.70 26.27
CA LEU A 344 26.47 -37.24 24.92
C LEU A 344 27.96 -37.26 24.58
N LEU A 345 28.51 -38.46 24.42
CA LEU A 345 29.93 -38.63 24.18
C LEU A 345 30.18 -39.02 22.73
N LEU A 346 31.22 -38.45 22.13
CA LEU A 346 31.74 -38.89 20.85
C LEU A 346 33.20 -39.25 21.07
N ASN A 347 33.52 -40.53 20.85
CA ASN A 347 34.87 -41.03 21.12
C ASN A 347 35.30 -40.72 22.55
N GLY A 348 34.38 -40.96 23.49
CA GLY A 348 34.63 -40.77 24.90
C GLY A 348 34.71 -39.33 25.38
N LYS A 349 34.45 -38.35 24.50
CA LYS A 349 34.56 -36.96 24.92
C LYS A 349 33.23 -36.24 24.78
N PRO A 350 32.91 -35.33 25.71
CA PRO A 350 31.57 -34.71 25.72
C PRO A 350 31.43 -33.69 24.60
N LEU A 351 30.47 -33.93 23.72
CA LEU A 351 30.22 -33.03 22.59
C LEU A 351 29.64 -31.70 23.08
N LEU A 352 29.89 -30.66 22.28
CA LEU A 352 29.24 -29.37 22.45
C LEU A 352 28.71 -29.00 21.07
N ILE A 353 27.42 -29.19 20.86
CA ILE A 353 26.83 -29.12 19.53
C ILE A 353 26.66 -27.65 19.13
N ARG A 354 27.49 -27.21 18.17
CA ARG A 354 27.31 -25.93 17.51
C ARG A 354 26.50 -26.21 16.24
N GLY A 355 25.19 -26.36 16.42
CA GLY A 355 24.33 -26.90 15.41
C GLY A 355 23.46 -25.84 14.73
N VAL A 356 22.84 -26.27 13.64
CA VAL A 356 21.85 -25.47 12.93
C VAL A 356 20.91 -26.42 12.21
N ASN A 357 19.64 -26.07 12.18
CA ASN A 357 18.68 -26.75 11.32
C ASN A 357 18.82 -26.24 9.89
N ARG A 358 18.77 -27.17 8.94
CA ARG A 358 18.95 -26.84 7.53
C ARG A 358 17.90 -27.53 6.71
N HIS A 359 17.07 -26.75 6.03
CA HIS A 359 16.13 -27.26 5.06
C HIS A 359 16.80 -27.38 3.70
N GLU A 360 16.25 -28.24 2.84
CA GLU A 360 16.70 -28.36 1.46
C GLU A 360 15.93 -27.33 0.64
N HIS A 361 16.53 -26.15 0.48
CA HIS A 361 15.87 -25.04 -0.19
C HIS A 361 16.83 -24.35 -1.14
N HIS A 362 16.30 -23.94 -2.30
CA HIS A 362 17.05 -23.17 -3.27
C HIS A 362 16.08 -22.14 -3.84
N PRO A 363 16.43 -20.84 -3.82
CA PRO A 363 15.46 -19.81 -4.21
C PRO A 363 14.95 -19.95 -5.64
N LEU A 364 15.68 -20.64 -6.51
CA LEU A 364 15.28 -20.82 -7.91
C LEU A 364 14.78 -22.22 -8.21
N HIS A 365 15.46 -23.25 -7.72
CA HIS A 365 15.09 -24.62 -8.03
C HIS A 365 14.16 -25.21 -6.97
N GLY A 366 13.74 -24.42 -5.99
CA GLY A 366 12.84 -24.89 -4.97
C GLY A 366 13.48 -25.89 -4.03
N GLN A 367 12.97 -27.12 -4.01
CA GLN A 367 13.49 -28.16 -3.15
C GLN A 367 14.35 -29.17 -3.93
N VAL A 368 14.91 -28.72 -5.05
CA VAL A 368 15.74 -29.55 -5.92
C VAL A 368 17.18 -29.08 -5.74
N MET A 369 17.93 -29.79 -4.88
CA MET A 369 19.32 -29.44 -4.63
C MET A 369 20.29 -30.18 -5.54
N ASP A 370 21.55 -29.80 -5.45
CA ASP A 370 22.56 -30.31 -6.37
C ASP A 370 23.81 -30.72 -5.58
N GLU A 371 24.98 -30.29 -6.01
CA GLU A 371 26.21 -30.45 -5.25
C GLU A 371 26.84 -29.13 -4.86
N GLN A 372 26.78 -28.13 -5.74
CA GLN A 372 27.40 -26.84 -5.45
C GLN A 372 26.72 -26.14 -4.27
N THR A 373 25.39 -26.19 -4.23
CA THR A 373 24.68 -25.55 -3.12
C THR A 373 24.92 -26.27 -1.81
N MET A 374 25.01 -27.61 -1.85
CA MET A 374 25.30 -28.36 -0.64
C MET A 374 26.69 -28.03 -0.10
N VAL A 375 27.69 -28.02 -0.99
CA VAL A 375 29.06 -27.73 -0.57
C VAL A 375 29.17 -26.28 -0.11
N GLN A 376 28.43 -25.38 -0.75
CA GLN A 376 28.40 -24.00 -0.32
C GLN A 376 27.85 -23.87 1.09
N ASP A 377 26.75 -24.58 1.38
CA ASP A 377 26.17 -24.55 2.72
C ASP A 377 27.14 -25.11 3.75
N ILE A 378 27.83 -26.20 3.41
CA ILE A 378 28.73 -26.84 4.37
C ILE A 378 29.95 -25.98 4.63
N LEU A 379 30.54 -25.41 3.58
CA LEU A 379 31.67 -24.50 3.77
C LEU A 379 31.26 -23.32 4.63
N LEU A 380 30.10 -22.71 4.32
CA LEU A 380 29.65 -21.54 5.09
C LEU A 380 29.41 -21.90 6.55
N MET A 381 28.92 -23.12 6.81
CA MET A 381 28.68 -23.54 8.19
C MET A 381 29.98 -23.68 8.96
N LYS A 382 30.94 -24.45 8.42
CA LYS A 382 32.21 -24.65 9.11
C LYS A 382 33.00 -23.36 9.22
N GLN A 383 32.81 -22.41 8.28
CA GLN A 383 33.48 -21.13 8.39
C GLN A 383 32.86 -20.24 9.47
N ASN A 384 31.69 -20.61 9.97
CA ASN A 384 31.04 -19.87 11.06
C ASN A 384 30.92 -20.72 12.30
N ASN A 385 31.79 -21.72 12.45
CA ASN A 385 31.98 -22.47 13.69
C ASN A 385 30.78 -23.34 14.02
N PHE A 386 30.22 -24.00 13.01
CA PHE A 386 29.12 -24.94 13.19
C PHE A 386 29.67 -26.35 13.05
N ASN A 387 29.36 -27.22 14.02
CA ASN A 387 29.79 -28.62 13.91
C ASN A 387 28.65 -29.59 13.62
N ALA A 388 27.39 -29.15 13.68
CA ALA A 388 26.28 -30.08 13.49
C ALA A 388 25.16 -29.46 12.68
N VAL A 389 24.49 -30.32 11.91
CA VAL A 389 23.32 -29.95 11.14
C VAL A 389 22.22 -30.96 11.43
N ARG A 390 21.01 -30.46 11.71
CA ARG A 390 19.82 -31.28 11.82
C ARG A 390 19.09 -31.21 10.49
N CYS A 391 18.83 -32.38 9.89
CA CYS A 391 18.05 -32.43 8.66
C CYS A 391 16.58 -32.17 8.95
N SER A 392 16.25 -30.96 9.36
CA SER A 392 14.86 -30.59 9.57
C SER A 392 14.12 -30.55 8.23
N HIS A 393 13.09 -31.38 8.09
CA HIS A 393 12.71 -32.39 9.07
C HIS A 393 12.40 -33.67 8.29
N TYR A 394 13.41 -34.21 7.61
CA TYR A 394 13.19 -35.33 6.71
C TYR A 394 14.56 -35.86 6.28
N PRO A 395 14.62 -37.07 5.71
CA PRO A 395 15.89 -37.53 5.15
C PRO A 395 16.28 -36.67 3.95
N ASN A 396 17.56 -36.32 3.90
CA ASN A 396 18.09 -35.42 2.89
C ASN A 396 18.50 -36.17 1.64
N HIS A 397 18.96 -35.42 0.65
CA HIS A 397 19.54 -35.98 -0.55
C HIS A 397 20.76 -36.83 -0.17
N PRO A 398 20.91 -38.03 -0.75
CA PRO A 398 21.97 -38.95 -0.30
C PRO A 398 23.35 -38.32 -0.26
N LEU A 399 23.66 -37.46 -1.23
CA LEU A 399 24.97 -36.83 -1.30
C LEU A 399 25.26 -35.98 -0.06
N TRP A 400 24.22 -35.50 0.62
CA TRP A 400 24.42 -34.63 1.77
C TRP A 400 25.18 -35.34 2.88
N TYR A 401 24.85 -36.60 3.14
CA TYR A 401 25.53 -37.34 4.20
C TYR A 401 26.96 -37.66 3.80
N THR A 402 27.19 -37.95 2.53
CA THR A 402 28.54 -38.19 2.04
C THR A 402 29.42 -36.95 2.20
N LEU A 403 28.82 -35.78 2.07
CA LEU A 403 29.61 -34.56 2.18
C LEU A 403 29.93 -34.23 3.64
N CYS A 404 28.98 -34.45 4.55
CA CYS A 404 29.26 -34.27 5.97
C CYS A 404 30.20 -35.34 6.50
N ASP A 405 30.16 -36.54 5.91
CA ASP A 405 31.21 -37.52 6.14
C ASP A 405 32.58 -36.92 5.89
N ARG A 406 32.73 -36.21 4.75
CA ARG A 406 34.03 -35.82 4.26
C ARG A 406 34.48 -34.46 4.80
N TYR A 407 33.60 -33.47 4.81
CA TYR A 407 33.98 -32.17 5.37
C TYR A 407 33.91 -32.16 6.88
N GLY A 408 33.19 -33.10 7.49
CA GLY A 408 33.12 -33.19 8.92
C GLY A 408 32.04 -32.35 9.55
N LEU A 409 30.82 -32.89 9.58
CA LEU A 409 29.69 -32.31 10.30
C LEU A 409 28.92 -33.43 11.00
N TYR A 410 28.53 -33.20 12.25
CA TYR A 410 27.63 -34.11 12.94
C TYR A 410 26.20 -33.90 12.43
N VAL A 411 25.50 -34.98 12.11
CA VAL A 411 24.21 -34.91 11.43
C VAL A 411 23.15 -35.61 12.28
N VAL A 412 22.01 -34.95 12.44
CA VAL A 412 20.82 -35.58 12.99
C VAL A 412 19.91 -35.92 11.83
N ASP A 413 19.83 -37.21 11.50
CA ASP A 413 18.95 -37.71 10.44
C ASP A 413 17.52 -37.85 10.99
N GLU A 414 16.58 -37.13 10.39
CA GLU A 414 15.23 -37.02 10.91
C GLU A 414 14.24 -37.73 9.99
N ALA A 415 13.43 -38.61 10.54
CA ALA A 415 12.40 -39.26 9.74
C ALA A 415 11.39 -38.24 9.22
N ASN A 416 10.80 -38.56 8.06
CA ASN A 416 9.86 -37.67 7.40
C ASN A 416 8.46 -37.85 8.02
N ILE A 417 8.30 -37.32 9.23
CA ILE A 417 7.05 -37.43 9.97
C ILE A 417 6.83 -36.11 10.70
N GLU A 418 5.84 -35.33 10.24
CA GLU A 418 5.37 -34.17 11.00
C GLU A 418 3.86 -34.03 10.80
N THR A 419 3.13 -34.03 11.90
CA THR A 419 1.68 -33.93 11.89
C THR A 419 1.24 -32.69 12.67
N HIS A 420 2.02 -31.61 12.52
CA HIS A 420 1.84 -30.41 13.34
C HIS A 420 0.40 -29.92 13.34
N GLY A 421 -0.24 -29.91 12.17
CA GLY A 421 -1.56 -29.30 12.05
C GLY A 421 -2.70 -30.12 12.62
N MET A 422 -2.43 -31.34 13.09
CA MET A 422 -3.47 -32.14 13.69
C MET A 422 -3.85 -31.57 15.06
N VAL A 423 -5.09 -31.82 15.45
CA VAL A 423 -5.58 -31.39 16.76
C VAL A 423 -6.12 -32.60 17.51
N PRO A 424 -5.46 -33.06 18.59
CA PRO A 424 -4.16 -32.53 19.02
C PRO A 424 -3.02 -33.09 18.17
N MET A 425 -1.79 -32.66 18.43
CA MET A 425 -0.66 -33.05 17.60
C MET A 425 -0.45 -34.56 17.56
N ASN A 426 -0.87 -35.28 18.60
CA ASN A 426 -0.74 -36.73 18.60
C ASN A 426 -2.07 -37.40 18.27
N ARG A 427 -2.71 -36.99 17.18
CA ARG A 427 -3.93 -37.67 16.74
C ARG A 427 -3.62 -38.84 15.83
N LEU A 428 -2.61 -38.68 14.98
CA LEU A 428 -2.18 -39.75 14.11
C LEU A 428 -1.07 -40.59 14.73
N THR A 429 -0.11 -39.94 15.40
CA THR A 429 1.01 -40.68 15.97
C THR A 429 0.63 -41.49 17.19
N ASP A 430 -0.57 -41.31 17.74
CA ASP A 430 -1.08 -42.19 18.78
C ASP A 430 -2.05 -43.24 18.24
N ASP A 431 -2.40 -43.15 16.96
CA ASP A 431 -3.33 -44.09 16.33
C ASP A 431 -2.55 -45.28 15.79
N PRO A 432 -2.86 -46.50 16.21
CA PRO A 432 -2.12 -47.66 15.68
C PRO A 432 -2.37 -47.91 14.20
N ARG A 433 -3.47 -47.42 13.63
CA ARG A 433 -3.70 -47.55 12.19
C ARG A 433 -2.69 -46.77 11.36
N TRP A 434 -2.02 -45.78 11.97
CA TRP A 434 -0.99 -45.01 11.30
C TRP A 434 0.42 -45.49 11.62
N LEU A 435 0.56 -46.50 12.49
CA LEU A 435 1.87 -47.05 12.80
C LEU A 435 2.59 -47.59 11.57
N PRO A 436 1.94 -48.34 10.67
CA PRO A 436 2.68 -48.78 9.47
C PRO A 436 3.26 -47.63 8.65
N ALA A 437 2.46 -46.62 8.33
CA ALA A 437 2.95 -45.48 7.56
C ALA A 437 4.11 -44.79 8.27
N MET A 438 4.06 -44.71 9.60
CA MET A 438 5.14 -44.06 10.34
C MET A 438 6.37 -44.96 10.45
N SER A 439 6.16 -46.27 10.59
CA SER A 439 7.30 -47.18 10.66
C SER A 439 8.09 -47.15 9.37
N GLU A 440 7.41 -47.08 8.22
CA GLU A 440 8.11 -47.08 6.96
C GLU A 440 8.99 -45.85 6.84
N ARG A 441 8.51 -44.71 7.33
CA ARG A 441 9.32 -43.50 7.24
C ARG A 441 10.56 -43.58 8.11
N VAL A 442 10.48 -44.32 9.22
CA VAL A 442 11.61 -44.43 10.15
C VAL A 442 12.56 -45.54 9.72
N THR A 443 12.02 -46.75 9.54
CA THR A 443 12.86 -47.90 9.21
C THR A 443 13.61 -47.70 7.90
N ARG A 444 12.95 -47.14 6.89
CA ARG A 444 13.62 -46.96 5.61
C ARG A 444 14.67 -45.87 5.65
N MET A 445 14.54 -44.90 6.56
CA MET A 445 15.61 -43.95 6.79
C MET A 445 16.84 -44.65 7.36
N VAL A 446 16.64 -45.43 8.43
CA VAL A 446 17.75 -46.13 9.06
C VAL A 446 18.38 -47.10 8.10
N GLN A 447 17.57 -47.86 7.37
CA GLN A 447 18.11 -48.82 6.41
C GLN A 447 18.94 -48.14 5.34
N ARG A 448 18.69 -46.86 5.07
CA ARG A 448 19.40 -46.13 4.03
C ARG A 448 20.68 -45.47 4.53
N ASP A 449 20.65 -44.84 5.72
CA ASP A 449 21.71 -43.95 6.15
C ASP A 449 22.51 -44.49 7.35
N ARG A 450 22.41 -45.78 7.66
CA ARG A 450 23.01 -46.29 8.87
C ARG A 450 24.53 -46.42 8.78
N ASN A 451 25.11 -46.38 7.58
CA ASN A 451 26.56 -46.50 7.42
C ASN A 451 27.26 -45.16 7.34
N HIS A 452 26.53 -44.06 7.37
CA HIS A 452 27.14 -42.73 7.32
C HIS A 452 27.64 -42.33 8.69
N PRO A 453 28.96 -42.18 8.86
CA PRO A 453 29.47 -41.79 10.19
C PRO A 453 29.00 -40.42 10.63
N SER A 454 28.72 -39.52 9.69
CA SER A 454 28.26 -38.19 10.07
C SER A 454 26.92 -38.25 10.79
N VAL A 455 26.10 -39.25 10.50
CA VAL A 455 24.86 -39.45 11.23
C VAL A 455 25.23 -39.95 12.63
N ILE A 456 25.05 -39.09 13.63
CA ILE A 456 25.32 -39.47 15.01
C ILE A 456 24.04 -39.64 15.84
N ILE A 457 22.91 -39.10 15.40
CA ILE A 457 21.67 -39.09 16.17
C ILE A 457 20.49 -39.32 15.22
N TRP A 458 19.69 -40.34 15.49
CA TRP A 458 18.44 -40.53 14.78
C TRP A 458 17.34 -39.69 15.41
N SER A 459 16.44 -39.18 14.57
CA SER A 459 15.28 -38.43 15.02
C SER A 459 14.01 -39.06 14.47
N LEU A 460 13.00 -39.21 15.32
CA LEU A 460 11.75 -39.85 14.92
C LEU A 460 10.86 -38.93 14.09
N GLY A 461 11.18 -37.65 14.00
CA GLY A 461 10.39 -36.70 13.25
C GLY A 461 10.34 -35.38 13.98
N ASN A 462 9.31 -34.61 13.69
CA ASN A 462 9.18 -33.27 14.22
C ASN A 462 7.72 -32.95 14.46
N GLU A 463 7.44 -32.23 15.54
CA GLU A 463 6.13 -31.69 15.88
C GLU A 463 4.98 -32.61 15.50
N SER A 464 4.89 -33.75 16.18
CA SER A 464 3.79 -34.69 16.00
C SER A 464 3.29 -35.20 17.35
N GLY A 465 3.42 -34.38 18.39
CA GLY A 465 3.08 -34.81 19.72
C GLY A 465 3.89 -36.01 20.17
N HIS A 466 3.39 -36.67 21.21
CA HIS A 466 3.95 -37.94 21.66
C HIS A 466 2.84 -38.97 21.67
N GLY A 467 2.90 -39.92 20.73
CA GLY A 467 1.99 -41.04 20.69
C GLY A 467 2.73 -42.35 20.89
N ALA A 468 1.95 -43.43 21.03
CA ALA A 468 2.56 -44.74 21.22
C ALA A 468 3.43 -45.14 20.03
N ASN A 469 3.08 -44.71 18.82
CA ASN A 469 3.87 -45.07 17.66
C ASN A 469 5.30 -44.59 17.80
N HIS A 470 5.50 -43.41 18.40
CA HIS A 470 6.84 -42.92 18.67
C HIS A 470 7.60 -43.88 19.56
N ASP A 471 6.98 -44.31 20.67
CA ASP A 471 7.62 -45.26 21.57
C ASP A 471 7.98 -46.54 20.85
N ALA A 472 7.08 -47.04 20.00
CA ALA A 472 7.36 -48.29 19.30
C ALA A 472 8.54 -48.12 18.35
N LEU A 473 8.59 -47.00 17.62
CA LEU A 473 9.65 -46.78 16.66
C LEU A 473 10.94 -46.35 17.34
N TYR A 474 10.84 -45.65 18.47
CA TYR A 474 12.05 -45.36 19.24
C TYR A 474 12.76 -46.65 19.56
N ARG A 475 11.97 -47.60 20.11
CA ARG A 475 12.49 -48.90 20.62
C ARG A 475 12.97 -49.76 19.45
N TRP A 476 12.42 -49.50 18.27
CA TRP A 476 12.82 -50.28 17.09
C TRP A 476 14.21 -49.88 16.64
N ILE A 477 14.51 -48.58 16.70
CA ILE A 477 15.84 -48.12 16.32
C ILE A 477 16.87 -48.59 17.34
N LYS A 478 16.57 -48.44 18.64
CA LYS A 478 17.50 -48.91 19.67
C LYS A 478 17.84 -50.36 19.48
N SER A 479 16.86 -51.16 19.07
CA SER A 479 17.09 -52.59 18.83
C SER A 479 17.85 -52.89 17.55
N VAL A 480 17.78 -52.01 16.55
CA VAL A 480 18.33 -52.30 15.23
C VAL A 480 19.69 -51.64 15.09
N ASP A 481 19.86 -50.48 15.71
CA ASP A 481 21.04 -49.65 15.56
C ASP A 481 21.39 -49.11 16.93
N PRO A 482 22.11 -49.90 17.74
CA PRO A 482 22.58 -49.38 19.04
C PRO A 482 23.64 -48.30 18.91
N SER A 483 24.17 -48.08 17.69
CA SER A 483 25.28 -47.15 17.48
C SER A 483 24.91 -45.72 17.81
N ARG A 484 23.62 -45.37 17.80
CA ARG A 484 23.24 -43.97 17.83
C ARG A 484 22.10 -43.73 18.80
N PRO A 485 22.18 -42.65 19.56
CA PRO A 485 21.02 -42.19 20.32
C PRO A 485 19.88 -41.80 19.39
N VAL A 486 18.66 -41.98 19.89
CA VAL A 486 17.45 -41.54 19.22
C VAL A 486 16.89 -40.36 20.01
N GLN A 487 16.50 -39.30 19.30
CA GLN A 487 15.92 -38.13 19.93
C GLN A 487 14.62 -37.77 19.24
N TYR A 488 13.73 -37.12 20.00
CA TYR A 488 12.44 -36.68 19.50
C TYR A 488 11.92 -35.65 20.48
N GLU A 489 11.48 -34.50 19.97
CA GLU A 489 11.06 -33.42 20.87
C GLU A 489 9.56 -33.41 21.12
N GLY A 490 8.77 -34.02 20.24
CA GLY A 490 7.33 -34.01 20.39
C GLY A 490 6.85 -34.45 21.76
N GLY A 491 5.77 -33.82 22.22
CA GLY A 491 5.15 -34.21 23.48
C GLY A 491 5.83 -33.73 24.74
N GLY A 492 6.56 -32.63 24.67
CA GLY A 492 7.20 -32.05 25.84
C GLY A 492 8.70 -32.23 25.93
N ALA A 493 9.35 -32.72 24.87
CA ALA A 493 10.80 -32.76 24.71
C ALA A 493 11.50 -33.72 25.67
N ASP A 494 10.78 -34.42 26.54
CA ASP A 494 11.45 -35.31 27.49
C ASP A 494 10.68 -36.61 27.66
N THR A 495 9.98 -37.05 26.61
CA THR A 495 9.17 -38.24 26.70
C THR A 495 10.05 -39.48 26.79
N THR A 496 9.40 -40.64 26.80
CA THR A 496 10.10 -41.91 26.76
C THR A 496 10.65 -42.26 25.39
N ALA A 497 10.45 -41.40 24.39
CA ALA A 497 10.87 -41.70 23.03
C ALA A 497 12.13 -40.92 22.63
N THR A 498 12.83 -40.35 23.60
CA THR A 498 14.04 -39.59 23.29
C THR A 498 15.13 -39.89 24.31
N ASP A 499 16.34 -40.18 23.83
CA ASP A 499 17.49 -40.28 24.72
C ASP A 499 18.03 -38.91 25.13
N ILE A 500 17.54 -37.84 24.52
CA ILE A 500 18.05 -36.49 24.73
C ILE A 500 16.85 -35.59 25.00
N ILE A 501 16.92 -34.82 26.09
CA ILE A 501 16.01 -33.70 26.25
C ILE A 501 16.31 -32.70 25.14
N CYS A 502 15.42 -32.59 24.16
CA CYS A 502 15.70 -31.81 22.96
C CYS A 502 14.63 -30.75 22.71
N PRO A 503 14.39 -29.85 23.66
CA PRO A 503 13.31 -28.88 23.49
C PRO A 503 13.59 -27.92 22.35
N MET A 504 12.53 -27.32 21.83
CA MET A 504 12.63 -26.25 20.86
C MET A 504 12.23 -24.94 21.51
N TYR A 505 13.12 -23.94 21.42
CA TYR A 505 12.86 -22.58 21.87
C TYR A 505 12.63 -22.51 23.37
N ALA A 506 13.12 -23.48 24.12
CA ALA A 506 13.21 -23.33 25.55
C ALA A 506 14.20 -22.22 25.87
N ARG A 507 13.85 -21.37 26.82
CA ARG A 507 14.70 -20.25 27.16
C ARG A 507 15.70 -20.64 28.25
N VAL A 508 16.72 -19.79 28.42
CA VAL A 508 17.85 -20.15 29.27
C VAL A 508 17.48 -20.06 30.74
N ASP A 509 16.86 -18.96 31.14
CA ASP A 509 16.51 -18.72 32.53
C ASP A 509 15.01 -18.63 32.77
N GLU A 510 14.22 -18.34 31.74
CA GLU A 510 12.79 -18.07 31.88
C GLU A 510 11.98 -19.34 31.66
N ASP A 511 11.15 -19.68 32.64
CA ASP A 511 10.21 -20.78 32.48
C ASP A 511 9.00 -20.34 31.66
N GLN A 512 8.60 -21.17 30.70
CA GLN A 512 7.37 -20.99 29.95
C GLN A 512 6.49 -22.19 30.26
N PRO A 513 5.77 -22.15 31.39
CA PRO A 513 5.06 -23.36 31.87
C PRO A 513 3.70 -23.56 31.20
N PHE A 514 3.73 -23.83 29.90
CA PHE A 514 2.53 -24.26 29.21
C PHE A 514 2.02 -25.56 29.82
N PRO A 515 0.71 -25.80 29.79
CA PRO A 515 0.18 -27.06 30.31
C PRO A 515 0.62 -28.25 29.47
N ALA A 516 0.81 -29.39 30.14
CA ALA A 516 1.17 -30.66 29.52
C ALA A 516 2.54 -30.64 28.85
N VAL A 517 2.91 -29.54 28.18
CA VAL A 517 4.17 -29.47 27.47
C VAL A 517 4.95 -28.22 27.87
N PRO A 518 5.30 -28.05 29.15
CA PRO A 518 6.02 -26.84 29.55
C PRO A 518 7.40 -26.77 28.93
N LYS A 519 7.77 -25.58 28.46
CA LYS A 519 9.14 -25.31 28.05
C LYS A 519 9.87 -24.73 29.26
N TRP A 520 10.39 -25.62 30.10
CA TRP A 520 11.16 -25.18 31.26
C TRP A 520 12.44 -24.49 30.82
N SER A 521 13.00 -23.68 31.72
CA SER A 521 14.36 -23.18 31.52
C SER A 521 15.31 -24.36 31.40
N ILE A 522 16.22 -24.27 30.43
CA ILE A 522 17.11 -25.41 30.15
C ILE A 522 17.96 -25.74 31.38
N LYS A 523 18.39 -24.73 32.12
CA LYS A 523 19.15 -24.97 33.35
C LYS A 523 18.30 -25.72 34.37
N LYS A 524 17.08 -25.26 34.60
CA LYS A 524 16.18 -25.94 35.52
C LYS A 524 15.75 -27.29 34.99
N TRP A 525 15.59 -27.42 33.67
CA TRP A 525 15.11 -28.67 33.09
C TRP A 525 16.01 -29.84 33.47
N LEU A 526 17.32 -29.63 33.44
CA LEU A 526 18.25 -30.69 33.82
C LEU A 526 18.03 -31.12 35.26
N SER A 527 17.72 -30.17 36.15
CA SER A 527 17.62 -30.39 37.58
C SER A 527 16.36 -31.14 38.01
N LEU A 528 15.36 -31.26 37.13
CA LEU A 528 14.08 -31.83 37.51
C LEU A 528 14.27 -33.23 38.10
N PRO A 529 13.46 -33.59 39.10
CA PRO A 529 13.66 -34.86 39.80
C PRO A 529 13.64 -36.05 38.83
N GLY A 530 14.60 -36.94 39.01
CA GLY A 530 14.72 -38.12 38.17
C GLY A 530 15.31 -37.86 36.80
N GLU A 531 15.50 -36.60 36.41
CA GLU A 531 16.03 -36.30 35.09
C GLU A 531 17.54 -36.48 35.09
N THR A 532 18.04 -37.28 34.14
CA THR A 532 19.47 -37.54 34.00
C THR A 532 20.01 -37.30 32.60
N ARG A 533 19.17 -37.11 31.59
CA ARG A 533 19.61 -37.07 30.21
C ARG A 533 20.32 -35.76 29.87
N PRO A 534 21.12 -35.73 28.81
CA PRO A 534 21.65 -34.46 28.33
C PRO A 534 20.57 -33.65 27.64
N LEU A 535 20.81 -32.35 27.52
CA LEU A 535 19.89 -31.44 26.87
C LEU A 535 20.56 -30.79 25.66
N ILE A 536 20.06 -31.10 24.47
CA ILE A 536 20.51 -30.48 23.23
C ILE A 536 19.27 -29.96 22.52
N LEU A 537 19.16 -28.64 22.42
CA LEU A 537 17.95 -28.04 21.86
C LEU A 537 17.78 -28.45 20.40
N CYS A 538 16.65 -29.08 20.09
CA CYS A 538 16.38 -29.42 18.70
C CYS A 538 16.26 -28.16 17.84
N GLN A 539 15.75 -27.08 18.40
CA GLN A 539 15.63 -25.81 17.70
C GLN A 539 15.76 -24.70 18.73
N TYR A 540 16.53 -23.67 18.42
CA TYR A 540 16.63 -22.55 19.35
C TYR A 540 17.11 -21.32 18.61
N ALA A 541 16.75 -20.15 19.13
CA ALA A 541 17.14 -18.87 18.55
C ALA A 541 16.51 -18.68 17.17
N HIS A 542 15.22 -18.37 17.14
CA HIS A 542 14.49 -18.15 15.90
C HIS A 542 15.02 -16.94 15.14
N ALA A 543 15.78 -17.18 14.07
CA ALA A 543 16.49 -16.11 13.36
C ALA A 543 15.63 -15.51 12.25
N MET A 544 14.47 -14.99 12.65
CA MET A 544 13.53 -14.44 11.68
C MET A 544 13.86 -12.97 11.46
N GLY A 545 14.62 -12.70 10.39
CA GLY A 545 14.99 -11.33 10.11
C GLY A 545 15.99 -10.81 11.13
N ASN A 546 15.73 -9.62 11.66
CA ASN A 546 16.59 -9.01 12.67
C ASN A 546 16.33 -9.71 14.00
N SER A 547 17.18 -10.67 14.34
CA SER A 547 16.93 -11.49 15.52
C SER A 547 18.25 -12.09 16.02
N LEU A 548 18.15 -13.19 16.79
CA LEU A 548 19.23 -13.75 17.60
C LEU A 548 19.61 -12.83 18.77
N GLY A 549 18.64 -12.07 19.27
CA GLY A 549 18.84 -11.33 20.50
C GLY A 549 18.83 -12.27 21.69
N GLY A 550 19.86 -12.15 22.54
CA GLY A 550 20.01 -13.07 23.64
C GLY A 550 20.71 -14.36 23.29
N PHE A 551 21.46 -14.37 22.19
CA PHE A 551 22.13 -15.60 21.76
C PHE A 551 23.28 -15.97 22.68
N ALA A 552 24.06 -14.96 23.10
CA ALA A 552 25.19 -15.22 23.99
C ALA A 552 24.75 -15.84 25.30
N LYS A 553 23.52 -15.54 25.75
CA LYS A 553 23.03 -16.11 26.99
C LYS A 553 22.96 -17.62 26.90
N TYR A 554 22.58 -18.16 25.74
CA TYR A 554 22.56 -19.62 25.56
C TYR A 554 23.96 -20.20 25.70
N TRP A 555 24.94 -19.61 25.02
CA TRP A 555 26.27 -20.21 24.98
C TRP A 555 27.02 -20.05 26.29
N GLN A 556 26.73 -19.00 27.06
CA GLN A 556 27.19 -18.95 28.44
C GLN A 556 26.68 -20.16 29.21
N ALA A 557 25.40 -20.49 29.04
CA ALA A 557 24.83 -21.63 29.73
C ALA A 557 25.38 -22.94 29.20
N PHE A 558 25.59 -23.02 27.88
CA PHE A 558 26.16 -24.23 27.30
C PHE A 558 27.54 -24.53 27.89
N ARG A 559 28.37 -23.50 28.04
CA ARG A 559 29.73 -23.70 28.53
C ARG A 559 29.78 -23.93 30.03
N GLN A 560 28.79 -23.43 30.78
CA GLN A 560 28.80 -23.57 32.24
C GLN A 560 28.20 -24.90 32.67
N TYR A 561 27.23 -25.43 31.94
CA TYR A 561 26.54 -26.64 32.36
C TYR A 561 27.01 -27.81 31.51
N PRO A 562 27.62 -28.83 32.12
CA PRO A 562 28.04 -30.00 31.34
C PRO A 562 26.92 -30.62 30.51
N ARG A 563 25.77 -30.86 31.12
CA ARG A 563 24.70 -31.55 30.41
C ARG A 563 23.93 -30.65 29.45
N LEU A 564 24.19 -29.34 29.46
CA LEU A 564 23.74 -28.47 28.37
C LEU A 564 24.78 -28.58 27.27
N GLN A 565 24.53 -29.47 26.32
CA GLN A 565 25.50 -29.76 25.26
C GLN A 565 25.14 -29.09 23.94
N GLY A 566 24.54 -27.90 24.00
CA GLY A 566 24.34 -27.09 22.81
C GLY A 566 22.96 -27.27 22.20
N GLY A 567 22.89 -27.00 20.91
CA GLY A 567 21.61 -27.08 20.22
C GLY A 567 21.76 -26.69 18.76
N PHE A 568 20.64 -26.71 18.06
CA PHE A 568 20.58 -26.42 16.63
C PHE A 568 19.78 -25.15 16.42
N VAL A 569 20.44 -24.09 15.93
CA VAL A 569 19.76 -22.83 15.68
C VAL A 569 18.74 -23.01 14.58
N TRP A 570 17.59 -22.33 14.70
CA TRP A 570 16.57 -22.30 13.66
C TRP A 570 16.61 -20.94 12.95
N ASP A 571 17.04 -20.93 11.70
CA ASP A 571 17.62 -22.09 11.01
C ASP A 571 18.67 -21.56 10.02
N TRP A 572 19.02 -22.35 9.00
CA TRP A 572 20.13 -21.96 8.14
C TRP A 572 19.72 -20.93 7.09
N VAL A 573 18.70 -21.24 6.27
CA VAL A 573 18.41 -20.44 5.09
C VAL A 573 17.04 -19.79 5.21
N ASP A 574 16.94 -18.58 4.68
CA ASP A 574 15.65 -18.02 4.30
C ASP A 574 15.03 -18.89 3.23
N GLN A 575 13.80 -19.35 3.47
CA GLN A 575 13.07 -20.05 2.40
C GLN A 575 12.38 -19.04 1.48
N SER A 576 13.14 -18.06 1.02
CA SER A 576 12.64 -17.11 0.04
C SER A 576 12.52 -17.77 -1.33
N LEU A 577 11.56 -17.28 -2.11
CA LEU A 577 11.43 -17.69 -3.49
C LEU A 577 11.63 -16.48 -4.38
N ILE A 578 11.89 -16.72 -5.66
CA ILE A 578 12.29 -15.67 -6.60
C ILE A 578 11.12 -15.38 -7.54
N LYS A 579 10.66 -14.14 -7.52
CA LYS A 579 9.66 -13.63 -8.43
C LYS A 579 10.31 -12.63 -9.38
N TYR A 580 9.59 -12.28 -10.45
CA TYR A 580 10.07 -11.31 -11.42
C TYR A 580 9.03 -10.21 -11.59
N ASP A 581 9.49 -8.98 -11.77
CA ASP A 581 8.64 -7.81 -11.71
C ASP A 581 8.33 -7.28 -13.11
N GLU A 582 7.94 -6.01 -13.19
CA GLU A 582 7.65 -5.32 -14.45
C GLU A 582 8.66 -5.63 -15.55
N ASN A 583 9.93 -5.37 -15.26
CA ASN A 583 11.01 -5.47 -16.25
C ASN A 583 11.83 -6.75 -16.08
N GLY A 584 11.31 -7.75 -15.37
CA GLY A 584 12.06 -8.97 -15.16
C GLY A 584 13.14 -8.87 -14.10
N ASN A 585 13.06 -7.88 -13.22
CA ASN A 585 13.99 -7.79 -12.10
C ASN A 585 13.57 -8.76 -11.01
N PRO A 586 14.48 -9.61 -10.53
CA PRO A 586 14.09 -10.61 -9.52
C PRO A 586 13.95 -10.00 -8.13
N TRP A 587 13.00 -10.51 -7.37
CA TRP A 587 12.82 -10.11 -5.99
C TRP A 587 12.44 -11.33 -5.16
N SER A 588 12.69 -11.22 -3.86
CA SER A 588 12.48 -12.33 -2.93
C SER A 588 11.02 -12.35 -2.47
N ALA A 589 10.35 -13.47 -2.73
CA ALA A 589 8.96 -13.65 -2.34
C ALA A 589 8.86 -14.52 -1.10
N TYR A 590 7.78 -14.33 -0.34
CA TYR A 590 7.49 -15.19 0.78
C TYR A 590 6.01 -15.57 0.72
N GLY A 591 5.46 -16.02 1.86
CA GLY A 591 4.10 -16.51 1.92
C GLY A 591 3.07 -15.57 1.33
N GLY A 592 2.20 -16.12 0.47
CA GLY A 592 1.13 -15.36 -0.15
C GLY A 592 1.48 -14.70 -1.46
N ASP A 593 2.77 -14.56 -1.77
CA ASP A 593 3.22 -13.90 -2.99
C ASP A 593 2.99 -14.73 -4.25
N PHE A 594 2.39 -15.92 -4.12
CA PHE A 594 2.03 -16.72 -5.27
C PHE A 594 0.52 -16.93 -5.34
N GLY A 595 -0.26 -16.06 -4.71
CA GLY A 595 -1.68 -16.30 -4.54
C GLY A 595 -2.01 -17.42 -3.58
N ASP A 596 -1.03 -17.99 -2.89
CA ASP A 596 -1.27 -19.11 -1.99
C ASP A 596 -1.99 -18.64 -0.74
N THR A 597 -3.17 -19.21 -0.48
CA THR A 597 -4.00 -18.81 0.64
C THR A 597 -4.67 -20.07 1.17
N PRO A 598 -4.72 -20.24 2.50
CA PRO A 598 -4.08 -19.37 3.50
C PRO A 598 -2.58 -19.57 3.56
N ASN A 599 -1.85 -18.57 4.06
CA ASN A 599 -0.40 -18.62 4.12
C ASN A 599 0.10 -17.93 5.37
N ASP A 600 1.36 -18.18 5.70
CA ASP A 600 1.98 -17.65 6.92
C ASP A 600 3.14 -16.73 6.59
N ARG A 601 2.94 -15.92 5.55
CA ARG A 601 3.78 -14.78 5.16
C ARG A 601 5.27 -14.98 5.41
N GLN A 602 5.91 -14.07 6.16
CA GLN A 602 7.37 -14.06 6.25
C GLN A 602 7.93 -15.16 7.16
N PHE A 603 7.08 -15.96 7.81
CA PHE A 603 7.62 -16.97 8.71
C PHE A 603 8.40 -18.05 7.98
N CYS A 604 8.36 -18.06 6.64
CA CYS A 604 9.22 -18.94 5.87
C CYS A 604 10.66 -18.47 5.81
N MET A 605 10.99 -17.33 6.41
CA MET A 605 12.33 -16.77 6.37
C MET A 605 12.86 -16.70 7.81
N ASN A 606 13.64 -17.71 8.20
CA ASN A 606 14.20 -17.78 9.55
C ASN A 606 15.70 -18.05 9.50
N GLY A 607 16.33 -17.83 8.36
CA GLY A 607 17.69 -18.24 8.18
C GLY A 607 18.70 -17.24 8.71
N LEU A 608 19.90 -17.75 8.98
CA LEU A 608 21.04 -16.88 9.23
C LEU A 608 21.64 -16.36 7.93
N VAL A 609 21.37 -17.02 6.81
CA VAL A 609 21.81 -16.56 5.50
C VAL A 609 20.58 -16.40 4.61
N PHE A 610 20.60 -15.41 3.75
CA PHE A 610 19.55 -15.24 2.75
C PHE A 610 19.49 -16.47 1.84
N ALA A 611 18.45 -16.52 1.00
CA ALA A 611 18.32 -17.65 0.09
C ALA A 611 19.47 -17.73 -0.91
N ASP A 612 20.03 -16.59 -1.31
CA ASP A 612 21.22 -16.59 -2.13
C ASP A 612 22.47 -17.01 -1.35
N ARG A 613 22.31 -17.26 -0.05
CA ARG A 613 23.34 -17.66 0.92
C ARG A 613 24.22 -16.49 1.34
N THR A 614 23.86 -15.26 1.00
CA THR A 614 24.49 -14.11 1.63
C THR A 614 24.12 -14.11 3.12
N PRO A 615 25.06 -13.79 4.01
CA PRO A 615 24.77 -13.87 5.44
C PRO A 615 23.94 -12.69 5.93
N HIS A 616 23.04 -12.99 6.88
CA HIS A 616 22.47 -11.96 7.73
C HIS A 616 23.54 -11.51 8.72
N PRO A 617 23.33 -10.39 9.42
CA PRO A 617 24.34 -9.98 10.42
C PRO A 617 24.43 -10.91 11.62
N ALA A 618 23.34 -11.61 11.95
CA ALA A 618 23.35 -12.51 13.09
C ALA A 618 24.30 -13.68 12.90
N LEU A 619 24.75 -13.94 11.67
CA LEU A 619 25.58 -15.10 11.42
C LEU A 619 26.90 -15.01 12.17
N THR A 620 27.54 -13.84 12.17
CA THR A 620 28.81 -13.73 12.88
C THR A 620 28.62 -13.67 14.39
N GLU A 621 27.43 -13.27 14.86
CA GLU A 621 27.15 -13.43 16.28
C GLU A 621 27.14 -14.90 16.67
N ALA A 622 26.58 -15.75 15.80
CA ALA A 622 26.72 -17.19 15.99
C ALA A 622 28.17 -17.62 15.90
N LYS A 623 28.87 -17.20 14.85
CA LYS A 623 30.28 -17.55 14.69
C LYS A 623 31.09 -17.14 15.91
N HIS A 624 30.81 -15.96 16.47
CA HIS A 624 31.56 -15.50 17.63
C HIS A 624 31.25 -16.35 18.86
N GLN A 625 29.97 -16.60 19.13
CA GLN A 625 29.59 -17.31 20.35
C GLN A 625 29.96 -18.78 20.30
N GLN A 626 29.94 -19.39 19.10
CA GLN A 626 30.27 -20.79 18.95
C GLN A 626 31.74 -21.01 18.57
N GLN A 627 32.60 -20.02 18.78
CA GLN A 627 34.00 -20.20 18.43
C GLN A 627 34.67 -21.20 19.36
N PHE A 628 35.66 -21.91 18.83
CA PHE A 628 36.28 -23.01 19.54
C PHE A 628 37.38 -22.56 20.50
N PHE A 629 37.70 -21.27 20.54
CA PHE A 629 38.75 -20.76 21.40
C PHE A 629 38.18 -19.71 22.34
N GLN A 630 38.30 -19.95 23.65
CA GLN A 630 37.89 -18.99 24.66
C GLN A 630 39.11 -18.26 25.20
N PHE A 631 38.91 -17.02 25.61
CA PHE A 631 40.01 -16.15 26.01
C PHE A 631 39.71 -15.46 27.33
N ARG A 632 40.69 -15.47 28.22
CA ARG A 632 40.73 -14.60 29.37
C ARG A 632 42.07 -13.87 29.34
N LEU A 633 42.16 -12.76 30.06
CA LEU A 633 43.40 -12.01 30.11
C LEU A 633 43.51 -11.27 31.43
N SER A 634 44.64 -11.45 32.12
CA SER A 634 44.93 -10.77 33.38
C SER A 634 46.14 -9.87 33.15
N GLY A 635 45.92 -8.56 33.08
CA GLY A 635 47.03 -7.66 32.85
C GLY A 635 47.63 -7.79 31.47
N GLN A 636 48.63 -8.66 31.31
CA GLN A 636 49.31 -8.83 30.03
C GLN A 636 49.37 -10.28 29.57
N THR A 637 48.84 -11.22 30.34
CA THR A 637 48.91 -12.65 30.04
C THR A 637 47.55 -13.13 29.54
N ILE A 638 47.45 -13.45 28.26
CA ILE A 638 46.19 -13.97 27.71
C ILE A 638 46.11 -15.47 27.95
N GLU A 639 45.04 -15.89 28.64
CA GLU A 639 44.69 -17.30 28.78
C GLU A 639 43.79 -17.69 27.62
N VAL A 640 44.30 -18.53 26.72
CA VAL A 640 43.50 -19.02 25.59
C VAL A 640 43.23 -20.51 25.81
N THR A 641 41.95 -20.89 25.65
CA THR A 641 41.46 -22.23 25.95
C THR A 641 40.92 -22.86 24.68
N SER A 642 41.33 -24.10 24.40
CA SER A 642 40.79 -24.87 23.29
C SER A 642 39.53 -25.59 23.72
N GLU A 643 38.44 -25.38 22.99
CA GLU A 643 37.25 -26.18 23.16
C GLU A 643 37.17 -27.29 22.12
N TYR A 644 38.24 -27.51 21.37
CA TYR A 644 38.32 -28.68 20.51
C TYR A 644 38.52 -29.92 21.38
N LEU A 645 38.10 -31.07 20.86
CA LEU A 645 38.19 -32.30 21.63
C LEU A 645 39.24 -33.27 21.11
N PHE A 646 39.74 -33.07 19.88
CA PHE A 646 40.59 -34.07 19.26
C PHE A 646 41.86 -33.48 18.65
N ARG A 647 41.81 -32.23 18.21
CA ARG A 647 42.91 -31.65 17.45
C ARG A 647 43.66 -30.61 18.27
N HIS A 648 44.99 -30.62 18.11
CA HIS A 648 45.80 -29.48 18.50
C HIS A 648 45.59 -28.34 17.53
N SER A 649 45.94 -27.13 17.97
CA SER A 649 45.77 -25.96 17.13
C SER A 649 46.90 -25.85 16.10
N ASP A 650 47.09 -26.91 15.30
CA ASP A 650 48.25 -27.02 14.44
C ASP A 650 48.10 -26.30 13.10
N ASN A 651 47.09 -25.44 12.95
CA ASN A 651 47.04 -24.48 11.86
C ASN A 651 46.29 -23.24 12.36
N GLU A 652 46.87 -22.59 13.37
CA GLU A 652 46.27 -21.42 13.99
C GLU A 652 47.38 -20.56 14.59
N LEU A 653 47.38 -19.29 14.24
CA LEU A 653 48.15 -18.27 14.95
C LEU A 653 47.17 -17.28 15.56
N LEU A 654 47.60 -16.62 16.63
CA LEU A 654 46.84 -15.53 17.20
C LEU A 654 47.48 -14.22 16.78
N HIS A 655 46.77 -13.42 15.99
N HIS A 655 46.77 -13.43 16.00
CA HIS A 655 47.15 -12.04 15.74
CA HIS A 655 47.14 -12.03 15.74
C HIS A 655 46.55 -11.18 16.84
C HIS A 655 46.54 -11.16 16.84
N TRP A 656 47.32 -10.19 17.31
CA TRP A 656 46.86 -9.28 18.34
C TRP A 656 47.17 -7.84 17.96
N MET A 657 46.29 -6.94 18.39
CA MET A 657 46.43 -5.52 18.11
C MET A 657 45.87 -4.73 19.28
N VAL A 658 46.51 -3.59 19.55
CA VAL A 658 46.11 -2.68 20.62
C VAL A 658 45.97 -1.29 20.01
N ALA A 659 44.79 -0.68 20.19
CA ALA A 659 44.44 0.54 19.46
C ALA A 659 43.65 1.50 20.33
N LEU A 660 44.03 2.78 20.30
CA LEU A 660 43.37 3.82 21.09
C LEU A 660 42.38 4.57 20.20
N ASP A 661 41.09 4.32 20.42
CA ASP A 661 40.01 4.94 19.64
C ASP A 661 40.25 4.80 18.14
N GLY A 662 40.65 3.60 17.73
CA GLY A 662 40.80 3.29 16.32
C GLY A 662 42.22 3.17 15.83
N LYS A 663 43.08 4.11 16.24
CA LYS A 663 44.44 4.16 15.72
C LYS A 663 45.25 2.99 16.26
N PRO A 664 45.92 2.22 15.42
CA PRO A 664 46.74 1.10 15.93
C PRO A 664 48.08 1.58 16.46
N LEU A 665 48.52 0.93 17.54
CA LEU A 665 49.79 1.25 18.16
C LEU A 665 50.74 0.07 18.28
N ALA A 666 50.24 -1.16 18.29
CA ALA A 666 51.10 -2.34 18.38
C ALA A 666 50.41 -3.52 17.70
N SER A 667 51.13 -4.15 16.77
CA SER A 667 50.70 -5.35 16.07
C SER A 667 51.28 -6.56 16.80
N GLY A 668 51.24 -7.72 16.16
CA GLY A 668 51.85 -8.92 16.73
C GLY A 668 51.13 -10.19 16.33
N GLU A 669 51.90 -11.28 16.23
CA GLU A 669 51.36 -12.56 15.78
C GLU A 669 52.23 -13.67 16.38
N VAL A 670 51.70 -14.36 17.39
CA VAL A 670 52.40 -15.45 18.07
C VAL A 670 51.68 -16.77 17.72
N PRO A 671 52.41 -17.85 17.44
CA PRO A 671 51.74 -19.12 17.11
C PRO A 671 50.97 -19.66 18.30
N LEU A 672 50.06 -20.60 18.00
CA LEU A 672 49.21 -21.24 18.99
C LEU A 672 49.39 -22.75 18.89
N ASP A 673 49.77 -23.38 20.00
CA ASP A 673 49.96 -24.83 20.08
C ASP A 673 49.23 -25.38 21.30
N VAL A 674 47.92 -25.12 21.36
CA VAL A 674 47.08 -25.55 22.47
C VAL A 674 46.51 -26.93 22.18
N ALA A 675 46.54 -27.79 23.18
CA ALA A 675 46.03 -29.14 23.04
C ALA A 675 44.51 -29.15 23.17
N PRO A 676 43.84 -30.20 22.70
CA PRO A 676 42.38 -30.28 22.88
C PRO A 676 42.03 -30.21 24.36
N GLN A 677 41.06 -29.34 24.68
CA GLN A 677 40.63 -29.03 26.03
C GLN A 677 41.72 -28.39 26.88
N GLY A 678 42.87 -28.09 26.27
CA GLY A 678 44.01 -27.56 27.00
C GLY A 678 43.99 -26.05 27.08
N LYS A 679 45.04 -25.52 27.70
CA LYS A 679 45.22 -24.09 27.86
C LYS A 679 46.61 -23.69 27.39
N GLN A 680 46.78 -22.38 27.22
CA GLN A 680 48.06 -21.82 26.80
C GLN A 680 48.06 -20.35 27.21
N LEU A 681 49.15 -19.91 27.82
CA LEU A 681 49.25 -18.54 28.33
C LEU A 681 50.29 -17.79 27.52
N ILE A 682 49.87 -16.65 26.95
CA ILE A 682 50.71 -15.86 26.05
C ILE A 682 51.00 -14.55 26.75
N GLU A 683 52.28 -14.33 27.09
CA GLU A 683 52.70 -13.07 27.67
C GLU A 683 52.78 -12.02 26.58
N LEU A 684 52.02 -10.95 26.73
CA LEU A 684 52.08 -9.89 25.72
C LEU A 684 53.31 -9.02 25.96
N PRO A 685 54.00 -8.60 24.91
CA PRO A 685 55.12 -7.67 25.08
C PRO A 685 54.65 -6.36 25.70
N GLU A 686 55.64 -5.57 26.14
CA GLU A 686 55.42 -4.24 26.71
C GLU A 686 54.43 -3.43 25.88
N LEU A 687 53.14 -3.59 26.15
CA LEU A 687 52.12 -2.85 25.42
C LEU A 687 52.20 -1.37 25.78
N PRO A 688 52.06 -0.48 24.80
CA PRO A 688 52.18 0.96 25.09
C PRO A 688 51.02 1.44 25.96
N GLN A 689 51.35 2.33 26.90
CA GLN A 689 50.36 2.90 27.83
C GLN A 689 50.50 4.41 27.80
N PRO A 690 49.91 5.07 26.80
CA PRO A 690 50.05 6.52 26.69
C PRO A 690 49.08 7.26 27.61
N GLU A 691 49.51 8.47 28.01
CA GLU A 691 48.68 9.35 28.85
C GLU A 691 47.59 10.05 28.05
N SER A 692 47.48 9.72 26.76
CA SER A 692 46.50 10.34 25.85
C SER A 692 45.06 9.99 26.26
N ALA A 693 44.12 10.91 26.00
CA ALA A 693 42.72 10.68 26.30
C ALA A 693 42.13 9.62 25.37
N GLY A 694 41.09 8.96 25.85
CA GLY A 694 40.40 7.94 25.10
C GLY A 694 40.57 6.56 25.71
N GLN A 695 39.96 5.58 25.06
CA GLN A 695 39.93 4.20 25.52
C GLN A 695 40.87 3.35 24.69
N LEU A 696 41.71 2.56 25.37
CA LEU A 696 42.64 1.66 24.72
C LEU A 696 42.06 0.26 24.71
N TRP A 697 42.02 -0.36 23.52
CA TRP A 697 41.37 -1.64 23.31
C TRP A 697 42.35 -2.66 22.76
N LEU A 698 42.38 -3.84 23.36
CA LEU A 698 43.13 -4.97 22.83
C LEU A 698 42.21 -5.86 22.03
N THR A 699 42.70 -6.34 20.89
CA THR A 699 41.92 -7.17 19.99
C THR A 699 42.78 -8.34 19.54
N VAL A 700 42.37 -9.56 19.87
CA VAL A 700 43.07 -10.76 19.46
C VAL A 700 42.19 -11.53 18.49
N ARG A 701 42.81 -12.14 17.49
CA ARG A 701 42.13 -12.91 16.46
C ARG A 701 42.90 -14.21 16.24
N VAL A 702 42.17 -15.30 16.04
CA VAL A 702 42.77 -16.58 15.67
C VAL A 702 42.66 -16.71 14.15
N VAL A 703 43.80 -16.85 13.49
CA VAL A 703 43.89 -16.88 12.03
C VAL A 703 44.50 -18.21 11.61
N GLN A 704 43.90 -18.85 10.60
CA GLN A 704 44.42 -20.10 10.07
C GLN A 704 45.30 -19.80 8.86
N PRO A 705 46.62 -19.94 8.96
CA PRO A 705 47.48 -19.57 7.83
C PRO A 705 47.24 -20.40 6.58
N ASN A 706 46.88 -21.67 6.72
CA ASN A 706 46.77 -22.57 5.58
C ASN A 706 45.32 -22.80 5.21
N ALA A 707 45.11 -23.13 3.94
CA ALA A 707 43.77 -23.35 3.43
C ALA A 707 43.24 -24.70 3.89
N THR A 708 41.96 -24.72 4.25
CA THR A 708 41.34 -26.03 4.59
C THR A 708 40.43 -26.41 3.41
N ALA A 709 39.82 -27.58 3.48
CA ALA A 709 38.84 -27.92 2.46
C ALA A 709 37.57 -27.07 2.58
N TRP A 710 37.47 -26.22 3.61
CA TRP A 710 36.27 -25.46 3.91
C TRP A 710 36.51 -23.97 4.13
N SER A 711 37.77 -23.51 4.15
CA SER A 711 38.15 -22.11 4.28
C SER A 711 39.24 -21.82 3.27
N GLU A 712 39.56 -20.54 3.11
CA GLU A 712 40.77 -20.15 2.41
C GLU A 712 41.81 -19.69 3.42
N ALA A 713 43.04 -19.51 2.93
CA ALA A 713 44.12 -19.08 3.81
C ALA A 713 43.83 -17.71 4.39
N GLY A 714 44.18 -17.53 5.66
CA GLY A 714 43.92 -16.30 6.37
C GLY A 714 42.59 -16.24 7.09
N HIS A 715 41.82 -17.33 7.06
CA HIS A 715 40.50 -17.33 7.66
C HIS A 715 40.58 -17.07 9.15
N ILE A 716 39.62 -16.30 9.67
CA ILE A 716 39.54 -15.99 11.08
C ILE A 716 38.59 -16.98 11.74
N SER A 717 39.04 -17.63 12.82
CA SER A 717 38.23 -18.60 13.55
C SER A 717 37.60 -18.03 14.81
N ALA A 718 38.22 -17.06 15.46
CA ALA A 718 37.72 -16.53 16.72
C ALA A 718 38.35 -15.17 16.99
N TRP A 719 37.75 -14.43 17.92
CA TRP A 719 38.27 -13.13 18.31
C TRP A 719 37.65 -12.74 19.65
N GLN A 720 38.23 -11.72 20.27
CA GLN A 720 37.75 -11.16 21.54
C GLN A 720 38.45 -9.83 21.78
N GLN A 721 37.75 -8.94 22.48
CA GLN A 721 38.23 -7.59 22.76
C GLN A 721 38.15 -7.28 24.25
N TRP A 722 39.08 -6.47 24.72
CA TRP A 722 39.07 -5.97 26.09
C TRP A 722 39.39 -4.49 26.07
N ARG A 723 38.70 -3.72 26.92
CA ARG A 723 39.08 -2.33 27.15
C ARG A 723 40.19 -2.31 28.21
N LEU A 724 41.36 -1.85 27.80
CA LEU A 724 42.53 -1.83 28.69
C LEU A 724 42.47 -0.60 29.57
N ALA A 725 43.37 0.35 29.33
CA ALA A 725 43.34 1.64 30.01
C ALA A 725 42.41 2.60 29.26
N GLU A 726 41.76 3.47 30.03
CA GLU A 726 41.09 4.64 29.48
C GLU A 726 41.48 5.84 30.33
N ASN A 727 41.98 6.88 29.67
CA ASN A 727 42.29 8.13 30.33
C ASN A 727 41.24 9.17 29.95
N LEU A 728 40.64 9.79 30.96
CA LEU A 728 39.52 10.68 30.72
C LEU A 728 40.01 12.08 30.38
N SER A 729 39.46 12.64 29.30
CA SER A 729 39.81 13.97 28.82
C SER A 729 39.77 14.99 29.95
N VAL A 730 40.92 15.52 30.32
CA VAL A 730 41.01 16.53 31.38
C VAL A 730 41.23 17.93 30.83
N THR A 731 41.39 18.07 29.51
CA THR A 731 41.79 19.36 28.93
C THR A 731 40.60 20.32 28.85
N LEU A 732 40.87 21.59 29.15
CA LEU A 732 39.89 22.64 28.93
C LEU A 732 39.85 22.99 27.44
N PRO A 733 38.67 23.00 26.83
CA PRO A 733 38.60 23.05 25.36
C PRO A 733 39.21 24.34 24.80
N ALA A 734 39.67 24.24 23.54
CA ALA A 734 40.35 25.35 22.89
C ALA A 734 39.46 26.59 22.88
N ALA A 735 40.06 27.73 23.24
CA ALA A 735 39.31 28.95 23.45
C ALA A 735 38.56 29.37 22.19
N SER A 736 37.55 30.22 22.38
CA SER A 736 36.73 30.70 21.28
C SER A 736 37.28 32.01 20.73
N HIS A 737 37.02 32.24 19.45
CA HIS A 737 37.35 33.50 18.80
C HIS A 737 36.11 34.27 18.40
N ALA A 738 34.94 33.88 18.90
CA ALA A 738 33.69 34.53 18.53
C ALA A 738 32.59 34.12 19.49
N ILE A 739 31.57 34.96 19.57
CA ILE A 739 30.40 34.75 20.41
C ILE A 739 29.20 34.67 19.48
N PRO A 740 28.39 33.62 19.53
CA PRO A 740 27.24 33.56 18.63
C PRO A 740 26.14 34.51 19.07
N HIS A 741 25.44 35.04 18.08
CA HIS A 741 24.35 35.99 18.32
C HIS A 741 23.01 35.24 18.37
N LEU A 742 22.13 35.70 19.25
CA LEU A 742 20.77 35.18 19.33
C LEU A 742 19.81 36.19 18.70
N THR A 743 18.77 35.66 18.05
CA THR A 743 17.77 36.47 17.36
C THR A 743 16.40 35.95 17.73
N THR A 744 15.57 36.81 18.33
CA THR A 744 14.27 36.40 18.86
C THR A 744 13.16 36.89 17.93
N SER A 745 12.58 35.96 17.18
CA SER A 745 11.38 36.23 16.41
C SER A 745 10.19 36.27 17.35
N GLU A 746 8.98 36.29 16.79
CA GLU A 746 7.80 35.88 17.53
C GLU A 746 7.50 34.41 17.34
N MET A 747 7.99 33.82 16.24
CA MET A 747 7.83 32.41 15.92
C MET A 747 9.10 31.59 16.12
N ASP A 748 10.28 32.22 16.07
CA ASP A 748 11.54 31.50 15.98
C ASP A 748 12.51 31.92 17.09
N PHE A 749 13.43 31.00 17.37
CA PHE A 749 14.70 31.30 18.04
C PHE A 749 15.80 30.93 17.04
N CYS A 750 16.52 31.93 16.53
CA CYS A 750 17.57 31.69 15.55
C CYS A 750 18.91 32.19 16.09
N ILE A 751 19.95 31.39 15.87
CA ILE A 751 21.30 31.70 16.33
C ILE A 751 22.24 31.66 15.14
N GLU A 752 23.26 32.51 15.16
CA GLU A 752 24.18 32.64 14.04
C GLU A 752 25.61 32.74 14.55
N LEU A 753 26.54 32.19 13.75
CA LEU A 753 27.96 32.24 14.05
C LEU A 753 28.78 31.86 12.83
N GLY A 754 29.25 32.86 12.08
CA GLY A 754 30.03 32.62 10.88
C GLY A 754 29.23 31.92 9.79
N ASN A 755 29.69 30.75 9.35
CA ASN A 755 28.91 29.96 8.41
C ASN A 755 27.63 29.46 9.06
N LYS A 756 27.71 29.02 10.31
CA LYS A 756 26.63 28.26 10.94
C LYS A 756 25.47 29.15 11.36
N ARG A 757 24.26 28.62 11.20
CA ARG A 757 23.04 29.27 11.67
C ARG A 757 22.05 28.17 12.06
N TRP A 758 21.47 28.28 13.24
CA TRP A 758 20.49 27.31 13.73
C TRP A 758 19.15 28.00 13.92
N GLN A 759 18.08 27.28 13.64
CA GLN A 759 16.73 27.84 13.68
C GLN A 759 15.82 26.93 14.48
N PHE A 760 15.33 27.43 15.62
CA PHE A 760 14.41 26.71 16.47
C PHE A 760 13.02 27.32 16.36
N ASN A 761 12.03 26.48 16.07
CA ASN A 761 10.64 26.92 15.95
C ASN A 761 10.00 26.97 17.34
N ARG A 762 9.62 28.17 17.77
CA ARG A 762 9.05 28.36 19.10
C ARG A 762 7.60 27.90 19.21
N GLN A 763 6.99 27.46 18.12
CA GLN A 763 5.67 26.82 18.16
C GLN A 763 5.76 25.30 18.13
N SER A 764 6.73 24.76 17.39
CA SER A 764 7.03 23.34 17.40
C SER A 764 7.92 22.95 18.57
N GLY A 765 8.98 23.73 18.80
CA GLY A 765 9.95 23.44 19.84
C GLY A 765 11.16 22.67 19.39
N PHE A 766 11.34 22.48 18.10
CA PHE A 766 12.43 21.68 17.58
C PHE A 766 13.36 22.55 16.74
N LEU A 767 14.59 22.05 16.58
CA LEU A 767 15.54 22.64 15.65
C LEU A 767 15.02 22.38 14.23
N SER A 768 14.42 23.40 13.62
CA SER A 768 13.76 23.23 12.33
C SER A 768 14.77 23.09 11.19
N GLN A 769 15.83 23.90 11.19
CA GLN A 769 16.97 23.62 10.32
C GLN A 769 18.18 24.44 10.73
N MET A 770 19.34 23.99 10.26
CA MET A 770 20.62 24.65 10.39
C MET A 770 21.20 24.95 9.01
N TRP A 771 22.11 25.93 8.96
CA TRP A 771 22.70 26.37 7.70
C TRP A 771 24.22 26.27 7.75
N ILE A 772 24.81 25.98 6.58
CA ILE A 772 26.24 26.14 6.36
C ILE A 772 26.40 26.86 5.03
N GLY A 773 26.74 28.15 5.08
CA GLY A 773 26.71 28.95 3.87
C GLY A 773 25.29 29.09 3.37
N ASP A 774 25.15 29.13 2.04
CA ASP A 774 23.84 29.12 1.39
C ASP A 774 23.33 27.71 1.13
N LYS A 775 23.68 26.74 1.97
CA LYS A 775 23.38 25.34 1.76
C LYS A 775 22.54 24.82 2.92
N LYS A 776 21.27 24.52 2.65
CA LYS A 776 20.39 23.97 3.67
C LYS A 776 20.85 22.56 4.06
N GLN A 777 20.50 22.15 5.30
CA GLN A 777 21.03 20.92 5.87
C GLN A 777 19.98 19.91 6.34
N LEU A 778 18.76 20.34 6.65
CA LEU A 778 17.73 19.43 7.12
C LEU A 778 16.52 19.47 6.20
N LEU A 779 15.83 18.34 6.09
CA LEU A 779 14.55 18.24 5.41
C LEU A 779 13.41 17.95 6.37
N THR A 780 13.70 17.57 7.61
CA THR A 780 12.73 17.28 8.65
C THR A 780 13.32 17.81 9.95
N PRO A 781 12.52 18.43 10.81
CA PRO A 781 13.03 18.91 12.08
C PRO A 781 13.59 17.78 12.93
N LEU A 782 14.70 18.07 13.62
CA LEU A 782 15.31 17.12 14.54
C LEU A 782 14.36 16.92 15.73
N ARG A 783 13.63 15.81 15.71
CA ARG A 783 12.61 15.51 16.71
C ARG A 783 12.92 14.20 17.41
N ASP A 784 12.16 13.93 18.48
CA ASP A 784 12.34 12.72 19.26
C ASP A 784 11.94 11.50 18.45
N GLN A 785 12.11 10.33 19.07
CA GLN A 785 11.55 9.09 18.54
C GLN A 785 11.49 8.08 19.67
N PHE A 786 10.29 7.55 19.93
CA PHE A 786 10.06 6.50 20.91
C PHE A 786 9.65 5.20 20.26
N THR A 787 9.74 5.11 18.93
CA THR A 787 9.23 4.00 18.16
C THR A 787 10.32 3.49 17.21
N ARG A 788 10.08 2.31 16.64
CA ARG A 788 10.87 1.82 15.53
C ARG A 788 9.97 1.03 14.60
N ALA A 789 10.39 0.92 13.35
CA ALA A 789 9.70 0.05 12.41
C ALA A 789 9.75 -1.37 12.94
N PRO A 790 8.61 -1.99 13.22
CA PRO A 790 8.60 -3.22 14.01
C PRO A 790 9.34 -4.36 13.32
N LEU A 791 10.24 -4.99 14.08
CA LEU A 791 10.88 -6.21 13.61
C LEU A 791 9.89 -7.36 13.68
N ASP A 792 10.23 -8.44 12.97
CA ASP A 792 9.40 -9.64 13.00
C ASP A 792 9.20 -10.15 14.42
N ASN A 793 10.18 -9.92 15.30
CA ASN A 793 10.02 -10.31 16.70
C ASN A 793 9.02 -9.41 17.43
N ASP A 794 8.96 -8.12 17.07
CA ASP A 794 7.96 -7.25 17.68
C ASP A 794 6.57 -7.56 17.15
N ILE A 795 6.47 -8.05 15.92
CA ILE A 795 5.17 -8.35 15.36
C ILE A 795 4.67 -9.71 15.84
N GLY A 796 5.54 -10.70 15.81
CA GLY A 796 5.12 -12.04 16.22
C GLY A 796 4.20 -12.63 15.18
N VAL A 797 3.07 -13.18 15.62
CA VAL A 797 2.08 -13.75 14.72
C VAL A 797 0.94 -12.77 14.45
N SER A 798 1.10 -11.51 14.82
CA SER A 798 0.01 -10.55 14.72
C SER A 798 -0.24 -10.17 13.26
N GLU A 799 -1.50 -10.31 12.83
CA GLU A 799 -1.93 -10.00 11.48
C GLU A 799 -3.04 -8.97 11.56
N ALA A 800 -3.43 -8.43 10.40
CA ALA A 800 -4.61 -7.57 10.39
C ALA A 800 -5.86 -8.34 10.76
N THR A 801 -5.92 -9.63 10.40
CA THR A 801 -7.03 -10.49 10.79
C THR A 801 -7.00 -10.75 12.30
N ARG A 802 -6.25 -11.76 12.73
CA ARG A 802 -6.12 -12.10 14.14
C ARG A 802 -4.95 -11.34 14.74
N ILE A 803 -5.23 -10.46 15.72
CA ILE A 803 -4.16 -9.66 16.30
C ILE A 803 -3.74 -10.27 17.64
N ASP A 804 -2.44 -10.22 17.86
CA ASP A 804 -1.71 -10.69 19.03
C ASP A 804 -1.59 -9.54 20.02
N PRO A 805 -2.52 -9.38 20.97
CA PRO A 805 -2.43 -8.24 21.90
C PRO A 805 -1.17 -8.26 22.75
N ASN A 806 -0.55 -9.43 22.95
CA ASN A 806 0.66 -9.53 23.75
C ASN A 806 1.92 -9.17 22.98
N ALA A 807 1.85 -9.13 21.64
CA ALA A 807 3.01 -8.75 20.85
C ALA A 807 3.43 -7.31 21.17
N TRP A 808 4.71 -7.02 20.93
CA TRP A 808 5.25 -5.72 21.28
C TRP A 808 4.64 -4.63 20.40
N VAL A 809 4.49 -4.89 19.10
CA VAL A 809 3.93 -3.89 18.21
C VAL A 809 2.51 -3.54 18.63
N GLU A 810 1.76 -4.52 19.16
CA GLU A 810 0.37 -4.28 19.51
C GLU A 810 0.24 -3.60 20.86
N ARG A 811 1.16 -3.87 21.79
CA ARG A 811 1.18 -3.12 23.04
C ARG A 811 1.54 -1.66 22.79
N TRP A 812 2.46 -1.41 21.86
CA TRP A 812 2.82 -0.04 21.50
C TRP A 812 1.64 0.68 20.85
N LYS A 813 1.04 0.05 19.83
CA LYS A 813 -0.06 0.69 19.11
C LYS A 813 -1.24 0.96 20.03
N ALA A 814 -1.60 -0.01 20.87
CA ALA A 814 -2.74 0.17 21.77
C ALA A 814 -2.52 1.32 22.75
N ALA A 815 -1.26 1.59 23.11
CA ALA A 815 -0.96 2.74 23.95
C ALA A 815 -0.73 4.01 23.14
N GLY A 816 -0.67 3.90 21.82
CA GLY A 816 -0.54 5.07 20.97
C GLY A 816 0.87 5.56 20.75
N HIS A 817 1.86 4.68 20.87
CA HIS A 817 3.24 5.09 20.63
C HIS A 817 3.42 5.64 19.22
N TYR A 818 2.74 5.04 18.24
CA TYR A 818 2.91 5.46 16.86
C TYR A 818 2.02 6.65 16.49
N GLN A 819 0.90 6.84 17.19
CA GLN A 819 0.00 7.97 16.95
C GLN A 819 0.29 9.16 17.85
N ALA A 820 1.29 9.07 18.72
CA ALA A 820 1.55 10.14 19.66
C ALA A 820 2.13 11.37 18.96
N GLU A 821 1.49 12.51 19.17
CA GLU A 821 1.96 13.78 18.63
C GLU A 821 2.48 14.66 19.77
N ALA A 822 3.54 15.40 19.49
CA ALA A 822 4.17 16.22 20.53
C ALA A 822 3.28 17.41 20.88
N ALA A 823 3.26 17.74 22.18
CA ALA A 823 2.56 18.91 22.70
C ALA A 823 3.52 19.69 23.57
N LEU A 824 3.97 20.84 23.09
CA LEU A 824 5.04 21.57 23.74
C LEU A 824 4.56 22.26 25.02
N LEU A 825 5.40 22.22 26.05
CA LEU A 825 5.10 22.81 27.35
C LEU A 825 6.00 23.99 27.71
N GLN A 826 7.26 23.99 27.27
CA GLN A 826 8.18 25.08 27.57
C GLN A 826 9.27 25.13 26.49
N CYS A 827 9.60 26.33 26.05
CA CYS A 827 10.68 26.52 25.06
C CYS A 827 11.21 27.94 25.22
N THR A 828 12.31 28.09 25.95
CA THR A 828 12.89 29.38 26.26
C THR A 828 14.09 29.66 25.37
N ALA A 829 14.86 30.67 25.74
CA ALA A 829 16.18 30.98 25.21
C ALA A 829 16.83 31.96 26.17
N ASP A 830 18.15 31.82 26.32
CA ASP A 830 18.87 32.66 27.26
C ASP A 830 20.26 32.97 26.72
N THR A 831 20.72 34.19 26.97
CA THR A 831 22.04 34.63 26.53
C THR A 831 23.03 34.42 27.68
N LEU A 832 23.98 33.53 27.48
CA LEU A 832 25.08 33.31 28.41
C LEU A 832 26.36 33.87 27.81
N ALA A 833 27.34 34.14 28.68
CA ALA A 833 28.62 34.67 28.20
C ALA A 833 29.27 33.72 27.21
N ASP A 834 29.26 32.42 27.51
CA ASP A 834 29.92 31.46 26.65
C ASP A 834 29.07 31.09 25.43
N ALA A 835 27.75 31.08 25.56
CA ALA A 835 26.90 30.46 24.55
C ALA A 835 25.48 31.01 24.67
N VAL A 836 24.60 30.46 23.84
CA VAL A 836 23.16 30.61 23.96
C VAL A 836 22.58 29.23 24.20
N LEU A 837 21.57 29.16 25.07
CA LEU A 837 20.96 27.89 25.45
C LEU A 837 19.45 28.02 25.41
N ILE A 838 18.81 27.21 24.56
CA ILE A 838 17.36 27.08 24.50
C ILE A 838 16.97 25.79 25.22
N THR A 839 16.03 25.87 26.15
CA THR A 839 15.52 24.69 26.85
C THR A 839 14.09 24.42 26.39
N THR A 840 13.85 23.20 25.92
CA THR A 840 12.53 22.75 25.50
C THR A 840 12.01 21.71 26.47
N ALA A 841 10.71 21.44 26.36
CA ALA A 841 10.06 20.46 27.22
C ALA A 841 8.77 20.03 26.53
N HIS A 842 8.81 18.86 25.89
CA HIS A 842 7.68 18.35 25.13
C HIS A 842 7.05 17.16 25.86
N ALA A 843 5.75 17.02 25.70
CA ALA A 843 5.00 15.90 26.25
C ALA A 843 4.26 15.18 25.13
N TRP A 844 4.25 13.85 25.20
CA TRP A 844 3.51 13.03 24.25
C TRP A 844 2.30 12.43 24.94
N GLN A 845 1.13 12.59 24.30
CA GLN A 845 -0.11 12.11 24.87
C GLN A 845 -0.91 11.39 23.81
N HIS A 846 -1.81 10.53 24.27
CA HIS A 846 -2.74 9.82 23.41
C HIS A 846 -4.00 9.54 24.22
N GLN A 847 -5.15 10.03 23.73
CA GLN A 847 -6.42 9.88 24.43
C GLN A 847 -6.34 10.40 25.87
N GLY A 848 -5.52 11.43 26.09
CA GLY A 848 -5.44 12.05 27.39
C GLY A 848 -4.14 11.78 28.14
N LYS A 849 -3.89 10.51 28.45
CA LYS A 849 -2.75 10.16 29.29
C LYS A 849 -1.44 10.58 28.63
N THR A 850 -0.61 11.26 29.39
CA THR A 850 0.70 11.68 28.90
C THR A 850 1.68 10.51 29.00
N LEU A 851 2.20 10.07 27.85
CA LEU A 851 3.06 8.91 27.84
C LEU A 851 4.51 9.29 28.16
N PHE A 852 5.03 10.29 27.45
CA PHE A 852 6.44 10.66 27.54
C PHE A 852 6.58 12.16 27.71
N ILE A 853 7.63 12.55 28.43
CA ILE A 853 8.06 13.93 28.52
C ILE A 853 9.55 13.97 28.19
N SER A 854 9.96 14.98 27.42
CA SER A 854 11.34 15.05 26.94
C SER A 854 11.85 16.47 27.12
N ARG A 855 12.51 16.72 28.25
CA ARG A 855 13.12 18.02 28.52
C ARG A 855 14.51 18.06 27.89
N LYS A 856 14.74 19.02 27.00
CA LYS A 856 16.01 19.16 26.31
C LYS A 856 16.62 20.52 26.64
N THR A 857 17.93 20.63 26.42
CA THR A 857 18.60 21.92 26.29
C THR A 857 19.69 21.80 25.24
N TYR A 858 19.71 22.75 24.31
CA TYR A 858 20.70 22.83 23.25
C TYR A 858 21.66 23.97 23.56
N ARG A 859 22.96 23.73 23.44
CA ARG A 859 23.98 24.73 23.78
C ARG A 859 24.92 24.92 22.60
N ILE A 860 24.72 26.00 21.86
CA ILE A 860 25.60 26.40 20.76
C ILE A 860 26.48 27.53 21.27
N ASP A 861 27.78 27.26 21.42
CA ASP A 861 28.75 28.25 21.86
C ASP A 861 29.60 28.70 20.67
N GLY A 862 30.63 29.50 20.93
CA GLY A 862 31.63 29.74 19.90
C GLY A 862 32.18 28.43 19.36
N SER A 863 32.26 27.42 20.21
CA SER A 863 32.35 25.99 19.95
C SER A 863 32.31 25.56 18.48
N GLY A 864 31.50 26.22 17.66
CA GLY A 864 31.06 25.63 16.41
C GLY A 864 30.29 24.34 16.64
N GLN A 865 30.04 24.04 17.91
CA GLN A 865 29.46 22.78 18.37
C GLN A 865 28.17 23.05 19.14
N MET A 866 27.31 22.03 19.17
CA MET A 866 25.95 22.16 19.65
C MET A 866 25.67 21.03 20.63
N ALA A 867 25.54 21.35 21.91
CA ALA A 867 25.44 20.37 22.99
C ALA A 867 23.97 20.15 23.35
N ILE A 868 23.43 19.01 22.95
CA ILE A 868 22.04 18.66 23.22
C ILE A 868 22.00 17.70 24.40
N THR A 869 21.27 18.10 25.44
CA THR A 869 21.00 17.27 26.61
C THR A 869 19.53 16.86 26.58
N VAL A 870 19.27 15.56 26.74
CA VAL A 870 17.91 15.05 26.74
C VAL A 870 17.66 14.31 28.06
N ASP A 871 16.55 14.65 28.71
CA ASP A 871 16.13 14.03 29.97
C ASP A 871 14.68 13.60 29.80
N VAL A 872 14.48 12.32 29.50
CA VAL A 872 13.18 11.77 29.13
C VAL A 872 12.58 11.04 30.32
N GLU A 873 11.31 11.31 30.60
CA GLU A 873 10.50 10.46 31.48
C GLU A 873 9.63 9.55 30.64
N VAL A 874 9.33 8.37 31.18
CA VAL A 874 8.42 7.43 30.53
C VAL A 874 7.49 6.86 31.60
N ALA A 875 6.18 6.93 31.34
CA ALA A 875 5.19 6.53 32.32
C ALA A 875 5.38 5.07 32.72
N SER A 876 5.14 4.78 34.00
CA SER A 876 5.34 3.45 34.55
C SER A 876 4.26 2.45 34.15
N ASP A 877 3.29 2.85 33.32
CA ASP A 877 2.27 1.92 32.85
C ASP A 877 2.12 1.89 31.33
N THR A 878 2.78 2.78 30.60
CA THR A 878 2.83 2.57 29.16
C THR A 878 3.87 1.49 28.84
N PRO A 879 3.61 0.66 27.83
CA PRO A 879 4.60 -0.35 27.44
C PRO A 879 5.95 0.30 27.16
N HIS A 880 7.01 -0.39 27.53
CA HIS A 880 8.35 0.17 27.44
C HIS A 880 8.66 0.56 26.00
N PRO A 881 9.22 1.75 25.76
CA PRO A 881 9.46 2.18 24.38
C PRO A 881 10.53 1.35 23.72
N ALA A 882 10.41 1.21 22.40
CA ALA A 882 11.44 0.54 21.64
C ALA A 882 12.71 1.37 21.51
N ARG A 883 12.62 2.68 21.70
CA ARG A 883 13.74 3.58 21.49
C ARG A 883 13.55 4.81 22.36
N ILE A 884 14.67 5.44 22.72
CA ILE A 884 14.65 6.77 23.31
C ILE A 884 15.78 7.57 22.67
N GLY A 885 15.46 8.33 21.63
CA GLY A 885 16.44 9.15 20.97
C GLY A 885 15.82 10.18 20.05
N LEU A 886 16.55 10.56 18.99
CA LEU A 886 16.10 11.57 18.07
C LEU A 886 16.29 11.08 16.64
N ASN A 887 15.60 11.74 15.71
CA ASN A 887 15.75 11.43 14.29
C ASN A 887 15.54 12.70 13.48
N CYS A 888 16.07 12.69 12.27
CA CYS A 888 15.96 13.82 11.36
C CYS A 888 16.35 13.35 9.97
N GLN A 889 16.01 14.18 8.97
CA GLN A 889 16.31 13.89 7.57
C GLN A 889 17.38 14.85 7.10
N LEU A 890 18.57 14.32 6.86
CA LEU A 890 19.68 15.14 6.36
C LEU A 890 19.46 15.47 4.89
N ALA A 891 19.79 16.70 4.51
CA ALA A 891 19.82 17.04 3.09
C ALA A 891 20.99 16.37 2.38
N GLN A 892 22.07 16.12 3.12
CA GLN A 892 23.27 15.55 2.53
C GLN A 892 23.07 14.09 2.19
N VAL A 893 23.74 13.65 1.12
CA VAL A 893 23.86 12.24 0.77
C VAL A 893 25.34 12.00 0.46
N ALA A 894 26.04 11.31 1.37
CA ALA A 894 27.45 11.04 1.20
C ALA A 894 27.67 9.58 0.83
N GLU A 895 28.82 9.30 0.22
CA GLU A 895 29.11 7.96 -0.26
C GLU A 895 29.61 7.01 0.81
N ARG A 896 30.11 7.54 1.94
CA ARG A 896 30.67 6.69 2.99
C ARG A 896 30.23 7.22 4.35
N VAL A 897 30.23 6.32 5.33
CA VAL A 897 29.89 6.64 6.72
C VAL A 897 30.99 6.11 7.62
N ASN A 898 31.51 6.97 8.49
CA ASN A 898 32.61 6.63 9.39
C ASN A 898 32.14 6.86 10.82
N TRP A 899 32.44 5.93 11.71
CA TRP A 899 32.00 6.05 13.09
C TRP A 899 32.94 5.29 14.02
N LEU A 900 32.92 5.70 15.29
CA LEU A 900 33.69 5.06 16.35
C LEU A 900 32.71 4.36 17.29
N GLY A 901 32.74 3.04 17.26
CA GLY A 901 31.83 2.25 18.06
C GLY A 901 31.86 0.80 17.60
N LEU A 902 30.89 0.04 18.09
CA LEU A 902 30.85 -1.38 17.79
C LEU A 902 30.46 -1.61 16.34
N GLY A 903 31.29 -2.35 15.62
CA GLY A 903 31.03 -2.70 14.24
C GLY A 903 31.85 -3.90 13.79
N PRO A 904 32.03 -4.06 12.48
CA PRO A 904 31.49 -3.17 11.43
C PRO A 904 30.02 -3.45 11.11
N GLN A 905 29.55 -4.66 11.42
CA GLN A 905 28.22 -5.08 11.01
C GLN A 905 27.15 -4.54 11.95
N GLU A 906 25.89 -4.72 11.54
CA GLU A 906 24.74 -4.43 12.38
C GLU A 906 24.85 -5.11 13.74
N ASN A 907 24.45 -4.39 14.79
CA ASN A 907 24.50 -4.93 16.14
C ASN A 907 23.51 -4.18 17.02
N TYR A 908 22.89 -4.92 17.94
CA TYR A 908 21.88 -4.41 18.86
C TYR A 908 22.24 -4.80 20.29
N PRO A 909 21.64 -4.13 21.28
CA PRO A 909 22.05 -4.40 22.69
C PRO A 909 22.16 -5.87 23.06
N ASP A 910 21.12 -6.67 22.84
CA ASP A 910 21.19 -8.10 23.08
C ASP A 910 21.73 -8.88 21.89
N ARG A 911 22.45 -8.21 20.99
CA ARG A 911 23.19 -8.91 19.95
C ARG A 911 24.38 -8.07 19.47
N LEU A 912 25.36 -7.84 20.35
CA LEU A 912 26.53 -7.04 20.01
C LEU A 912 27.86 -7.68 20.38
N THR A 913 27.86 -8.90 20.91
CA THR A 913 29.12 -9.51 21.36
C THR A 913 30.07 -9.75 20.20
N ALA A 914 29.54 -10.03 19.00
CA ALA A 914 30.40 -10.25 17.85
C ALA A 914 31.02 -8.95 17.35
N ALA A 915 30.37 -7.82 17.59
CA ALA A 915 30.90 -6.55 17.13
C ALA A 915 32.15 -6.16 17.92
N CYS A 916 33.03 -5.42 17.26
CA CYS A 916 34.26 -4.93 17.87
C CYS A 916 34.22 -3.40 17.90
N PHE A 917 34.83 -2.82 18.93
CA PHE A 917 34.96 -1.37 19.01
C PHE A 917 36.20 -0.95 18.23
N ASP A 918 36.00 -0.04 17.29
CA ASP A 918 37.05 0.44 16.38
C ASP A 918 36.47 1.59 15.58
N ARG A 919 37.29 2.20 14.74
CA ARG A 919 36.82 3.16 13.76
C ARG A 919 36.46 2.42 12.49
N TRP A 920 35.18 2.44 12.13
CA TRP A 920 34.67 1.69 11.00
C TRP A 920 34.26 2.65 9.89
N ASP A 921 34.53 2.26 8.65
CA ASP A 921 34.23 3.09 7.48
C ASP A 921 33.69 2.19 6.37
N LEU A 922 32.40 2.32 6.09
CA LEU A 922 31.71 1.52 5.10
C LEU A 922 30.95 2.44 4.16
N PRO A 923 30.58 1.96 2.99
CA PRO A 923 29.61 2.70 2.17
C PRO A 923 28.27 2.73 2.87
N LEU A 924 27.48 3.76 2.54
CA LEU A 924 26.11 3.83 3.05
C LEU A 924 25.31 2.58 2.69
N SER A 925 25.73 1.84 1.67
CA SER A 925 25.07 0.60 1.29
C SER A 925 24.96 -0.35 2.46
N ASP A 926 26.02 -0.48 3.25
CA ASP A 926 26.11 -1.50 4.28
C ASP A 926 25.56 -1.05 5.63
N MET A 927 25.22 0.23 5.79
CA MET A 927 24.54 0.69 6.98
C MET A 927 23.05 0.40 6.95
N TYR A 928 22.58 -0.30 5.92
CA TYR A 928 21.20 -0.76 5.83
C TYR A 928 21.24 -2.25 5.57
N THR A 929 20.48 -3.01 6.35
CA THR A 929 20.43 -4.47 6.19
C THR A 929 19.23 -4.84 5.34
N PRO A 930 19.41 -5.46 4.17
CA PRO A 930 18.31 -5.74 3.25
C PRO A 930 17.41 -6.90 3.65
N TYR A 931 16.92 -6.86 4.89
CA TYR A 931 15.94 -7.85 5.35
C TYR A 931 14.73 -7.83 4.42
N VAL A 932 14.36 -9.01 3.91
CA VAL A 932 13.34 -9.07 2.87
C VAL A 932 12.03 -8.48 3.37
N PHE A 933 11.66 -8.76 4.61
CA PHE A 933 10.61 -7.99 5.27
C PHE A 933 11.27 -6.80 5.93
N PRO A 934 11.08 -5.59 5.42
CA PRO A 934 11.81 -4.44 5.95
C PRO A 934 11.39 -4.12 7.38
N SER A 935 12.35 -3.59 8.14
CA SER A 935 12.16 -3.26 9.55
C SER A 935 13.26 -2.29 9.96
N GLU A 936 13.30 -1.96 11.24
CA GLU A 936 14.49 -1.29 11.77
C GLU A 936 15.70 -2.18 11.53
N ASN A 937 16.81 -1.56 11.14
CA ASN A 937 17.98 -2.33 10.75
C ASN A 937 19.20 -1.43 10.73
N GLY A 938 20.37 -2.05 10.59
CA GLY A 938 21.60 -1.32 10.43
C GLY A 938 22.10 -0.58 11.65
N LEU A 939 21.44 -0.72 12.79
CA LEU A 939 21.87 -0.04 14.01
C LEU A 939 23.25 -0.52 14.45
N ARG A 940 24.08 0.43 14.88
CA ARG A 940 25.35 0.16 15.55
C ARG A 940 25.28 0.74 16.95
N CYS A 941 25.75 -0.01 17.94
CA CYS A 941 25.65 0.39 19.34
C CYS A 941 27.01 0.78 19.89
N GLY A 942 26.99 1.32 21.12
CA GLY A 942 28.21 1.74 21.77
C GLY A 942 28.97 2.80 21.00
N THR A 943 28.22 3.66 20.30
CA THR A 943 28.90 4.65 19.43
C THR A 943 28.92 6.05 20.06
N ARG A 944 30.08 6.70 20.00
CA ARG A 944 30.16 8.09 20.43
C ARG A 944 31.00 8.96 19.51
N GLU A 945 31.12 8.58 18.24
CA GLU A 945 31.62 9.47 17.19
C GLU A 945 31.07 8.96 15.88
N LEU A 946 30.33 9.80 15.16
CA LEU A 946 29.70 9.43 13.90
C LEU A 946 29.97 10.53 12.89
N ASN A 947 30.60 10.17 11.77
CA ASN A 947 31.04 11.14 10.76
C ASN A 947 30.34 10.79 9.45
N TYR A 948 29.43 11.66 9.02
CA TYR A 948 28.70 11.49 7.76
C TYR A 948 28.76 12.80 6.98
N GLY A 949 29.62 12.84 5.96
CA GLY A 949 29.79 14.03 5.17
C GLY A 949 30.39 15.16 5.97
N PRO A 950 29.70 16.32 5.99
CA PRO A 950 30.21 17.45 6.77
C PRO A 950 29.90 17.37 8.25
N HIS A 951 28.95 16.54 8.65
CA HIS A 951 28.49 16.52 10.04
C HIS A 951 29.35 15.61 10.89
N GLN A 952 29.21 15.76 12.22
CA GLN A 952 29.84 14.86 13.17
C GLN A 952 29.05 14.92 14.47
N TRP A 953 28.63 13.76 14.96
CA TRP A 953 27.92 13.65 16.23
C TRP A 953 28.78 12.88 17.22
N ARG A 954 28.74 13.28 18.50
CA ARG A 954 29.48 12.58 19.54
C ARG A 954 28.66 12.60 20.83
N GLY A 955 28.86 11.56 21.64
CA GLY A 955 28.17 11.43 22.92
C GLY A 955 28.34 10.06 23.54
N ASP A 956 27.29 9.24 23.49
CA ASP A 956 27.35 7.79 23.73
C ASP A 956 26.01 7.20 23.33
N PHE A 957 25.84 6.92 22.05
CA PHE A 957 24.53 6.71 21.44
C PHE A 957 24.52 5.41 20.65
N GLN A 958 23.38 5.14 20.04
CA GLN A 958 23.23 4.11 19.02
C GLN A 958 22.62 4.77 17.79
N PHE A 959 23.04 4.35 16.59
CA PHE A 959 22.63 5.02 15.37
C PHE A 959 22.38 4.03 14.25
N ASN A 960 21.37 4.33 13.44
CA ASN A 960 21.18 3.72 12.14
C ASN A 960 21.05 4.83 11.11
N ILE A 961 21.48 4.56 9.89
CA ILE A 961 21.58 5.60 8.87
C ILE A 961 21.36 5.01 7.48
N SER A 962 20.35 5.51 6.76
CA SER A 962 20.18 5.19 5.35
C SER A 962 19.05 5.96 4.69
N ARG A 963 18.77 5.59 3.43
CA ARG A 963 17.81 6.26 2.54
C ARG A 963 16.35 6.02 2.91
N TYR A 964 16.07 5.27 3.99
CA TYR A 964 14.72 4.83 4.26
C TYR A 964 14.24 5.36 5.60
N SER A 965 13.16 6.13 5.58
CA SER A 965 12.43 6.45 6.78
C SER A 965 12.03 5.18 7.50
N GLN A 966 11.76 5.26 8.78
CA GLN A 966 11.30 4.08 9.50
C GLN A 966 9.78 3.95 9.48
N GLN A 967 9.06 4.93 8.95
CA GLN A 967 7.66 4.70 8.61
C GLN A 967 7.52 4.15 7.19
N GLN A 968 8.51 4.37 6.32
CA GLN A 968 8.54 3.63 5.06
C GLN A 968 8.83 2.16 5.31
N LEU A 969 9.87 1.88 6.11
CA LEU A 969 10.17 0.49 6.47
C LEU A 969 9.01 -0.16 7.21
N MET A 970 8.27 0.63 8.01
CA MET A 970 7.13 0.08 8.74
C MET A 970 5.96 -0.23 7.81
N GLU A 971 5.68 0.66 6.86
CA GLU A 971 4.52 0.53 5.98
C GLU A 971 4.81 -0.32 4.75
N THR A 972 6.04 -0.79 4.57
CA THR A 972 6.40 -1.64 3.45
C THR A 972 6.57 -3.07 3.92
N SER A 973 6.22 -4.01 3.03
CA SER A 973 6.30 -5.42 3.34
C SER A 973 7.39 -6.17 2.61
N HIS A 974 7.90 -5.64 1.49
CA HIS A 974 8.96 -6.29 0.73
C HIS A 974 10.11 -5.32 0.47
N ARG A 975 11.34 -5.85 0.53
CA ARG A 975 12.53 -5.02 0.37
C ARG A 975 12.59 -4.36 -1.01
N HIS A 976 12.12 -5.04 -2.04
CA HIS A 976 12.23 -4.53 -3.40
C HIS A 976 11.26 -3.38 -3.69
N LEU A 977 10.29 -3.13 -2.84
CA LEU A 977 9.35 -2.02 -3.01
C LEU A 977 9.79 -0.76 -2.28
N LEU A 978 10.97 -0.75 -1.67
CA LEU A 978 11.45 0.44 -1.00
C LEU A 978 12.21 1.31 -1.98
N HIS A 979 12.00 2.61 -1.87
CA HIS A 979 12.66 3.59 -2.72
C HIS A 979 13.48 4.53 -1.85
N ALA A 980 14.64 4.93 -2.34
CA ALA A 980 15.45 5.91 -1.63
C ALA A 980 14.67 7.22 -1.51
N GLU A 981 14.57 7.72 -0.28
CA GLU A 981 13.92 9.00 -0.03
C GLU A 981 14.91 10.13 -0.23
N GLU A 982 14.37 11.34 -0.36
CA GLU A 982 15.21 12.52 -0.51
C GLU A 982 16.08 12.69 0.74
N GLY A 983 17.40 12.72 0.53
CA GLY A 983 18.32 12.92 1.62
C GLY A 983 18.64 11.66 2.40
N THR A 984 18.99 11.82 3.68
CA THR A 984 19.42 10.71 4.50
C THR A 984 18.73 10.74 5.85
N TRP A 985 18.10 9.63 6.23
CA TRP A 985 17.44 9.52 7.52
C TRP A 985 18.42 8.96 8.55
N LEU A 986 18.54 9.65 9.68
CA LEU A 986 19.40 9.22 10.78
C LEU A 986 18.61 9.19 12.07
N ASN A 987 18.64 8.05 12.75
CA ASN A 987 18.12 7.90 14.10
C ASN A 987 19.28 7.89 15.08
N ILE A 988 19.30 8.85 16.00
CA ILE A 988 20.27 8.89 17.09
C ILE A 988 19.55 8.55 18.38
N ASP A 989 20.03 7.53 19.08
CA ASP A 989 19.37 7.02 20.27
C ASP A 989 20.38 6.91 21.39
N GLY A 990 20.04 7.45 22.56
CA GLY A 990 20.79 7.13 23.75
C GLY A 990 20.46 5.77 24.33
N PHE A 991 19.32 5.21 23.93
CA PHE A 991 18.87 3.90 24.39
C PHE A 991 18.06 3.24 23.27
N HIS A 992 18.07 1.92 23.23
CA HIS A 992 17.28 1.19 22.24
C HIS A 992 17.01 -0.21 22.76
N MET A 993 15.73 -0.59 22.79
CA MET A 993 15.31 -1.90 23.27
C MET A 993 15.95 -3.01 22.45
N GLY A 994 16.21 -4.14 23.11
CA GLY A 994 16.77 -5.29 22.41
C GLY A 994 15.81 -5.85 21.37
N ILE A 995 16.37 -6.69 20.49
CA ILE A 995 15.57 -7.26 19.40
C ILE A 995 14.89 -8.57 19.78
N GLY A 996 15.33 -9.23 20.85
CA GLY A 996 14.77 -10.53 21.18
C GLY A 996 15.12 -11.56 20.12
N GLY A 997 14.47 -12.71 20.24
CA GLY A 997 14.69 -13.77 19.27
C GLY A 997 14.77 -15.18 19.80
N ASP A 998 14.47 -15.40 21.09
CA ASP A 998 14.34 -16.76 21.58
C ASP A 998 13.20 -17.47 20.86
N ASP A 999 12.17 -16.73 20.47
CA ASP A 999 11.20 -17.18 19.49
C ASP A 999 10.60 -15.94 18.83
N SER A 1000 9.73 -16.17 17.86
CA SER A 1000 9.16 -15.07 17.08
C SER A 1000 7.64 -15.06 17.15
N TRP A 1001 7.09 -15.58 18.25
CA TRP A 1001 5.66 -15.53 18.48
C TRP A 1001 5.31 -15.13 19.91
N SER A 1002 6.27 -15.00 20.80
CA SER A 1002 6.09 -14.49 22.15
C SER A 1002 7.11 -13.39 22.40
N PRO A 1003 6.76 -12.39 23.21
CA PRO A 1003 7.74 -11.36 23.56
C PRO A 1003 8.98 -12.00 24.16
N SER A 1004 10.12 -11.77 23.51
CA SER A 1004 11.35 -12.49 23.83
C SER A 1004 12.51 -11.57 24.17
N VAL A 1005 12.24 -10.29 24.45
CA VAL A 1005 13.27 -9.37 24.90
C VAL A 1005 13.32 -9.45 26.43
N SER A 1006 14.43 -9.93 26.98
CA SER A 1006 14.53 -10.12 28.42
C SER A 1006 14.61 -8.78 29.14
N ALA A 1007 14.23 -8.81 30.43
CA ALA A 1007 14.00 -7.59 31.20
C ALA A 1007 15.18 -6.63 31.12
N GLU A 1008 16.40 -7.16 31.09
CA GLU A 1008 17.58 -6.30 31.12
C GLU A 1008 17.73 -5.47 29.85
N PHE A 1009 17.02 -5.81 28.78
CA PHE A 1009 17.10 -5.08 27.52
C PHE A 1009 15.83 -4.30 27.22
N GLN A 1010 14.90 -4.22 28.17
CA GLN A 1010 13.68 -3.44 28.00
C GLN A 1010 13.88 -2.05 28.60
N LEU A 1011 13.55 -1.01 27.82
CA LEU A 1011 13.66 0.37 28.25
C LEU A 1011 12.64 0.67 29.34
N SER A 1012 12.98 0.34 30.59
CA SER A 1012 12.00 0.35 31.67
C SER A 1012 12.41 1.22 32.87
N ALA A 1013 13.46 2.03 32.73
CA ALA A 1013 13.98 2.76 33.90
C ALA A 1013 12.98 3.76 34.45
N GLY A 1014 12.32 4.53 33.59
CA GLY A 1014 11.45 5.60 34.03
C GLY A 1014 11.98 6.96 33.64
N ARG A 1015 13.15 7.32 34.18
CA ARG A 1015 13.89 8.49 33.74
C ARG A 1015 15.05 8.04 32.87
N TYR A 1016 15.47 8.90 31.96
CA TYR A 1016 16.54 8.58 31.03
C TYR A 1016 17.33 9.84 30.70
N HIS A 1017 18.57 9.65 30.27
CA HIS A 1017 19.43 10.79 29.96
C HIS A 1017 20.51 10.36 28.97
N TYR A 1018 20.68 11.15 27.90
CA TYR A 1018 21.80 11.02 26.99
C TYR A 1018 22.23 12.40 26.54
N GLN A 1019 23.43 12.47 25.98
CA GLN A 1019 24.02 13.74 25.56
C GLN A 1019 24.65 13.55 24.19
N LEU A 1020 24.20 14.34 23.23
CA LEU A 1020 24.80 14.38 21.90
C LEU A 1020 25.40 15.76 21.67
N VAL A 1021 26.37 15.83 20.75
CA VAL A 1021 26.95 17.10 20.35
C VAL A 1021 27.09 17.12 18.84
N TRP A 1022 26.44 18.07 18.19
CA TRP A 1022 26.46 18.24 16.74
C TRP A 1022 27.52 19.26 16.36
N CYS A 1023 28.25 18.98 15.27
CA CYS A 1023 29.27 19.90 14.82
C CYS A 1023 29.62 19.60 13.37
N GLN A 1024 29.99 20.65 12.63
CA GLN A 1024 30.44 20.51 11.26
C GLN A 1024 31.93 20.18 11.23
N LYS A 1025 32.48 20.01 10.03
CA LYS A 1025 33.89 19.68 9.87
C LYS A 1025 34.35 19.96 8.45
N ILE B 5 -25.25 -48.91 -17.19
CA ILE B 5 -23.91 -48.89 -17.76
C ILE B 5 -23.83 -47.80 -18.83
N THR B 6 -24.96 -47.57 -19.51
CA THR B 6 -25.01 -46.58 -20.57
C THR B 6 -25.33 -45.18 -20.06
N ASP B 7 -25.97 -45.07 -18.90
CA ASP B 7 -26.20 -43.77 -18.27
C ASP B 7 -25.05 -43.36 -17.36
N SER B 8 -23.98 -44.15 -17.33
CA SER B 8 -22.88 -43.91 -16.41
C SER B 8 -22.12 -42.65 -16.78
N LEU B 9 -21.53 -42.01 -15.77
CA LEU B 9 -20.65 -40.88 -16.02
C LEU B 9 -19.55 -41.24 -17.03
N ALA B 10 -19.01 -42.45 -16.94
CA ALA B 10 -17.93 -42.83 -17.84
C ALA B 10 -18.35 -42.70 -19.29
N VAL B 11 -19.53 -43.22 -19.63
CA VAL B 11 -19.96 -43.19 -21.03
C VAL B 11 -20.39 -41.78 -21.42
N VAL B 12 -21.06 -41.07 -20.52
CA VAL B 12 -21.55 -39.73 -20.83
C VAL B 12 -20.38 -38.76 -20.92
N LEU B 13 -19.45 -38.80 -19.98
CA LEU B 13 -18.33 -37.88 -20.04
C LEU B 13 -17.37 -38.21 -21.16
N GLN B 14 -17.35 -39.47 -21.61
CA GLN B 14 -16.36 -39.88 -22.59
C GLN B 14 -16.56 -39.20 -23.93
N ARG B 15 -17.79 -38.80 -24.24
CA ARG B 15 -18.09 -38.18 -25.52
C ARG B 15 -17.76 -36.69 -25.56
N ARG B 16 -17.49 -36.07 -24.41
CA ARG B 16 -16.98 -34.71 -24.32
C ARG B 16 -17.79 -33.74 -25.19
N ASP B 17 -19.10 -33.70 -24.93
CA ASP B 17 -19.98 -32.81 -25.67
C ASP B 17 -19.62 -31.35 -25.46
N TRP B 18 -18.99 -31.02 -24.33
CA TRP B 18 -18.65 -29.64 -24.01
C TRP B 18 -17.39 -29.16 -24.71
N GLU B 19 -16.75 -30.00 -25.52
CA GLU B 19 -15.60 -29.61 -26.32
C GLU B 19 -15.86 -29.91 -27.80
N ASN B 20 -17.07 -29.60 -28.26
CA ASN B 20 -17.54 -29.88 -29.61
C ASN B 20 -18.67 -28.91 -29.96
N PRO B 21 -18.37 -27.87 -30.75
CA PRO B 21 -19.42 -26.88 -31.07
C PRO B 21 -20.47 -27.40 -32.03
N GLY B 22 -20.36 -28.65 -32.46
CA GLY B 22 -21.38 -29.27 -33.27
C GLY B 22 -22.46 -29.89 -32.41
N VAL B 23 -22.11 -30.18 -31.15
CA VAL B 23 -23.03 -30.68 -30.14
C VAL B 23 -23.32 -29.54 -29.18
N THR B 24 -24.45 -28.88 -29.36
CA THR B 24 -24.84 -27.81 -28.45
C THR B 24 -26.01 -28.21 -27.57
N GLN B 25 -26.54 -29.42 -27.74
CA GLN B 25 -27.68 -29.92 -26.99
C GLN B 25 -27.87 -31.37 -27.35
N LEU B 26 -28.54 -32.11 -26.46
CA LEU B 26 -28.94 -33.48 -26.72
C LEU B 26 -30.30 -33.71 -26.09
N ASN B 27 -31.24 -34.19 -26.88
CA ASN B 27 -32.60 -34.50 -26.42
C ASN B 27 -33.28 -33.27 -25.82
N ARG B 28 -32.85 -32.07 -26.24
CA ARG B 28 -33.45 -30.83 -25.76
C ARG B 28 -34.68 -30.48 -26.58
N LEU B 29 -35.73 -30.02 -25.91
CA LEU B 29 -36.98 -29.70 -26.58
C LEU B 29 -36.87 -28.37 -27.32
N ALA B 30 -37.78 -28.17 -28.28
CA ALA B 30 -37.80 -26.96 -29.08
C ALA B 30 -38.06 -25.73 -28.19
N ALA B 31 -37.66 -24.57 -28.71
CA ALA B 31 -37.88 -23.30 -28.04
C ALA B 31 -39.24 -22.73 -28.45
N HIS B 32 -39.76 -21.83 -27.62
CA HIS B 32 -41.15 -21.39 -27.72
C HIS B 32 -41.35 -20.19 -26.79
N PRO B 33 -42.45 -19.46 -26.96
CA PRO B 33 -42.80 -18.41 -25.99
C PRO B 33 -43.13 -19.01 -24.63
N PRO B 34 -43.10 -18.21 -23.56
CA PRO B 34 -43.34 -18.77 -22.22
C PRO B 34 -44.68 -19.46 -22.12
N PHE B 35 -44.66 -20.69 -21.61
CA PHE B 35 -45.84 -21.52 -21.45
C PHE B 35 -46.19 -21.66 -19.99
N ALA B 36 -47.46 -22.00 -19.74
CA ALA B 36 -47.92 -22.36 -18.41
C ALA B 36 -48.91 -23.51 -18.41
N SER B 37 -49.41 -23.92 -19.57
CA SER B 37 -50.38 -25.00 -19.69
C SER B 37 -51.53 -24.84 -18.72
N TRP B 38 -52.14 -23.66 -18.73
CA TRP B 38 -53.38 -23.47 -18.01
C TRP B 38 -54.42 -24.45 -18.53
N ARG B 39 -55.18 -25.04 -17.61
CA ARG B 39 -56.32 -25.87 -17.97
C ARG B 39 -57.63 -25.14 -17.80
N ASN B 40 -57.58 -23.85 -17.47
CA ASN B 40 -58.74 -22.98 -17.43
C ASN B 40 -58.37 -21.67 -18.11
N SER B 41 -59.25 -21.19 -19.01
CA SER B 41 -58.87 -20.08 -19.89
C SER B 41 -58.90 -18.74 -19.19
N GLU B 42 -59.77 -18.54 -18.22
CA GLU B 42 -59.77 -17.26 -17.52
C GLU B 42 -58.64 -17.17 -16.51
N GLU B 43 -58.12 -18.32 -16.06
CA GLU B 43 -56.83 -18.33 -15.39
C GLU B 43 -55.74 -17.79 -16.31
N ALA B 44 -55.77 -18.18 -17.59
CA ALA B 44 -54.80 -17.66 -18.54
C ALA B 44 -54.97 -16.16 -18.75
N ARG B 45 -56.21 -15.68 -18.88
CA ARG B 45 -56.44 -14.27 -19.16
C ARG B 45 -55.95 -13.39 -18.01
N THR B 46 -56.15 -13.83 -16.78
CA THR B 46 -55.73 -12.99 -15.66
C THR B 46 -54.25 -13.16 -15.31
N ASP B 47 -53.53 -14.03 -16.03
CA ASP B 47 -52.09 -14.26 -15.82
C ASP B 47 -51.81 -14.72 -14.39
N ARG B 48 -52.70 -15.51 -13.85
CA ARG B 48 -52.51 -16.04 -12.51
C ARG B 48 -51.77 -17.36 -12.57
N PRO B 49 -51.25 -17.85 -11.41
CA PRO B 49 -50.52 -19.12 -11.38
C PRO B 49 -51.23 -20.29 -12.04
N SER B 50 -50.44 -21.29 -12.44
CA SER B 50 -50.92 -22.47 -13.14
C SER B 50 -50.52 -23.71 -12.36
N GLN B 51 -51.47 -24.60 -12.12
CA GLN B 51 -51.17 -25.83 -11.40
C GLN B 51 -50.25 -26.76 -12.20
N GLN B 52 -49.95 -26.40 -13.46
CA GLN B 52 -49.09 -27.21 -14.30
C GLN B 52 -47.69 -26.65 -14.42
N LEU B 53 -47.39 -25.55 -13.76
CA LEU B 53 -46.06 -24.93 -13.78
C LEU B 53 -45.51 -24.90 -12.36
N ARG B 54 -44.96 -26.03 -11.92
CA ARG B 54 -44.28 -26.11 -10.64
C ARG B 54 -42.91 -25.43 -10.71
N SER B 55 -42.51 -24.81 -9.61
CA SER B 55 -41.17 -24.25 -9.49
C SER B 55 -40.33 -25.16 -8.61
N LEU B 56 -39.16 -25.54 -9.11
CA LEU B 56 -38.20 -26.33 -8.35
C LEU B 56 -37.14 -25.46 -7.68
N ASN B 57 -37.37 -24.15 -7.62
CA ASN B 57 -36.49 -23.26 -6.88
C ASN B 57 -36.43 -23.71 -5.42
N GLY B 58 -35.33 -23.38 -4.75
CA GLY B 58 -35.22 -23.71 -3.35
C GLY B 58 -33.91 -24.34 -2.98
N GLU B 59 -33.95 -25.29 -2.05
CA GLU B 59 -32.73 -25.89 -1.52
C GLU B 59 -32.41 -27.17 -2.27
N TRP B 60 -31.30 -27.17 -2.99
CA TRP B 60 -30.77 -28.35 -3.65
C TRP B 60 -29.50 -28.80 -2.93
N ARG B 61 -29.05 -30.00 -3.26
CA ARG B 61 -27.77 -30.49 -2.77
C ARG B 61 -26.71 -30.21 -3.83
N PHE B 62 -25.57 -29.70 -3.40
CA PHE B 62 -24.52 -29.25 -4.31
C PHE B 62 -23.16 -29.78 -3.86
N ALA B 63 -22.32 -30.11 -4.82
CA ALA B 63 -20.94 -30.48 -4.55
C ALA B 63 -20.08 -29.96 -5.70
N TRP B 64 -18.91 -29.44 -5.35
CA TRP B 64 -18.00 -28.83 -6.31
C TRP B 64 -16.88 -29.79 -6.65
N PHE B 65 -16.53 -29.85 -7.93
CA PHE B 65 -15.45 -30.71 -8.39
C PHE B 65 -14.55 -29.93 -9.33
N PRO B 66 -13.25 -30.24 -9.35
CA PRO B 66 -12.32 -29.48 -10.20
C PRO B 66 -12.45 -29.80 -11.68
N ALA B 67 -13.09 -30.91 -12.04
CA ALA B 67 -13.22 -31.38 -13.41
C ALA B 67 -14.26 -32.48 -13.46
N PRO B 68 -15.05 -32.60 -14.53
CA PRO B 68 -16.11 -33.62 -14.54
C PRO B 68 -15.58 -35.03 -14.34
N GLU B 69 -14.37 -35.32 -14.81
CA GLU B 69 -13.82 -36.67 -14.64
C GLU B 69 -13.63 -37.04 -13.17
N ALA B 70 -13.63 -36.05 -12.28
CA ALA B 70 -13.45 -36.28 -10.85
C ALA B 70 -14.74 -36.64 -10.14
N VAL B 71 -15.88 -36.53 -10.80
CA VAL B 71 -17.17 -36.81 -10.17
C VAL B 71 -17.31 -38.31 -9.97
N PRO B 72 -17.54 -38.77 -8.74
CA PRO B 72 -17.72 -40.21 -8.51
C PRO B 72 -19.01 -40.71 -9.11
N GLU B 73 -18.96 -41.93 -9.66
CA GLU B 73 -20.11 -42.53 -10.31
C GLU B 73 -21.29 -42.66 -9.36
N SER B 74 -21.01 -42.81 -8.06
CA SER B 74 -22.08 -42.97 -7.07
C SER B 74 -23.05 -41.80 -7.10
N TRP B 75 -22.59 -40.61 -7.51
CA TRP B 75 -23.44 -39.43 -7.46
C TRP B 75 -24.69 -39.57 -8.34
N LEU B 76 -24.67 -40.50 -9.29
CA LEU B 76 -25.86 -40.74 -10.10
C LEU B 76 -26.94 -41.48 -9.33
N GLU B 77 -26.54 -42.37 -8.42
CA GLU B 77 -27.46 -43.22 -7.69
C GLU B 77 -27.99 -42.55 -6.41
N CYS B 78 -27.11 -41.93 -5.63
CA CYS B 78 -27.53 -41.33 -4.37
C CYS B 78 -26.73 -40.07 -4.11
N ASP B 79 -27.05 -39.41 -3.00
CA ASP B 79 -26.47 -38.12 -2.67
C ASP B 79 -25.08 -38.29 -2.07
N LEU B 80 -24.20 -37.36 -2.41
CA LEU B 80 -22.85 -37.37 -1.86
C LEU B 80 -22.86 -36.82 -0.44
N PRO B 81 -22.30 -37.54 0.53
CA PRO B 81 -22.24 -36.98 1.89
C PRO B 81 -21.42 -35.70 1.98
N GLU B 82 -20.40 -35.55 1.14
CA GLU B 82 -19.62 -34.33 1.08
C GLU B 82 -20.42 -33.13 0.57
N ALA B 83 -21.63 -33.35 0.06
CA ALA B 83 -22.40 -32.27 -0.55
C ALA B 83 -23.02 -31.36 0.50
N ASP B 84 -22.98 -30.06 0.23
CA ASP B 84 -23.70 -29.07 1.03
C ASP B 84 -25.09 -28.85 0.44
N THR B 85 -25.96 -28.20 1.21
CA THR B 85 -27.28 -27.84 0.74
C THR B 85 -27.29 -26.36 0.43
N VAL B 86 -27.84 -26.01 -0.74
CA VAL B 86 -27.61 -24.72 -1.38
C VAL B 86 -28.92 -24.22 -1.95
N VAL B 87 -29.08 -22.91 -1.99
CA VAL B 87 -30.23 -22.28 -2.63
C VAL B 87 -30.03 -22.29 -4.14
N VAL B 88 -31.09 -22.63 -4.87
CA VAL B 88 -31.11 -22.57 -6.33
C VAL B 88 -32.30 -21.73 -6.75
N PRO B 89 -32.14 -20.78 -7.68
CA PRO B 89 -30.95 -20.47 -8.47
C PRO B 89 -29.83 -19.79 -7.70
N SER B 90 -28.59 -20.01 -8.15
CA SER B 90 -27.44 -19.35 -7.54
C SER B 90 -26.28 -19.45 -8.51
N ASN B 91 -25.29 -18.59 -8.29
CA ASN B 91 -23.97 -18.74 -8.88
C ASN B 91 -23.05 -19.29 -7.79
N TRP B 92 -22.46 -20.46 -8.03
CA TRP B 92 -21.72 -21.09 -6.94
C TRP B 92 -20.48 -20.30 -6.55
N GLN B 93 -20.05 -19.31 -7.33
CA GLN B 93 -18.97 -18.44 -6.91
C GLN B 93 -19.41 -17.56 -5.74
N MET B 94 -20.66 -17.11 -5.74
CA MET B 94 -21.18 -16.31 -4.64
C MET B 94 -21.34 -17.11 -3.36
N HIS B 95 -21.35 -18.45 -3.44
CA HIS B 95 -21.29 -19.31 -2.27
C HIS B 95 -19.85 -19.63 -1.86
N GLY B 96 -18.87 -19.11 -2.60
CA GLY B 96 -17.48 -19.25 -2.23
C GLY B 96 -16.75 -20.47 -2.77
N TYR B 97 -17.41 -21.30 -3.59
CA TYR B 97 -16.80 -22.57 -3.98
C TYR B 97 -15.58 -22.39 -4.88
N ASP B 98 -15.58 -21.37 -5.73
CA ASP B 98 -14.36 -20.91 -6.39
C ASP B 98 -14.54 -19.44 -6.72
N ALA B 99 -13.51 -18.86 -7.32
CA ALA B 99 -13.52 -17.41 -7.46
C ALA B 99 -14.27 -16.99 -8.72
N PRO B 100 -15.04 -15.91 -8.65
CA PRO B 100 -15.50 -15.26 -9.88
C PRO B 100 -14.34 -14.55 -10.54
N ILE B 101 -14.27 -14.64 -11.86
CA ILE B 101 -13.21 -14.03 -12.64
C ILE B 101 -13.80 -12.83 -13.37
N TYR B 102 -13.22 -11.65 -13.16
CA TYR B 102 -13.58 -10.49 -13.97
C TYR B 102 -12.46 -10.25 -14.98
N THR B 103 -12.68 -10.72 -16.21
CA THR B 103 -11.88 -10.32 -17.34
C THR B 103 -12.79 -9.66 -18.37
N ASN B 104 -12.22 -8.69 -19.10
CA ASN B 104 -12.95 -7.99 -20.15
C ASN B 104 -12.79 -8.73 -21.47
N VAL B 105 -11.76 -8.39 -22.24
CA VAL B 105 -11.61 -8.95 -23.58
C VAL B 105 -10.98 -10.33 -23.50
N THR B 106 -9.88 -10.46 -22.76
CA THR B 106 -9.13 -11.71 -22.75
C THR B 106 -9.96 -12.84 -22.18
N TYR B 107 -10.04 -13.94 -22.92
CA TYR B 107 -10.78 -15.09 -22.46
C TYR B 107 -10.22 -15.58 -21.12
N PRO B 108 -11.08 -15.98 -20.17
CA PRO B 108 -10.57 -16.52 -18.91
C PRO B 108 -9.96 -17.90 -19.04
N ILE B 109 -10.03 -18.50 -20.22
CA ILE B 109 -9.42 -19.79 -20.49
C ILE B 109 -8.46 -19.63 -21.67
N THR B 110 -7.63 -20.63 -21.86
CA THR B 110 -6.72 -20.64 -23.00
C THR B 110 -7.52 -20.64 -24.30
N VAL B 111 -7.22 -19.68 -25.17
CA VAL B 111 -7.89 -19.60 -26.46
C VAL B 111 -7.39 -20.73 -27.35
N ASN B 112 -8.03 -21.90 -27.26
CA ASN B 112 -7.70 -23.05 -28.09
C ASN B 112 -9.00 -23.75 -28.46
N PRO B 113 -9.83 -23.11 -29.28
CA PRO B 113 -11.14 -23.67 -29.57
C PRO B 113 -11.01 -24.94 -30.40
N PRO B 114 -11.92 -25.90 -30.21
CA PRO B 114 -13.06 -25.80 -29.30
C PRO B 114 -12.75 -26.36 -27.91
N PHE B 115 -11.47 -26.44 -27.56
CA PHE B 115 -11.05 -27.16 -26.37
C PHE B 115 -11.08 -26.27 -25.13
N VAL B 116 -11.07 -26.93 -23.98
CA VAL B 116 -11.37 -26.28 -22.70
C VAL B 116 -10.36 -26.82 -21.69
N PRO B 117 -9.89 -26.00 -20.73
CA PRO B 117 -8.94 -26.50 -19.74
C PRO B 117 -9.46 -27.78 -19.08
N THR B 118 -8.54 -28.71 -18.80
CA THR B 118 -8.94 -29.89 -18.05
C THR B 118 -9.34 -29.52 -16.63
N GLU B 119 -8.73 -28.45 -16.09
CA GLU B 119 -9.26 -27.77 -14.91
C GLU B 119 -10.56 -27.08 -15.27
N ASN B 120 -11.66 -27.82 -15.21
CA ASN B 120 -12.99 -27.32 -15.56
C ASN B 120 -13.89 -27.46 -14.34
N PRO B 121 -13.97 -26.43 -13.48
CA PRO B 121 -14.81 -26.52 -12.29
C PRO B 121 -16.22 -27.04 -12.56
N THR B 122 -16.58 -28.12 -11.89
CA THR B 122 -17.86 -28.80 -12.12
C THR B 122 -18.75 -28.66 -10.89
N GLY B 123 -19.96 -28.18 -11.09
CA GLY B 123 -20.96 -28.14 -10.03
C GLY B 123 -21.99 -29.24 -10.15
N CYS B 124 -22.07 -30.10 -9.13
CA CYS B 124 -22.96 -31.27 -9.16
C CYS B 124 -24.20 -30.98 -8.33
N TYR B 125 -25.22 -30.43 -8.98
CA TYR B 125 -26.50 -30.15 -8.32
C TYR B 125 -27.37 -31.39 -8.34
N SER B 126 -28.06 -31.62 -7.23
CA SER B 126 -29.01 -32.72 -7.13
C SER B 126 -30.22 -32.25 -6.35
N LEU B 127 -31.37 -32.85 -6.64
CA LEU B 127 -32.61 -32.47 -5.98
C LEU B 127 -33.50 -33.69 -5.90
N THR B 128 -33.97 -33.99 -4.70
CA THR B 128 -34.98 -35.02 -4.48
C THR B 128 -36.34 -34.34 -4.40
N PHE B 129 -37.27 -34.79 -5.24
CA PHE B 129 -38.57 -34.14 -5.33
C PHE B 129 -39.63 -35.17 -5.66
N ASN B 130 -40.88 -34.81 -5.40
CA ASN B 130 -42.03 -35.66 -5.67
C ASN B 130 -42.84 -35.07 -6.80
N VAL B 131 -43.59 -35.93 -7.49
CA VAL B 131 -44.43 -35.53 -8.60
C VAL B 131 -45.80 -36.20 -8.43
N ASP B 132 -46.87 -35.43 -8.59
CA ASP B 132 -48.22 -35.95 -8.46
C ASP B 132 -48.42 -37.14 -9.40
N GLU B 133 -49.10 -38.18 -8.89
CA GLU B 133 -49.54 -39.26 -9.76
C GLU B 133 -50.33 -38.70 -10.94
N SER B 134 -51.09 -37.62 -10.70
CA SER B 134 -51.76 -36.88 -11.76
C SER B 134 -50.88 -36.64 -12.98
N TRP B 135 -49.59 -36.40 -12.78
CA TRP B 135 -48.70 -36.05 -13.89
C TRP B 135 -48.14 -37.26 -14.61
N LEU B 136 -48.17 -38.44 -13.98
CA LEU B 136 -47.63 -39.64 -14.58
C LEU B 136 -48.66 -40.41 -15.40
N GLN B 137 -49.94 -40.29 -15.07
CA GLN B 137 -50.96 -41.02 -15.84
C GLN B 137 -51.20 -40.36 -17.19
N GLU B 138 -51.38 -39.05 -17.21
CA GLU B 138 -51.68 -38.32 -18.44
C GLU B 138 -50.61 -37.27 -18.73
N GLY B 139 -50.29 -37.11 -20.02
CA GLY B 139 -49.58 -35.94 -20.47
C GLY B 139 -48.06 -36.06 -20.47
N GLN B 140 -47.44 -34.93 -20.73
CA GLN B 140 -46.00 -34.80 -20.85
C GLN B 140 -45.49 -33.92 -19.73
N THR B 141 -44.48 -34.40 -19.01
CA THR B 141 -43.87 -33.64 -17.93
C THR B 141 -42.47 -33.25 -18.36
N ARG B 142 -42.20 -31.95 -18.38
CA ARG B 142 -40.90 -31.46 -18.80
C ARG B 142 -40.30 -30.59 -17.71
N ILE B 143 -38.97 -30.56 -17.67
CA ILE B 143 -38.22 -29.71 -16.75
C ILE B 143 -37.63 -28.56 -17.56
N ILE B 144 -37.69 -27.35 -17.00
CA ILE B 144 -37.19 -26.17 -17.68
C ILE B 144 -36.09 -25.57 -16.83
N PHE B 145 -34.91 -25.44 -17.41
CA PHE B 145 -33.80 -24.74 -16.77
C PHE B 145 -33.67 -23.42 -17.49
N ASP B 146 -34.01 -22.32 -16.81
CA ASP B 146 -33.99 -21.03 -17.49
C ASP B 146 -32.57 -20.51 -17.68
N GLY B 147 -31.60 -21.01 -16.92
CA GLY B 147 -30.25 -20.49 -17.03
C GLY B 147 -29.23 -21.36 -16.33
N VAL B 148 -28.41 -22.06 -17.11
CA VAL B 148 -27.33 -22.90 -16.59
C VAL B 148 -26.04 -22.46 -17.26
N ASN B 149 -25.08 -22.02 -16.46
CA ASN B 149 -23.82 -21.46 -16.93
C ASN B 149 -22.71 -22.44 -16.58
N SER B 150 -22.08 -23.04 -17.59
CA SER B 150 -22.26 -22.69 -19.01
C SER B 150 -22.78 -23.85 -19.86
N ALA B 151 -22.76 -25.06 -19.29
CA ALA B 151 -23.26 -26.25 -19.97
C ALA B 151 -23.54 -27.31 -18.93
N PHE B 152 -24.35 -28.30 -19.29
CA PHE B 152 -24.73 -29.29 -18.30
C PHE B 152 -25.29 -30.54 -18.95
N HIS B 153 -25.07 -31.66 -18.27
CA HIS B 153 -25.79 -32.90 -18.51
C HIS B 153 -26.86 -33.08 -17.44
N LEU B 154 -27.92 -33.80 -17.78
CA LEU B 154 -29.08 -33.93 -16.90
C LEU B 154 -29.39 -35.41 -16.73
N TRP B 155 -29.40 -35.86 -15.48
CA TRP B 155 -29.88 -37.19 -15.12
C TRP B 155 -31.13 -37.05 -14.27
N CYS B 156 -31.99 -38.06 -14.34
CA CYS B 156 -33.15 -38.12 -13.47
C CYS B 156 -33.39 -39.58 -13.10
N ASN B 157 -33.35 -39.89 -11.80
CA ASN B 157 -33.46 -41.27 -11.30
C ASN B 157 -32.36 -42.16 -11.88
N GLY B 158 -31.15 -41.61 -11.97
CA GLY B 158 -30.00 -42.37 -12.42
C GLY B 158 -29.82 -42.45 -13.91
N ARG B 159 -30.87 -42.27 -14.71
CA ARG B 159 -30.75 -42.42 -16.15
C ARG B 159 -30.59 -41.08 -16.84
N TRP B 160 -29.71 -41.06 -17.84
CA TRP B 160 -29.31 -39.81 -18.48
C TRP B 160 -30.42 -39.28 -19.39
N VAL B 161 -30.66 -37.99 -19.31
CA VAL B 161 -31.74 -37.33 -20.03
C VAL B 161 -31.22 -36.56 -21.25
N GLY B 162 -30.31 -35.63 -21.03
CA GLY B 162 -29.86 -34.80 -22.12
C GLY B 162 -28.78 -33.84 -21.68
N TYR B 163 -28.45 -32.94 -22.58
CA TYR B 163 -27.33 -32.01 -22.45
C TYR B 163 -27.74 -30.68 -23.04
N GLY B 164 -27.17 -29.59 -22.52
CA GLY B 164 -27.55 -28.26 -22.98
C GLY B 164 -26.43 -27.26 -22.92
N GLN B 165 -26.49 -26.27 -23.80
CA GLN B 165 -25.53 -25.16 -23.84
C GLN B 165 -26.32 -23.87 -24.04
N ASP B 166 -25.58 -22.76 -24.20
CA ASP B 166 -26.13 -21.40 -24.19
C ASP B 166 -26.69 -21.09 -22.81
N SER B 167 -25.95 -20.28 -22.05
CA SER B 167 -26.23 -20.12 -20.64
C SER B 167 -27.40 -19.18 -20.35
N ARG B 168 -27.83 -18.38 -21.33
CA ARG B 168 -28.83 -17.35 -21.07
C ARG B 168 -30.16 -17.61 -21.77
N LEU B 169 -30.41 -18.84 -22.18
CA LEU B 169 -31.70 -19.21 -22.76
C LEU B 169 -32.16 -20.52 -22.13
N PRO B 170 -33.46 -20.71 -22.00
CA PRO B 170 -33.95 -21.90 -21.29
C PRO B 170 -33.66 -23.18 -22.07
N SER B 171 -33.38 -24.24 -21.32
CA SER B 171 -33.21 -25.58 -21.87
C SER B 171 -34.24 -26.49 -21.23
N GLU B 172 -35.10 -27.08 -22.05
CA GLU B 172 -36.21 -27.89 -21.58
C GLU B 172 -36.03 -29.33 -22.06
N PHE B 173 -36.36 -30.29 -21.18
CA PHE B 173 -36.25 -31.70 -21.51
C PHE B 173 -37.50 -32.42 -21.04
N ASP B 174 -37.88 -33.46 -21.78
CA ASP B 174 -39.02 -34.29 -21.43
C ASP B 174 -38.59 -35.35 -20.41
N LEU B 175 -39.21 -35.34 -19.23
CA LEU B 175 -38.92 -36.30 -18.17
C LEU B 175 -39.96 -37.40 -18.07
N SER B 176 -40.99 -37.37 -18.92
CA SER B 176 -42.12 -38.29 -18.83
C SER B 176 -41.69 -39.73 -18.57
N ALA B 177 -40.79 -40.26 -19.40
CA ALA B 177 -40.35 -41.63 -19.29
C ALA B 177 -39.34 -41.83 -18.18
N PHE B 178 -38.94 -40.77 -17.47
CA PHE B 178 -37.93 -40.87 -16.44
C PHE B 178 -38.48 -40.76 -15.02
N LEU B 179 -39.68 -40.21 -14.86
CA LEU B 179 -40.23 -39.99 -13.54
C LEU B 179 -41.03 -41.21 -13.08
N ARG B 180 -40.93 -41.52 -11.80
CA ARG B 180 -41.75 -42.54 -11.18
C ARG B 180 -42.62 -41.89 -10.12
N ALA B 181 -43.72 -42.57 -9.78
CA ALA B 181 -44.59 -42.06 -8.73
C ALA B 181 -43.85 -42.05 -7.41
N GLY B 182 -44.06 -40.99 -6.64
CA GLY B 182 -43.36 -40.82 -5.37
C GLY B 182 -42.11 -39.96 -5.53
N GLU B 183 -41.00 -40.45 -4.99
CA GLU B 183 -39.77 -39.66 -4.90
C GLU B 183 -38.92 -39.84 -6.15
N ASN B 184 -38.41 -38.73 -6.67
CA ASN B 184 -37.51 -38.71 -7.81
C ASN B 184 -36.27 -37.90 -7.45
N ARG B 185 -35.18 -38.14 -8.19
CA ARG B 185 -33.94 -37.42 -7.96
C ARG B 185 -33.39 -36.90 -9.28
N LEU B 186 -33.09 -35.61 -9.32
CA LEU B 186 -32.39 -34.98 -10.43
C LEU B 186 -30.92 -34.90 -10.13
N ALA B 187 -30.10 -35.07 -11.16
CA ALA B 187 -28.66 -34.95 -11.06
C ALA B 187 -28.20 -34.07 -12.21
N VAL B 188 -27.77 -32.84 -11.89
CA VAL B 188 -27.39 -31.86 -12.88
C VAL B 188 -25.90 -31.58 -12.71
N MET B 189 -25.11 -31.98 -13.69
CA MET B 189 -23.68 -31.73 -13.70
C MET B 189 -23.42 -30.49 -14.54
N VAL B 190 -23.02 -29.41 -13.89
CA VAL B 190 -22.83 -28.11 -14.54
C VAL B 190 -21.34 -27.88 -14.78
N LEU B 191 -20.98 -27.61 -16.03
CA LEU B 191 -19.60 -27.35 -16.39
C LEU B 191 -19.37 -25.85 -16.53
N ARG B 192 -18.31 -25.35 -15.87
CA ARG B 192 -18.02 -23.92 -15.94
C ARG B 192 -17.63 -23.50 -17.36
N TRP B 193 -16.83 -24.33 -18.03
CA TRP B 193 -16.39 -24.04 -19.38
C TRP B 193 -16.88 -25.09 -20.36
N SER B 194 -17.07 -24.66 -21.60
CA SER B 194 -17.51 -25.51 -22.69
C SER B 194 -17.17 -24.80 -24.00
N ASP B 195 -17.44 -25.49 -25.12
CA ASP B 195 -17.23 -24.82 -26.39
C ASP B 195 -18.15 -23.62 -26.54
N GLY B 196 -19.27 -23.59 -25.81
CA GLY B 196 -20.10 -22.40 -25.78
C GLY B 196 -19.46 -21.24 -25.08
N SER B 197 -18.44 -21.48 -24.25
CA SER B 197 -17.77 -20.39 -23.57
C SER B 197 -17.00 -19.49 -24.53
N TYR B 198 -16.70 -19.99 -25.73
CA TYR B 198 -16.00 -19.16 -26.70
C TYR B 198 -16.91 -18.09 -27.29
N LEU B 199 -18.22 -18.30 -27.25
CA LEU B 199 -19.20 -17.31 -27.70
C LEU B 199 -19.78 -16.50 -26.54
N GLU B 200 -19.24 -16.64 -25.33
CA GLU B 200 -19.78 -16.00 -24.14
C GLU B 200 -18.72 -15.13 -23.45
N ASP B 201 -17.92 -14.43 -24.25
CA ASP B 201 -16.87 -13.56 -23.72
C ASP B 201 -17.34 -12.14 -23.49
N GLN B 202 -18.48 -11.99 -22.80
CA GLN B 202 -18.98 -10.67 -22.43
C GLN B 202 -18.11 -10.07 -21.35
N ASP B 203 -17.88 -8.75 -21.43
CA ASP B 203 -17.16 -8.02 -20.41
C ASP B 203 -17.98 -8.00 -19.11
N MET B 204 -17.78 -9.01 -18.27
CA MET B 204 -18.54 -9.16 -17.04
C MET B 204 -17.83 -10.22 -16.20
N TRP B 205 -18.32 -10.40 -14.97
CA TRP B 205 -17.81 -11.46 -14.12
C TRP B 205 -18.12 -12.82 -14.73
N ARG B 206 -17.12 -13.71 -14.72
CA ARG B 206 -17.29 -15.05 -15.27
C ARG B 206 -17.69 -15.97 -14.13
N MET B 207 -18.99 -16.25 -14.03
CA MET B 207 -19.54 -17.12 -13.00
C MET B 207 -20.10 -18.39 -13.65
N SER B 208 -20.77 -19.20 -12.84
CA SER B 208 -21.29 -20.47 -13.33
C SER B 208 -22.34 -20.98 -12.36
N GLY B 209 -23.07 -21.99 -12.79
CA GLY B 209 -24.06 -22.65 -11.97
C GLY B 209 -25.46 -22.53 -12.55
N ILE B 210 -26.41 -23.08 -11.81
CA ILE B 210 -27.83 -22.97 -12.15
C ILE B 210 -28.32 -21.65 -11.56
N PHE B 211 -28.28 -20.59 -12.37
CA PHE B 211 -28.47 -19.23 -11.89
C PHE B 211 -29.81 -18.62 -12.29
N ARG B 212 -30.69 -19.40 -12.93
CA ARG B 212 -32.06 -18.98 -13.19
C ARG B 212 -33.00 -20.10 -12.76
N ASP B 213 -34.29 -19.82 -12.89
CA ASP B 213 -35.31 -20.69 -12.31
C ASP B 213 -35.30 -22.08 -12.96
N VAL B 214 -35.55 -23.10 -12.16
CA VAL B 214 -35.83 -24.45 -12.61
C VAL B 214 -37.31 -24.70 -12.37
N SER B 215 -37.96 -25.41 -13.28
CA SER B 215 -39.40 -25.58 -13.17
C SER B 215 -39.83 -26.82 -13.95
N LEU B 216 -40.85 -27.49 -13.43
CA LEU B 216 -41.54 -28.56 -14.14
C LEU B 216 -42.79 -27.99 -14.79
N LEU B 217 -43.02 -28.37 -16.03
CA LEU B 217 -44.21 -27.94 -16.76
C LEU B 217 -44.92 -29.19 -17.27
N HIS B 218 -46.18 -29.34 -16.92
CA HIS B 218 -46.99 -30.45 -17.39
C HIS B 218 -47.89 -29.96 -18.52
N LYS B 219 -47.88 -30.68 -19.64
CA LYS B 219 -48.75 -30.37 -20.76
C LYS B 219 -49.46 -31.65 -21.22
N PRO B 220 -50.65 -31.53 -21.79
CA PRO B 220 -51.25 -32.71 -22.42
C PRO B 220 -50.42 -33.13 -23.62
N THR B 221 -50.52 -34.40 -23.98
CA THR B 221 -49.74 -34.90 -25.10
C THR B 221 -50.15 -34.24 -26.41
N THR B 222 -51.41 -33.82 -26.51
CA THR B 222 -51.89 -32.95 -27.59
C THR B 222 -51.89 -31.54 -27.03
N GLN B 223 -51.05 -30.67 -27.58
CA GLN B 223 -50.68 -29.45 -26.89
C GLN B 223 -50.42 -28.34 -27.89
N ILE B 224 -50.37 -27.11 -27.37
CA ILE B 224 -49.86 -25.96 -28.09
C ILE B 224 -48.34 -25.99 -28.00
N SER B 225 -47.68 -26.19 -29.14
CA SER B 225 -46.22 -26.24 -29.16
C SER B 225 -45.58 -24.88 -29.43
N ASP B 226 -46.31 -23.97 -30.08
CA ASP B 226 -45.79 -22.65 -30.36
C ASP B 226 -46.96 -21.75 -30.75
N PHE B 227 -46.79 -20.44 -30.54
CA PHE B 227 -47.73 -19.48 -31.10
C PHE B 227 -47.03 -18.13 -31.30
N HIS B 228 -47.27 -17.52 -32.46
CA HIS B 228 -46.73 -16.22 -32.82
C HIS B 228 -47.84 -15.20 -32.87
N VAL B 229 -47.59 -14.01 -32.35
CA VAL B 229 -48.55 -12.91 -32.37
C VAL B 229 -47.96 -11.77 -33.20
N ALA B 230 -48.69 -11.37 -34.24
CA ALA B 230 -48.32 -10.24 -35.08
C ALA B 230 -49.46 -9.24 -35.12
N THR B 231 -49.11 -7.96 -35.33
CA THR B 231 -50.09 -6.89 -35.45
C THR B 231 -49.76 -6.05 -36.69
N ARG B 232 -50.66 -6.09 -37.68
CA ARG B 232 -50.60 -5.20 -38.84
C ARG B 232 -51.51 -4.00 -38.62
N PHE B 233 -51.12 -2.87 -39.19
CA PHE B 233 -51.89 -1.63 -39.05
C PHE B 233 -52.16 -1.02 -40.42
N ASN B 234 -53.12 -0.09 -40.43
CA ASN B 234 -53.40 0.74 -41.59
C ASN B 234 -52.62 2.05 -41.47
N ASP B 235 -52.76 2.89 -42.50
CA ASP B 235 -52.03 4.15 -42.59
C ASP B 235 -51.98 4.93 -41.28
N ASP B 236 -53.13 5.13 -40.63
CA ASP B 236 -53.22 6.00 -39.47
C ASP B 236 -53.45 5.25 -38.16
N PHE B 237 -53.30 3.92 -38.16
CA PHE B 237 -53.42 3.06 -36.98
C PHE B 237 -54.83 3.06 -36.40
N SER B 238 -55.84 3.45 -37.18
CA SER B 238 -57.22 3.34 -36.72
C SER B 238 -57.72 1.90 -36.75
N ARG B 239 -57.16 1.07 -37.62
CA ARG B 239 -57.52 -0.34 -37.72
C ARG B 239 -56.27 -1.20 -37.65
N ALA B 240 -56.29 -2.17 -36.73
CA ALA B 240 -55.24 -3.18 -36.66
C ALA B 240 -55.85 -4.55 -36.90
N VAL B 241 -55.02 -5.45 -37.42
CA VAL B 241 -55.36 -6.86 -37.52
C VAL B 241 -54.31 -7.63 -36.73
N LEU B 242 -54.76 -8.42 -35.77
CA LEU B 242 -53.85 -9.28 -35.01
C LEU B 242 -53.82 -10.64 -35.69
N GLU B 243 -52.66 -11.03 -36.19
CA GLU B 243 -52.47 -12.38 -36.71
C GLU B 243 -51.93 -13.24 -35.58
N ALA B 244 -52.57 -14.37 -35.34
CA ALA B 244 -52.08 -15.33 -34.36
C ALA B 244 -51.89 -16.66 -35.07
N GLU B 245 -50.66 -17.14 -35.10
CA GLU B 245 -50.35 -18.44 -35.65
C GLU B 245 -50.18 -19.40 -34.48
N VAL B 246 -50.88 -20.53 -34.52
CA VAL B 246 -50.84 -21.51 -33.45
C VAL B 246 -50.39 -22.84 -34.04
N GLN B 247 -49.41 -23.48 -33.40
CA GLN B 247 -48.91 -24.77 -33.81
C GLN B 247 -49.14 -25.77 -32.68
N MET B 248 -49.46 -27.01 -33.06
CA MET B 248 -49.76 -28.05 -32.11
C MET B 248 -48.83 -29.25 -32.29
N CYS B 249 -48.66 -30.00 -31.21
CA CYS B 249 -48.06 -31.31 -31.22
C CYS B 249 -49.06 -32.32 -30.67
N GLY B 250 -48.89 -33.58 -31.05
CA GLY B 250 -49.76 -34.64 -30.62
C GLY B 250 -50.60 -35.21 -31.74
N GLU B 251 -51.63 -35.95 -31.37
CA GLU B 251 -52.49 -36.64 -32.31
C GLU B 251 -53.45 -35.63 -32.95
N LEU B 252 -53.30 -35.41 -34.25
CA LEU B 252 -54.21 -34.54 -34.98
C LEU B 252 -55.51 -35.28 -35.27
N ARG B 253 -56.63 -34.62 -35.00
CA ARG B 253 -57.95 -35.17 -35.26
C ARG B 253 -58.81 -34.06 -35.86
N ASP B 254 -59.90 -34.45 -36.52
CA ASP B 254 -60.69 -33.43 -37.19
C ASP B 254 -61.48 -32.57 -36.21
N TYR B 255 -61.62 -32.97 -34.96
CA TYR B 255 -62.49 -32.27 -34.03
C TYR B 255 -61.80 -31.18 -33.23
N LEU B 256 -60.47 -31.02 -33.33
CA LEU B 256 -59.80 -30.02 -32.51
C LEU B 256 -59.88 -28.64 -33.16
N ARG B 257 -60.13 -27.64 -32.32
CA ARG B 257 -60.24 -26.26 -32.76
C ARG B 257 -59.31 -25.39 -31.94
N VAL B 258 -59.03 -24.20 -32.45
CA VAL B 258 -58.21 -23.20 -31.77
C VAL B 258 -59.02 -21.92 -31.69
N THR B 259 -59.07 -21.32 -30.52
CA THR B 259 -59.74 -20.04 -30.32
C THR B 259 -58.71 -19.07 -29.76
N VAL B 260 -58.63 -17.89 -30.37
CA VAL B 260 -57.77 -16.83 -29.88
C VAL B 260 -58.66 -15.68 -29.44
N SER B 261 -58.43 -15.19 -28.23
CA SER B 261 -59.26 -14.16 -27.64
C SER B 261 -58.37 -12.99 -27.26
N LEU B 262 -58.83 -11.78 -27.56
CA LEU B 262 -58.08 -10.57 -27.24
C LEU B 262 -58.86 -9.79 -26.20
N TRP B 263 -58.22 -9.49 -25.08
CA TRP B 263 -58.87 -8.83 -23.96
C TRP B 263 -58.14 -7.54 -23.60
N GLN B 264 -58.81 -6.69 -22.83
CA GLN B 264 -58.16 -5.55 -22.19
C GLN B 264 -59.03 -5.13 -21.01
N GLY B 265 -58.61 -5.51 -19.80
CA GLY B 265 -59.52 -5.54 -18.68
C GLY B 265 -60.47 -6.72 -18.83
N GLU B 266 -61.72 -6.52 -18.40
CA GLU B 266 -62.73 -7.55 -18.60
C GLU B 266 -63.42 -7.46 -19.96
N THR B 267 -62.95 -6.55 -20.82
CA THR B 267 -63.52 -6.37 -22.16
C THR B 267 -62.88 -7.35 -23.13
N GLN B 268 -63.69 -8.22 -23.74
CA GLN B 268 -63.22 -9.03 -24.86
C GLN B 268 -63.32 -8.17 -26.10
N VAL B 269 -62.17 -7.80 -26.66
CA VAL B 269 -62.14 -6.88 -27.79
C VAL B 269 -62.35 -7.61 -29.11
N ALA B 270 -61.87 -8.85 -29.21
CA ALA B 270 -62.07 -9.64 -30.42
C ALA B 270 -61.88 -11.11 -30.10
N SER B 271 -62.28 -11.97 -31.04
CA SER B 271 -62.12 -13.40 -30.88
C SER B 271 -62.40 -14.09 -32.20
N GLY B 272 -61.85 -15.30 -32.33
CA GLY B 272 -62.02 -16.08 -33.54
C GLY B 272 -61.59 -17.52 -33.32
N THR B 273 -62.16 -18.41 -34.13
CA THR B 273 -62.01 -19.84 -33.96
C THR B 273 -61.82 -20.48 -35.32
N ALA B 274 -61.05 -21.57 -35.35
CA ALA B 274 -60.83 -22.31 -36.59
C ALA B 274 -60.35 -23.71 -36.25
N PRO B 275 -60.53 -24.66 -37.15
CA PRO B 275 -59.83 -25.95 -37.03
C PRO B 275 -58.39 -25.78 -37.52
N PHE B 276 -57.61 -26.84 -37.32
CA PHE B 276 -56.25 -26.80 -37.82
C PHE B 276 -56.24 -27.00 -39.33
N GLY B 277 -55.12 -26.62 -39.94
CA GLY B 277 -55.00 -26.61 -41.37
C GLY B 277 -54.73 -25.22 -41.89
N GLY B 278 -53.50 -24.98 -42.36
CA GLY B 278 -53.09 -23.66 -42.78
C GLY B 278 -53.32 -23.44 -44.26
N GLU B 279 -52.91 -22.25 -44.72
CA GLU B 279 -52.89 -21.96 -46.14
C GLU B 279 -52.00 -22.95 -46.88
N ILE B 280 -52.28 -23.16 -48.16
CA ILE B 280 -51.31 -23.82 -49.02
C ILE B 280 -50.05 -22.98 -49.06
N ILE B 281 -48.89 -23.63 -48.91
CA ILE B 281 -47.65 -22.88 -48.88
C ILE B 281 -46.71 -23.35 -49.98
N ASP B 282 -46.84 -24.60 -50.42
CA ASP B 282 -46.10 -25.07 -51.59
C ASP B 282 -46.83 -26.27 -52.19
N GLU B 283 -46.14 -27.01 -53.07
CA GLU B 283 -46.79 -28.04 -53.87
C GLU B 283 -47.21 -29.25 -53.06
N ARG B 284 -46.68 -29.42 -51.85
CA ARG B 284 -47.09 -30.51 -51.00
C ARG B 284 -48.23 -30.14 -50.06
N GLY B 285 -48.78 -28.93 -50.20
CA GLY B 285 -49.90 -28.53 -49.37
C GLY B 285 -49.54 -27.50 -48.32
N GLY B 286 -50.19 -27.57 -47.17
CA GLY B 286 -49.92 -26.65 -46.08
C GLY B 286 -49.59 -27.37 -44.78
N TYR B 287 -49.65 -26.65 -43.66
CA TYR B 287 -49.37 -27.22 -42.34
C TYR B 287 -50.67 -27.68 -41.71
N ALA B 288 -50.89 -28.99 -41.65
CA ALA B 288 -52.12 -29.50 -41.04
C ALA B 288 -52.11 -29.31 -39.53
N ASP B 289 -50.92 -29.21 -38.93
CA ASP B 289 -50.75 -29.04 -37.50
C ASP B 289 -50.69 -27.56 -37.10
N ARG B 290 -51.22 -26.67 -37.93
CA ARG B 290 -51.11 -25.23 -37.69
C ARG B 290 -52.37 -24.54 -38.20
N VAL B 291 -52.61 -23.35 -37.64
CA VAL B 291 -53.71 -22.52 -38.10
C VAL B 291 -53.40 -21.08 -37.70
N THR B 292 -53.79 -20.15 -38.55
CA THR B 292 -53.56 -18.72 -38.35
C THR B 292 -54.91 -18.05 -38.22
N LEU B 293 -55.06 -17.24 -37.18
CA LEU B 293 -56.32 -16.57 -36.91
C LEU B 293 -56.10 -15.06 -36.94
N ARG B 294 -56.97 -14.35 -37.63
CA ARG B 294 -56.87 -12.91 -37.81
C ARG B 294 -58.05 -12.25 -37.11
N LEU B 295 -57.77 -11.25 -36.27
CA LEU B 295 -58.79 -10.55 -35.50
C LEU B 295 -58.66 -9.06 -35.78
N ASN B 296 -59.74 -8.46 -36.28
CA ASN B 296 -59.77 -7.02 -36.53
C ASN B 296 -59.94 -6.26 -35.22
N VAL B 297 -59.31 -5.09 -35.14
CA VAL B 297 -59.32 -4.27 -33.94
C VAL B 297 -59.47 -2.81 -34.34
N GLU B 298 -60.66 -2.25 -34.12
CA GLU B 298 -60.90 -0.84 -34.40
C GLU B 298 -60.30 0.03 -33.31
N ASN B 299 -59.74 1.19 -33.72
CA ASN B 299 -59.06 2.17 -32.88
C ASN B 299 -58.34 1.52 -31.72
N PRO B 300 -57.29 0.74 -31.98
CA PRO B 300 -56.58 0.07 -30.87
C PRO B 300 -55.72 1.04 -30.08
N LYS B 301 -55.64 0.79 -28.78
CA LYS B 301 -54.78 1.61 -27.92
C LYS B 301 -53.34 1.16 -28.12
N LEU B 302 -52.52 2.04 -28.69
CA LEU B 302 -51.20 1.66 -29.15
C LEU B 302 -50.21 1.57 -28.00
N TRP B 303 -49.32 0.58 -28.07
CA TRP B 303 -48.27 0.39 -27.08
C TRP B 303 -47.07 1.26 -27.39
N SER B 304 -46.59 1.96 -26.38
CA SER B 304 -45.31 2.66 -26.45
C SER B 304 -44.72 2.67 -25.06
N ALA B 305 -43.49 3.18 -24.95
CA ALA B 305 -42.91 3.35 -23.62
C ALA B 305 -43.62 4.46 -22.85
N GLU B 306 -44.20 5.43 -23.57
CA GLU B 306 -44.90 6.53 -22.91
C GLU B 306 -46.24 6.05 -22.36
N ILE B 307 -46.98 5.26 -23.13
CA ILE B 307 -48.23 4.67 -22.68
C ILE B 307 -48.20 3.19 -23.02
N PRO B 308 -47.87 2.33 -22.09
CA PRO B 308 -47.73 0.90 -22.39
C PRO B 308 -49.05 0.16 -22.39
N ASN B 309 -49.96 0.57 -23.29
CA ASN B 309 -51.24 -0.10 -23.42
C ASN B 309 -51.02 -1.54 -23.82
N LEU B 310 -51.50 -2.46 -23.00
CA LEU B 310 -51.35 -3.88 -23.27
C LEU B 310 -52.71 -4.54 -23.28
N TYR B 311 -52.96 -5.32 -24.32
CA TYR B 311 -54.03 -6.28 -24.35
C TYR B 311 -53.49 -7.63 -23.89
N ARG B 312 -54.39 -8.59 -23.69
CA ARG B 312 -53.96 -9.96 -23.41
C ARG B 312 -54.61 -10.90 -24.41
N ALA B 313 -53.79 -11.69 -25.08
CA ALA B 313 -54.27 -12.71 -25.99
C ALA B 313 -54.33 -14.05 -25.29
N VAL B 314 -55.42 -14.77 -25.49
CA VAL B 314 -55.60 -16.10 -24.90
C VAL B 314 -55.75 -17.09 -26.05
N VAL B 315 -54.96 -18.15 -26.02
CA VAL B 315 -54.97 -19.18 -27.05
C VAL B 315 -55.53 -20.45 -26.42
N GLU B 316 -56.72 -20.85 -26.85
CA GLU B 316 -57.38 -22.04 -26.33
C GLU B 316 -57.30 -23.15 -27.37
N LEU B 317 -56.70 -24.27 -26.99
CA LEU B 317 -56.77 -25.50 -27.77
C LEU B 317 -57.90 -26.34 -27.17
N HIS B 318 -58.98 -26.53 -27.93
CA HIS B 318 -60.13 -27.25 -27.44
C HIS B 318 -60.69 -28.13 -28.54
N THR B 319 -61.75 -28.86 -28.22
CA THR B 319 -62.49 -29.65 -29.19
C THR B 319 -63.70 -28.87 -29.67
N ALA B 320 -64.37 -29.42 -30.69
CA ALA B 320 -65.56 -28.78 -31.23
C ALA B 320 -66.66 -28.71 -30.18
N ASP B 321 -66.83 -29.79 -29.41
CA ASP B 321 -67.84 -29.81 -28.36
C ASP B 321 -67.45 -28.97 -27.15
N GLY B 322 -66.30 -28.27 -27.20
CA GLY B 322 -65.96 -27.26 -26.21
C GLY B 322 -64.97 -27.68 -25.15
N THR B 323 -64.58 -28.95 -25.10
CA THR B 323 -63.64 -29.42 -24.08
C THR B 323 -62.29 -28.73 -24.24
N LEU B 324 -61.91 -27.92 -23.25
CA LEU B 324 -60.63 -27.24 -23.29
C LEU B 324 -59.50 -28.22 -23.00
N ILE B 325 -58.57 -28.35 -23.95
CA ILE B 325 -57.41 -29.21 -23.75
C ILE B 325 -56.31 -28.45 -23.02
N GLU B 326 -56.02 -27.24 -23.45
CA GLU B 326 -54.95 -26.44 -22.88
C GLU B 326 -55.10 -25.01 -23.36
N ALA B 327 -54.69 -24.06 -22.51
CA ALA B 327 -54.71 -22.65 -22.85
C ALA B 327 -53.32 -22.04 -22.60
N GLU B 328 -52.87 -21.22 -23.54
CA GLU B 328 -51.72 -20.36 -23.36
C GLU B 328 -52.14 -18.90 -23.54
N ALA B 329 -51.26 -17.99 -23.14
CA ALA B 329 -51.62 -16.58 -23.13
C ALA B 329 -50.36 -15.74 -23.10
N CYS B 330 -50.47 -14.52 -23.63
CA CYS B 330 -49.38 -13.56 -23.56
C CYS B 330 -49.96 -12.17 -23.69
N ASP B 331 -49.32 -11.20 -23.02
CA ASP B 331 -49.65 -9.80 -23.21
C ASP B 331 -49.43 -9.41 -24.67
N VAL B 332 -50.13 -8.38 -25.10
CA VAL B 332 -50.08 -7.92 -26.48
C VAL B 332 -49.94 -6.41 -26.49
N GLY B 333 -48.95 -5.91 -27.22
CA GLY B 333 -48.78 -4.49 -27.41
C GLY B 333 -48.97 -4.12 -28.87
N PHE B 334 -50.02 -3.36 -29.19
CA PHE B 334 -50.25 -2.96 -30.58
C PHE B 334 -49.26 -1.85 -30.91
N ARG B 335 -48.22 -2.21 -31.66
CA ARG B 335 -47.19 -1.24 -32.03
C ARG B 335 -46.51 -1.71 -33.30
N GLU B 336 -46.14 -0.76 -34.14
CA GLU B 336 -45.45 -1.04 -35.39
C GLU B 336 -44.05 -0.50 -35.32
N VAL B 337 -43.07 -1.34 -35.64
CA VAL B 337 -41.67 -0.96 -35.70
C VAL B 337 -41.24 -1.07 -37.15
N ARG B 338 -40.71 0.02 -37.69
CA ARG B 338 -40.19 -0.02 -39.05
C ARG B 338 -39.16 1.09 -39.22
N ILE B 339 -38.28 0.90 -40.21
CA ILE B 339 -37.34 1.91 -40.64
C ILE B 339 -37.78 2.40 -42.01
N GLU B 340 -38.04 3.70 -42.12
CA GLU B 340 -38.53 4.27 -43.38
C GLU B 340 -37.78 5.56 -43.64
N ASN B 341 -37.32 5.73 -44.88
CA ASN B 341 -36.54 6.89 -45.29
C ASN B 341 -35.42 7.20 -44.28
N GLY B 342 -34.79 6.14 -43.78
CA GLY B 342 -33.66 6.28 -42.88
C GLY B 342 -33.98 6.56 -41.43
N LEU B 343 -35.25 6.56 -41.03
CA LEU B 343 -35.63 6.84 -39.65
C LEU B 343 -36.26 5.61 -39.01
N LEU B 344 -35.91 5.34 -37.76
CA LEU B 344 -36.54 4.27 -36.98
C LEU B 344 -37.87 4.78 -36.44
N LEU B 345 -38.97 4.22 -36.91
CA LEU B 345 -40.30 4.67 -36.54
C LEU B 345 -40.99 3.66 -35.62
N LEU B 346 -41.61 4.16 -34.57
CA LEU B 346 -42.54 3.39 -33.76
C LEU B 346 -43.91 4.04 -33.90
N ASN B 347 -44.86 3.28 -34.46
CA ASN B 347 -46.22 3.78 -34.69
C ASN B 347 -46.20 5.03 -35.57
N GLY B 348 -45.38 4.99 -36.61
CA GLY B 348 -45.32 6.08 -37.57
C GLY B 348 -44.58 7.31 -37.11
N LYS B 349 -43.95 7.30 -35.93
CA LYS B 349 -43.28 8.48 -35.45
C LYS B 349 -41.83 8.17 -35.10
N PRO B 350 -40.91 9.10 -35.39
CA PRO B 350 -39.48 8.81 -35.20
C PRO B 350 -39.11 8.77 -33.74
N LEU B 351 -38.52 7.64 -33.32
CA LEU B 351 -38.08 7.48 -31.95
C LEU B 351 -36.84 8.33 -31.66
N LEU B 352 -36.61 8.59 -30.38
CA LEU B 352 -35.39 9.20 -29.88
C LEU B 352 -34.99 8.38 -28.65
N ILE B 353 -34.04 7.47 -28.83
CA ILE B 353 -33.78 6.42 -27.87
C ILE B 353 -33.03 7.00 -26.67
N ARG B 354 -33.71 7.10 -25.54
CA ARG B 354 -33.06 7.42 -24.27
C ARG B 354 -32.73 6.11 -23.56
N GLY B 355 -31.70 5.44 -24.08
CA GLY B 355 -31.40 4.08 -23.70
C GLY B 355 -30.20 3.95 -22.77
N VAL B 356 -30.04 2.72 -22.27
CA VAL B 356 -28.88 2.37 -21.45
C VAL B 356 -28.71 0.87 -21.54
N ASN B 357 -27.46 0.42 -21.54
CA ASN B 357 -27.18 -1.00 -21.47
C ASN B 357 -27.28 -1.46 -20.02
N ARG B 358 -27.90 -2.62 -19.82
CA ARG B 358 -28.11 -3.16 -18.49
C ARG B 358 -27.68 -4.61 -18.44
N HIS B 359 -26.69 -4.90 -17.60
CA HIS B 359 -26.33 -6.28 -17.29
C HIS B 359 -27.24 -6.82 -16.19
N GLU B 360 -27.37 -8.13 -16.14
CA GLU B 360 -28.04 -8.80 -15.03
C GLU B 360 -27.02 -9.00 -13.92
N HIS B 361 -27.04 -8.12 -12.92
CA HIS B 361 -26.03 -8.13 -11.87
C HIS B 361 -26.67 -7.78 -10.53
N HIS B 362 -26.24 -8.46 -9.48
CA HIS B 362 -26.66 -8.17 -8.12
C HIS B 362 -25.42 -8.33 -7.25
N PRO B 363 -25.10 -7.34 -6.42
CA PRO B 363 -23.82 -7.39 -5.69
C PRO B 363 -23.70 -8.56 -4.73
N LEU B 364 -24.81 -9.18 -4.35
CA LEU B 364 -24.81 -10.33 -3.43
C LEU B 364 -25.12 -11.64 -4.13
N HIS B 365 -26.09 -11.65 -5.04
CA HIS B 365 -26.50 -12.88 -5.70
C HIS B 365 -25.81 -13.09 -7.04
N GLY B 366 -24.84 -12.25 -7.39
CA GLY B 366 -24.14 -12.37 -8.64
C GLY B 366 -25.02 -12.10 -9.84
N GLN B 367 -25.19 -13.12 -10.69
CA GLN B 367 -25.97 -12.96 -11.91
C GLN B 367 -27.34 -13.62 -11.82
N VAL B 368 -27.81 -13.89 -10.61
CA VAL B 368 -29.20 -14.27 -10.37
C VAL B 368 -30.02 -13.00 -10.26
N MET B 369 -31.12 -12.94 -11.01
CA MET B 369 -32.02 -11.80 -10.94
C MET B 369 -33.30 -12.17 -10.22
N ASP B 370 -33.94 -11.16 -9.64
CA ASP B 370 -35.22 -11.32 -8.96
C ASP B 370 -36.14 -10.19 -9.37
N GLU B 371 -37.43 -10.35 -9.08
CA GLU B 371 -38.42 -9.36 -9.49
C GLU B 371 -38.15 -8.02 -8.82
N GLN B 372 -37.76 -8.04 -7.55
CA GLN B 372 -37.58 -6.80 -6.80
C GLN B 372 -36.49 -5.94 -7.40
N THR B 373 -35.36 -6.55 -7.76
CA THR B 373 -34.26 -5.79 -8.34
C THR B 373 -34.61 -5.32 -9.74
N MET B 374 -35.30 -6.15 -10.52
CA MET B 374 -35.72 -5.75 -11.86
C MET B 374 -36.65 -4.54 -11.80
N VAL B 375 -37.66 -4.59 -10.93
CA VAL B 375 -38.58 -3.47 -10.79
C VAL B 375 -37.85 -2.23 -10.30
N GLN B 376 -36.92 -2.40 -9.36
CA GLN B 376 -36.14 -1.26 -8.89
C GLN B 376 -35.34 -0.65 -10.03
N ASP B 377 -34.75 -1.48 -10.89
CA ASP B 377 -34.00 -0.96 -12.03
C ASP B 377 -34.92 -0.23 -12.99
N ILE B 378 -36.09 -0.79 -13.26
CA ILE B 378 -37.00 -0.21 -14.24
C ILE B 378 -37.53 1.13 -13.74
N LEU B 379 -38.01 1.17 -12.49
CA LEU B 379 -38.51 2.43 -11.95
C LEU B 379 -37.41 3.48 -11.90
N LEU B 380 -36.20 3.08 -11.51
CA LEU B 380 -35.09 4.03 -11.47
C LEU B 380 -34.77 4.57 -12.85
N MET B 381 -34.94 3.76 -13.89
CA MET B 381 -34.63 4.20 -15.25
C MET B 381 -35.68 5.17 -15.76
N LYS B 382 -36.97 4.83 -15.61
CA LYS B 382 -38.03 5.72 -16.07
C LYS B 382 -38.05 7.02 -15.27
N GLN B 383 -37.64 6.97 -14.00
CA GLN B 383 -37.57 8.20 -13.22
C GLN B 383 -36.43 9.10 -13.65
N ASN B 384 -35.50 8.59 -14.45
CA ASN B 384 -34.41 9.39 -14.98
C ASN B 384 -34.49 9.53 -16.49
N ASN B 385 -35.71 9.44 -17.03
CA ASN B 385 -36.01 9.74 -18.44
C ASN B 385 -35.29 8.78 -19.39
N PHE B 386 -35.39 7.49 -19.11
CA PHE B 386 -34.83 6.47 -19.98
C PHE B 386 -35.94 5.80 -20.76
N ASN B 387 -35.78 5.79 -22.09
CA ASN B 387 -36.73 5.16 -23.01
C ASN B 387 -36.54 3.65 -23.08
N ALA B 388 -35.28 3.20 -23.09
CA ALA B 388 -34.96 1.89 -23.63
C ALA B 388 -33.81 1.24 -22.85
N VAL B 389 -33.67 -0.07 -23.06
CA VAL B 389 -32.60 -0.84 -22.44
C VAL B 389 -32.07 -1.83 -23.46
N ARG B 390 -30.75 -1.95 -23.51
CA ARG B 390 -30.09 -2.98 -24.30
C ARG B 390 -29.75 -4.13 -23.37
N CYS B 391 -30.32 -5.30 -23.66
CA CYS B 391 -29.97 -6.52 -22.94
C CYS B 391 -28.52 -6.89 -23.25
N SER B 392 -27.59 -6.09 -22.76
CA SER B 392 -26.17 -6.37 -22.97
C SER B 392 -25.74 -7.50 -22.05
N HIS B 393 -25.30 -8.62 -22.62
CA HIS B 393 -25.25 -8.86 -24.06
C HIS B 393 -25.78 -10.26 -24.30
N TYR B 394 -27.01 -10.51 -23.87
CA TYR B 394 -27.56 -11.86 -23.88
C TYR B 394 -29.06 -11.76 -23.59
N PRO B 395 -29.84 -12.78 -23.95
CA PRO B 395 -31.23 -12.80 -23.52
C PRO B 395 -31.32 -12.80 -22.00
N ASN B 396 -32.26 -12.00 -21.50
CA ASN B 396 -32.42 -11.79 -20.07
C ASN B 396 -33.37 -12.84 -19.47
N HIS B 397 -33.50 -12.77 -18.15
CA HIS B 397 -34.55 -13.48 -17.44
C HIS B 397 -35.91 -13.18 -18.05
N PRO B 398 -36.77 -14.19 -18.27
CA PRO B 398 -38.02 -13.95 -19.02
C PRO B 398 -38.91 -12.90 -18.40
N LEU B 399 -38.90 -12.76 -17.07
CA LEU B 399 -39.71 -11.76 -16.41
C LEU B 399 -39.35 -10.34 -16.84
N TRP B 400 -38.09 -10.14 -17.27
CA TRP B 400 -37.63 -8.79 -17.62
C TRP B 400 -38.43 -8.20 -18.77
N TYR B 401 -38.74 -9.02 -19.78
CA TYR B 401 -39.49 -8.52 -20.93
C TYR B 401 -40.94 -8.27 -20.56
N THR B 402 -41.50 -9.10 -19.68
CA THR B 402 -42.85 -8.90 -19.20
C THR B 402 -42.97 -7.57 -18.48
N LEU B 403 -41.94 -7.21 -17.71
CA LEU B 403 -42.01 -5.98 -16.92
C LEU B 403 -41.85 -4.75 -17.80
N CYS B 404 -40.99 -4.83 -18.83
CA CYS B 404 -40.86 -3.72 -19.78
C CYS B 404 -42.08 -3.62 -20.68
N ASP B 405 -42.75 -4.75 -20.95
CA ASP B 405 -44.06 -4.70 -21.59
C ASP B 405 -45.00 -3.80 -20.80
N ARG B 406 -44.98 -3.93 -19.48
CA ARG B 406 -45.98 -3.31 -18.61
C ARG B 406 -45.57 -1.91 -18.17
N TYR B 407 -44.34 -1.74 -17.71
CA TYR B 407 -43.92 -0.41 -17.31
C TYR B 407 -43.58 0.47 -18.50
N GLY B 408 -43.33 -0.12 -19.66
CA GLY B 408 -43.10 0.64 -20.86
C GLY B 408 -41.65 1.03 -21.06
N LEU B 409 -40.88 0.12 -21.65
CA LEU B 409 -39.50 0.36 -22.05
C LEU B 409 -39.24 -0.35 -23.36
N TYR B 410 -38.64 0.36 -24.32
CA TYR B 410 -38.16 -0.30 -25.53
C TYR B 410 -36.92 -1.12 -25.19
N VAL B 411 -36.86 -2.36 -25.68
CA VAL B 411 -35.73 -3.20 -25.34
C VAL B 411 -35.15 -3.82 -26.62
N VAL B 412 -33.83 -3.89 -26.67
CA VAL B 412 -33.12 -4.56 -27.75
C VAL B 412 -32.70 -5.91 -27.21
N ASP B 413 -33.32 -6.98 -27.73
CA ASP B 413 -32.99 -8.34 -27.31
C ASP B 413 -31.74 -8.80 -28.05
N GLU B 414 -30.71 -9.21 -27.32
CA GLU B 414 -29.39 -9.48 -27.88
C GLU B 414 -29.03 -10.96 -27.74
N ALA B 415 -28.63 -11.58 -28.84
CA ALA B 415 -28.22 -12.98 -28.79
C ALA B 415 -26.95 -13.14 -27.97
N ASN B 416 -26.88 -14.25 -27.24
CA ASN B 416 -25.74 -14.55 -26.37
C ASN B 416 -24.54 -15.01 -27.22
N ILE B 417 -23.97 -14.07 -27.95
CA ILE B 417 -22.81 -14.32 -28.80
C ILE B 417 -21.84 -13.15 -28.64
N GLU B 418 -20.69 -13.40 -28.00
CA GLU B 418 -19.59 -12.45 -27.99
C GLU B 418 -18.28 -13.22 -28.02
N THR B 419 -17.47 -12.97 -29.03
CA THR B 419 -16.17 -13.61 -29.21
C THR B 419 -15.06 -12.57 -29.17
N HIS B 420 -15.23 -11.57 -28.30
CA HIS B 420 -14.34 -10.41 -28.25
C HIS B 420 -12.88 -10.80 -28.21
N GLY B 421 -12.52 -11.77 -27.37
CA GLY B 421 -11.12 -12.12 -27.13
C GLY B 421 -10.44 -12.84 -28.27
N MET B 422 -11.17 -13.24 -29.31
CA MET B 422 -10.55 -13.92 -30.43
C MET B 422 -9.69 -12.94 -31.24
N VAL B 423 -8.67 -13.48 -31.89
CA VAL B 423 -7.82 -12.69 -32.79
C VAL B 423 -7.84 -13.31 -34.17
N PRO B 424 -8.46 -12.66 -35.17
CA PRO B 424 -9.23 -11.44 -34.92
C PRO B 424 -10.61 -11.76 -34.37
N MET B 425 -11.40 -10.74 -34.01
CA MET B 425 -12.74 -10.98 -33.48
C MET B 425 -13.57 -11.82 -34.44
N ASN B 426 -13.26 -11.73 -35.74
CA ASN B 426 -13.89 -12.48 -36.82
C ASN B 426 -13.84 -14.00 -36.65
N ARG B 427 -12.89 -14.52 -35.86
CA ARG B 427 -12.38 -15.86 -36.16
C ARG B 427 -13.48 -16.91 -36.13
N LEU B 428 -14.34 -16.87 -35.12
CA LEU B 428 -15.37 -17.89 -35.04
C LEU B 428 -16.58 -17.52 -35.90
N THR B 429 -17.01 -16.26 -35.85
CA THR B 429 -18.21 -15.86 -36.55
C THR B 429 -18.07 -15.88 -38.07
N ASP B 430 -16.85 -15.99 -38.59
CA ASP B 430 -16.66 -16.20 -40.02
C ASP B 430 -16.45 -17.67 -40.37
N ASP B 431 -16.35 -18.54 -39.36
CA ASP B 431 -16.14 -19.97 -39.55
C ASP B 431 -17.49 -20.65 -39.71
N PRO B 432 -17.75 -21.34 -40.82
CA PRO B 432 -19.06 -22.01 -40.96
C PRO B 432 -19.26 -23.16 -39.99
N ARG B 433 -18.19 -23.71 -39.40
CA ARG B 433 -18.35 -24.79 -38.41
C ARG B 433 -18.92 -24.27 -37.10
N TRP B 434 -18.85 -22.97 -36.85
CA TRP B 434 -19.48 -22.33 -35.71
C TRP B 434 -20.84 -21.73 -36.05
N LEU B 435 -21.27 -21.83 -37.32
CA LEU B 435 -22.60 -21.34 -37.69
C LEU B 435 -23.72 -22.06 -36.95
N PRO B 436 -23.66 -23.38 -36.73
CA PRO B 436 -24.72 -24.01 -35.91
C PRO B 436 -24.80 -23.47 -34.50
N ALA B 437 -23.68 -23.40 -33.80
CA ALA B 437 -23.68 -22.89 -32.43
C ALA B 437 -24.22 -21.47 -32.38
N MET B 438 -23.86 -20.64 -33.36
CA MET B 438 -24.32 -19.26 -33.36
C MET B 438 -25.79 -19.17 -33.74
N SER B 439 -26.23 -20.01 -34.67
CA SER B 439 -27.62 -19.95 -35.11
C SER B 439 -28.57 -20.28 -33.95
N GLU B 440 -28.21 -21.29 -33.15
CA GLU B 440 -29.08 -21.67 -32.05
C GLU B 440 -29.21 -20.54 -31.04
N ARG B 441 -28.11 -19.81 -30.79
CA ARG B 441 -28.19 -18.69 -29.86
C ARG B 441 -29.11 -17.59 -30.37
N VAL B 442 -29.22 -17.44 -31.68
CA VAL B 442 -30.07 -16.41 -32.27
C VAL B 442 -31.51 -16.90 -32.44
N THR B 443 -31.69 -18.04 -33.10
CA THR B 443 -33.02 -18.54 -33.40
C THR B 443 -33.82 -18.80 -32.11
N ARG B 444 -33.19 -19.41 -31.11
CA ARG B 444 -33.89 -19.71 -29.87
C ARG B 444 -34.22 -18.45 -29.09
N MET B 445 -33.47 -17.36 -29.27
CA MET B 445 -33.86 -16.10 -28.68
C MET B 445 -35.12 -15.56 -29.33
N VAL B 446 -35.16 -15.60 -30.67
CA VAL B 446 -36.35 -15.13 -31.39
C VAL B 446 -37.54 -16.02 -31.08
N GLN B 447 -37.33 -17.33 -31.03
CA GLN B 447 -38.45 -18.23 -30.75
C GLN B 447 -39.01 -18.01 -29.36
N ARG B 448 -38.22 -17.45 -28.45
CA ARG B 448 -38.68 -17.26 -27.08
C ARG B 448 -39.33 -15.91 -26.85
N ASP B 449 -38.79 -14.84 -27.43
CA ASP B 449 -39.16 -13.48 -27.06
C ASP B 449 -39.90 -12.72 -28.16
N ARG B 450 -40.34 -13.40 -29.22
CA ARG B 450 -40.91 -12.71 -30.37
C ARG B 450 -42.29 -12.11 -30.10
N ASN B 451 -42.95 -12.50 -29.01
CA ASN B 451 -44.28 -11.97 -28.70
C ASN B 451 -44.25 -10.83 -27.71
N HIS B 452 -43.09 -10.49 -27.16
CA HIS B 452 -42.96 -9.37 -26.23
C HIS B 452 -42.92 -8.05 -26.98
N PRO B 453 -43.94 -7.20 -26.84
CA PRO B 453 -43.94 -5.95 -27.60
C PRO B 453 -42.83 -4.99 -27.20
N SER B 454 -42.27 -5.15 -26.00
CA SER B 454 -41.16 -4.29 -25.59
C SER B 454 -39.91 -4.54 -26.43
N VAL B 455 -39.76 -5.73 -26.99
CA VAL B 455 -38.65 -6.01 -27.89
C VAL B 455 -38.98 -5.37 -29.22
N ILE B 456 -38.29 -4.27 -29.53
CA ILE B 456 -38.48 -3.60 -30.80
C ILE B 456 -37.33 -3.85 -31.78
N ILE B 457 -36.18 -4.31 -31.30
CA ILE B 457 -34.99 -4.47 -32.13
C ILE B 457 -34.27 -5.75 -31.71
N TRP B 458 -33.99 -6.63 -32.67
CA TRP B 458 -33.17 -7.80 -32.44
C TRP B 458 -31.70 -7.44 -32.61
N SER B 459 -30.85 -8.04 -31.78
CA SER B 459 -29.41 -7.85 -31.88
C SER B 459 -28.75 -9.20 -32.08
N LEU B 460 -27.79 -9.26 -33.02
CA LEU B 460 -27.11 -10.50 -33.35
C LEU B 460 -26.03 -10.88 -32.34
N GLY B 461 -25.72 -9.99 -31.40
CA GLY B 461 -24.66 -10.26 -30.47
C GLY B 461 -23.86 -9.01 -30.17
N ASN B 462 -22.60 -9.18 -29.78
CA ASN B 462 -21.78 -8.04 -29.41
C ASN B 462 -20.32 -8.41 -29.57
N GLU B 463 -19.55 -7.46 -30.13
CA GLU B 463 -18.11 -7.56 -30.26
C GLU B 463 -17.66 -8.96 -30.69
N SER B 464 -18.01 -9.34 -31.92
CA SER B 464 -17.58 -10.61 -32.48
C SER B 464 -17.14 -10.44 -33.93
N GLY B 465 -16.62 -9.27 -34.27
CA GLY B 465 -16.33 -8.92 -35.65
C GLY B 465 -17.55 -9.01 -36.54
N HIS B 466 -17.29 -9.05 -37.85
CA HIS B 466 -18.34 -9.29 -38.83
C HIS B 466 -17.93 -10.45 -39.72
N GLY B 467 -18.61 -11.59 -39.57
CA GLY B 467 -18.38 -12.75 -40.40
C GLY B 467 -19.65 -13.17 -41.11
N ALA B 468 -19.50 -14.13 -42.02
CA ALA B 468 -20.63 -14.59 -42.82
C ALA B 468 -21.78 -15.12 -41.95
N ASN B 469 -21.47 -15.69 -40.79
CA ASN B 469 -22.53 -16.21 -39.94
C ASN B 469 -23.48 -15.10 -39.51
N HIS B 470 -22.95 -13.90 -39.26
CA HIS B 470 -23.80 -12.76 -38.94
C HIS B 470 -24.77 -12.47 -40.08
N ASP B 471 -24.26 -12.42 -41.30
CA ASP B 471 -25.12 -12.18 -42.46
C ASP B 471 -26.19 -13.25 -42.58
N ALA B 472 -25.80 -14.52 -42.43
CA ALA B 472 -26.78 -15.59 -42.54
C ALA B 472 -27.87 -15.44 -41.48
N LEU B 473 -27.49 -15.03 -40.27
CA LEU B 473 -28.44 -14.94 -39.17
C LEU B 473 -29.21 -13.63 -39.20
N TYR B 474 -28.56 -12.53 -39.59
CA TYR B 474 -29.31 -11.32 -39.89
C TYR B 474 -30.47 -11.64 -40.81
N ARG B 475 -30.16 -12.32 -41.91
CA ARG B 475 -31.20 -12.61 -42.90
C ARG B 475 -32.23 -13.59 -42.37
N TRP B 476 -31.82 -14.53 -41.51
CA TRP B 476 -32.76 -15.48 -40.94
C TRP B 476 -33.83 -14.78 -40.12
N ILE B 477 -33.42 -13.79 -39.31
CA ILE B 477 -34.38 -13.03 -38.52
C ILE B 477 -35.33 -12.26 -39.43
N LYS B 478 -34.78 -11.52 -40.41
CA LYS B 478 -35.63 -10.79 -41.35
C LYS B 478 -36.60 -11.73 -42.03
N SER B 479 -36.18 -12.95 -42.34
CA SER B 479 -37.05 -13.94 -42.95
C SER B 479 -38.17 -14.37 -42.01
N VAL B 480 -37.91 -14.40 -40.71
CA VAL B 480 -38.82 -15.01 -39.75
C VAL B 480 -39.68 -13.96 -39.04
N ASP B 481 -39.08 -12.82 -38.72
CA ASP B 481 -39.77 -11.73 -38.02
C ASP B 481 -39.50 -10.44 -38.76
N PRO B 482 -40.28 -10.14 -39.80
CA PRO B 482 -40.15 -8.85 -40.48
C PRO B 482 -40.56 -7.67 -39.61
N SER B 483 -41.13 -7.91 -38.43
CA SER B 483 -41.68 -6.83 -37.63
C SER B 483 -40.64 -6.06 -36.85
N ARG B 484 -39.39 -6.53 -36.82
CA ARG B 484 -38.39 -5.86 -36.01
C ARG B 484 -37.10 -5.67 -36.81
N PRO B 485 -36.47 -4.50 -36.68
CA PRO B 485 -35.14 -4.34 -37.24
C PRO B 485 -34.13 -5.21 -36.54
N VAL B 486 -33.10 -5.61 -37.29
CA VAL B 486 -31.97 -6.34 -36.76
C VAL B 486 -30.79 -5.39 -36.74
N GLN B 487 -30.09 -5.33 -35.61
CA GLN B 487 -28.90 -4.50 -35.49
C GLN B 487 -27.73 -5.32 -34.98
N TYR B 488 -26.53 -4.85 -35.30
CA TYR B 488 -25.31 -5.50 -34.87
C TYR B 488 -24.16 -4.55 -35.14
N GLU B 489 -23.34 -4.28 -34.12
CA GLU B 489 -22.27 -3.30 -34.26
C GLU B 489 -20.96 -3.93 -34.72
N GLY B 490 -20.75 -5.22 -34.52
CA GLY B 490 -19.48 -5.83 -34.88
C GLY B 490 -19.07 -5.60 -36.31
N GLY B 491 -17.76 -5.40 -36.53
CA GLY B 491 -17.24 -5.20 -37.87
C GLY B 491 -17.33 -3.79 -38.40
N GLY B 492 -17.36 -2.78 -37.53
CA GLY B 492 -17.44 -1.40 -37.96
C GLY B 492 -18.81 -0.76 -37.92
N ALA B 493 -19.80 -1.41 -37.29
CA ALA B 493 -21.08 -0.79 -36.91
C ALA B 493 -22.00 -0.51 -38.10
N ASP B 494 -21.53 -0.69 -39.33
CA ASP B 494 -22.35 -0.42 -40.50
C ASP B 494 -22.28 -1.56 -41.52
N THR B 495 -22.14 -2.80 -41.03
CA THR B 495 -22.04 -3.94 -41.93
C THR B 495 -23.37 -4.17 -42.63
N THR B 496 -23.38 -5.17 -43.50
CA THR B 496 -24.61 -5.60 -44.15
C THR B 496 -25.50 -6.41 -43.23
N ALA B 497 -25.10 -6.60 -41.97
CA ALA B 497 -25.86 -7.40 -41.02
C ALA B 497 -26.59 -6.53 -40.01
N THR B 498 -26.70 -5.22 -40.25
CA THR B 498 -27.39 -4.35 -39.31
C THR B 498 -28.27 -3.35 -40.06
N ASP B 499 -29.52 -3.24 -39.64
CA ASP B 499 -30.42 -2.23 -40.19
C ASP B 499 -30.14 -0.85 -39.61
N ILE B 500 -29.34 -0.77 -38.55
CA ILE B 500 -29.07 0.48 -37.85
C ILE B 500 -27.55 0.64 -37.73
N ILE B 501 -27.05 1.80 -38.13
CA ILE B 501 -25.68 2.16 -37.77
C ILE B 501 -25.65 2.29 -36.25
N CYS B 502 -25.02 1.34 -35.58
CA CYS B 502 -25.08 1.26 -34.11
C CYS B 502 -23.68 1.24 -33.50
N PRO B 503 -22.87 2.26 -33.74
CA PRO B 503 -21.51 2.26 -33.22
C PRO B 503 -21.49 2.27 -31.71
N MET B 504 -20.34 1.91 -31.16
CA MET B 504 -20.09 2.05 -29.73
C MET B 504 -18.98 3.07 -29.53
N TYR B 505 -19.25 4.07 -28.72
CA TYR B 505 -18.27 5.09 -28.30
C TYR B 505 -17.74 5.88 -29.49
N ALA B 506 -18.54 5.97 -30.55
CA ALA B 506 -18.30 6.98 -31.56
C ALA B 506 -18.55 8.35 -30.97
N ARG B 507 -17.64 9.29 -31.25
CA ARG B 507 -17.76 10.61 -30.68
C ARG B 507 -18.60 11.51 -31.57
N VAL B 508 -19.05 12.63 -31.00
CA VAL B 508 -20.01 13.49 -31.70
C VAL B 508 -19.35 14.19 -32.87
N ASP B 509 -18.22 14.87 -32.63
CA ASP B 509 -17.55 15.65 -33.65
C ASP B 509 -16.21 15.09 -34.09
N GLU B 510 -15.52 14.34 -33.23
CA GLU B 510 -14.16 13.90 -33.52
C GLU B 510 -14.15 12.53 -34.19
N ASP B 511 -13.47 12.44 -35.33
CA ASP B 511 -13.27 11.16 -35.99
C ASP B 511 -12.19 10.36 -35.26
N GLN B 512 -12.41 9.05 -35.17
CA GLN B 512 -11.42 8.10 -34.65
C GLN B 512 -11.19 7.08 -35.77
N PRO B 513 -10.37 7.42 -36.77
CA PRO B 513 -10.24 6.57 -37.96
C PRO B 513 -9.31 5.38 -37.75
N PHE B 514 -9.71 4.47 -36.87
CA PHE B 514 -9.05 3.18 -36.79
C PHE B 514 -9.15 2.48 -38.15
N PRO B 515 -8.13 1.71 -38.53
CA PRO B 515 -8.20 0.99 -39.82
C PRO B 515 -9.26 -0.10 -39.76
N ALA B 516 -9.90 -0.33 -40.92
CA ALA B 516 -10.93 -1.35 -41.10
C ALA B 516 -12.21 -1.06 -40.32
N VAL B 517 -12.08 -0.55 -39.09
CA VAL B 517 -13.23 -0.36 -38.20
C VAL B 517 -13.28 1.06 -37.65
N PRO B 518 -13.28 2.09 -38.49
CA PRO B 518 -13.21 3.45 -37.96
C PRO B 518 -14.47 3.79 -37.18
N LYS B 519 -14.28 4.55 -36.10
CA LYS B 519 -15.39 5.16 -35.37
C LYS B 519 -15.50 6.61 -35.85
N TRP B 520 -16.17 6.80 -36.97
CA TRP B 520 -16.41 8.15 -37.46
C TRP B 520 -17.26 8.93 -36.47
N SER B 521 -17.15 10.26 -36.53
CA SER B 521 -18.08 11.09 -35.79
C SER B 521 -19.49 10.81 -36.26
N ILE B 522 -20.43 10.74 -35.32
CA ILE B 522 -21.78 10.30 -35.67
C ILE B 522 -22.44 11.24 -36.67
N LYS B 523 -22.15 12.55 -36.59
CA LYS B 523 -22.68 13.49 -37.58
C LYS B 523 -22.12 13.19 -38.96
N LYS B 524 -20.81 12.98 -39.04
CA LYS B 524 -20.19 12.63 -40.31
C LYS B 524 -20.64 11.27 -40.81
N TRP B 525 -20.84 10.32 -39.90
CA TRP B 525 -21.17 8.95 -40.30
C TRP B 525 -22.45 8.90 -41.13
N LEU B 526 -23.45 9.67 -40.73
CA LEU B 526 -24.72 9.66 -41.46
C LEU B 526 -24.54 10.06 -42.92
N SER B 527 -23.68 11.06 -43.17
CA SER B 527 -23.56 11.67 -44.49
C SER B 527 -22.66 10.89 -45.44
N LEU B 528 -21.98 9.86 -44.97
CA LEU B 528 -21.05 9.12 -45.81
C LEU B 528 -21.75 8.63 -47.08
N PRO B 529 -21.05 8.61 -48.22
CA PRO B 529 -21.71 8.26 -49.49
C PRO B 529 -22.42 6.91 -49.42
N GLY B 530 -23.65 6.89 -49.94
CA GLY B 530 -24.45 5.68 -49.94
C GLY B 530 -25.14 5.37 -48.63
N GLU B 531 -24.75 6.02 -47.53
CA GLU B 531 -25.32 5.73 -46.23
C GLU B 531 -26.70 6.34 -46.10
N THR B 532 -27.69 5.52 -45.73
CA THR B 532 -29.06 5.98 -45.55
C THR B 532 -29.68 5.60 -44.20
N ARG B 533 -29.05 4.71 -43.43
CA ARG B 533 -29.67 4.14 -42.25
C ARG B 533 -29.65 5.12 -41.08
N PRO B 534 -30.53 4.92 -40.09
CA PRO B 534 -30.42 5.70 -38.85
C PRO B 534 -29.20 5.29 -38.05
N LEU B 535 -28.83 6.15 -37.11
CA LEU B 535 -27.68 5.91 -36.24
C LEU B 535 -28.13 5.92 -34.78
N ILE B 536 -28.08 4.77 -34.13
CA ILE B 536 -28.40 4.66 -32.70
C ILE B 536 -27.23 3.95 -32.05
N LEU B 537 -26.46 4.68 -31.25
CA LEU B 537 -25.26 4.11 -30.66
C LEU B 537 -25.62 2.94 -29.75
N CYS B 538 -25.09 1.76 -30.07
CA CYS B 538 -25.32 0.61 -29.20
C CYS B 538 -24.73 0.85 -27.81
N GLN B 539 -23.68 1.64 -27.73
CA GLN B 539 -23.00 1.96 -26.47
C GLN B 539 -22.36 3.33 -26.61
N TYR B 540 -22.53 4.18 -25.60
CA TYR B 540 -21.93 5.51 -25.65
C TYR B 540 -21.90 6.10 -24.25
N ALA B 541 -20.94 6.99 -24.01
CA ALA B 541 -20.71 7.61 -22.71
C ALA B 541 -20.34 6.57 -21.65
N HIS B 542 -19.08 6.15 -21.63
CA HIS B 542 -18.58 5.18 -20.68
C HIS B 542 -18.60 5.77 -19.27
N ALA B 543 -19.56 5.33 -18.45
CA ALA B 543 -19.79 5.91 -17.12
C ALA B 543 -18.93 5.23 -16.05
N MET B 544 -17.62 5.23 -16.28
CA MET B 544 -16.68 4.61 -15.35
C MET B 544 -16.33 5.60 -14.26
N GLY B 545 -16.91 5.40 -13.07
CA GLY B 545 -16.65 6.29 -11.95
C GLY B 545 -17.15 7.69 -12.24
N ASN B 546 -16.28 8.68 -12.06
CA ASN B 546 -16.59 10.07 -12.38
C ASN B 546 -16.46 10.25 -13.89
N SER B 547 -17.60 10.25 -14.58
CA SER B 547 -17.56 10.31 -16.03
C SER B 547 -18.84 10.95 -16.54
N LEU B 548 -19.20 10.67 -17.79
CA LEU B 548 -20.25 11.36 -18.53
C LEU B 548 -19.87 12.81 -18.79
N GLY B 549 -18.57 13.09 -18.93
CA GLY B 549 -18.13 14.39 -19.39
C GLY B 549 -18.32 14.50 -20.89
N GLY B 550 -19.01 15.56 -21.32
CA GLY B 550 -19.39 15.69 -22.71
C GLY B 550 -20.68 15.01 -23.07
N PHE B 551 -21.54 14.72 -22.10
CA PHE B 551 -22.80 14.02 -22.38
C PHE B 551 -23.79 14.93 -23.08
N ALA B 552 -23.82 16.22 -22.71
CA ALA B 552 -24.72 17.15 -23.38
C ALA B 552 -24.40 17.30 -24.86
N LYS B 553 -23.13 17.14 -25.22
CA LYS B 553 -22.74 17.21 -26.63
C LYS B 553 -23.52 16.20 -27.46
N TYR B 554 -23.66 14.96 -26.96
CA TYR B 554 -24.38 13.93 -27.67
C TYR B 554 -25.83 14.32 -27.90
N TRP B 555 -26.49 14.81 -26.86
CA TRP B 555 -27.92 15.05 -26.95
C TRP B 555 -28.26 16.30 -27.75
N GLN B 556 -27.39 17.31 -27.74
CA GLN B 556 -27.52 18.38 -28.72
C GLN B 556 -27.56 17.81 -30.13
N ALA B 557 -26.67 16.86 -30.41
CA ALA B 557 -26.61 16.27 -31.74
C ALA B 557 -27.80 15.36 -32.00
N PHE B 558 -28.26 14.65 -30.96
CA PHE B 558 -29.43 13.80 -31.11
C PHE B 558 -30.65 14.61 -31.51
N ARG B 559 -30.84 15.77 -30.88
CA ARG B 559 -32.00 16.59 -31.14
C ARG B 559 -31.90 17.34 -32.46
N GLN B 560 -30.68 17.73 -32.87
CA GLN B 560 -30.50 18.50 -34.09
C GLN B 560 -30.54 17.62 -35.33
N TYR B 561 -30.10 16.37 -35.22
CA TYR B 561 -30.02 15.50 -36.39
C TYR B 561 -31.14 14.49 -36.36
N PRO B 562 -32.04 14.52 -37.34
CA PRO B 562 -33.12 13.51 -37.37
C PRO B 562 -32.62 12.08 -37.29
N ARG B 563 -31.64 11.71 -38.12
CA ARG B 563 -31.19 10.33 -38.20
C ARG B 563 -30.26 9.95 -37.05
N LEU B 564 -29.82 10.90 -36.24
CA LEU B 564 -29.20 10.60 -34.95
C LEU B 564 -30.34 10.39 -33.96
N GLN B 565 -30.74 9.13 -33.78
CA GLN B 565 -31.90 8.79 -32.97
C GLN B 565 -31.51 8.25 -31.59
N GLY B 566 -30.42 8.76 -31.02
CA GLY B 566 -30.07 8.44 -29.65
C GLY B 566 -29.08 7.30 -29.53
N GLY B 567 -29.09 6.69 -28.35
CA GLY B 567 -28.22 5.56 -28.12
C GLY B 567 -28.42 5.00 -26.73
N PHE B 568 -27.56 4.05 -26.39
CA PHE B 568 -27.65 3.34 -25.12
C PHE B 568 -26.39 3.63 -24.31
N VAL B 569 -26.56 4.32 -23.18
CA VAL B 569 -25.43 4.61 -22.30
C VAL B 569 -24.82 3.32 -21.80
N TRP B 570 -23.49 3.32 -21.63
CA TRP B 570 -22.76 2.23 -21.01
C TRP B 570 -22.25 2.67 -19.64
N ASP B 571 -22.85 2.14 -18.57
CA ASP B 571 -24.04 1.29 -18.63
C ASP B 571 -24.87 1.55 -17.36
N TRP B 572 -25.77 0.64 -17.01
CA TRP B 572 -26.66 0.90 -15.88
C TRP B 572 -25.96 0.76 -14.54
N VAL B 573 -25.43 -0.43 -14.24
CA VAL B 573 -24.97 -0.76 -12.89
C VAL B 573 -23.46 -0.97 -12.85
N ASP B 574 -22.86 -0.57 -11.73
CA ASP B 574 -21.56 -1.09 -11.34
C ASP B 574 -21.67 -2.59 -11.14
N GLN B 575 -20.79 -3.35 -11.81
CA GLN B 575 -20.72 -4.78 -11.53
C GLN B 575 -19.82 -5.05 -10.33
N SER B 576 -20.04 -4.30 -9.26
CA SER B 576 -19.30 -4.54 -8.04
C SER B 576 -19.83 -5.81 -7.36
N LEU B 577 -18.92 -6.59 -6.79
CA LEU B 577 -19.27 -7.59 -5.81
C LEU B 577 -18.83 -7.08 -4.46
N ILE B 578 -19.40 -7.66 -3.40
CA ILE B 578 -19.07 -7.24 -2.04
C ILE B 578 -18.41 -8.39 -1.31
N LYS B 579 -17.29 -8.12 -0.67
CA LYS B 579 -16.61 -9.03 0.23
C LYS B 579 -16.72 -8.48 1.64
N TYR B 580 -16.33 -9.29 2.61
CA TYR B 580 -16.40 -8.93 4.02
C TYR B 580 -14.98 -8.86 4.59
N ASP B 581 -14.77 -7.89 5.48
CA ASP B 581 -13.44 -7.62 6.02
C ASP B 581 -13.24 -8.42 7.31
N GLU B 582 -12.26 -8.01 8.13
CA GLU B 582 -11.97 -8.72 9.37
C GLU B 582 -13.19 -8.78 10.28
N ASN B 583 -13.93 -7.68 10.37
CA ASN B 583 -15.07 -7.56 11.28
C ASN B 583 -16.40 -7.95 10.62
N GLY B 584 -16.37 -8.48 9.40
CA GLY B 584 -17.60 -8.74 8.69
C GLY B 584 -18.27 -7.52 8.09
N ASN B 585 -17.54 -6.42 7.94
CA ASN B 585 -18.11 -5.24 7.29
C ASN B 585 -18.03 -5.40 5.78
N PRO B 586 -19.13 -5.22 5.06
CA PRO B 586 -19.10 -5.38 3.60
C PRO B 586 -18.42 -4.21 2.91
N TRP B 587 -17.72 -4.52 1.82
CA TRP B 587 -17.07 -3.52 0.99
C TRP B 587 -17.14 -3.98 -0.46
N SER B 588 -17.15 -3.01 -1.38
CA SER B 588 -17.37 -3.31 -2.80
C SER B 588 -16.07 -3.74 -3.45
N ALA B 589 -16.08 -4.92 -4.06
CA ALA B 589 -14.91 -5.51 -4.69
C ALA B 589 -15.04 -5.43 -6.20
N TYR B 590 -13.89 -5.38 -6.87
CA TYR B 590 -13.86 -5.41 -8.33
C TYR B 590 -12.80 -6.41 -8.78
N GLY B 591 -12.37 -6.29 -10.03
CA GLY B 591 -11.44 -7.24 -10.63
C GLY B 591 -10.21 -7.51 -9.80
N GLY B 592 -9.87 -8.80 -9.65
CA GLY B 592 -8.72 -9.22 -8.91
C GLY B 592 -8.94 -9.38 -7.42
N ASP B 593 -10.02 -8.80 -6.88
CA ASP B 593 -10.24 -8.87 -5.44
C ASP B 593 -10.62 -10.27 -4.96
N PHE B 594 -10.83 -11.22 -5.87
CA PHE B 594 -11.09 -12.60 -5.49
C PHE B 594 -9.93 -13.52 -5.83
N GLY B 595 -8.72 -12.97 -5.92
CA GLY B 595 -7.58 -13.72 -6.42
C GLY B 595 -7.64 -14.02 -7.91
N ASP B 596 -8.67 -13.53 -8.60
CA ASP B 596 -8.81 -13.82 -10.02
C ASP B 596 -7.75 -13.08 -10.83
N THR B 597 -6.99 -13.85 -11.61
CA THR B 597 -5.91 -13.32 -12.44
C THR B 597 -5.81 -14.18 -13.68
N PRO B 598 -5.64 -13.58 -14.87
CA PRO B 598 -5.64 -12.13 -15.12
C PRO B 598 -7.02 -11.50 -14.95
N ASN B 599 -7.05 -10.22 -14.59
CA ASN B 599 -8.30 -9.49 -14.42
C ASN B 599 -8.13 -8.06 -14.94
N ASP B 600 -9.25 -7.37 -15.06
CA ASP B 600 -9.28 -6.01 -15.61
C ASP B 600 -9.84 -5.02 -14.60
N ARG B 601 -9.42 -5.18 -13.34
CA ARG B 601 -9.68 -4.29 -12.22
C ARG B 601 -11.05 -3.61 -12.27
N GLN B 602 -11.07 -2.28 -12.20
CA GLN B 602 -12.34 -1.60 -11.97
C GLN B 602 -13.13 -1.37 -13.25
N PHE B 603 -12.67 -1.86 -14.40
CA PHE B 603 -13.46 -1.75 -15.61
C PHE B 603 -14.79 -2.50 -15.50
N CYS B 604 -14.95 -3.30 -14.45
CA CYS B 604 -16.24 -3.91 -14.16
C CYS B 604 -17.26 -2.89 -13.63
N MET B 605 -16.84 -1.66 -13.32
CA MET B 605 -17.73 -0.65 -12.74
C MET B 605 -17.87 0.48 -13.76
N ASN B 606 -18.97 0.46 -14.52
CA ASN B 606 -19.23 1.49 -15.53
C ASN B 606 -20.66 2.01 -15.43
N GLY B 607 -21.32 1.80 -14.30
CA GLY B 607 -22.73 2.08 -14.21
C GLY B 607 -23.04 3.50 -13.81
N LEU B 608 -24.26 3.92 -14.12
CA LEU B 608 -24.77 5.18 -13.59
C LEU B 608 -25.21 5.05 -12.14
N VAL B 609 -25.41 3.83 -11.66
CA VAL B 609 -25.81 3.59 -10.28
C VAL B 609 -24.89 2.53 -9.69
N PHE B 610 -24.59 2.68 -8.40
CA PHE B 610 -23.79 1.68 -7.71
C PHE B 610 -24.52 0.34 -7.72
N ALA B 611 -23.83 -0.69 -7.25
CA ALA B 611 -24.41 -2.02 -7.27
C ALA B 611 -25.60 -2.13 -6.31
N ASP B 612 -25.60 -1.35 -5.22
CA ASP B 612 -26.77 -1.28 -4.36
C ASP B 612 -27.92 -0.50 -4.99
N ARG B 613 -27.70 0.04 -6.20
CA ARG B 613 -28.64 0.84 -7.02
C ARG B 613 -28.75 2.29 -6.55
N THR B 614 -27.90 2.74 -5.64
CA THR B 614 -27.83 4.17 -5.36
C THR B 614 -27.14 4.87 -6.53
N PRO B 615 -27.57 6.08 -6.87
CA PRO B 615 -27.08 6.70 -8.11
C PRO B 615 -25.70 7.32 -7.96
N HIS B 616 -24.94 7.25 -9.06
CA HIS B 616 -23.80 8.12 -9.25
C HIS B 616 -24.30 9.54 -9.52
N PRO B 617 -23.45 10.55 -9.35
CA PRO B 617 -23.88 11.91 -9.70
C PRO B 617 -24.22 12.06 -11.18
N ALA B 618 -23.59 11.28 -12.05
CA ALA B 618 -23.83 11.40 -13.49
C ALA B 618 -25.26 11.05 -13.88
N LEU B 619 -26.00 10.36 -13.01
CA LEU B 619 -27.36 9.96 -13.37
C LEU B 619 -28.26 11.16 -13.59
N THR B 620 -28.13 12.19 -12.74
CA THR B 620 -28.94 13.39 -12.93
C THR B 620 -28.59 14.09 -14.24
N GLU B 621 -27.33 14.03 -14.66
CA GLU B 621 -26.95 14.63 -15.94
C GLU B 621 -27.66 13.95 -17.09
N ALA B 622 -27.73 12.61 -17.03
CA ALA B 622 -28.52 11.87 -18.01
C ALA B 622 -30.00 12.24 -17.91
N LYS B 623 -30.53 12.28 -16.69
CA LYS B 623 -31.93 12.65 -16.50
C LYS B 623 -32.23 14.03 -17.10
N HIS B 624 -31.30 14.97 -16.94
CA HIS B 624 -31.53 16.33 -17.43
C HIS B 624 -31.44 16.38 -18.96
N GLN B 625 -30.41 15.75 -19.54
CA GLN B 625 -30.21 15.83 -20.98
C GLN B 625 -31.26 15.03 -21.75
N GLN B 626 -31.78 13.95 -21.16
CA GLN B 626 -32.76 13.11 -21.82
C GLN B 626 -34.19 13.49 -21.48
N GLN B 627 -34.41 14.64 -20.84
CA GLN B 627 -35.75 15.01 -20.43
C GLN B 627 -36.65 15.27 -21.64
N PHE B 628 -37.93 15.00 -21.47
CA PHE B 628 -38.88 15.04 -22.57
C PHE B 628 -39.44 16.44 -22.83
N PHE B 629 -39.06 17.43 -22.02
CA PHE B 629 -39.54 18.79 -22.17
C PHE B 629 -38.35 19.72 -22.39
N GLN B 630 -38.34 20.42 -23.52
CA GLN B 630 -37.30 21.38 -23.85
C GLN B 630 -37.85 22.79 -23.72
N PHE B 631 -37.02 23.70 -23.20
CA PHE B 631 -37.46 25.04 -22.85
C PHE B 631 -36.61 26.09 -23.54
N ARG B 632 -37.28 27.13 -24.03
CA ARG B 632 -36.63 28.36 -24.46
C ARG B 632 -37.31 29.52 -23.74
N LEU B 633 -36.61 30.65 -23.65
CA LEU B 633 -37.11 31.81 -22.93
C LEU B 633 -36.88 33.07 -23.75
N SER B 634 -37.96 33.81 -24.00
CA SER B 634 -37.91 35.09 -24.70
C SER B 634 -38.50 36.14 -23.77
N GLY B 635 -37.64 36.92 -23.12
CA GLY B 635 -38.10 37.95 -22.21
C GLY B 635 -38.82 37.42 -21.00
N GLN B 636 -40.15 37.37 -21.07
CA GLN B 636 -40.98 36.96 -19.95
C GLN B 636 -41.78 35.68 -20.23
N THR B 637 -41.76 35.19 -21.46
CA THR B 637 -42.53 34.03 -21.88
C THR B 637 -41.57 32.86 -22.12
N ILE B 638 -41.95 31.67 -21.64
CA ILE B 638 -41.16 30.46 -21.86
C ILE B 638 -41.87 29.59 -22.88
N GLU B 639 -41.11 29.14 -23.89
CA GLU B 639 -41.60 28.19 -24.89
C GLU B 639 -41.28 26.78 -24.38
N VAL B 640 -42.32 26.03 -24.03
CA VAL B 640 -42.15 24.67 -23.55
C VAL B 640 -42.47 23.73 -24.70
N THR B 641 -41.52 22.85 -25.02
CA THR B 641 -41.64 21.89 -26.11
C THR B 641 -41.71 20.49 -25.54
N SER B 642 -42.68 19.70 -26.00
CA SER B 642 -42.83 18.32 -25.59
C SER B 642 -42.17 17.42 -26.63
N GLU B 643 -41.17 16.66 -26.21
CA GLU B 643 -40.54 15.67 -27.08
C GLU B 643 -41.25 14.33 -27.03
N TYR B 644 -42.37 14.23 -26.32
CA TYR B 644 -43.17 13.03 -26.35
C TYR B 644 -43.77 12.83 -27.73
N LEU B 645 -44.10 11.58 -28.04
CA LEU B 645 -44.63 11.26 -29.36
C LEU B 645 -46.08 10.83 -29.36
N PHE B 646 -46.62 10.43 -28.20
CA PHE B 646 -47.97 9.91 -28.14
C PHE B 646 -48.84 10.48 -27.03
N ARG B 647 -48.27 11.07 -25.98
CA ARG B 647 -49.03 11.52 -24.83
C ARG B 647 -49.06 13.05 -24.76
N HIS B 648 -50.23 13.58 -24.44
CA HIS B 648 -50.31 14.93 -23.92
C HIS B 648 -49.75 14.95 -22.50
N SER B 649 -49.45 16.15 -22.02
CA SER B 649 -48.91 16.29 -20.66
C SER B 649 -50.02 16.16 -19.61
N ASP B 650 -50.65 14.98 -19.61
CA ASP B 650 -51.85 14.70 -18.81
C ASP B 650 -51.58 14.69 -17.31
N ASN B 651 -50.32 14.72 -16.89
CA ASN B 651 -49.97 14.62 -15.48
C ASN B 651 -48.71 15.44 -15.23
N GLU B 652 -48.75 16.71 -15.61
CA GLU B 652 -47.58 17.57 -15.48
C GLU B 652 -48.02 19.00 -15.25
N LEU B 653 -47.37 19.67 -14.30
CA LEU B 653 -47.46 21.11 -14.11
C LEU B 653 -46.04 21.67 -14.17
N LEU B 654 -45.93 22.96 -14.48
CA LEU B 654 -44.66 23.65 -14.44
C LEU B 654 -44.63 24.53 -13.19
N HIS B 655 -43.70 24.23 -12.28
CA HIS B 655 -43.38 25.12 -11.18
C HIS B 655 -42.25 26.04 -11.63
N TRP B 656 -42.37 27.33 -11.34
CA TRP B 656 -41.35 28.30 -11.71
C TRP B 656 -40.97 29.14 -10.50
N MET B 657 -39.70 29.51 -10.44
CA MET B 657 -39.18 30.30 -9.34
C MET B 657 -38.11 31.24 -9.88
N VAL B 658 -38.03 32.43 -9.28
CA VAL B 658 -37.01 33.41 -9.60
C VAL B 658 -36.34 33.83 -8.30
N ALA B 659 -35.00 33.82 -8.29
CA ALA B 659 -34.26 34.01 -7.06
C ALA B 659 -33.09 34.97 -7.28
N LEU B 660 -32.76 35.72 -6.22
CA LEU B 660 -31.68 36.71 -6.22
C LEU B 660 -30.54 36.13 -5.38
N ASP B 661 -29.56 35.52 -6.05
CA ASP B 661 -28.41 34.92 -5.38
C ASP B 661 -28.85 33.99 -4.25
N GLY B 662 -29.87 33.18 -4.52
CA GLY B 662 -30.33 32.20 -3.56
C GLY B 662 -31.69 32.50 -2.94
N LYS B 663 -31.92 33.76 -2.58
CA LYS B 663 -33.17 34.12 -1.93
C LYS B 663 -34.33 34.09 -2.91
N PRO B 664 -35.43 33.41 -2.60
CA PRO B 664 -36.58 33.39 -3.52
C PRO B 664 -37.39 34.68 -3.45
N LEU B 665 -37.84 35.13 -4.62
CA LEU B 665 -38.64 36.34 -4.77
C LEU B 665 -40.05 36.07 -5.26
N ALA B 666 -40.22 35.12 -6.18
CA ALA B 666 -41.53 34.82 -6.73
C ALA B 666 -41.57 33.36 -7.14
N SER B 667 -42.64 32.67 -6.73
CA SER B 667 -42.93 31.30 -7.13
C SER B 667 -44.15 31.30 -8.05
N GLY B 668 -44.65 30.13 -8.35
CA GLY B 668 -45.79 30.01 -9.23
C GLY B 668 -45.88 28.63 -9.84
N GLU B 669 -47.08 28.29 -10.30
CA GLU B 669 -47.33 26.95 -10.86
C GLU B 669 -48.46 27.05 -11.87
N VAL B 670 -48.13 26.94 -13.15
CA VAL B 670 -49.09 26.97 -14.24
C VAL B 670 -49.25 25.55 -14.77
N PRO B 671 -50.47 25.12 -15.13
CA PRO B 671 -50.64 23.76 -15.68
C PRO B 671 -49.90 23.59 -16.99
N LEU B 672 -49.80 22.33 -17.41
CA LEU B 672 -49.15 21.96 -18.67
C LEU B 672 -50.14 21.18 -19.52
N ASP B 673 -50.43 21.69 -20.72
CA ASP B 673 -51.31 21.04 -21.69
C ASP B 673 -50.65 21.08 -23.07
N VAL B 674 -49.48 20.46 -23.16
CA VAL B 674 -48.72 20.38 -24.40
C VAL B 674 -49.03 19.06 -25.08
N ALA B 675 -49.36 19.12 -26.36
CA ALA B 675 -49.59 17.94 -27.16
C ALA B 675 -48.26 17.25 -27.46
N PRO B 676 -48.29 16.01 -27.92
CA PRO B 676 -47.05 15.37 -28.38
C PRO B 676 -46.43 16.16 -29.54
N GLN B 677 -45.13 16.41 -29.44
CA GLN B 677 -44.36 17.21 -30.39
C GLN B 677 -44.80 18.66 -30.45
N GLY B 678 -45.73 19.07 -29.58
CA GLY B 678 -46.32 20.39 -29.65
C GLY B 678 -45.57 21.42 -28.83
N LYS B 679 -46.14 22.62 -28.79
CA LYS B 679 -45.59 23.75 -28.08
C LYS B 679 -46.64 24.32 -27.14
N GLN B 680 -46.19 25.16 -26.21
CA GLN B 680 -47.07 25.79 -25.23
C GLN B 680 -46.33 26.95 -24.59
N LEU B 681 -46.92 28.15 -24.66
CA LEU B 681 -46.25 29.38 -24.24
C LEU B 681 -46.85 29.86 -22.92
N ILE B 682 -45.99 30.19 -21.97
CA ILE B 682 -46.42 30.58 -20.64
C ILE B 682 -45.87 31.98 -20.36
N GLU B 683 -46.76 32.95 -20.27
CA GLU B 683 -46.35 34.30 -19.91
C GLU B 683 -46.05 34.36 -18.41
N LEU B 684 -44.86 34.83 -18.08
CA LEU B 684 -44.68 34.95 -16.64
C LEU B 684 -45.22 36.29 -16.16
N PRO B 685 -45.83 36.32 -14.98
CA PRO B 685 -46.28 37.60 -14.41
C PRO B 685 -45.11 38.56 -14.23
N GLU B 686 -45.44 39.83 -14.02
CA GLU B 686 -44.44 40.88 -13.85
C GLU B 686 -43.43 40.49 -12.78
N LEU B 687 -42.34 39.86 -13.20
CA LEU B 687 -41.34 39.39 -12.24
C LEU B 687 -40.68 40.58 -11.55
N PRO B 688 -40.47 40.50 -10.25
CA PRO B 688 -39.88 41.64 -9.52
C PRO B 688 -38.43 41.86 -9.92
N GLN B 689 -38.04 43.14 -10.02
CA GLN B 689 -36.70 43.54 -10.40
C GLN B 689 -36.16 44.48 -9.33
N PRO B 690 -35.63 43.95 -8.23
CA PRO B 690 -35.11 44.81 -7.18
C PRO B 690 -33.75 45.40 -7.54
N GLU B 691 -33.39 46.47 -6.84
CA GLU B 691 -32.16 47.20 -7.10
C GLU B 691 -30.94 46.58 -6.42
N SER B 692 -31.12 45.59 -5.56
CA SER B 692 -29.98 44.95 -4.91
C SER B 692 -29.08 44.27 -5.94
N ALA B 693 -27.79 44.24 -5.63
CA ALA B 693 -26.82 43.67 -6.54
C ALA B 693 -26.92 42.14 -6.57
N GLY B 694 -26.35 41.54 -7.60
CA GLY B 694 -26.32 40.11 -7.79
C GLY B 694 -26.93 39.71 -9.12
N GLN B 695 -27.05 38.40 -9.31
CA GLN B 695 -27.61 37.83 -10.53
C GLN B 695 -29.01 37.29 -10.24
N LEU B 696 -29.94 37.56 -11.15
CA LEU B 696 -31.29 37.04 -11.06
C LEU B 696 -31.39 35.77 -11.89
N TRP B 697 -31.96 34.72 -11.30
CA TRP B 697 -32.02 33.42 -11.94
C TRP B 697 -33.46 32.95 -12.02
N LEU B 698 -33.86 32.48 -13.20
CA LEU B 698 -35.15 31.84 -13.41
C LEU B 698 -34.95 30.33 -13.40
N THR B 699 -35.84 29.62 -12.71
CA THR B 699 -35.77 28.17 -12.59
C THR B 699 -37.16 27.61 -12.81
N VAL B 700 -37.35 26.80 -13.84
CA VAL B 700 -38.61 26.12 -14.07
C VAL B 700 -38.40 24.62 -13.85
N ARG B 701 -39.41 23.97 -13.30
CA ARG B 701 -39.42 22.53 -13.13
C ARG B 701 -40.75 21.99 -13.64
N VAL B 702 -40.71 20.75 -14.15
CA VAL B 702 -41.92 20.01 -14.48
C VAL B 702 -42.17 19.01 -13.37
N VAL B 703 -43.32 19.12 -12.73
CA VAL B 703 -43.69 18.28 -11.59
C VAL B 703 -44.96 17.50 -11.95
N GLN B 704 -44.95 16.20 -11.68
CA GLN B 704 -46.11 15.36 -11.95
C GLN B 704 -46.92 15.19 -10.69
N PRO B 705 -48.10 15.80 -10.58
CA PRO B 705 -48.83 15.77 -9.29
C PRO B 705 -49.24 14.39 -8.85
N ASN B 706 -49.55 13.49 -9.78
CA ASN B 706 -50.09 12.18 -9.43
C ASN B 706 -49.03 11.09 -9.56
N ALA B 707 -49.18 10.06 -8.74
CA ALA B 707 -48.25 8.93 -8.79
C ALA B 707 -48.45 8.13 -10.07
N THR B 708 -47.35 7.58 -10.57
CA THR B 708 -47.38 6.64 -11.68
C THR B 708 -47.24 5.23 -11.13
N ALA B 709 -47.10 4.26 -12.04
CA ALA B 709 -46.57 2.97 -11.64
C ALA B 709 -45.07 3.02 -11.43
N TRP B 710 -44.43 4.14 -11.77
CA TRP B 710 -42.98 4.23 -11.77
C TRP B 710 -42.44 5.45 -11.04
N SER B 711 -43.29 6.33 -10.53
CA SER B 711 -42.83 7.47 -9.77
C SER B 711 -43.82 7.76 -8.66
N GLU B 712 -43.36 8.49 -7.66
CA GLU B 712 -44.26 8.96 -6.61
C GLU B 712 -44.82 10.33 -6.99
N ALA B 713 -45.82 10.78 -6.22
CA ALA B 713 -46.39 12.08 -6.46
C ALA B 713 -45.36 13.18 -6.18
N GLY B 714 -45.36 14.20 -7.02
CA GLY B 714 -44.41 15.29 -6.92
C GLY B 714 -43.13 15.08 -7.69
N HIS B 715 -43.04 14.02 -8.50
CA HIS B 715 -41.80 13.70 -9.18
C HIS B 715 -41.40 14.79 -10.15
N ILE B 716 -40.10 15.07 -10.22
CA ILE B 716 -39.56 16.04 -11.16
C ILE B 716 -39.17 15.32 -12.43
N SER B 717 -39.67 15.80 -13.57
CA SER B 717 -39.35 15.23 -14.87
C SER B 717 -38.33 16.03 -15.65
N ALA B 718 -38.33 17.35 -15.51
CA ALA B 718 -37.43 18.20 -16.27
C ALA B 718 -37.24 19.52 -15.53
N TRP B 719 -36.20 20.24 -15.92
CA TRP B 719 -35.92 21.56 -15.36
C TRP B 719 -34.96 22.29 -16.29
N GLN B 720 -34.78 23.58 -16.01
CA GLN B 720 -33.93 24.46 -16.80
C GLN B 720 -33.82 25.79 -16.07
N GLN B 721 -32.67 26.45 -16.26
CA GLN B 721 -32.41 27.72 -15.62
C GLN B 721 -31.89 28.73 -16.63
N TRP B 722 -32.15 30.01 -16.35
CA TRP B 722 -31.66 31.11 -17.17
C TRP B 722 -31.17 32.22 -16.25
N ARG B 723 -30.06 32.84 -16.65
CA ARG B 723 -29.63 34.08 -16.04
C ARG B 723 -30.49 35.22 -16.58
N LEU B 724 -31.27 35.87 -15.70
CA LEU B 724 -32.08 37.01 -16.10
C LEU B 724 -31.26 38.29 -16.01
N ALA B 725 -31.70 39.23 -15.17
CA ALA B 725 -30.96 40.46 -15.00
C ALA B 725 -29.82 40.26 -14.00
N GLU B 726 -28.82 41.15 -14.10
CA GLU B 726 -27.79 41.23 -13.07
C GLU B 726 -27.44 42.69 -12.85
N ASN B 727 -27.37 43.08 -11.58
CA ASN B 727 -26.93 44.39 -11.17
C ASN B 727 -25.59 44.25 -10.45
N LEU B 728 -24.60 45.00 -10.91
CA LEU B 728 -23.26 44.94 -10.34
C LEU B 728 -23.06 46.11 -9.39
N SER B 729 -22.79 45.79 -8.12
CA SER B 729 -22.43 46.78 -7.10
C SER B 729 -23.44 47.93 -6.99
N ILE B 739 -6.53 49.90 10.45
CA ILE B 739 -5.46 49.45 9.56
C ILE B 739 -4.64 48.36 10.25
N PRO B 740 -4.53 47.20 9.61
CA PRO B 740 -3.78 46.10 10.22
C PRO B 740 -2.28 46.38 10.22
N HIS B 741 -1.62 45.96 11.29
CA HIS B 741 -0.17 46.10 11.41
C HIS B 741 0.52 44.84 10.90
N LEU B 742 1.63 45.03 10.21
CA LEU B 742 2.45 43.92 9.75
C LEU B 742 3.75 43.87 10.53
N THR B 743 4.26 42.65 10.73
CA THR B 743 5.41 42.39 11.56
C THR B 743 6.41 41.57 10.76
N THR B 744 7.64 42.07 10.65
CA THR B 744 8.62 41.52 9.72
C THR B 744 9.68 40.75 10.48
N SER B 745 9.59 39.43 10.46
CA SER B 745 10.73 38.58 10.80
C SER B 745 11.80 38.78 9.74
N GLU B 746 12.75 37.86 9.67
CA GLU B 746 13.54 37.73 8.46
C GLU B 746 13.14 36.48 7.69
N MET B 747 12.41 35.56 8.34
CA MET B 747 11.91 34.36 7.71
C MET B 747 10.39 34.34 7.54
N ASP B 748 9.66 35.23 8.21
CA ASP B 748 8.21 35.23 8.17
C ASP B 748 7.67 36.66 8.15
N PHE B 749 6.55 36.85 7.48
CA PHE B 749 5.82 38.12 7.51
C PHE B 749 4.47 37.86 8.18
N CYS B 750 4.29 38.40 9.38
CA CYS B 750 3.07 38.21 10.15
C CYS B 750 2.29 39.51 10.24
N ILE B 751 0.96 39.41 10.14
CA ILE B 751 0.07 40.56 10.19
C ILE B 751 -1.05 40.28 11.17
N GLU B 752 -1.56 41.34 11.81
CA GLU B 752 -2.54 41.20 12.87
C GLU B 752 -3.62 42.27 12.74
N LEU B 753 -4.83 41.91 13.19
CA LEU B 753 -5.96 42.83 13.18
C LEU B 753 -7.03 42.27 14.11
N GLY B 754 -7.11 42.83 15.32
CA GLY B 754 -8.05 42.30 16.30
C GLY B 754 -7.59 40.96 16.81
N ASN B 755 -8.50 39.99 16.86
CA ASN B 755 -8.13 38.63 17.21
C ASN B 755 -7.52 37.87 16.04
N LYS B 756 -7.68 38.38 14.82
CA LYS B 756 -7.26 37.68 13.62
C LYS B 756 -5.81 37.99 13.28
N ARG B 757 -5.06 36.96 12.92
CA ARG B 757 -3.65 37.09 12.59
C ARG B 757 -3.30 36.12 11.48
N TRP B 758 -2.53 36.59 10.51
CA TRP B 758 -2.11 35.81 9.34
C TRP B 758 -0.58 35.68 9.37
N GLN B 759 -0.07 34.55 8.88
CA GLN B 759 1.36 34.27 8.96
C GLN B 759 1.85 33.71 7.63
N PHE B 760 2.73 34.45 6.95
CA PHE B 760 3.35 34.01 5.71
C PHE B 760 4.82 33.69 5.98
N ASN B 761 5.26 32.54 5.50
CA ASN B 761 6.64 32.10 5.67
C ASN B 761 7.45 32.54 4.46
N ARG B 762 8.43 33.42 4.68
CA ARG B 762 9.23 33.98 3.58
C ARG B 762 10.24 33.00 3.00
N GLN B 763 10.42 31.82 3.60
CA GLN B 763 11.26 30.79 3.00
C GLN B 763 10.45 29.83 2.13
N SER B 764 9.21 29.55 2.52
CA SER B 764 8.28 28.79 1.69
C SER B 764 7.54 29.71 0.72
N GLY B 765 7.06 30.86 1.20
CA GLY B 765 6.32 31.80 0.39
C GLY B 765 4.83 31.62 0.43
N PHE B 766 4.33 30.70 1.24
CA PHE B 766 2.90 30.47 1.35
C PHE B 766 2.39 30.98 2.69
N LEU B 767 1.11 31.29 2.72
CA LEU B 767 0.46 31.62 3.97
C LEU B 767 0.36 30.35 4.81
N SER B 768 1.20 30.27 5.84
CA SER B 768 1.38 29.03 6.60
C SER B 768 0.40 28.87 7.75
N GLN B 769 -0.22 29.96 8.18
CA GLN B 769 -0.95 29.94 9.44
C GLN B 769 -1.78 31.21 9.57
N MET B 770 -3.01 31.05 10.05
CA MET B 770 -3.82 32.17 10.48
C MET B 770 -4.57 31.80 11.75
N TRP B 771 -4.83 32.79 12.58
CA TRP B 771 -5.40 32.61 13.90
C TRP B 771 -6.73 33.36 14.02
N ILE B 772 -7.53 32.91 14.99
CA ILE B 772 -8.72 33.63 15.44
C ILE B 772 -8.86 33.36 16.93
N GLY B 773 -8.56 34.36 17.76
CA GLY B 773 -8.37 34.07 19.16
C GLY B 773 -7.13 33.21 19.35
N ASP B 774 -7.17 32.34 20.36
CA ASP B 774 -6.12 31.35 20.58
C ASP B 774 -6.38 30.05 19.81
N LYS B 775 -7.06 30.12 18.67
CA LYS B 775 -7.52 28.95 17.94
C LYS B 775 -6.87 28.94 16.55
N LYS B 776 -5.91 28.04 16.36
CA LYS B 776 -5.28 27.85 15.06
C LYS B 776 -6.30 27.32 14.06
N GLN B 777 -6.09 27.65 12.78
CA GLN B 777 -7.08 27.38 11.74
C GLN B 777 -6.60 26.52 10.58
N LEU B 778 -5.30 26.34 10.38
CA LEU B 778 -4.79 25.58 9.25
C LEU B 778 -3.90 24.44 9.74
N LEU B 779 -3.89 23.35 8.97
CA LEU B 779 -3.01 22.21 9.23
C LEU B 779 -1.96 22.00 8.15
N THR B 780 -2.12 22.62 6.98
CA THR B 780 -1.13 22.64 5.91
C THR B 780 -1.15 24.04 5.33
N PRO B 781 -0.01 24.55 4.87
CA PRO B 781 -0.01 25.87 4.23
C PRO B 781 -0.89 25.89 2.98
N LEU B 782 -1.59 27.00 2.77
CA LEU B 782 -2.38 27.18 1.57
C LEU B 782 -1.45 27.37 0.38
N ARG B 783 -1.37 26.36 -0.47
CA ARG B 783 -0.44 26.37 -1.59
C ARG B 783 -1.19 26.04 -2.87
N ASP B 784 -0.48 26.10 -3.99
CA ASP B 784 -1.04 25.83 -5.31
C ASP B 784 -1.56 24.40 -5.41
N GLN B 785 -2.17 24.08 -6.55
CA GLN B 785 -2.39 22.69 -6.93
C GLN B 785 -2.66 22.66 -8.42
N PHE B 786 -1.86 21.87 -9.14
CA PHE B 786 -2.02 21.72 -10.58
C PHE B 786 -2.36 20.28 -10.96
N THR B 787 -2.70 19.45 -9.98
CA THR B 787 -2.95 18.04 -10.20
C THR B 787 -4.26 17.65 -9.51
N ARG B 788 -4.80 16.52 -9.93
CA ARG B 788 -5.93 15.92 -9.25
C ARG B 788 -5.67 14.43 -9.06
N ALA B 789 -6.31 13.85 -8.05
CA ALA B 789 -6.29 12.39 -7.89
C ALA B 789 -6.92 11.78 -9.13
N PRO B 790 -6.15 11.06 -9.95
CA PRO B 790 -6.63 10.68 -11.27
C PRO B 790 -7.83 9.76 -11.17
N LEU B 791 -8.88 10.08 -11.93
CA LEU B 791 -10.05 9.24 -12.00
C LEU B 791 -9.94 8.33 -13.24
N ASP B 792 -10.94 7.46 -13.38
CA ASP B 792 -10.80 6.28 -14.23
C ASP B 792 -10.45 6.63 -15.69
N ASN B 793 -10.95 7.75 -16.22
CA ASN B 793 -10.62 8.11 -17.60
C ASN B 793 -9.26 8.78 -17.71
N ASP B 794 -8.83 9.50 -16.68
CA ASP B 794 -7.45 9.98 -16.63
C ASP B 794 -6.46 8.83 -16.74
N ILE B 795 -6.78 7.70 -16.11
CA ILE B 795 -5.85 6.58 -16.10
C ILE B 795 -6.01 5.70 -17.34
N GLY B 796 -7.25 5.46 -17.76
CA GLY B 796 -7.44 4.63 -18.94
C GLY B 796 -7.17 3.18 -18.63
N VAL B 797 -6.47 2.52 -19.55
CA VAL B 797 -6.12 1.10 -19.40
C VAL B 797 -4.74 0.91 -18.80
N SER B 798 -4.12 1.98 -18.30
CA SER B 798 -2.71 1.98 -17.95
C SER B 798 -2.52 1.58 -16.50
N GLU B 799 -1.82 0.46 -16.27
CA GLU B 799 -1.47 -0.01 -14.93
C GLU B 799 0.05 -0.15 -14.82
N ALA B 800 0.52 -0.54 -13.63
CA ALA B 800 1.97 -0.71 -13.42
C ALA B 800 2.58 -1.71 -14.40
N THR B 801 1.81 -2.70 -14.84
CA THR B 801 2.26 -3.64 -15.86
C THR B 801 2.58 -2.91 -17.17
N ARG B 802 1.60 -2.84 -18.08
CA ARG B 802 1.75 -2.13 -19.34
C ARG B 802 1.18 -0.72 -19.18
N ILE B 803 2.04 0.29 -19.29
CA ILE B 803 1.61 1.68 -19.16
C ILE B 803 1.32 2.24 -20.55
N ASP B 804 0.22 2.98 -20.65
CA ASP B 804 -0.19 3.64 -21.89
C ASP B 804 0.29 5.08 -21.84
N PRO B 805 1.33 5.45 -22.59
CA PRO B 805 1.87 6.81 -22.48
C PRO B 805 0.90 7.90 -22.87
N ASN B 806 -0.15 7.59 -23.62
CA ASN B 806 -1.09 8.62 -24.05
C ASN B 806 -2.17 8.93 -23.02
N ALA B 807 -2.33 8.08 -22.01
CA ALA B 807 -3.27 8.40 -20.94
C ALA B 807 -2.90 9.72 -20.26
N TRP B 808 -3.93 10.41 -19.75
CA TRP B 808 -3.70 11.71 -19.12
C TRP B 808 -2.80 11.60 -17.90
N VAL B 809 -3.04 10.60 -17.05
CA VAL B 809 -2.23 10.46 -15.84
C VAL B 809 -0.77 10.20 -16.21
N GLU B 810 -0.53 9.51 -17.32
CA GLU B 810 0.84 9.19 -17.72
C GLU B 810 1.53 10.38 -18.37
N ARG B 811 0.79 11.22 -19.09
CA ARG B 811 1.38 12.44 -19.63
C ARG B 811 1.69 13.43 -18.52
N TRP B 812 0.88 13.44 -17.45
CA TRP B 812 1.19 14.29 -16.30
C TRP B 812 2.43 13.79 -15.56
N LYS B 813 2.47 12.49 -15.24
CA LYS B 813 3.60 11.95 -14.50
C LYS B 813 4.89 12.11 -15.28
N ALA B 814 4.88 11.82 -16.59
CA ALA B 814 6.09 11.94 -17.38
C ALA B 814 6.60 13.37 -17.43
N ALA B 815 5.71 14.35 -17.28
CA ALA B 815 6.11 15.75 -17.19
C ALA B 815 6.37 16.19 -15.76
N GLY B 816 6.12 15.32 -14.78
CA GLY B 816 6.43 15.62 -13.40
C GLY B 816 5.43 16.50 -12.69
N HIS B 817 4.18 16.52 -13.14
CA HIS B 817 3.16 17.33 -12.47
C HIS B 817 3.02 16.93 -11.01
N TYR B 818 3.17 15.64 -10.73
CA TYR B 818 2.93 15.15 -9.38
C TYR B 818 4.14 15.29 -8.46
N GLN B 819 5.35 15.23 -8.99
CA GLN B 819 6.56 15.39 -8.19
C GLN B 819 7.15 16.79 -8.29
N ALA B 820 6.41 17.74 -8.87
CA ALA B 820 6.92 19.10 -9.00
C ALA B 820 6.89 19.81 -7.65
N GLU B 821 8.05 20.31 -7.24
CA GLU B 821 8.17 21.05 -5.99
C GLU B 821 8.38 22.53 -6.30
N ALA B 822 7.82 23.38 -5.44
CA ALA B 822 7.89 24.82 -5.67
C ALA B 822 9.28 25.35 -5.40
N ALA B 823 9.70 26.31 -6.24
CA ALA B 823 10.97 27.01 -6.08
C ALA B 823 10.69 28.51 -6.10
N LEU B 824 10.75 29.15 -4.94
CA LEU B 824 10.30 30.52 -4.80
C LEU B 824 11.27 31.50 -5.46
N LEU B 825 10.71 32.56 -6.06
CA LEU B 825 11.49 33.60 -6.71
C LEU B 825 11.25 35.01 -6.17
N GLN B 826 10.09 35.28 -5.56
CA GLN B 826 9.82 36.60 -5.00
C GLN B 826 8.73 36.50 -3.94
N CYS B 827 8.95 37.18 -2.80
CA CYS B 827 7.95 37.26 -1.74
C CYS B 827 8.31 38.42 -0.82
N THR B 828 7.69 39.57 -1.06
CA THR B 828 7.90 40.77 -0.24
C THR B 828 6.57 41.22 0.35
N ALA B 829 6.65 42.17 1.28
CA ALA B 829 5.48 42.80 1.88
C ALA B 829 5.63 44.30 1.78
N ASP B 830 4.50 45.00 1.89
CA ASP B 830 4.52 46.46 1.86
C ASP B 830 3.30 46.99 2.59
N THR B 831 3.50 48.10 3.30
CA THR B 831 2.43 48.73 4.07
C THR B 831 1.72 49.77 3.22
N LEU B 832 0.43 49.55 2.98
CA LEU B 832 -0.42 50.50 2.29
C LEU B 832 -1.37 51.15 3.31
N ALA B 833 -1.87 52.33 2.96
CA ALA B 833 -2.78 53.04 3.86
C ALA B 833 -4.01 52.18 4.19
N ASP B 834 -4.58 51.52 3.18
CA ASP B 834 -5.79 50.75 3.39
C ASP B 834 -5.51 49.37 3.98
N ALA B 835 -4.38 48.76 3.62
CA ALA B 835 -4.15 47.36 3.96
C ALA B 835 -2.66 47.04 3.87
N VAL B 836 -2.33 45.76 4.03
CA VAL B 836 -0.99 45.24 3.78
C VAL B 836 -1.08 44.25 2.64
N LEU B 837 -0.03 44.18 1.83
CA LEU B 837 -0.04 43.36 0.61
C LEU B 837 1.28 42.63 0.49
N ILE B 838 1.22 41.30 0.60
CA ILE B 838 2.36 40.43 0.33
C ILE B 838 2.11 39.76 -1.02
N THR B 839 3.12 39.81 -1.89
CA THR B 839 2.98 39.36 -3.27
C THR B 839 4.00 38.25 -3.54
N THR B 840 3.50 37.09 -3.96
CA THR B 840 4.35 35.92 -4.19
C THR B 840 4.79 35.81 -5.65
N ALA B 841 5.57 34.77 -5.90
CA ALA B 841 5.97 34.32 -7.24
C ALA B 841 6.71 33.00 -7.10
N HIS B 842 6.01 31.89 -7.32
CA HIS B 842 6.60 30.56 -7.25
C HIS B 842 6.76 29.98 -8.65
N ALA B 843 7.78 29.14 -8.82
CA ALA B 843 7.99 28.41 -10.06
C ALA B 843 8.10 26.93 -9.74
N TRP B 844 7.48 26.10 -10.57
CA TRP B 844 7.43 24.66 -10.38
C TRP B 844 8.08 23.98 -11.57
N GLN B 845 9.00 23.05 -11.32
CA GLN B 845 9.66 22.37 -12.42
C GLN B 845 10.18 21.01 -11.97
N HIS B 846 10.74 20.29 -12.92
CA HIS B 846 11.12 18.90 -12.77
C HIS B 846 12.16 18.58 -13.83
N GLN B 847 13.31 18.09 -13.40
CA GLN B 847 14.43 17.77 -14.30
C GLN B 847 14.82 18.98 -15.16
N GLY B 848 14.64 20.18 -14.63
CA GLY B 848 15.06 21.38 -15.32
C GLY B 848 13.93 22.26 -15.84
N LYS B 849 13.15 21.73 -16.79
CA LYS B 849 12.15 22.53 -17.49
C LYS B 849 11.09 23.05 -16.53
N THR B 850 10.91 24.37 -16.50
CA THR B 850 9.96 24.98 -15.58
C THR B 850 8.54 24.85 -16.15
N LEU B 851 7.68 24.19 -15.39
CA LEU B 851 6.32 23.90 -15.83
C LEU B 851 5.37 25.05 -15.50
N PHE B 852 5.38 25.53 -14.26
CA PHE B 852 4.42 26.53 -13.79
C PHE B 852 5.14 27.68 -13.12
N ILE B 853 4.55 28.87 -13.26
CA ILE B 853 4.84 30.03 -12.42
C ILE B 853 3.51 30.56 -11.92
N SER B 854 3.43 30.87 -10.63
CA SER B 854 2.18 31.33 -10.02
C SER B 854 2.44 32.58 -9.18
N ARG B 855 2.25 33.75 -9.79
CA ARG B 855 2.40 35.03 -9.09
C ARG B 855 1.09 35.40 -8.41
N LYS B 856 1.11 35.55 -7.09
CA LYS B 856 -0.07 35.87 -6.33
C LYS B 856 0.12 37.15 -5.53
N THR B 857 -1.00 37.72 -5.09
CA THR B 857 -1.03 38.90 -4.24
C THR B 857 -2.11 38.68 -3.19
N TYR B 858 -1.77 38.88 -1.92
CA TYR B 858 -2.72 38.78 -0.83
C TYR B 858 -2.91 40.16 -0.21
N ARG B 859 -4.16 40.57 -0.03
CA ARG B 859 -4.51 41.89 0.51
C ARG B 859 -5.45 41.70 1.69
N ILE B 860 -4.93 41.89 2.90
CA ILE B 860 -5.72 41.82 4.13
C ILE B 860 -6.05 43.25 4.53
N ASP B 861 -7.31 43.64 4.40
CA ASP B 861 -7.74 44.99 4.69
C ASP B 861 -8.36 45.07 6.08
N GLY B 862 -8.66 46.32 6.50
CA GLY B 862 -9.04 46.57 7.88
C GLY B 862 -10.27 45.82 8.33
N SER B 863 -11.22 45.56 7.43
CA SER B 863 -12.42 44.83 7.80
C SER B 863 -12.16 43.36 8.09
N GLY B 864 -10.95 42.87 7.83
CA GLY B 864 -10.61 41.51 8.14
C GLY B 864 -10.78 40.53 7.00
N GLN B 865 -10.89 41.01 5.77
CA GLN B 865 -11.05 40.14 4.61
C GLN B 865 -9.74 40.09 3.82
N MET B 866 -9.55 39.00 3.09
CA MET B 866 -8.26 38.64 2.53
C MET B 866 -8.40 38.41 1.02
N ALA B 867 -7.83 39.31 0.23
CA ALA B 867 -8.01 39.31 -1.22
C ALA B 867 -6.80 38.68 -1.90
N ILE B 868 -6.94 37.40 -2.27
CA ILE B 868 -5.91 36.66 -2.98
C ILE B 868 -6.25 36.68 -4.47
N THR B 869 -5.30 37.13 -5.29
CA THR B 869 -5.45 37.04 -6.74
C THR B 869 -4.24 36.31 -7.31
N VAL B 870 -4.51 35.26 -8.11
CA VAL B 870 -3.50 34.38 -8.65
C VAL B 870 -3.44 34.57 -10.17
N ASP B 871 -2.23 34.64 -10.70
CA ASP B 871 -2.03 34.70 -12.15
C ASP B 871 -0.87 33.79 -12.51
N VAL B 872 -1.19 32.62 -13.06
CA VAL B 872 -0.25 31.54 -13.29
C VAL B 872 -0.01 31.38 -14.79
N GLU B 873 1.25 31.24 -15.17
CA GLU B 873 1.62 30.85 -16.52
C GLU B 873 1.90 29.35 -16.56
N VAL B 874 1.56 28.74 -17.70
CA VAL B 874 1.73 27.31 -17.91
C VAL B 874 2.42 27.10 -19.25
N ALA B 875 3.52 26.36 -19.24
CA ALA B 875 4.32 26.17 -20.45
C ALA B 875 3.49 25.55 -21.56
N SER B 876 3.76 25.98 -22.79
CA SER B 876 3.02 25.54 -23.96
C SER B 876 3.42 24.15 -24.44
N ASP B 877 4.28 23.45 -23.70
CA ASP B 877 4.63 22.08 -24.06
C ASP B 877 4.44 21.08 -22.93
N THR B 878 4.18 21.53 -21.70
CA THR B 878 3.81 20.51 -20.72
C THR B 878 2.33 20.19 -20.87
N PRO B 879 1.96 18.92 -20.65
CA PRO B 879 0.54 18.53 -20.77
C PRO B 879 -0.35 19.43 -19.92
N HIS B 880 -1.56 19.65 -20.42
CA HIS B 880 -2.44 20.62 -19.80
C HIS B 880 -2.83 20.15 -18.40
N PRO B 881 -2.73 21.01 -17.40
CA PRO B 881 -2.94 20.57 -16.01
C PRO B 881 -4.39 20.23 -15.73
N ALA B 882 -4.58 19.38 -14.72
CA ALA B 882 -5.92 18.92 -14.37
C ALA B 882 -6.74 20.00 -13.67
N ARG B 883 -6.09 20.91 -12.96
CA ARG B 883 -6.79 21.94 -12.21
C ARG B 883 -5.80 23.04 -11.89
N ILE B 884 -6.29 24.28 -11.82
CA ILE B 884 -5.46 25.44 -11.51
C ILE B 884 -6.11 26.13 -10.31
N GLY B 885 -5.63 25.81 -9.10
CA GLY B 885 -6.19 26.45 -7.93
C GLY B 885 -5.36 26.35 -6.67
N LEU B 886 -6.03 26.35 -5.52
CA LEU B 886 -5.41 26.28 -4.21
C LEU B 886 -5.88 25.03 -3.49
N ASN B 887 -5.17 24.69 -2.41
CA ASN B 887 -5.65 23.67 -1.47
C ASN B 887 -5.03 23.94 -0.11
N CYS B 888 -5.72 23.48 0.92
CA CYS B 888 -5.30 23.65 2.30
C CYS B 888 -6.06 22.66 3.18
N GLN B 889 -5.58 22.50 4.41
CA GLN B 889 -6.16 21.60 5.40
C GLN B 889 -6.71 22.45 6.54
N LEU B 890 -8.02 22.61 6.56
CA LEU B 890 -8.67 23.42 7.58
C LEU B 890 -8.76 22.65 8.89
N ALA B 891 -8.53 23.35 10.00
CA ALA B 891 -8.61 22.70 11.30
C ALA B 891 -10.02 22.25 11.63
N GLN B 892 -11.01 23.07 11.28
CA GLN B 892 -12.39 22.77 11.60
C GLN B 892 -12.88 21.56 10.83
N VAL B 893 -13.80 20.82 11.45
CA VAL B 893 -14.71 19.93 10.73
C VAL B 893 -16.13 20.30 11.17
N ALA B 894 -16.96 20.69 10.22
CA ALA B 894 -18.31 21.14 10.51
C ALA B 894 -19.33 20.15 9.96
N GLU B 895 -20.53 20.19 10.54
CA GLU B 895 -21.58 19.25 10.18
C GLU B 895 -22.22 19.55 8.83
N ARG B 896 -22.19 20.81 8.37
CA ARG B 896 -22.81 21.18 7.11
C ARG B 896 -21.88 22.08 6.31
N VAL B 897 -22.13 22.15 5.00
CA VAL B 897 -21.41 23.03 4.10
C VAL B 897 -22.42 23.77 3.22
N ASN B 898 -22.31 25.08 3.20
CA ASN B 898 -23.24 25.95 2.48
C ASN B 898 -22.47 26.70 1.38
N TRP B 899 -23.05 26.78 0.20
CA TRP B 899 -22.36 27.46 -0.90
C TRP B 899 -23.35 28.00 -1.91
N LEU B 900 -22.91 29.03 -2.64
CA LEU B 900 -23.67 29.65 -3.72
C LEU B 900 -23.02 29.27 -5.05
N GLY B 901 -23.68 28.40 -5.80
CA GLY B 901 -23.12 27.90 -7.04
C GLY B 901 -23.93 26.75 -7.55
N LEU B 902 -23.39 26.07 -8.57
CA LEU B 902 -24.11 24.99 -9.22
C LEU B 902 -24.14 23.76 -8.31
N GLY B 903 -25.34 23.22 -8.10
CA GLY B 903 -25.52 22.06 -7.26
C GLY B 903 -26.91 21.47 -7.42
N PRO B 904 -27.35 20.68 -6.43
CA PRO B 904 -26.64 20.33 -5.19
C PRO B 904 -25.58 19.24 -5.37
N GLN B 905 -25.76 18.38 -6.36
CA GLN B 905 -24.88 17.25 -6.55
C GLN B 905 -23.54 17.70 -7.13
N GLU B 906 -22.61 16.75 -7.18
CA GLU B 906 -21.29 17.00 -7.76
C GLU B 906 -21.41 17.27 -9.25
N ASN B 907 -20.62 18.22 -9.75
CA ASN B 907 -20.64 18.57 -11.16
C ASN B 907 -19.26 19.09 -11.56
N TYR B 908 -18.95 18.92 -12.84
CA TYR B 908 -17.66 19.30 -13.43
C TYR B 908 -17.90 20.08 -14.71
N PRO B 909 -16.87 20.77 -15.23
CA PRO B 909 -17.07 21.61 -16.41
C PRO B 909 -17.81 20.95 -17.56
N ASP B 910 -17.36 19.79 -18.03
CA ASP B 910 -18.07 19.10 -19.11
C ASP B 910 -19.17 18.19 -18.58
N ARG B 911 -19.61 18.41 -17.34
CA ARG B 911 -20.78 17.73 -16.78
C ARG B 911 -21.44 18.58 -15.70
N LEU B 912 -21.99 19.74 -16.08
CA LEU B 912 -22.62 20.63 -15.11
C LEU B 912 -24.02 21.06 -15.52
N THR B 913 -24.52 20.63 -16.69
CA THR B 913 -25.79 21.12 -17.18
C THR B 913 -26.94 20.76 -16.24
N ALA B 914 -26.84 19.62 -15.56
CA ALA B 914 -27.91 19.19 -14.67
C ALA B 914 -27.96 20.04 -13.40
N ALA B 915 -26.82 20.57 -12.97
CA ALA B 915 -26.79 21.35 -11.74
C ALA B 915 -27.47 22.70 -11.94
N CYS B 916 -28.05 23.22 -10.86
CA CYS B 916 -28.71 24.50 -10.87
C CYS B 916 -28.00 25.46 -9.94
N PHE B 917 -28.02 26.75 -10.30
CA PHE B 917 -27.40 27.78 -9.48
C PHE B 917 -28.36 28.17 -8.37
N ASP B 918 -27.92 28.04 -7.12
CA ASP B 918 -28.76 28.34 -5.96
C ASP B 918 -27.89 28.29 -4.70
N ARG B 919 -28.51 28.61 -3.58
CA ARG B 919 -27.90 28.39 -2.28
C ARG B 919 -28.14 26.95 -1.86
N TRP B 920 -27.06 26.20 -1.67
CA TRP B 920 -27.15 24.78 -1.38
C TRP B 920 -26.58 24.50 0.01
N ASP B 921 -27.25 23.63 0.74
CA ASP B 921 -26.93 23.36 2.14
C ASP B 921 -27.08 21.86 2.40
N LEU B 922 -25.95 21.17 2.53
CA LEU B 922 -25.94 19.72 2.70
C LEU B 922 -24.86 19.35 3.72
N PRO B 923 -24.99 18.19 4.36
CA PRO B 923 -23.89 17.69 5.20
C PRO B 923 -22.66 17.40 4.34
N LEU B 924 -21.48 17.47 4.98
CA LEU B 924 -20.25 17.15 4.27
C LEU B 924 -20.30 15.73 3.70
N SER B 925 -21.05 14.84 4.35
CA SER B 925 -21.27 13.48 3.84
C SER B 925 -21.47 13.47 2.33
N ASP B 926 -22.28 14.41 1.82
CA ASP B 926 -22.64 14.46 0.41
C ASP B 926 -21.66 15.26 -0.44
N MET B 927 -20.79 16.07 0.17
CA MET B 927 -19.76 16.78 -0.60
C MET B 927 -18.64 15.85 -1.05
N TYR B 928 -18.65 14.60 -0.62
CA TYR B 928 -17.80 13.55 -1.14
C TYR B 928 -18.71 12.44 -1.62
N THR B 929 -18.51 11.95 -2.83
CA THR B 929 -19.32 10.82 -3.24
C THR B 929 -18.44 9.59 -3.41
N PRO B 930 -18.83 8.46 -2.84
CA PRO B 930 -17.93 7.32 -2.68
C PRO B 930 -17.81 6.45 -3.93
N TYR B 931 -17.07 6.94 -4.91
CA TYR B 931 -16.65 6.08 -6.00
C TYR B 931 -15.82 4.93 -5.46
N VAL B 932 -16.15 3.71 -5.88
CA VAL B 932 -15.50 2.52 -5.33
C VAL B 932 -13.99 2.60 -5.52
N PHE B 933 -13.55 2.93 -6.73
CA PHE B 933 -12.16 3.32 -6.95
C PHE B 933 -12.03 4.80 -6.61
N PRO B 934 -11.41 5.14 -5.48
CA PRO B 934 -11.42 6.52 -5.01
C PRO B 934 -10.61 7.43 -5.92
N SER B 935 -11.03 8.69 -5.99
CA SER B 935 -10.39 9.67 -6.85
C SER B 935 -10.96 11.05 -6.57
N GLU B 936 -10.59 12.01 -7.42
CA GLU B 936 -11.17 13.36 -7.36
C GLU B 936 -12.68 13.28 -7.48
N ASN B 937 -13.39 13.93 -6.56
CA ASN B 937 -14.84 13.83 -6.49
C ASN B 937 -15.39 15.01 -5.71
N GLY B 938 -16.72 15.14 -5.73
CA GLY B 938 -17.43 16.11 -4.94
C GLY B 938 -17.29 17.56 -5.39
N LEU B 939 -16.63 17.80 -6.52
CA LEU B 939 -16.43 19.16 -7.00
C LEU B 939 -17.75 19.80 -7.39
N ARG B 940 -17.93 21.07 -7.01
CA ARG B 940 -19.04 21.88 -7.47
C ARG B 940 -18.51 23.05 -8.29
N CYS B 941 -19.29 23.46 -9.28
CA CYS B 941 -18.83 24.37 -10.31
C CYS B 941 -19.62 25.68 -10.30
N GLY B 942 -19.03 26.69 -10.92
CA GLY B 942 -19.68 28.00 -10.96
C GLY B 942 -19.91 28.61 -9.60
N THR B 943 -18.93 28.49 -8.71
CA THR B 943 -19.09 28.92 -7.33
C THR B 943 -18.43 30.28 -7.13
N ARG B 944 -19.03 31.08 -6.22
CA ARG B 944 -18.30 32.22 -5.68
C ARG B 944 -18.80 32.64 -4.30
N GLU B 945 -19.45 31.75 -3.55
CA GLU B 945 -19.52 31.84 -2.11
C GLU B 945 -19.58 30.44 -1.55
N LEU B 946 -18.84 30.20 -0.47
CA LEU B 946 -18.77 28.88 0.17
C LEU B 946 -18.67 29.07 1.67
N ASN B 947 -19.63 28.52 2.40
CA ASN B 947 -19.67 28.59 3.86
C ASN B 947 -19.20 27.26 4.44
N TYR B 948 -18.21 27.30 5.32
CA TYR B 948 -17.76 26.12 6.05
C TYR B 948 -17.34 26.55 7.45
N GLY B 949 -18.22 26.33 8.42
CA GLY B 949 -17.95 26.71 9.78
C GLY B 949 -17.83 28.22 9.95
N PRO B 950 -16.70 28.67 10.48
CA PRO B 950 -16.50 30.12 10.66
C PRO B 950 -15.92 30.82 9.43
N HIS B 951 -15.51 30.10 8.41
CA HIS B 951 -14.87 30.72 7.25
C HIS B 951 -15.88 30.97 6.13
N GLN B 952 -15.46 31.78 5.16
CA GLN B 952 -16.26 32.06 3.98
C GLN B 952 -15.32 32.47 2.85
N TRP B 953 -15.47 31.84 1.69
CA TRP B 953 -14.69 32.16 0.50
C TRP B 953 -15.59 32.72 -0.59
N ARG B 954 -15.06 33.67 -1.35
CA ARG B 954 -15.80 34.26 -2.46
C ARG B 954 -14.84 34.57 -3.60
N GLY B 955 -15.36 34.53 -4.83
CA GLY B 955 -14.56 34.85 -6.00
C GLY B 955 -15.19 34.45 -7.33
N ASP B 956 -14.72 33.35 -7.90
CA ASP B 956 -15.28 32.74 -9.11
C ASP B 956 -14.57 31.43 -9.35
N PHE B 957 -14.86 30.43 -8.54
CA PHE B 957 -14.00 29.26 -8.38
C PHE B 957 -14.81 27.98 -8.51
N GLN B 958 -14.13 26.86 -8.32
CA GLN B 958 -14.75 25.54 -8.21
C GLN B 958 -14.09 24.81 -7.06
N PHE B 959 -14.91 24.14 -6.22
CA PHE B 959 -14.44 23.63 -4.95
C PHE B 959 -14.91 22.21 -4.74
N ASN B 960 -14.01 21.36 -4.23
CA ASN B 960 -14.35 20.07 -3.65
C ASN B 960 -13.70 20.04 -2.27
N ILE B 961 -14.41 19.48 -1.29
CA ILE B 961 -13.91 19.39 0.08
C ILE B 961 -14.38 18.07 0.70
N SER B 962 -13.51 17.46 1.49
CA SER B 962 -13.86 16.30 2.29
C SER B 962 -12.70 16.01 3.24
N ARG B 963 -12.84 14.92 3.99
CA ARG B 963 -11.83 14.49 4.94
C ARG B 963 -10.71 13.70 4.26
N TYR B 964 -10.64 13.70 2.94
CA TYR B 964 -9.62 12.95 2.20
C TYR B 964 -8.85 13.89 1.29
N SER B 965 -7.53 13.89 1.43
CA SER B 965 -6.69 14.67 0.54
C SER B 965 -6.57 13.98 -0.82
N GLN B 966 -6.21 14.77 -1.82
CA GLN B 966 -5.93 14.24 -3.14
C GLN B 966 -4.82 13.20 -3.12
N GLN B 967 -3.94 13.24 -2.12
CA GLN B 967 -2.86 12.26 -2.06
C GLN B 967 -3.38 10.90 -1.61
N GLN B 968 -4.29 10.87 -0.64
CA GLN B 968 -4.84 9.60 -0.20
C GLN B 968 -5.78 9.01 -1.26
N LEU B 969 -6.61 9.84 -1.88
CA LEU B 969 -7.48 9.36 -2.96
C LEU B 969 -6.66 8.80 -4.11
N MET B 970 -5.49 9.38 -4.38
CA MET B 970 -4.63 8.88 -5.44
C MET B 970 -3.93 7.58 -5.04
N GLU B 971 -3.53 7.45 -3.77
CA GLU B 971 -2.76 6.30 -3.31
C GLU B 971 -3.63 5.11 -2.92
N THR B 972 -4.95 5.29 -2.84
CA THR B 972 -5.86 4.24 -2.43
C THR B 972 -6.58 3.66 -3.64
N SER B 973 -6.90 2.36 -3.57
CA SER B 973 -7.57 1.68 -4.66
C SER B 973 -9.02 1.31 -4.37
N HIS B 974 -9.43 1.24 -3.10
CA HIS B 974 -10.81 0.93 -2.74
C HIS B 974 -11.30 1.95 -1.71
N ARG B 975 -12.58 2.32 -1.82
CA ARG B 975 -13.11 3.37 -0.96
C ARG B 975 -13.14 2.95 0.51
N HIS B 976 -13.35 1.66 0.79
CA HIS B 976 -13.42 1.23 2.18
C HIS B 976 -12.07 1.33 2.90
N LEU B 977 -10.98 1.50 2.15
CA LEU B 977 -9.64 1.68 2.70
C LEU B 977 -9.35 3.10 3.15
N LEU B 978 -10.19 4.08 2.78
CA LEU B 978 -9.92 5.45 3.16
C LEU B 978 -10.51 5.75 4.52
N HIS B 979 -9.79 6.55 5.29
CA HIS B 979 -10.22 6.96 6.61
C HIS B 979 -10.08 8.47 6.68
N ALA B 980 -10.92 9.09 7.49
CA ALA B 980 -10.91 10.54 7.61
C ALA B 980 -9.55 11.03 8.10
N GLU B 981 -9.00 12.02 7.41
CA GLU B 981 -7.79 12.69 7.84
C GLU B 981 -8.12 13.80 8.83
N GLU B 982 -7.08 14.26 9.54
CA GLU B 982 -7.26 15.32 10.51
C GLU B 982 -7.71 16.59 9.81
N GLY B 983 -8.88 17.10 10.21
CA GLY B 983 -9.38 18.34 9.65
C GLY B 983 -10.17 18.18 8.37
N THR B 984 -10.20 19.23 7.55
CA THR B 984 -10.94 19.23 6.30
C THR B 984 -10.02 19.66 5.17
N TRP B 985 -9.92 18.85 4.13
CA TRP B 985 -9.14 19.20 2.95
C TRP B 985 -10.02 19.95 1.97
N LEU B 986 -9.55 21.12 1.53
CA LEU B 986 -10.35 22.01 0.69
C LEU B 986 -9.52 22.42 -0.52
N ASN B 987 -10.00 22.06 -1.72
CA ASN B 987 -9.41 22.52 -2.97
C ASN B 987 -10.30 23.60 -3.57
N ILE B 988 -9.75 24.80 -3.74
CA ILE B 988 -10.42 25.88 -4.44
C ILE B 988 -9.67 26.13 -5.75
N ASP B 989 -10.37 25.97 -6.87
CA ASP B 989 -9.76 26.12 -8.19
C ASP B 989 -10.50 27.19 -8.97
N GLY B 990 -9.74 28.11 -9.56
CA GLY B 990 -10.31 28.99 -10.57
C GLY B 990 -10.51 28.34 -11.92
N PHE B 991 -9.89 27.18 -12.13
CA PHE B 991 -10.02 26.41 -13.37
C PHE B 991 -9.89 24.94 -13.00
N HIS B 992 -10.56 24.08 -13.75
CA HIS B 992 -10.41 22.65 -13.58
C HIS B 992 -10.80 21.93 -14.87
N MET B 993 -9.89 21.13 -15.41
CA MET B 993 -10.12 20.38 -16.63
C MET B 993 -11.34 19.47 -16.51
N GLY B 994 -12.00 19.23 -17.63
CA GLY B 994 -13.12 18.32 -17.66
C GLY B 994 -12.71 16.89 -17.34
N ILE B 995 -13.74 16.08 -17.10
CA ILE B 995 -13.53 14.68 -16.72
C ILE B 995 -13.54 13.74 -17.91
N GLY B 996 -14.18 14.10 -19.01
CA GLY B 996 -14.28 13.22 -20.14
C GLY B 996 -15.24 12.08 -19.89
N GLY B 997 -15.21 11.11 -20.80
CA GLY B 997 -16.06 9.94 -20.68
C GLY B 997 -16.72 9.45 -21.95
N ASP B 998 -16.32 9.97 -23.12
CA ASP B 998 -16.73 9.33 -24.37
C ASP B 998 -16.24 7.88 -24.41
N ASP B 999 -15.07 7.62 -23.83
CA ASP B 999 -14.65 6.27 -23.49
C ASP B 999 -13.65 6.39 -22.34
N SER B 1000 -13.21 5.23 -21.84
CA SER B 1000 -12.31 5.17 -20.70
C SER B 1000 -10.99 4.50 -21.05
N TRP B 1001 -10.58 4.62 -22.31
CA TRP B 1001 -9.28 4.09 -22.71
C TRP B 1001 -8.53 5.01 -23.65
N SER B 1002 -9.14 6.06 -24.17
CA SER B 1002 -8.47 7.09 -24.92
C SER B 1002 -8.73 8.44 -24.28
N PRO B 1003 -7.78 9.38 -24.38
CA PRO B 1003 -8.05 10.73 -23.86
C PRO B 1003 -9.35 11.29 -24.42
N SER B 1004 -10.24 11.73 -23.54
CA SER B 1004 -11.64 11.91 -23.91
C SER B 1004 -12.20 13.27 -23.51
N VAL B 1005 -11.38 14.20 -23.05
CA VAL B 1005 -11.86 15.54 -22.73
C VAL B 1005 -11.60 16.46 -23.92
N SER B 1006 -12.66 16.99 -24.50
CA SER B 1006 -12.56 17.82 -25.69
C SER B 1006 -11.70 19.06 -25.44
N ALA B 1007 -11.25 19.66 -26.54
CA ALA B 1007 -10.28 20.76 -26.47
C ALA B 1007 -10.81 21.91 -25.62
N GLU B 1008 -12.11 22.15 -25.67
CA GLU B 1008 -12.70 23.28 -24.96
C GLU B 1008 -12.69 23.10 -23.45
N PHE B 1009 -12.42 21.90 -22.95
CA PHE B 1009 -12.37 21.68 -21.51
C PHE B 1009 -10.95 21.37 -21.02
N GLN B 1010 -9.94 21.56 -21.85
CA GLN B 1010 -8.55 21.39 -21.45
C GLN B 1010 -7.96 22.75 -21.07
N LEU B 1011 -7.41 22.83 -19.86
CA LEU B 1011 -6.76 24.06 -19.41
C LEU B 1011 -5.53 24.33 -20.26
N SER B 1012 -5.71 25.05 -21.37
CA SER B 1012 -4.68 25.19 -22.39
C SER B 1012 -4.34 26.63 -22.73
N ALA B 1013 -4.84 27.61 -21.96
CA ALA B 1013 -4.72 29.00 -22.39
C ALA B 1013 -3.27 29.49 -22.37
N GLY B 1014 -2.51 29.12 -21.34
CA GLY B 1014 -1.17 29.66 -21.18
C GLY B 1014 -1.07 30.54 -19.94
N ARG B 1015 -1.80 31.66 -19.96
CA ARG B 1015 -1.97 32.51 -18.78
C ARG B 1015 -3.33 32.24 -18.17
N TYR B 1016 -3.46 32.48 -16.87
CA TYR B 1016 -4.69 32.20 -16.16
C TYR B 1016 -4.83 33.17 -15.00
N HIS B 1017 -6.08 33.46 -14.62
CA HIS B 1017 -6.35 34.41 -13.54
C HIS B 1017 -7.61 34.03 -12.79
N TYR B 1018 -7.52 33.99 -11.47
CA TYR B 1018 -8.70 33.90 -10.60
C TYR B 1018 -8.42 34.72 -9.34
N GLN B 1019 -9.48 34.99 -8.59
CA GLN B 1019 -9.39 35.84 -7.41
C GLN B 1019 -10.31 35.27 -6.34
N LEU B 1020 -9.74 34.97 -5.18
CA LEU B 1020 -10.50 34.49 -4.03
C LEU B 1020 -10.48 35.54 -2.93
N VAL B 1021 -11.45 35.45 -2.03
CA VAL B 1021 -11.56 36.35 -0.89
C VAL B 1021 -11.88 35.51 0.34
N TRP B 1022 -10.95 35.47 1.29
CA TRP B 1022 -11.15 34.74 2.54
C TRP B 1022 -11.70 35.67 3.62
N CYS B 1023 -12.66 35.15 4.38
CA CYS B 1023 -13.38 35.99 5.33
C CYS B 1023 -13.93 35.12 6.46
N GLN B 1024 -13.85 35.63 7.70
CA GLN B 1024 -14.34 34.91 8.84
C GLN B 1024 -15.78 35.33 9.15
N LYS B 1025 -16.36 34.73 10.18
CA LYS B 1025 -17.73 35.05 10.57
C LYS B 1025 -18.02 34.57 12.00
N THR C 6 44.62 -42.50 96.72
CA THR C 6 44.59 -42.96 95.34
C THR C 6 43.49 -42.27 94.52
N ASP C 7 42.53 -41.69 95.22
CA ASP C 7 41.69 -40.65 94.64
C ASP C 7 42.41 -39.31 94.58
N SER C 8 43.70 -39.30 94.95
CA SER C 8 44.47 -38.07 95.00
C SER C 8 44.58 -37.45 93.61
N LEU C 9 44.88 -36.15 93.60
CA LEU C 9 45.11 -35.48 92.32
C LEU C 9 46.37 -36.00 91.65
N ALA C 10 47.39 -36.35 92.45
CA ALA C 10 48.62 -36.88 91.88
C ALA C 10 48.34 -38.09 91.01
N VAL C 11 47.60 -39.06 91.55
CA VAL C 11 47.28 -40.27 90.79
C VAL C 11 46.42 -39.92 89.58
N VAL C 12 45.38 -39.13 89.80
CA VAL C 12 44.41 -38.87 88.74
C VAL C 12 45.04 -38.00 87.65
N LEU C 13 45.70 -36.91 88.03
CA LEU C 13 46.29 -36.02 87.03
C LEU C 13 47.43 -36.68 86.27
N GLN C 14 48.06 -37.70 86.84
CA GLN C 14 49.19 -38.30 86.16
C GLN C 14 48.76 -39.13 84.95
N ARG C 15 47.53 -39.64 84.96
CA ARG C 15 47.03 -40.34 83.78
C ARG C 15 46.99 -39.41 82.57
N ARG C 16 46.82 -38.11 82.80
CA ARG C 16 46.66 -37.13 81.73
C ARG C 16 45.62 -37.58 80.71
N ASP C 17 44.46 -37.99 81.21
CA ASP C 17 43.36 -38.43 80.36
C ASP C 17 42.91 -37.35 79.38
N TRP C 18 43.32 -36.11 79.57
CA TRP C 18 42.93 -35.02 78.69
C TRP C 18 43.91 -34.78 77.56
N GLU C 19 44.96 -35.59 77.45
CA GLU C 19 45.88 -35.56 76.34
C GLU C 19 45.95 -36.91 75.66
N ASN C 20 44.80 -37.59 75.59
CA ASN C 20 44.67 -38.92 75.02
C ASN C 20 43.31 -39.06 74.37
N PRO C 21 43.24 -39.09 73.04
CA PRO C 21 41.94 -39.20 72.37
C PRO C 21 41.35 -40.59 72.39
N GLY C 22 42.02 -41.55 73.04
CA GLY C 22 41.48 -42.87 73.24
C GLY C 22 40.70 -42.98 74.54
N VAL C 23 40.91 -42.03 75.44
CA VAL C 23 40.17 -41.92 76.69
C VAL C 23 39.33 -40.65 76.59
N THR C 24 38.04 -40.83 76.30
CA THR C 24 37.09 -39.73 76.26
C THR C 24 36.19 -39.67 77.50
N GLN C 25 36.26 -40.67 78.38
CA GLN C 25 35.43 -40.72 79.57
C GLN C 25 35.93 -41.87 80.44
N LEU C 26 35.62 -41.79 81.73
CA LEU C 26 35.86 -42.90 82.65
C LEU C 26 34.67 -43.02 83.59
N ASN C 27 34.10 -44.21 83.67
CA ASN C 27 32.94 -44.51 84.51
C ASN C 27 31.71 -43.69 84.15
N ARG C 28 31.65 -43.15 82.94
CA ARG C 28 30.49 -42.38 82.51
C ARG C 28 29.38 -43.30 82.03
N LEU C 29 28.16 -43.03 82.45
CA LEU C 29 27.04 -43.89 82.12
C LEU C 29 26.64 -43.71 80.65
N ALA C 30 25.93 -44.72 80.14
CA ALA C 30 25.47 -44.69 78.76
C ALA C 30 24.55 -43.50 78.50
N ALA C 31 24.47 -43.10 77.23
CA ALA C 31 23.61 -42.01 76.78
C ALA C 31 22.21 -42.53 76.50
N HIS C 32 21.24 -41.63 76.57
CA HIS C 32 19.84 -42.03 76.55
C HIS C 32 18.98 -40.77 76.31
N PRO C 33 17.71 -40.94 75.94
CA PRO C 33 16.80 -39.79 75.89
C PRO C 33 16.59 -39.22 77.27
N PRO C 34 16.06 -37.99 77.37
CA PRO C 34 15.91 -37.36 78.69
C PRO C 34 15.05 -38.20 79.64
N PHE C 35 15.52 -38.31 80.89
CA PHE C 35 14.86 -39.08 81.92
C PHE C 35 14.44 -38.15 83.06
N ALA C 36 13.37 -38.55 83.74
CA ALA C 36 12.95 -37.90 84.99
C ALA C 36 12.59 -38.89 86.08
N SER C 37 12.39 -40.16 85.77
CA SER C 37 12.08 -41.20 86.76
C SER C 37 10.87 -40.81 87.61
N TRP C 38 9.80 -40.40 86.93
CA TRP C 38 8.53 -40.21 87.60
C TRP C 38 8.12 -41.51 88.29
N ARG C 39 7.68 -41.40 89.53
CA ARG C 39 7.05 -42.51 90.23
C ARG C 39 5.53 -42.42 90.17
N ASN C 40 5.02 -41.54 89.32
CA ASN C 40 3.59 -41.35 89.11
C ASN C 40 3.35 -41.23 87.62
N SER C 41 2.41 -42.02 87.11
CA SER C 41 2.21 -42.11 85.66
C SER C 41 1.74 -40.79 85.06
N GLU C 42 0.72 -40.18 85.65
CA GLU C 42 0.16 -38.97 85.06
C GLU C 42 0.98 -37.73 85.35
N GLU C 43 1.93 -37.79 86.29
CA GLU C 43 2.91 -36.72 86.36
C GLU C 43 3.81 -36.77 85.13
N ALA C 44 4.12 -37.98 84.66
CA ALA C 44 4.83 -38.14 83.40
C ALA C 44 4.01 -37.63 82.23
N ARG C 45 2.71 -37.95 82.20
CA ARG C 45 1.88 -37.52 81.07
C ARG C 45 1.78 -36.01 80.99
N THR C 46 1.73 -35.33 82.13
CA THR C 46 1.59 -33.88 82.15
C THR C 46 2.92 -33.15 82.02
N ASP C 47 4.03 -33.89 82.00
CA ASP C 47 5.37 -33.29 81.86
C ASP C 47 5.63 -32.25 82.94
N ARG C 48 5.21 -32.54 84.15
CA ARG C 48 5.45 -31.68 85.29
C ARG C 48 6.63 -32.18 86.08
N PRO C 49 7.19 -31.36 86.99
CA PRO C 49 8.41 -31.75 87.71
C PRO C 49 8.36 -33.13 88.36
N SER C 50 9.54 -33.72 88.55
CA SER C 50 9.69 -35.00 89.22
C SER C 50 10.51 -34.80 90.47
N GLN C 51 10.08 -35.41 91.57
CA GLN C 51 10.84 -35.32 92.82
C GLN C 51 12.10 -36.17 92.79
N GLN C 52 12.37 -36.86 91.68
CA GLN C 52 13.57 -37.65 91.50
C GLN C 52 14.61 -36.95 90.64
N LEU C 53 14.26 -35.78 90.09
CA LEU C 53 15.16 -34.98 89.26
C LEU C 53 15.42 -33.67 89.98
N ARG C 54 16.36 -33.69 90.93
CA ARG C 54 16.83 -32.47 91.55
C ARG C 54 17.68 -31.68 90.57
N SER C 55 17.79 -30.38 90.82
CA SER C 55 18.68 -29.51 90.07
C SER C 55 19.73 -28.97 91.02
N LEU C 56 20.99 -29.10 90.63
CA LEU C 56 22.10 -28.60 91.44
C LEU C 56 22.60 -27.24 90.94
N ASN C 57 21.82 -26.56 90.10
CA ASN C 57 22.16 -25.21 89.70
C ASN C 57 22.08 -24.28 90.89
N GLY C 58 22.87 -23.22 90.86
CA GLY C 58 22.88 -22.27 91.95
C GLY C 58 24.27 -21.76 92.27
N GLU C 59 24.52 -21.45 93.53
CA GLU C 59 25.81 -20.92 93.97
C GLU C 59 26.74 -22.08 94.29
N TRP C 60 27.81 -22.22 93.51
CA TRP C 60 28.90 -23.13 93.81
C TRP C 60 30.11 -22.34 94.29
N ARG C 61 31.03 -23.05 94.92
CA ARG C 61 32.35 -22.53 95.24
C ARG C 61 33.27 -22.78 94.05
N PHE C 62 34.09 -21.80 93.71
CA PHE C 62 34.92 -21.87 92.52
C PHE C 62 36.29 -21.25 92.77
N ALA C 63 37.31 -21.87 92.17
CA ALA C 63 38.68 -21.38 92.21
C ALA C 63 39.34 -21.65 90.87
N TRP C 64 40.08 -20.66 90.39
CA TRP C 64 40.75 -20.73 89.10
C TRP C 64 42.24 -21.00 89.29
N PHE C 65 42.77 -21.90 88.47
CA PHE C 65 44.19 -22.24 88.54
C PHE C 65 44.80 -22.25 87.15
N PRO C 66 46.07 -21.85 87.01
CA PRO C 66 46.66 -21.77 85.66
C PRO C 66 46.92 -23.13 85.04
N ALA C 67 46.89 -24.20 85.82
CA ALA C 67 47.13 -25.55 85.34
C ALA C 67 46.66 -26.51 86.41
N PRO C 68 46.21 -27.71 86.04
CA PRO C 68 45.73 -28.65 87.07
C PRO C 68 46.82 -29.07 88.05
N GLU C 69 48.08 -29.09 87.61
CA GLU C 69 49.15 -29.43 88.53
C GLU C 69 49.27 -28.44 89.67
N ALA C 70 48.68 -27.25 89.53
CA ALA C 70 48.77 -26.19 90.53
C ALA C 70 47.72 -26.30 91.61
N VAL C 71 46.75 -27.20 91.47
CA VAL C 71 45.64 -27.29 92.42
C VAL C 71 46.12 -28.09 93.64
N PRO C 72 45.97 -27.56 94.85
CA PRO C 72 46.42 -28.30 96.04
C PRO C 72 45.57 -29.53 96.28
N GLU C 73 46.17 -30.49 96.98
CA GLU C 73 45.46 -31.72 97.31
C GLU C 73 44.38 -31.48 98.36
N SER C 74 44.51 -30.40 99.15
CA SER C 74 43.50 -30.10 100.16
C SER C 74 42.13 -29.90 99.54
N TRP C 75 42.07 -29.44 98.30
CA TRP C 75 40.80 -29.13 97.65
C TRP C 75 39.89 -30.34 97.53
N LEU C 76 40.44 -31.55 97.58
CA LEU C 76 39.59 -32.74 97.56
C LEU C 76 38.95 -33.00 98.92
N GLU C 77 39.61 -32.58 100.00
CA GLU C 77 39.10 -32.82 101.35
C GLU C 77 38.14 -31.72 101.79
N CYS C 78 38.52 -30.45 101.61
CA CYS C 78 37.73 -29.35 102.11
C CYS C 78 37.68 -28.24 101.05
N ASP C 79 36.99 -27.16 101.39
CA ASP C 79 36.86 -26.04 100.48
C ASP C 79 38.06 -25.12 100.57
N LEU C 80 38.45 -24.57 99.43
CA LEU C 80 39.56 -23.63 99.38
C LEU C 80 39.10 -22.27 99.92
N PRO C 81 39.77 -21.71 100.93
CA PRO C 81 39.31 -20.43 101.48
C PRO C 81 39.41 -19.29 100.48
N GLU C 82 40.36 -19.37 99.55
CA GLU C 82 40.54 -18.37 98.49
C GLU C 82 39.54 -18.51 97.37
N ALA C 83 38.68 -19.53 97.41
CA ALA C 83 37.68 -19.72 96.37
C ALA C 83 36.54 -18.72 96.54
N ASP C 84 36.03 -18.23 95.41
CA ASP C 84 34.86 -17.37 95.40
C ASP C 84 33.60 -18.18 95.17
N THR C 85 32.46 -17.59 95.51
CA THR C 85 31.16 -18.20 95.29
C THR C 85 30.56 -17.63 94.01
N VAL C 86 29.99 -18.51 93.19
CA VAL C 86 29.72 -18.20 91.80
C VAL C 86 28.54 -19.04 91.32
N VAL C 87 27.69 -18.45 90.47
CA VAL C 87 26.54 -19.18 89.96
C VAL C 87 26.99 -20.24 88.96
N VAL C 88 26.30 -21.38 88.97
CA VAL C 88 26.46 -22.44 87.99
C VAL C 88 25.06 -22.75 87.47
N PRO C 89 24.86 -22.89 86.14
CA PRO C 89 25.87 -22.90 85.08
C PRO C 89 26.49 -21.53 84.76
N SER C 90 27.74 -21.58 84.30
CA SER C 90 28.52 -20.37 84.02
C SER C 90 29.66 -20.74 83.09
N ASN C 91 30.14 -19.73 82.37
CA ASN C 91 31.46 -19.75 81.76
C ASN C 91 32.35 -18.85 82.59
N TRP C 92 33.46 -19.37 83.10
CA TRP C 92 34.21 -18.59 84.05
C TRP C 92 34.93 -17.40 83.41
N GLN C 93 34.99 -17.35 82.08
CA GLN C 93 35.46 -16.14 81.42
C GLN C 93 34.52 -14.97 81.66
N MET C 94 33.21 -15.21 81.63
CA MET C 94 32.23 -14.16 81.85
C MET C 94 32.33 -13.57 83.25
N HIS C 95 32.85 -14.33 84.22
CA HIS C 95 33.10 -13.81 85.56
C HIS C 95 34.46 -13.13 85.67
N GLY C 96 35.26 -13.16 84.61
CA GLY C 96 36.50 -12.43 84.56
C GLY C 96 37.75 -13.21 84.92
N TYR C 97 37.64 -14.52 85.13
CA TYR C 97 38.79 -15.26 85.63
C TYR C 97 39.89 -15.39 84.59
N ASP C 98 39.54 -15.49 83.31
CA ASP C 98 40.50 -15.29 82.24
C ASP C 98 39.75 -14.83 80.99
N ALA C 99 40.50 -14.58 79.92
CA ALA C 99 39.92 -13.96 78.75
C ALA C 99 39.21 -15.00 77.88
N PRO C 100 38.06 -14.66 77.33
CA PRO C 100 37.50 -15.46 76.23
C PRO C 100 38.30 -15.20 74.96
N ILE C 101 38.55 -16.25 74.19
CA ILE C 101 39.29 -16.16 72.95
C ILE C 101 38.30 -16.34 71.81
N TYR C 102 38.23 -15.37 70.90
CA TYR C 102 37.51 -15.56 69.65
C TYR C 102 38.51 -15.74 68.53
N THR C 103 38.64 -16.97 68.06
CA THR C 103 39.37 -17.28 66.85
C THR C 103 38.46 -18.09 65.95
N ASN C 104 38.58 -17.87 64.64
CA ASN C 104 37.74 -18.58 63.69
C ASN C 104 38.34 -19.96 63.37
N VAL C 105 39.31 -20.00 62.47
CA VAL C 105 39.88 -21.26 62.00
C VAL C 105 41.05 -21.69 62.86
N THR C 106 42.02 -20.80 63.05
CA THR C 106 43.22 -21.12 63.81
C THR C 106 42.87 -21.60 65.22
N TYR C 107 43.37 -22.78 65.56
CA TYR C 107 43.13 -23.32 66.90
C TYR C 107 43.68 -22.36 67.94
N PRO C 108 42.96 -22.14 69.05
CA PRO C 108 43.49 -21.26 70.10
C PRO C 108 44.72 -21.82 70.80
N ILE C 109 45.04 -23.09 70.62
CA ILE C 109 46.22 -23.70 71.21
C ILE C 109 47.15 -24.12 70.08
N THR C 110 48.39 -24.46 70.45
CA THR C 110 49.34 -24.96 69.47
C THR C 110 48.86 -26.28 68.91
N VAL C 111 48.72 -26.36 67.58
CA VAL C 111 48.24 -27.57 66.93
C VAL C 111 49.29 -28.67 67.07
N ASN C 112 49.19 -29.45 68.12
CA ASN C 112 50.10 -30.56 68.39
C ASN C 112 49.30 -31.71 68.98
N PRO C 113 48.44 -32.34 68.18
CA PRO C 113 47.55 -33.35 68.72
C PRO C 113 48.36 -34.58 69.17
N PRO C 114 47.91 -35.24 70.25
CA PRO C 114 46.74 -34.88 71.03
C PRO C 114 47.05 -33.94 72.20
N PHE C 115 48.22 -33.30 72.16
CA PHE C 115 48.72 -32.60 73.33
C PHE C 115 48.09 -31.22 73.45
N VAL C 116 48.37 -30.59 74.59
CA VAL C 116 47.64 -29.40 75.05
C VAL C 116 48.63 -28.57 75.87
N PRO C 117 48.51 -27.24 75.87
CA PRO C 117 49.41 -26.43 76.70
C PRO C 117 49.44 -26.91 78.15
N THR C 118 50.64 -26.98 78.73
CA THR C 118 50.74 -27.35 80.13
C THR C 118 50.08 -26.29 81.01
N GLU C 119 50.29 -25.01 80.69
CA GLU C 119 49.53 -23.96 81.34
C GLU C 119 48.10 -24.00 80.82
N ASN C 120 47.26 -24.78 81.49
CA ASN C 120 45.92 -25.12 81.02
C ASN C 120 44.92 -24.60 82.05
N PRO C 121 44.28 -23.48 81.79
CA PRO C 121 43.39 -22.88 82.79
C PRO C 121 42.41 -23.91 83.35
N THR C 122 42.37 -24.00 84.67
CA THR C 122 41.63 -25.04 85.36
C THR C 122 40.62 -24.41 86.31
N GLY C 123 39.36 -24.84 86.19
CA GLY C 123 38.32 -24.37 87.09
C GLY C 123 37.97 -25.43 88.10
N CYS C 124 38.12 -25.13 89.38
CA CYS C 124 37.86 -26.09 90.44
C CYS C 124 36.51 -25.74 91.07
N TYR C 125 35.46 -26.38 90.58
CA TYR C 125 34.12 -26.18 91.10
C TYR C 125 33.88 -27.17 92.24
N SER C 126 33.27 -26.68 93.32
CA SER C 126 32.86 -27.53 94.42
C SER C 126 31.48 -27.11 94.88
N LEU C 127 30.73 -28.09 95.38
CA LEU C 127 29.37 -27.85 95.86
C LEU C 127 29.09 -28.80 97.01
N THR C 128 28.74 -28.24 98.17
CA THR C 128 28.30 -29.04 99.31
C THR C 128 26.78 -29.04 99.35
N PHE C 129 26.20 -30.23 99.32
CA PHE C 129 24.76 -30.40 99.17
C PHE C 129 24.29 -31.55 100.04
N ASN C 130 22.97 -31.66 100.17
CA ASN C 130 22.35 -32.72 100.95
C ASN C 130 21.60 -33.66 100.02
N VAL C 131 21.47 -34.91 100.45
CA VAL C 131 20.67 -35.89 99.73
C VAL C 131 19.73 -36.57 100.73
N ASP C 132 18.51 -36.86 100.27
CA ASP C 132 17.51 -37.51 101.11
C ASP C 132 17.97 -38.91 101.48
N GLU C 133 17.76 -39.27 102.75
CA GLU C 133 18.03 -40.64 103.19
C GLU C 133 17.25 -41.64 102.34
N SER C 134 16.08 -41.23 101.85
CA SER C 134 15.31 -42.07 100.92
C SER C 134 16.14 -42.47 99.70
N TRP C 135 17.00 -41.57 99.22
CA TRP C 135 17.78 -41.84 98.02
C TRP C 135 18.91 -42.83 98.26
N LEU C 136 19.25 -43.11 99.52
CA LEU C 136 20.38 -43.96 99.84
C LEU C 136 19.97 -45.37 100.21
N GLN C 137 18.76 -45.56 100.73
CA GLN C 137 18.32 -46.91 101.08
C GLN C 137 17.98 -47.70 99.82
N GLU C 138 17.28 -47.10 98.87
CA GLU C 138 16.88 -47.77 97.65
C GLU C 138 17.35 -46.98 96.44
N GLY C 139 17.66 -47.71 95.36
CA GLY C 139 17.80 -47.12 94.05
C GLY C 139 19.18 -46.61 93.71
N GLN C 140 19.28 -46.10 92.49
CA GLN C 140 20.51 -45.57 91.92
C GLN C 140 20.41 -44.06 91.82
N THR C 141 21.42 -43.37 92.34
CA THR C 141 21.49 -41.91 92.30
C THR C 141 22.63 -41.50 91.40
N ARG C 142 22.32 -40.79 90.32
CA ARG C 142 23.30 -40.35 89.36
C ARG C 142 23.28 -38.83 89.25
N ILE C 143 24.44 -38.26 88.95
CA ILE C 143 24.58 -36.84 88.68
C ILE C 143 24.73 -36.64 87.18
N ILE C 144 24.09 -35.60 86.66
CA ILE C 144 24.13 -35.29 85.24
C ILE C 144 24.74 -33.91 85.08
N PHE C 145 25.79 -33.84 84.27
CA PHE C 145 26.38 -32.58 83.82
C PHE C 145 25.98 -32.41 82.36
N ASP C 146 25.02 -31.54 82.10
CA ASP C 146 24.54 -31.38 80.74
C ASP C 146 25.57 -30.71 79.83
N GLY C 147 26.54 -29.99 80.39
CA GLY C 147 27.57 -29.35 79.60
C GLY C 147 28.75 -28.85 80.41
N VAL C 148 29.92 -29.47 80.21
CA VAL C 148 31.17 -29.04 80.84
C VAL C 148 32.21 -28.87 79.74
N ASN C 149 32.86 -27.71 79.73
CA ASN C 149 33.79 -27.30 78.69
C ASN C 149 35.13 -27.03 79.37
N SER C 150 36.16 -27.80 79.01
CA SER C 150 36.19 -28.73 77.88
C SER C 150 36.23 -30.20 78.29
N ALA C 151 36.74 -30.45 79.49
CA ALA C 151 36.82 -31.80 80.06
C ALA C 151 37.00 -31.66 81.55
N PHE C 152 36.62 -32.71 82.28
CA PHE C 152 36.60 -32.60 83.74
C PHE C 152 36.80 -33.94 84.41
N HIS C 153 37.39 -33.89 85.59
CA HIS C 153 37.40 -35.00 86.53
C HIS C 153 36.38 -34.72 87.63
N LEU C 154 35.70 -35.76 88.10
CA LEU C 154 34.63 -35.62 89.09
C LEU C 154 34.99 -36.37 90.36
N TRP C 155 35.04 -35.65 91.48
CA TRP C 155 35.13 -36.24 92.80
C TRP C 155 33.83 -36.00 93.56
N CYS C 156 33.56 -36.89 94.51
CA CYS C 156 32.44 -36.70 95.43
C CYS C 156 32.85 -37.30 96.77
N ASN C 157 32.84 -36.45 97.80
CA ASN C 157 33.30 -36.83 99.14
C ASN C 157 34.77 -37.27 99.09
N GLY C 158 35.57 -36.58 98.28
CA GLY C 158 36.97 -36.88 98.12
C GLY C 158 37.29 -38.09 97.27
N ARG C 159 36.31 -38.94 96.97
CA ARG C 159 36.56 -40.14 96.19
C ARG C 159 36.32 -39.84 94.71
N TRP C 160 37.28 -40.24 93.88
CA TRP C 160 37.20 -39.94 92.45
C TRP C 160 36.10 -40.78 91.79
N VAL C 161 35.26 -40.12 91.01
CA VAL C 161 34.11 -40.75 90.37
C VAL C 161 34.37 -41.06 88.91
N GLY C 162 34.84 -40.09 88.14
CA GLY C 162 35.01 -40.34 86.72
C GLY C 162 35.53 -39.12 85.99
N TYR C 163 35.48 -39.22 84.66
CA TYR C 163 36.05 -38.22 83.78
C TYR C 163 35.15 -38.09 82.56
N GLY C 164 35.15 -36.91 81.95
CA GLY C 164 34.27 -36.68 80.82
C GLY C 164 34.84 -35.72 79.80
N GLN C 165 34.49 -35.95 78.53
CA GLN C 165 34.79 -35.01 77.44
C GLN C 165 33.54 -34.79 76.59
N ASP C 166 33.70 -34.11 75.45
CA ASP C 166 32.60 -33.59 74.64
C ASP C 166 31.82 -32.55 75.43
N SER C 167 31.95 -31.27 75.04
CA SER C 167 31.46 -30.16 75.84
C SER C 167 29.95 -29.97 75.74
N ARG C 168 29.30 -30.52 74.71
CA ARG C 168 27.93 -30.17 74.40
C ARG C 168 26.96 -31.34 74.57
N LEU C 169 27.37 -32.38 75.29
CA LEU C 169 26.51 -33.51 75.56
C LEU C 169 26.59 -33.88 77.03
N PRO C 170 25.53 -34.45 77.60
CA PRO C 170 25.52 -34.69 79.04
C PRO C 170 26.47 -35.80 79.44
N SER C 171 27.13 -35.61 80.58
CA SER C 171 27.98 -36.61 81.23
C SER C 171 27.31 -37.06 82.53
N GLU C 172 26.98 -38.35 82.61
CA GLU C 172 26.24 -38.89 83.74
C GLU C 172 27.07 -39.93 84.48
N PHE C 173 27.10 -39.83 85.82
CA PHE C 173 27.88 -40.73 86.65
C PHE C 173 27.05 -41.24 87.82
N ASP C 174 27.20 -42.53 88.12
CA ASP C 174 26.57 -43.11 89.29
C ASP C 174 27.29 -42.66 90.54
N LEU C 175 26.53 -42.10 91.50
CA LEU C 175 27.08 -41.58 92.73
C LEU C 175 26.62 -42.36 93.96
N SER C 176 25.84 -43.42 93.79
CA SER C 176 25.20 -44.10 94.91
C SER C 176 26.22 -44.56 95.95
N ALA C 177 27.30 -45.21 95.50
CA ALA C 177 28.32 -45.73 96.40
C ALA C 177 29.19 -44.63 96.99
N PHE C 178 29.02 -43.39 96.56
CA PHE C 178 29.86 -42.29 97.03
C PHE C 178 29.15 -41.39 98.02
N LEU C 179 27.83 -41.36 98.02
CA LEU C 179 27.09 -40.38 98.80
C LEU C 179 26.82 -40.91 100.19
N ARG C 180 26.98 -40.04 101.19
CA ARG C 180 26.67 -40.33 102.58
C ARG C 180 25.40 -39.59 102.98
N ALA C 181 24.79 -40.05 104.06
CA ALA C 181 23.59 -39.40 104.56
C ALA C 181 23.93 -38.03 105.11
N GLY C 182 23.14 -37.03 104.72
CA GLY C 182 23.39 -35.66 105.15
C GLY C 182 24.26 -34.92 104.16
N GLU C 183 25.34 -34.31 104.66
CA GLU C 183 26.16 -33.41 103.87
C GLU C 183 27.11 -34.19 102.96
N ASN C 184 27.12 -33.82 101.68
CA ASN C 184 28.05 -34.34 100.69
C ASN C 184 28.72 -33.18 99.98
N ARG C 185 29.90 -33.44 99.41
CA ARG C 185 30.64 -32.42 98.68
C ARG C 185 31.05 -32.97 97.32
N LEU C 186 30.83 -32.17 96.29
CA LEU C 186 31.33 -32.47 94.95
C LEU C 186 32.59 -31.66 94.70
N ALA C 187 33.53 -32.25 93.97
CA ALA C 187 34.73 -31.55 93.51
C ALA C 187 34.87 -31.81 92.02
N VAL C 188 34.71 -30.76 91.22
CA VAL C 188 34.73 -30.86 89.76
C VAL C 188 35.88 -30.00 89.26
N MET C 189 36.89 -30.63 88.69
CA MET C 189 38.03 -29.94 88.11
C MET C 189 37.81 -29.87 86.60
N VAL C 190 37.62 -28.66 86.09
CA VAL C 190 37.32 -28.45 84.68
C VAL C 190 38.57 -27.94 83.98
N LEU C 191 38.96 -28.60 82.90
CA LEU C 191 40.10 -28.20 82.09
C LEU C 191 39.63 -27.45 80.86
N ARG C 192 40.22 -26.28 80.62
CA ARG C 192 39.81 -25.49 79.47
C ARG C 192 40.20 -26.16 78.15
N TRP C 193 41.32 -26.87 78.13
CA TRP C 193 41.78 -27.55 76.93
C TRP C 193 41.90 -29.05 77.19
N SER C 194 41.74 -29.83 76.12
CA SER C 194 41.89 -31.27 76.16
C SER C 194 42.09 -31.77 74.75
N ASP C 195 42.32 -33.07 74.60
CA ASP C 195 42.32 -33.65 73.26
C ASP C 195 40.96 -33.46 72.59
N GLY C 196 39.90 -33.28 73.37
CA GLY C 196 38.59 -33.04 72.78
C GLY C 196 38.49 -31.72 72.04
N SER C 197 39.29 -30.72 72.43
CA SER C 197 39.15 -29.43 71.77
C SER C 197 39.75 -29.42 70.38
N TYR C 198 40.49 -30.45 69.99
CA TYR C 198 40.85 -30.56 68.58
C TYR C 198 39.63 -30.82 67.71
N LEU C 199 38.57 -31.40 68.27
CA LEU C 199 37.30 -31.59 67.57
C LEU C 199 36.30 -30.48 67.87
N GLU C 200 36.71 -29.45 68.60
CA GLU C 200 35.80 -28.38 68.98
C GLU C 200 36.30 -27.02 68.50
N ASP C 201 36.62 -26.92 67.21
CA ASP C 201 37.16 -25.69 66.64
C ASP C 201 36.08 -24.85 65.97
N GLN C 202 34.89 -24.78 66.57
CA GLN C 202 33.81 -24.02 65.96
C GLN C 202 34.12 -22.53 65.98
N ASP C 203 33.82 -21.86 64.87
CA ASP C 203 34.04 -20.43 64.74
C ASP C 203 33.21 -19.67 65.77
N MET C 204 33.72 -19.55 66.98
CA MET C 204 32.98 -18.93 68.06
C MET C 204 33.95 -18.61 69.20
N TRP C 205 33.43 -17.92 70.21
CA TRP C 205 34.21 -17.64 71.40
C TRP C 205 34.64 -18.94 72.06
N ARG C 206 35.89 -19.02 72.46
CA ARG C 206 36.41 -20.18 73.17
C ARG C 206 36.31 -19.89 74.66
N MET C 207 35.34 -20.52 75.32
CA MET C 207 35.13 -20.37 76.76
C MET C 207 35.30 -21.73 77.45
N SER C 208 35.01 -21.77 78.74
CA SER C 208 35.15 -23.01 79.50
C SER C 208 34.33 -22.91 80.78
N GLY C 209 34.11 -24.07 81.41
CA GLY C 209 33.44 -24.16 82.68
C GLY C 209 32.22 -25.06 82.63
N ILE C 210 31.51 -25.08 83.75
CA ILE C 210 30.25 -25.84 83.86
C ILE C 210 29.16 -24.89 83.39
N PHE C 211 28.83 -24.97 82.10
CA PHE C 211 28.00 -23.98 81.45
C PHE C 211 26.61 -24.49 81.10
N ARG C 212 26.23 -25.68 81.56
CA ARG C 212 24.88 -26.19 81.42
C ARG C 212 24.43 -26.81 82.74
N ASP C 213 23.18 -27.26 82.78
CA ASP C 213 22.55 -27.67 84.03
C ASP C 213 23.29 -28.85 84.67
N VAL C 214 23.45 -28.79 85.98
CA VAL C 214 23.87 -29.91 86.81
C VAL C 214 22.64 -30.41 87.56
N SER C 215 22.47 -31.73 87.62
CA SER C 215 21.26 -32.29 88.20
C SER C 215 21.55 -33.67 88.78
N LEU C 216 20.81 -34.03 89.82
CA LEU C 216 20.78 -35.38 90.37
C LEU C 216 19.52 -36.07 89.88
N LEU C 217 19.67 -37.30 89.42
CA LEU C 217 18.53 -38.12 89.04
C LEU C 217 18.56 -39.40 89.86
N HIS C 218 17.43 -39.72 90.48
CA HIS C 218 17.29 -40.96 91.24
C HIS C 218 16.42 -41.93 90.45
N LYS C 219 16.93 -43.13 90.22
CA LYS C 219 16.20 -44.17 89.52
C LYS C 219 16.21 -45.45 90.35
N PRO C 220 15.19 -46.28 90.21
CA PRO C 220 15.22 -47.59 90.86
C PRO C 220 16.26 -48.48 90.21
N THR C 221 16.77 -49.44 90.99
CA THR C 221 17.78 -50.35 90.47
C THR C 221 17.27 -51.14 89.28
N THR C 222 15.97 -51.43 89.24
CA THR C 222 15.31 -51.96 88.05
C THR C 222 14.65 -50.78 87.36
N GLN C 223 15.13 -50.43 86.17
CA GLN C 223 14.85 -49.11 85.60
C GLN C 223 14.64 -49.21 84.10
N ILE C 224 14.07 -48.15 83.53
CA ILE C 224 14.09 -47.93 82.09
C ILE C 224 15.42 -47.29 81.73
N SER C 225 16.22 -48.01 80.94
CA SER C 225 17.55 -47.52 80.58
C SER C 225 17.57 -46.78 79.25
N ASP C 226 16.58 -47.02 78.39
CA ASP C 226 16.55 -46.46 77.05
C ASP C 226 15.17 -46.73 76.47
N PHE C 227 14.70 -45.82 75.61
CA PHE C 227 13.50 -46.06 74.84
C PHE C 227 13.54 -45.26 73.55
N HIS C 228 13.17 -45.90 72.45
CA HIS C 228 13.10 -45.26 71.15
C HIS C 228 11.65 -45.23 70.68
N VAL C 229 11.23 -44.09 70.13
CA VAL C 229 9.90 -43.91 69.57
C VAL C 229 10.04 -43.76 68.06
N ALA C 230 9.33 -44.58 67.30
CA ALA C 230 9.27 -44.49 65.85
C ALA C 230 7.82 -44.37 65.40
N THR C 231 7.61 -43.74 64.24
CA THR C 231 6.30 -43.62 63.64
C THR C 231 6.41 -43.95 62.17
N ARG C 232 5.73 -45.01 61.74
CA ARG C 232 5.62 -45.35 60.33
C ARG C 232 4.18 -45.16 59.88
N PHE C 233 4.00 -44.85 58.59
CA PHE C 233 2.72 -44.41 58.07
C PHE C 233 2.32 -45.23 56.85
N ASN C 234 1.09 -45.00 56.40
CA ASN C 234 0.59 -45.59 55.17
C ASN C 234 0.60 -44.53 54.07
N ASP C 235 0.14 -44.93 52.87
CA ASP C 235 0.27 -44.12 51.67
C ASP C 235 -0.13 -42.67 51.89
N ASP C 236 -1.32 -42.44 52.46
CA ASP C 236 -1.87 -41.09 52.58
C ASP C 236 -1.87 -40.58 54.01
N PHE C 237 -1.12 -41.22 54.92
CA PHE C 237 -0.97 -40.78 56.30
C PHE C 237 -2.28 -40.82 57.07
N SER C 238 -3.24 -41.62 56.61
CA SER C 238 -4.47 -41.83 57.37
C SER C 238 -4.26 -42.77 58.55
N ARG C 239 -3.26 -43.65 58.45
CA ARG C 239 -3.00 -44.63 59.50
C ARG C 239 -1.52 -44.61 59.85
N ALA C 240 -1.22 -44.62 61.14
CA ALA C 240 0.15 -44.66 61.62
C ALA C 240 0.31 -45.79 62.62
N VAL C 241 1.51 -46.36 62.66
CA VAL C 241 1.92 -47.30 63.69
C VAL C 241 3.03 -46.65 64.49
N LEU C 242 2.84 -46.57 65.81
CA LEU C 242 3.86 -46.05 66.71
C LEU C 242 4.57 -47.25 67.35
N GLU C 243 5.81 -47.47 66.93
CA GLU C 243 6.66 -48.48 67.57
C GLU C 243 7.41 -47.83 68.72
N ALA C 244 7.50 -48.55 69.84
CA ALA C 244 8.18 -48.04 71.02
C ALA C 244 9.03 -49.18 71.59
N GLU C 245 10.34 -49.11 71.38
CA GLU C 245 11.27 -50.04 71.99
C GLU C 245 11.65 -49.54 73.37
N VAL C 246 11.56 -50.41 74.37
CA VAL C 246 11.92 -50.09 75.74
C VAL C 246 13.02 -51.05 76.18
N GLN C 247 14.07 -50.50 76.81
CA GLN C 247 15.16 -51.28 77.36
C GLN C 247 15.25 -51.05 78.86
N MET C 248 15.62 -52.10 79.59
CA MET C 248 15.68 -52.05 81.04
C MET C 248 17.04 -52.51 81.52
N CYS C 249 17.39 -52.08 82.73
CA CYS C 249 18.51 -52.61 83.48
C CYS C 249 18.02 -53.06 84.84
N GLY C 250 18.80 -53.91 85.49
CA GLY C 250 18.48 -54.44 86.80
C GLY C 250 18.07 -55.89 86.75
N GLU C 251 17.37 -56.31 87.80
CA GLU C 251 16.97 -57.71 87.96
C GLU C 251 15.80 -58.01 87.04
N LEU C 252 16.02 -58.86 86.04
CA LEU C 252 14.94 -59.32 85.18
C LEU C 252 14.14 -60.39 85.91
N ARG C 253 12.81 -60.22 85.93
CA ARG C 253 11.94 -61.19 86.57
C ARG C 253 10.68 -61.36 85.74
N ASP C 254 10.13 -62.58 85.76
CA ASP C 254 9.01 -62.92 84.88
C ASP C 254 7.78 -62.06 85.13
N TYR C 255 7.70 -61.38 86.27
CA TYR C 255 6.53 -60.57 86.58
C TYR C 255 6.67 -59.13 86.10
N LEU C 256 7.76 -58.80 85.43
CA LEU C 256 7.97 -57.44 84.95
C LEU C 256 7.17 -57.21 83.67
N ARG C 257 6.62 -56.00 83.55
CA ARG C 257 5.84 -55.64 82.37
C ARG C 257 6.11 -54.18 82.01
N VAL C 258 5.76 -53.83 80.78
CA VAL C 258 5.92 -52.48 80.26
C VAL C 258 4.63 -52.08 79.57
N THR C 259 4.16 -50.88 79.84
CA THR C 259 2.99 -50.32 79.17
C THR C 259 3.41 -49.01 78.50
N VAL C 260 3.05 -48.83 77.25
CA VAL C 260 3.26 -47.58 76.53
C VAL C 260 1.90 -47.00 76.18
N SER C 261 1.68 -45.75 76.55
CA SER C 261 0.42 -45.08 76.30
C SER C 261 0.69 -43.79 75.55
N LEU C 262 -0.17 -43.49 74.58
CA LEU C 262 -0.06 -42.29 73.76
C LEU C 262 -1.28 -41.40 74.04
N TRP C 263 -1.01 -40.16 74.46
CA TRP C 263 -2.06 -39.22 74.84
C TRP C 263 -2.02 -37.99 73.96
N GLN C 264 -3.12 -37.25 73.95
CA GLN C 264 -3.13 -35.90 73.39
C GLN C 264 -4.21 -35.12 74.16
N GLY C 265 -3.77 -34.27 75.07
CA GLY C 265 -4.71 -33.66 76.01
C GLY C 265 -5.04 -34.68 77.06
N GLU C 266 -6.32 -34.78 77.40
CA GLU C 266 -6.79 -35.82 78.32
C GLU C 266 -7.20 -37.09 77.59
N THR C 267 -7.10 -37.13 76.26
CA THR C 267 -7.53 -38.27 75.48
C THR C 267 -6.38 -39.28 75.39
N GLN C 268 -6.57 -40.46 75.97
CA GLN C 268 -5.70 -41.60 75.68
C GLN C 268 -6.14 -42.17 74.34
N VAL C 269 -5.27 -42.06 73.33
CA VAL C 269 -5.65 -42.50 72.00
C VAL C 269 -5.26 -43.96 71.71
N ALA C 270 -4.30 -44.51 72.46
CA ALA C 270 -3.92 -45.91 72.32
C ALA C 270 -3.03 -46.29 73.49
N SER C 271 -2.87 -47.59 73.69
CA SER C 271 -1.96 -48.12 74.70
C SER C 271 -1.70 -49.59 74.42
N GLY C 272 -0.59 -50.08 74.95
CA GLY C 272 -0.26 -51.51 74.88
C GLY C 272 0.63 -51.92 76.03
N THR C 273 0.58 -53.21 76.34
CA THR C 273 1.36 -53.77 77.44
C THR C 273 1.99 -55.09 76.99
N ALA C 274 3.15 -55.41 77.54
CA ALA C 274 3.81 -56.67 77.22
C ALA C 274 4.80 -56.99 78.33
N PRO C 275 5.18 -58.25 78.48
CA PRO C 275 6.36 -58.59 79.28
C PRO C 275 7.63 -58.30 78.48
N PHE C 276 8.78 -58.48 79.13
CA PHE C 276 10.02 -58.32 78.42
C PHE C 276 10.32 -59.56 77.58
N GLY C 277 11.17 -59.36 76.57
CA GLY C 277 11.43 -60.38 75.58
C GLY C 277 11.09 -59.90 74.18
N GLY C 278 12.11 -59.53 73.40
CA GLY C 278 11.89 -59.04 72.06
C GLY C 278 11.84 -60.16 71.04
N GLU C 279 11.65 -59.76 69.78
CA GLU C 279 11.66 -60.73 68.69
C GLU C 279 13.01 -61.43 68.62
N ILE C 280 13.00 -62.62 68.04
CA ILE C 280 14.25 -63.31 67.73
C ILE C 280 15.13 -62.42 66.87
N ILE C 281 16.38 -62.24 67.28
CA ILE C 281 17.33 -61.38 66.58
C ILE C 281 18.31 -62.19 65.75
N ASP C 282 18.95 -63.19 66.35
CA ASP C 282 19.92 -64.01 65.61
C ASP C 282 19.90 -65.42 66.19
N GLU C 283 20.94 -66.20 65.88
CA GLU C 283 21.01 -67.60 66.28
C GLU C 283 21.05 -67.78 67.79
N ARG C 284 21.37 -66.73 68.55
CA ARG C 284 21.44 -66.84 70.00
C ARG C 284 20.17 -66.35 70.68
N GLY C 285 19.13 -66.04 69.92
CA GLY C 285 17.87 -65.60 70.52
C GLY C 285 17.60 -64.12 70.33
N GLY C 286 16.92 -63.51 71.28
CA GLY C 286 16.59 -62.11 71.19
C GLY C 286 16.98 -61.33 72.43
N TYR C 287 16.49 -60.10 72.54
CA TYR C 287 16.79 -59.26 73.69
C TYR C 287 15.79 -59.57 74.80
N ALA C 288 16.26 -60.21 75.87
CA ALA C 288 15.38 -60.51 76.98
C ALA C 288 15.08 -59.28 77.82
N ASP C 289 16.04 -58.35 77.90
CA ASP C 289 15.87 -57.10 78.63
C ASP C 289 15.24 -56.00 77.77
N ARG C 290 14.45 -56.36 76.76
CA ARG C 290 13.86 -55.38 75.88
C ARG C 290 12.48 -55.85 75.43
N VAL C 291 11.67 -54.89 75.02
CA VAL C 291 10.35 -55.18 74.46
C VAL C 291 9.95 -54.01 73.58
N THR C 292 9.32 -54.31 72.46
CA THR C 292 8.86 -53.31 71.50
C THR C 292 7.35 -53.37 71.43
N LEU C 293 6.70 -52.21 71.54
CA LEU C 293 5.26 -52.12 71.54
C LEU C 293 4.79 -51.30 70.35
N ARG C 294 3.80 -51.82 69.63
CA ARG C 294 3.24 -51.17 68.45
C ARG C 294 1.83 -50.68 68.76
N LEU C 295 1.57 -49.41 68.47
CA LEU C 295 0.27 -48.79 68.71
C LEU C 295 -0.30 -48.29 67.39
N ASN C 296 -1.51 -48.74 67.06
CA ASN C 296 -2.20 -48.22 65.89
C ASN C 296 -2.80 -46.86 66.21
N VAL C 297 -2.81 -45.98 65.21
CA VAL C 297 -3.32 -44.62 65.37
C VAL C 297 -4.04 -44.27 64.06
N GLU C 298 -5.36 -44.22 64.10
CA GLU C 298 -6.12 -43.80 62.94
C GLU C 298 -6.14 -42.28 62.84
N ASN C 299 -6.01 -41.78 61.61
CA ASN C 299 -6.01 -40.36 61.26
C ASN C 299 -5.25 -39.52 62.28
N PRO C 300 -3.95 -39.68 62.40
CA PRO C 300 -3.18 -38.91 63.38
C PRO C 300 -2.99 -37.46 62.94
N LYS C 301 -3.00 -36.59 63.93
CA LYS C 301 -2.64 -35.19 63.71
C LYS C 301 -1.14 -35.11 63.48
N LEU C 302 -0.74 -34.73 62.27
CA LEU C 302 0.65 -34.83 61.87
C LEU C 302 1.45 -33.60 62.30
N TRP C 303 2.71 -33.84 62.68
CA TRP C 303 3.60 -32.79 63.09
C TRP C 303 4.23 -32.09 61.89
N SER C 304 4.46 -30.79 62.05
CA SER C 304 5.15 -29.98 61.07
C SER C 304 5.49 -28.67 61.75
N ALA C 305 6.36 -27.89 61.11
CA ALA C 305 6.63 -26.55 61.62
C ALA C 305 5.42 -25.62 61.46
N GLU C 306 4.51 -25.94 60.55
CA GLU C 306 3.31 -25.14 60.39
C GLU C 306 2.32 -25.40 61.51
N ILE C 307 1.94 -26.65 61.72
CA ILE C 307 1.11 -27.06 62.84
C ILE C 307 1.84 -28.14 63.62
N PRO C 308 2.45 -27.80 64.76
CA PRO C 308 3.25 -28.75 65.55
C PRO C 308 2.39 -29.64 66.45
N ASN C 309 1.60 -30.51 65.83
CA ASN C 309 0.72 -31.40 66.56
C ASN C 309 1.55 -32.43 67.34
N LEU C 310 1.46 -32.37 68.67
CA LEU C 310 2.24 -33.23 69.55
C LEU C 310 1.32 -34.12 70.37
N TYR C 311 1.59 -35.42 70.32
CA TYR C 311 1.04 -36.35 71.30
C TYR C 311 2.07 -36.50 72.43
N ARG C 312 1.74 -37.26 73.46
CA ARG C 312 2.72 -37.62 74.48
C ARG C 312 2.67 -39.13 74.73
N ALA C 313 3.84 -39.76 74.63
CA ALA C 313 3.98 -41.18 74.94
C ALA C 313 4.46 -41.34 76.36
N VAL C 314 3.86 -42.28 77.09
CA VAL C 314 4.21 -42.55 78.47
C VAL C 314 4.69 -44.00 78.57
N VAL C 315 5.83 -44.20 79.19
CA VAL C 315 6.44 -45.52 79.33
C VAL C 315 6.45 -45.86 80.81
N GLU C 316 5.66 -46.86 81.21
CA GLU C 316 5.61 -47.32 82.58
C GLU C 316 6.26 -48.70 82.66
N LEU C 317 7.25 -48.81 83.53
CA LEU C 317 7.83 -50.09 83.92
C LEU C 317 7.14 -50.51 85.22
N HIS C 318 6.34 -51.57 85.15
CA HIS C 318 5.57 -52.01 86.30
C HIS C 318 5.60 -53.53 86.39
N THR C 319 4.89 -54.05 87.38
CA THR C 319 4.73 -55.48 87.55
C THR C 319 3.34 -55.92 87.08
N ALA C 320 3.16 -57.25 86.97
CA ALA C 320 1.88 -57.80 86.56
C ALA C 320 0.77 -57.38 87.52
N ASP C 321 1.01 -57.48 88.82
CA ASP C 321 0.06 -56.98 89.82
C ASP C 321 -0.01 -55.44 89.86
N GLY C 322 0.63 -54.74 88.92
CA GLY C 322 0.39 -53.33 88.69
C GLY C 322 1.26 -52.35 89.45
N THR C 323 2.14 -52.83 90.33
CA THR C 323 3.02 -51.92 91.06
C THR C 323 3.91 -51.16 90.08
N LEU C 324 3.76 -49.84 90.04
CA LEU C 324 4.62 -49.01 89.20
C LEU C 324 6.02 -48.94 89.79
N ILE C 325 7.02 -49.24 88.97
CA ILE C 325 8.42 -49.07 89.35
C ILE C 325 8.94 -47.72 88.91
N GLU C 326 8.68 -47.34 87.66
CA GLU C 326 9.26 -46.14 87.08
C GLU C 326 8.47 -45.75 85.86
N ALA C 327 8.40 -44.44 85.61
CA ALA C 327 7.71 -43.92 84.44
C ALA C 327 8.59 -42.92 83.71
N GLU C 328 8.60 -43.01 82.39
CA GLU C 328 9.26 -42.03 81.53
C GLU C 328 8.32 -41.65 80.40
N ALA C 329 8.53 -40.46 79.87
CA ALA C 329 7.65 -39.93 78.85
C ALA C 329 8.40 -38.94 77.97
N CYS C 330 7.83 -38.71 76.79
CA CYS C 330 8.36 -37.72 75.85
C CYS C 330 7.25 -37.32 74.89
N ASP C 331 7.35 -36.10 74.39
CA ASP C 331 6.46 -35.65 73.33
C ASP C 331 6.69 -36.47 72.07
N VAL C 332 5.67 -36.52 71.22
CA VAL C 332 5.66 -37.34 70.02
C VAL C 332 5.07 -36.52 68.89
N GLY C 333 5.78 -36.47 67.77
CA GLY C 333 5.25 -35.83 66.60
C GLY C 333 5.12 -36.83 65.47
N PHE C 334 3.91 -37.00 64.96
CA PHE C 334 3.71 -37.95 63.86
C PHE C 334 4.13 -37.25 62.58
N ARG C 335 5.30 -37.63 62.08
CA ARG C 335 5.87 -37.00 60.89
C ARG C 335 6.87 -37.96 60.26
N GLU C 336 6.86 -38.01 58.93
CA GLU C 336 7.76 -38.87 58.19
C GLU C 336 8.74 -38.00 57.41
N VAL C 337 10.03 -38.23 57.61
CA VAL C 337 11.08 -37.53 56.88
C VAL C 337 11.74 -38.54 55.96
N ARG C 338 11.76 -38.24 54.66
CA ARG C 338 12.42 -39.13 53.72
C ARG C 338 12.80 -38.35 52.47
N ILE C 339 13.82 -38.84 51.77
CA ILE C 339 14.21 -38.31 50.48
C ILE C 339 13.73 -39.28 49.41
N GLU C 340 12.97 -38.77 48.45
CA GLU C 340 12.43 -39.59 47.37
C GLU C 340 12.50 -38.80 46.08
N ASN C 341 12.96 -39.46 45.01
CA ASN C 341 13.21 -38.83 43.72
C ASN C 341 13.89 -37.48 43.88
N GLY C 342 14.92 -37.46 44.72
CA GLY C 342 15.75 -36.28 44.84
C GLY C 342 15.20 -35.16 45.69
N LEU C 343 14.03 -35.32 46.30
CA LEU C 343 13.43 -34.26 47.10
C LEU C 343 13.33 -34.69 48.55
N LEU C 344 13.63 -33.76 49.46
CA LEU C 344 13.39 -33.95 50.89
C LEU C 344 11.91 -33.75 51.19
N LEU C 345 11.25 -34.79 51.70
CA LEU C 345 9.81 -34.80 51.90
C LEU C 345 9.49 -34.77 53.39
N LEU C 346 8.55 -33.90 53.76
CA LEU C 346 7.94 -33.88 55.09
C LEU C 346 6.49 -34.35 54.91
N ASN C 347 6.18 -35.52 55.45
CA ASN C 347 4.83 -36.07 55.35
C ASN C 347 4.37 -36.13 53.88
N GLY C 348 5.29 -36.48 52.99
CA GLY C 348 4.98 -36.68 51.59
C GLY C 348 4.99 -35.43 50.73
N LYS C 349 5.31 -34.27 51.29
CA LYS C 349 5.32 -33.04 50.52
C LYS C 349 6.68 -32.35 50.64
N PRO C 350 7.18 -31.76 49.57
CA PRO C 350 8.56 -31.26 49.57
C PRO C 350 8.68 -30.00 50.40
N LEU C 351 9.66 -30.00 51.31
CA LEU C 351 9.93 -28.82 52.12
C LEU C 351 10.64 -27.75 51.30
N LEU C 352 10.52 -26.52 51.78
CA LEU C 352 11.34 -25.41 51.32
C LEU C 352 11.92 -24.79 52.59
N ILE C 353 13.16 -25.13 52.89
CA ILE C 353 13.75 -24.84 54.20
C ILE C 353 13.99 -23.34 54.33
N ARG C 354 13.24 -22.70 55.21
CA ARG C 354 13.47 -21.30 55.58
C ARG C 354 14.25 -21.33 56.89
N GLY C 355 15.54 -21.63 56.79
CA GLY C 355 16.35 -21.96 57.93
C GLY C 355 17.38 -20.89 58.28
N VAL C 356 17.91 -21.02 59.49
CA VAL C 356 19.01 -20.18 59.95
C VAL C 356 19.88 -21.00 60.89
N ASN C 357 21.18 -20.75 60.85
CA ASN C 357 22.07 -21.29 61.85
C ASN C 357 21.97 -20.48 63.12
N ARG C 358 21.97 -21.16 64.27
CA ARG C 358 21.87 -20.49 65.56
C ARG C 358 22.93 -21.04 66.52
N HIS C 359 23.82 -20.18 66.97
CA HIS C 359 24.74 -20.51 68.04
C HIS C 359 24.08 -20.25 69.39
N GLU C 360 24.60 -20.93 70.41
CA GLU C 360 24.12 -20.73 71.78
C GLU C 360 24.97 -19.60 72.38
N HIS C 361 24.50 -18.37 72.20
CA HIS C 361 25.26 -17.20 72.61
C HIS C 361 24.37 -16.21 73.36
N HIS C 362 24.93 -15.62 74.42
CA HIS C 362 24.25 -14.58 75.19
C HIS C 362 25.32 -13.55 75.53
N PRO C 363 25.06 -12.26 75.27
CA PRO C 363 26.13 -11.26 75.40
C PRO C 363 26.65 -11.09 76.83
N LEU C 364 25.94 -11.59 77.83
CA LEU C 364 26.36 -11.49 79.22
C LEU C 364 26.70 -12.83 79.85
N HIS C 365 25.92 -13.87 79.56
CA HIS C 365 26.14 -15.19 80.13
C HIS C 365 26.95 -16.09 79.20
N GLY C 366 27.50 -15.53 78.13
CA GLY C 366 28.37 -16.29 77.24
C GLY C 366 27.64 -17.39 76.50
N GLN C 367 27.98 -18.64 76.78
CA GLN C 367 27.38 -19.78 76.10
C GLN C 367 26.40 -20.54 76.99
N VAL C 368 26.00 -19.95 78.11
CA VAL C 368 24.94 -20.52 78.94
C VAL C 368 23.61 -20.07 78.38
N MET C 369 22.71 -21.03 78.16
CA MET C 369 21.40 -20.74 77.60
C MET C 369 20.32 -20.87 78.67
N ASP C 370 19.27 -20.07 78.53
CA ASP C 370 18.12 -20.11 79.43
C ASP C 370 16.86 -20.22 78.59
N GLU C 371 15.76 -20.58 79.27
CA GLU C 371 14.50 -20.74 78.56
C GLU C 371 14.07 -19.43 77.90
N GLN C 372 14.22 -18.31 78.61
CA GLN C 372 13.68 -17.04 78.12
C GLN C 372 14.35 -16.62 76.81
N THR C 373 15.68 -16.70 76.75
CA THR C 373 16.37 -16.37 75.51
C THR C 373 16.01 -17.36 74.41
N MET C 374 15.87 -18.64 74.75
CA MET C 374 15.47 -19.63 73.75
C MET C 374 14.11 -19.30 73.17
N VAL C 375 13.13 -19.01 74.04
CA VAL C 375 11.79 -18.65 73.57
C VAL C 375 11.85 -17.39 72.72
N GLN C 376 12.60 -16.39 73.18
CA GLN C 376 12.73 -15.16 72.42
C GLN C 376 13.32 -15.42 71.04
N ASP C 377 14.35 -16.25 70.96
CA ASP C 377 14.94 -16.60 69.67
C ASP C 377 13.92 -17.30 68.77
N ILE C 378 13.14 -18.21 69.34
CA ILE C 378 12.21 -19.00 68.54
C ILE C 378 11.09 -18.13 68.01
N LEU C 379 10.48 -17.32 68.87
CA LEU C 379 9.38 -16.47 68.43
C LEU C 379 9.86 -15.47 67.37
N LEU C 380 11.01 -14.84 67.61
CA LEU C 380 11.60 -13.96 66.61
C LEU C 380 11.82 -14.68 65.29
N MET C 381 12.23 -15.95 65.34
CA MET C 381 12.46 -16.71 64.13
C MET C 381 11.16 -16.96 63.38
N LYS C 382 10.13 -17.45 64.08
CA LYS C 382 8.87 -17.74 63.42
C LYS C 382 8.17 -16.48 62.95
N GLN C 383 8.32 -15.39 63.70
CA GLN C 383 7.74 -14.10 63.29
C GLN C 383 8.39 -13.57 62.02
N ASN C 384 9.59 -14.04 61.68
CA ASN C 384 10.27 -13.63 60.46
C ASN C 384 10.35 -14.76 59.45
N ASN C 385 9.38 -15.68 59.51
CA ASN C 385 9.14 -16.67 58.46
C ASN C 385 10.22 -17.72 58.35
N PHE C 386 10.82 -18.07 59.48
CA PHE C 386 11.77 -19.17 59.54
C PHE C 386 11.04 -20.41 60.01
N ASN C 387 11.30 -21.53 59.35
CA ASN C 387 10.74 -22.82 59.75
C ASN C 387 11.80 -23.83 60.17
N ALA C 388 13.09 -23.45 60.14
CA ALA C 388 14.14 -24.43 60.40
C ALA C 388 15.32 -23.75 61.07
N VAL C 389 16.04 -24.53 61.87
CA VAL C 389 17.22 -24.03 62.56
C VAL C 389 18.25 -25.15 62.64
N ARG C 390 19.48 -24.86 62.21
CA ARG C 390 20.59 -25.78 62.30
C ARG C 390 21.39 -25.45 63.56
N CYS C 391 21.62 -26.47 64.39
CA CYS C 391 22.31 -26.32 65.67
C CYS C 391 23.81 -26.26 65.40
N SER C 392 24.25 -25.10 64.95
CA SER C 392 25.63 -24.89 64.56
C SER C 392 26.48 -24.53 65.77
N HIS C 393 27.45 -25.38 66.11
CA HIS C 393 27.71 -26.64 65.40
C HIS C 393 27.90 -27.76 66.41
N TYR C 394 26.85 -28.10 67.13
CA TYR C 394 26.95 -29.00 68.28
C TYR C 394 25.55 -29.26 68.81
N PRO C 395 25.37 -30.34 69.57
CA PRO C 395 24.07 -30.55 70.24
C PRO C 395 23.78 -29.42 71.20
N ASN C 396 22.53 -28.97 71.19
CA ASN C 396 22.09 -27.83 71.98
C ASN C 396 21.66 -28.27 73.37
N HIS C 397 21.46 -27.29 74.24
CA HIS C 397 20.79 -27.48 75.51
C HIS C 397 19.51 -28.31 75.29
N PRO C 398 19.24 -29.30 76.14
CA PRO C 398 18.11 -30.22 75.87
C PRO C 398 16.77 -29.52 75.73
N LEU C 399 16.59 -28.37 76.36
CA LEU C 399 15.31 -27.67 76.28
C LEU C 399 15.04 -27.17 74.87
N TRP C 400 16.10 -26.91 74.09
CA TRP C 400 15.93 -26.33 72.77
C TRP C 400 15.09 -27.23 71.86
N TYR C 401 15.37 -28.53 71.88
CA TYR C 401 14.57 -29.44 71.06
C TYR C 401 13.14 -29.54 71.58
N THR C 402 12.96 -29.46 72.90
CA THR C 402 11.62 -29.47 73.46
C THR C 402 10.80 -28.31 72.92
N LEU C 403 11.40 -27.12 72.83
CA LEU C 403 10.66 -25.95 72.39
C LEU C 403 10.40 -26.00 70.89
N CYS C 404 11.35 -26.51 70.11
CA CYS C 404 11.13 -26.65 68.67
C CYS C 404 10.06 -27.69 68.37
N ASP C 405 9.96 -28.73 69.22
CA ASP C 405 8.85 -29.67 69.11
C ASP C 405 7.51 -28.96 69.24
N ARG C 406 7.44 -27.99 70.15
CA ARG C 406 6.18 -27.36 70.52
C ARG C 406 5.86 -26.12 69.69
N TYR C 407 6.85 -25.25 69.45
CA TYR C 407 6.60 -24.09 68.61
C TYR C 407 6.70 -24.41 67.13
N GLY C 408 7.36 -25.50 66.77
CA GLY C 408 7.38 -25.94 65.39
C GLY C 408 8.52 -25.36 64.58
N LEU C 409 9.71 -25.93 64.72
CA LEU C 409 10.84 -25.62 63.87
C LEU C 409 11.50 -26.91 63.46
N TYR C 410 11.77 -27.07 62.16
CA TYR C 410 12.61 -28.16 61.70
C TYR C 410 14.03 -27.94 62.19
N VAL C 411 14.64 -28.98 62.74
CA VAL C 411 15.93 -28.86 63.41
C VAL C 411 16.93 -29.82 62.77
N VAL C 412 18.11 -29.31 62.47
CA VAL C 412 19.26 -30.12 62.10
C VAL C 412 20.12 -30.27 63.35
N ASP C 413 20.19 -31.48 63.88
CA ASP C 413 21.00 -31.77 65.05
C ASP C 413 22.41 -32.12 64.59
N GLU C 414 23.40 -31.34 65.03
CA GLU C 414 24.76 -31.45 64.53
C GLU C 414 25.70 -31.99 65.60
N ALA C 415 26.56 -32.93 65.22
CA ALA C 415 27.55 -33.47 66.14
C ALA C 415 28.61 -32.43 66.48
N ASN C 416 29.14 -32.52 67.69
CA ASN C 416 30.15 -31.58 68.16
C ASN C 416 31.52 -32.00 67.62
N ILE C 417 31.68 -31.85 66.30
CA ILE C 417 32.92 -32.20 65.63
C ILE C 417 33.28 -31.13 64.61
N GLU C 418 34.25 -30.27 64.94
CA GLU C 418 34.83 -29.35 63.97
C GLU C 418 36.34 -29.35 64.13
N THR C 419 37.04 -29.69 63.05
CA THR C 419 38.50 -29.69 63.02
C THR C 419 39.01 -28.71 61.97
N HIS C 420 38.38 -27.54 61.89
CA HIS C 420 38.64 -26.58 60.82
C HIS C 420 40.12 -26.21 60.76
N GLY C 421 40.73 -25.94 61.91
CA GLY C 421 42.10 -25.48 61.96
C GLY C 421 43.16 -26.48 61.55
N MET C 422 42.79 -27.72 61.29
CA MET C 422 43.74 -28.74 60.87
C MET C 422 44.19 -28.49 59.43
N VAL C 423 45.41 -28.92 59.13
CA VAL C 423 45.93 -28.90 57.76
C VAL C 423 46.38 -30.31 57.39
N PRO C 424 45.68 -30.98 56.46
CA PRO C 424 44.44 -30.45 55.89
C PRO C 424 43.25 -30.67 56.83
N MET C 425 42.07 -30.21 56.42
CA MET C 425 40.91 -30.28 57.32
C MET C 425 40.59 -31.72 57.70
N ASN C 426 40.90 -32.68 56.84
CA ASN C 426 40.61 -34.08 57.18
C ASN C 426 41.80 -34.80 57.82
N ARG C 427 42.64 -34.10 58.59
CA ARG C 427 43.79 -34.77 59.17
C ARG C 427 43.39 -35.72 60.28
N LEU C 428 42.45 -35.31 61.14
CA LEU C 428 41.96 -36.16 62.21
C LEU C 428 40.78 -37.02 61.77
N THR C 429 39.87 -36.48 60.96
CA THR C 429 38.69 -37.24 60.60
C THR C 429 38.99 -38.39 59.64
N ASP C 430 40.16 -38.40 59.00
CA ASP C 430 40.59 -39.56 58.23
C ASP C 430 41.46 -40.51 59.02
N ASP C 431 41.86 -40.12 60.24
CA ASP C 431 42.69 -40.96 61.09
C ASP C 431 41.82 -41.90 61.91
N PRO C 432 41.97 -43.22 61.76
CA PRO C 432 41.14 -44.14 62.55
C PRO C 432 41.41 -44.08 64.04
N ARG C 433 42.57 -43.55 64.45
CA ARG C 433 42.82 -43.36 65.87
C ARG C 433 41.94 -42.29 66.48
N TRP C 434 41.27 -41.47 65.67
CA TRP C 434 40.30 -40.52 66.17
C TRP C 434 38.87 -40.96 65.92
N LEU C 435 38.69 -42.10 65.26
CA LEU C 435 37.34 -42.63 65.08
C LEU C 435 36.62 -42.84 66.41
N PRO C 436 37.23 -43.38 67.47
CA PRO C 436 36.49 -43.48 68.75
C PRO C 436 36.00 -42.15 69.27
N ALA C 437 36.87 -41.15 69.35
CA ALA C 437 36.47 -39.84 69.87
C ALA C 437 35.34 -39.24 69.03
N MET C 438 35.38 -39.46 67.72
CA MET C 438 34.34 -38.91 66.85
C MET C 438 33.04 -39.68 67.01
N SER C 439 33.13 -41.00 67.08
CA SER C 439 31.92 -41.81 67.17
C SER C 439 31.12 -41.48 68.43
N GLU C 440 31.81 -41.30 69.57
CA GLU C 440 31.10 -40.95 70.79
C GLU C 440 30.41 -39.61 70.65
N ARG C 441 30.97 -38.68 69.89
CA ARG C 441 30.32 -37.40 69.67
C ARG C 441 29.10 -37.50 68.77
N VAL C 442 29.01 -38.54 67.94
CA VAL C 442 27.89 -38.75 67.02
C VAL C 442 26.85 -39.68 67.62
N THR C 443 27.28 -40.84 68.13
CA THR C 443 26.33 -41.82 68.65
C THR C 443 25.59 -41.29 69.87
N ARG C 444 26.30 -40.58 70.75
CA ARG C 444 25.64 -40.07 71.95
C ARG C 444 24.68 -38.93 71.64
N MET C 445 24.86 -38.23 70.52
CA MET C 445 23.87 -37.25 70.09
C MET C 445 22.60 -37.95 69.63
N VAL C 446 22.74 -38.93 68.72
CA VAL C 446 21.58 -39.70 68.28
C VAL C 446 20.89 -40.33 69.46
N GLN C 447 21.64 -40.94 70.38
CA GLN C 447 21.02 -41.60 71.52
C GLN C 447 20.25 -40.62 72.40
N ARG C 448 20.66 -39.35 72.42
CA ARG C 448 20.01 -38.38 73.29
C ARG C 448 18.79 -37.73 72.66
N ASP C 449 18.81 -37.51 71.35
CA ASP C 449 17.85 -36.63 70.69
C ASP C 449 17.00 -37.34 69.64
N ARG C 450 17.13 -38.66 69.51
CA ARG C 450 16.40 -39.37 68.45
C ARG C 450 14.89 -39.38 68.63
N ASN C 451 14.36 -38.98 69.80
CA ASN C 451 12.92 -39.01 70.01
C ASN C 451 12.24 -37.67 69.75
N HIS C 452 13.02 -36.61 69.60
CA HIS C 452 12.45 -35.29 69.32
C HIS C 452 11.98 -35.22 67.88
N PRO C 453 10.69 -34.99 67.63
CA PRO C 453 10.23 -34.89 66.23
C PRO C 453 10.81 -33.72 65.47
N SER C 454 11.15 -32.63 66.16
CA SER C 454 11.70 -31.46 65.47
C SER C 454 13.01 -31.78 64.77
N VAL C 455 13.81 -32.68 65.33
CA VAL C 455 15.03 -33.10 64.65
C VAL C 455 14.63 -33.90 63.42
N ILE C 456 14.88 -33.34 62.24
CA ILE C 456 14.54 -34.01 60.98
C ILE C 456 15.78 -34.39 60.17
N ILE C 457 16.95 -33.86 60.51
CA ILE C 457 18.17 -34.15 59.79
C ILE C 457 19.31 -34.27 60.80
N TRP C 458 20.08 -35.35 60.70
CA TRP C 458 21.32 -35.49 61.47
C TRP C 458 22.47 -34.93 60.66
N SER C 459 23.38 -34.23 61.34
CA SER C 459 24.61 -33.76 60.71
C SER C 459 25.81 -34.30 61.46
N LEU C 460 26.83 -34.74 60.72
CA LEU C 460 28.02 -35.35 61.29
C LEU C 460 29.02 -34.33 61.83
N GLY C 461 28.73 -33.04 61.75
CA GLY C 461 29.63 -32.03 62.24
C GLY C 461 29.81 -30.93 61.21
N ASN C 462 30.92 -30.22 61.32
CA ASN C 462 31.14 -29.04 60.48
C ASN C 462 32.61 -28.82 60.23
N GLU C 463 32.95 -28.51 58.98
CA GLU C 463 34.28 -28.06 58.55
C GLU C 463 35.38 -28.93 59.13
N SER C 464 35.34 -30.20 58.74
CA SER C 464 36.35 -31.15 59.18
C SER C 464 36.82 -32.00 58.03
N GLY C 465 36.72 -31.46 56.80
CA GLY C 465 37.07 -32.20 55.60
C GLY C 465 36.19 -33.44 55.48
N HIS C 466 36.62 -34.34 54.61
CA HIS C 466 35.94 -35.62 54.42
C HIS C 466 36.94 -36.74 54.67
N GLY C 467 36.81 -37.40 55.83
CA GLY C 467 37.60 -38.57 56.14
C GLY C 467 36.73 -39.82 56.15
N ALA C 468 37.41 -40.96 56.32
CA ALA C 468 36.72 -42.25 56.38
C ALA C 468 35.85 -42.36 57.62
N ASN C 469 36.22 -41.68 58.70
CA ASN C 469 35.40 -41.74 59.91
C ASN C 469 34.06 -41.07 59.68
N HIS C 470 34.04 -40.05 58.83
CA HIS C 470 32.78 -39.34 58.53
C HIS C 470 31.81 -40.25 57.93
N ASP C 471 32.26 -41.00 56.92
CA ASP C 471 31.41 -41.99 56.22
C ASP C 471 31.08 -43.14 57.18
N ALA C 472 32.04 -43.49 58.04
CA ALA C 472 31.84 -44.59 59.02
C ALA C 472 30.71 -44.20 59.98
N LEU C 473 30.67 -42.94 60.40
CA LEU C 473 29.61 -42.43 61.32
C LEU C 473 28.32 -42.23 60.52
N TYR C 474 28.45 -41.98 59.21
CA TYR C 474 27.30 -41.77 58.33
C TYR C 474 26.47 -43.03 58.26
N ARG C 475 27.11 -44.16 57.93
CA ARG C 475 26.39 -45.42 57.82
C ARG C 475 25.88 -45.89 59.18
N TRP C 476 26.58 -45.54 60.25
CA TRP C 476 26.11 -45.93 61.57
C TRP C 476 24.77 -45.29 61.88
N ILE C 477 24.63 -43.99 61.58
CA ILE C 477 23.35 -43.34 61.80
C ILE C 477 22.30 -43.94 60.90
N LYS C 478 22.63 -44.15 59.62
CA LYS C 478 21.65 -44.69 58.69
C LYS C 478 21.15 -46.06 59.12
N SER C 479 22.00 -46.84 59.79
CA SER C 479 21.58 -48.16 60.23
C SER C 479 20.88 -48.15 61.59
N VAL C 480 21.13 -47.13 62.42
CA VAL C 480 20.47 -47.04 63.71
C VAL C 480 19.16 -46.25 63.62
N ASP C 481 19.12 -45.20 62.82
CA ASP C 481 17.93 -44.36 62.69
C ASP C 481 17.68 -44.08 61.22
N PRO C 482 16.97 -44.98 60.53
CA PRO C 482 16.62 -44.72 59.13
C PRO C 482 15.57 -43.63 58.96
N SER C 483 15.00 -43.12 60.05
CA SER C 483 13.93 -42.14 59.97
C SER C 483 14.41 -40.74 59.60
N ARG C 484 15.72 -40.49 59.62
CA ARG C 484 16.21 -39.15 59.33
C ARG C 484 17.37 -39.19 58.35
N PRO C 485 17.37 -38.32 57.35
CA PRO C 485 18.54 -38.19 56.48
C PRO C 485 19.74 -37.69 57.28
N VAL C 486 20.92 -37.98 56.75
CA VAL C 486 22.18 -37.53 57.33
C VAL C 486 22.83 -36.59 56.33
N GLN C 487 23.28 -35.44 56.82
CA GLN C 487 23.93 -34.46 55.96
C GLN C 487 25.28 -34.09 56.56
N TYR C 488 26.23 -33.76 55.69
CA TYR C 488 27.53 -33.29 56.14
C TYR C 488 28.20 -32.52 55.00
N GLU C 489 28.63 -31.30 55.30
CA GLU C 489 29.14 -30.40 54.26
C GLU C 489 30.61 -30.65 53.93
N GLY C 490 31.41 -31.05 54.91
CA GLY C 490 32.84 -31.15 54.72
C GLY C 490 33.27 -31.92 53.49
N GLY C 491 34.43 -31.56 52.94
CA GLY C 491 34.96 -32.25 51.80
C GLY C 491 34.25 -32.02 50.48
N GLY C 492 33.60 -30.87 50.31
CA GLY C 492 33.02 -30.52 49.03
C GLY C 492 31.52 -30.61 48.95
N ALA C 493 30.83 -30.80 50.07
CA ALA C 493 29.38 -30.67 50.22
C ALA C 493 28.58 -31.79 49.55
N ASP C 494 29.22 -32.70 48.81
CA ASP C 494 28.48 -33.76 48.14
C ASP C 494 29.18 -35.10 48.25
N THR C 495 29.92 -35.31 49.34
CA THR C 495 30.61 -36.56 49.54
C THR C 495 29.62 -37.71 49.72
N THR C 496 30.18 -38.91 49.88
CA THR C 496 29.39 -40.09 50.16
C THR C 496 28.83 -40.10 51.57
N ALA C 497 29.16 -39.10 52.39
CA ALA C 497 28.72 -39.01 53.77
C ALA C 497 27.53 -38.07 53.96
N THR C 498 26.81 -37.74 52.88
CA THR C 498 25.68 -36.82 52.97
C THR C 498 24.56 -37.26 52.05
N ASP C 499 23.34 -37.28 52.56
CA ASP C 499 22.17 -37.51 51.74
C ASP C 499 21.70 -36.25 51.03
N ILE C 500 22.27 -35.10 51.38
CA ILE C 500 21.85 -33.80 50.88
C ILE C 500 23.10 -33.05 50.46
N ILE C 501 23.07 -32.46 49.26
CA ILE C 501 24.12 -31.53 48.88
C ILE C 501 23.98 -30.30 49.78
N CYS C 502 24.95 -30.06 50.64
CA CYS C 502 24.80 -29.09 51.73
C CYS C 502 25.92 -28.06 51.71
N PRO C 503 26.09 -27.34 50.59
CA PRO C 503 27.20 -26.40 50.51
C PRO C 503 27.01 -25.19 51.42
N MET C 504 28.12 -24.52 51.70
CA MET C 504 28.11 -23.27 52.43
C MET C 504 28.61 -22.16 51.52
N TYR C 505 27.81 -21.11 51.37
CA TYR C 505 28.16 -19.92 50.62
C TYR C 505 28.38 -20.21 49.15
N ALA C 506 27.82 -21.31 48.65
CA ALA C 506 27.70 -21.50 47.21
C ALA C 506 26.78 -20.43 46.64
N ARG C 507 27.20 -19.83 45.55
CA ARG C 507 26.45 -18.74 44.96
C ARG C 507 25.38 -19.28 44.02
N VAL C 508 24.44 -18.40 43.63
CA VAL C 508 23.26 -18.83 42.88
C VAL C 508 23.63 -19.11 41.43
N ASP C 509 24.34 -18.20 40.79
CA ASP C 509 24.72 -18.35 39.40
C ASP C 509 26.22 -18.45 39.17
N GLU C 510 27.04 -17.85 40.03
CA GLU C 510 28.48 -17.79 39.82
C GLU C 510 29.15 -19.04 40.38
N ASP C 511 30.01 -19.65 39.57
CA ASP C 511 30.83 -20.77 40.04
C ASP C 511 32.06 -20.24 40.77
N GLN C 512 32.46 -20.95 41.83
CA GLN C 512 33.72 -20.70 42.52
C GLN C 512 34.51 -22.01 42.47
N PRO C 513 35.22 -22.27 41.37
CA PRO C 513 35.81 -23.59 41.13
C PRO C 513 37.13 -23.81 41.86
N PHE C 514 37.08 -23.80 43.20
CA PHE C 514 38.23 -24.16 44.00
C PHE C 514 38.68 -25.59 43.66
N PRO C 515 39.99 -25.86 43.68
CA PRO C 515 40.46 -27.23 43.46
C PRO C 515 39.97 -28.17 44.55
N ALA C 516 39.66 -29.40 44.14
CA ALA C 516 39.21 -30.49 45.01
C ALA C 516 37.82 -30.24 45.59
N VAL C 517 37.49 -28.99 45.88
CA VAL C 517 36.29 -28.65 46.63
C VAL C 517 35.54 -27.47 46.01
N PRO C 518 35.15 -27.53 44.74
CA PRO C 518 34.50 -26.36 44.13
C PRO C 518 33.17 -26.04 44.80
N LYS C 519 32.91 -24.75 44.98
CA LYS C 519 31.57 -24.27 45.32
C LYS C 519 30.89 -23.90 44.01
N TRP C 520 30.27 -24.90 43.38
CA TRP C 520 29.53 -24.66 42.16
C TRP C 520 28.33 -23.75 42.43
N SER C 521 27.81 -23.15 41.36
CA SER C 521 26.51 -22.51 41.47
C SER C 521 25.46 -23.57 41.78
N ILE C 522 24.54 -23.24 42.69
CA ILE C 522 23.57 -24.23 43.15
C ILE C 522 22.70 -24.73 42.00
N LYS C 523 22.39 -23.85 41.04
CA LYS C 523 21.61 -24.29 39.88
C LYS C 523 22.38 -25.32 39.07
N LYS C 524 23.67 -25.06 38.83
CA LYS C 524 24.48 -26.00 38.06
C LYS C 524 24.83 -27.23 38.87
N TRP C 525 24.94 -27.09 40.20
CA TRP C 525 25.32 -28.21 41.05
C TRP C 525 24.31 -29.35 40.96
N LEU C 526 23.02 -29.03 40.92
CA LEU C 526 22.00 -30.07 40.84
C LEU C 526 22.12 -30.90 39.57
N SER C 527 22.54 -30.28 38.48
CA SER C 527 22.57 -30.95 37.17
C SER C 527 23.90 -31.64 36.89
N LEU C 528 24.84 -31.62 37.82
CA LEU C 528 26.11 -32.30 37.58
C LEU C 528 25.84 -33.77 37.27
N PRO C 529 26.60 -34.36 36.35
CA PRO C 529 26.30 -35.74 35.94
C PRO C 529 26.31 -36.70 37.13
N GLY C 530 25.28 -37.55 37.19
CA GLY C 530 25.10 -38.49 38.27
C GLY C 530 24.45 -37.93 39.51
N GLU C 531 24.45 -36.61 39.69
CA GLU C 531 23.91 -35.99 40.89
C GLU C 531 22.38 -36.04 40.90
N THR C 532 21.81 -36.60 41.98
CA THR C 532 20.36 -36.71 42.12
C THR C 532 19.83 -36.17 43.44
N ARG C 533 20.68 -35.81 44.38
CA ARG C 533 20.24 -35.44 45.72
C ARG C 533 19.67 -34.03 45.73
N PRO C 534 18.86 -33.70 46.74
CA PRO C 534 18.46 -32.30 46.93
C PRO C 534 19.62 -31.45 47.38
N LEU C 535 19.46 -30.14 47.22
CA LEU C 535 20.46 -29.18 47.68
C LEU C 535 19.81 -28.25 48.70
N ILE C 536 20.34 -28.27 49.92
CA ILE C 536 19.94 -27.35 50.98
C ILE C 536 21.23 -26.77 51.54
N LEU C 537 21.43 -25.48 51.35
CA LEU C 537 22.67 -24.86 51.78
C LEU C 537 22.82 -24.96 53.29
N CYS C 538 23.88 -25.66 53.73
CA CYS C 538 24.17 -25.72 55.16
C CYS C 538 24.34 -24.32 55.75
N GLN C 539 24.94 -23.42 54.98
CA GLN C 539 25.12 -22.02 55.38
C GLN C 539 25.07 -21.17 54.12
N TYR C 540 24.35 -20.05 54.20
CA TYR C 540 24.32 -19.15 53.06
C TYR C 540 23.99 -17.75 53.55
N ALA C 541 24.42 -16.75 52.77
CA ALA C 541 24.19 -15.35 53.07
C ALA C 541 24.85 -14.95 54.39
N HIS C 542 26.16 -14.70 54.36
CA HIS C 542 26.92 -14.34 55.55
C HIS C 542 26.49 -12.97 56.03
N ALA C 543 25.62 -12.93 57.04
CA ALA C 543 24.99 -11.70 57.51
C ALA C 543 25.91 -10.89 58.44
N MET C 544 27.11 -10.60 57.95
CA MET C 544 28.11 -9.88 58.72
C MET C 544 27.87 -8.39 58.60
N GLY C 545 27.27 -7.79 59.63
CA GLY C 545 27.02 -6.36 59.60
C GLY C 545 25.99 -6.00 58.55
N ASN C 546 26.28 -4.96 57.78
CA ASN C 546 25.42 -4.53 56.67
C ASN C 546 25.61 -5.49 55.51
N SER C 547 24.70 -6.44 55.36
CA SER C 547 24.88 -7.51 54.39
C SER C 547 23.50 -8.07 54.01
N LEU C 548 23.49 -9.31 53.52
CA LEU C 548 22.35 -9.96 52.88
C LEU C 548 22.02 -9.32 51.53
N GLY C 549 23.00 -8.69 50.88
CA GLY C 549 22.81 -8.28 49.51
C GLY C 549 22.80 -9.49 48.59
N GLY C 550 21.85 -9.51 47.66
CA GLY C 550 21.65 -10.66 46.81
C GLY C 550 20.83 -11.76 47.44
N PHE C 551 20.15 -11.47 48.55
CA PHE C 551 19.35 -12.50 49.23
C PHE C 551 18.17 -12.94 48.38
N ALA C 552 17.52 -12.00 47.70
CA ALA C 552 16.35 -12.33 46.89
C ALA C 552 16.70 -13.27 45.76
N LYS C 553 17.92 -13.16 45.22
CA LYS C 553 18.34 -14.03 44.13
C LYS C 553 18.30 -15.50 44.55
N TYR C 554 18.65 -15.78 45.81
CA TYR C 554 18.59 -17.16 46.30
C TYR C 554 17.15 -17.68 46.27
N TRP C 555 16.22 -16.88 46.81
CA TRP C 555 14.86 -17.36 46.99
C TRP C 555 14.11 -17.47 45.67
N GLN C 556 14.49 -16.68 44.67
CA GLN C 556 14.01 -16.96 43.32
C GLN C 556 14.43 -18.36 42.90
N ALA C 557 15.72 -18.67 43.05
CA ALA C 557 16.21 -19.99 42.68
C ALA C 557 15.54 -21.07 43.53
N PHE C 558 15.38 -20.82 44.83
CA PHE C 558 14.70 -21.78 45.69
C PHE C 558 13.30 -22.08 45.18
N ARG C 559 12.58 -21.05 44.75
CA ARG C 559 11.22 -21.25 44.27
C ARG C 559 11.17 -21.77 42.83
N GLN C 560 12.15 -21.39 42.00
CA GLN C 560 12.14 -21.85 40.61
C GLN C 560 12.55 -23.31 40.49
N TYR C 561 13.46 -23.77 41.35
CA TYR C 561 14.07 -25.08 41.22
C TYR C 561 13.52 -26.03 42.27
N PRO C 562 12.91 -27.14 41.86
CA PRO C 562 12.39 -28.10 42.86
C PRO C 562 13.45 -28.59 43.84
N ARG C 563 14.57 -29.11 43.34
CA ARG C 563 15.56 -29.69 44.23
C ARG C 563 16.39 -28.65 44.97
N LEU C 564 16.23 -27.36 44.66
CA LEU C 564 16.75 -26.30 45.52
C LEU C 564 15.71 -26.10 46.62
N GLN C 565 15.91 -26.78 47.75
CA GLN C 565 14.94 -26.77 48.84
C GLN C 565 15.36 -25.87 49.99
N GLY C 566 16.00 -24.74 49.69
CA GLY C 566 16.29 -23.72 50.67
C GLY C 566 17.68 -23.83 51.26
N GLY C 567 17.85 -23.21 52.42
CA GLY C 567 19.13 -23.22 53.10
C GLY C 567 19.01 -22.63 54.49
N PHE C 568 20.13 -22.58 55.19
CA PHE C 568 20.20 -22.03 56.54
C PHE C 568 21.06 -20.77 56.51
N VAL C 569 20.45 -19.62 56.85
CA VAL C 569 21.18 -18.36 56.85
C VAL C 569 22.26 -18.40 57.92
N TRP C 570 23.41 -17.79 57.63
CA TRP C 570 24.49 -17.64 58.60
C TRP C 570 24.60 -16.17 58.99
N ASP C 571 24.22 -15.84 60.22
CA ASP C 571 23.56 -16.77 61.14
C ASP C 571 22.53 -15.97 61.96
N TRP C 572 22.13 -16.48 63.13
CA TRP C 572 21.07 -15.82 63.86
C TRP C 572 21.57 -14.61 64.65
N VAL C 573 22.56 -14.81 65.53
CA VAL C 573 22.96 -13.80 66.51
C VAL C 573 24.39 -13.34 66.28
N ASP C 574 24.61 -12.05 66.46
CA ASP C 574 25.97 -11.54 66.68
C ASP C 574 26.57 -12.22 67.90
N GLN C 575 27.78 -12.74 67.75
CA GLN C 575 28.49 -13.24 68.93
C GLN C 575 29.21 -12.08 69.62
N SER C 576 28.48 -11.01 69.91
CA SER C 576 29.03 -9.88 70.61
C SER C 576 29.10 -10.17 72.11
N LEU C 577 30.11 -9.62 72.76
CA LEU C 577 30.25 -9.74 74.20
C LEU C 577 30.19 -8.36 74.83
N ILE C 578 29.85 -8.31 76.11
CA ILE C 578 29.65 -7.05 76.81
C ILE C 578 30.84 -6.82 77.73
N LYS C 579 31.59 -5.75 77.45
CA LYS C 579 32.65 -5.28 78.30
C LYS C 579 32.25 -3.96 78.94
N TYR C 580 33.04 -3.56 79.94
CA TYR C 580 32.73 -2.39 80.76
C TYR C 580 33.90 -1.42 80.70
N ASP C 581 33.60 -0.13 80.63
CA ASP C 581 34.65 0.86 80.43
C ASP C 581 35.02 1.48 81.78
N GLU C 582 35.72 2.62 81.74
CA GLU C 582 36.23 3.26 82.96
C GLU C 582 35.13 3.45 83.99
N ASN C 583 33.93 3.81 83.54
CA ASN C 583 32.82 4.14 84.43
C ASN C 583 31.78 3.04 84.51
N GLY C 584 32.11 1.84 84.05
CA GLY C 584 31.16 0.74 84.07
C GLY C 584 30.03 0.85 83.07
N ASN C 585 30.21 1.63 81.99
CA ASN C 585 29.18 1.65 80.94
C ASN C 585 29.41 0.47 79.99
N PRO C 586 28.39 -0.32 79.69
CA PRO C 586 28.59 -1.51 78.85
C PRO C 586 28.72 -1.16 77.37
N TRP C 587 29.60 -1.89 76.69
CA TRP C 587 29.75 -1.78 75.24
C TRP C 587 29.97 -3.18 74.66
N SER C 588 29.66 -3.32 73.37
CA SER C 588 29.68 -4.62 72.71
C SER C 588 31.06 -4.89 72.12
N ALA C 589 31.72 -5.93 72.64
CA ALA C 589 33.07 -6.28 72.24
C ALA C 589 33.08 -7.47 71.29
N TYR C 590 34.15 -7.54 70.50
CA TYR C 590 34.35 -8.66 69.59
C TYR C 590 35.81 -9.12 69.72
N GLY C 591 36.29 -9.81 68.69
CA GLY C 591 37.62 -10.43 68.73
C GLY C 591 38.74 -9.49 69.10
N GLY C 592 39.59 -9.91 70.03
CA GLY C 592 40.72 -9.13 70.47
C GLY C 592 40.43 -8.15 71.59
N ASP C 593 39.16 -7.84 71.84
CA ASP C 593 38.82 -6.85 72.85
C ASP C 593 39.06 -7.35 74.27
N PHE C 594 39.44 -8.62 74.45
CA PHE C 594 39.76 -9.15 75.77
C PHE C 594 41.25 -9.45 75.92
N GLY C 595 42.10 -8.77 75.15
CA GLY C 595 43.50 -9.15 75.07
C GLY C 595 43.74 -10.49 74.40
N ASP C 596 42.69 -11.20 74.00
CA ASP C 596 42.82 -12.47 73.31
C ASP C 596 43.49 -12.26 71.95
N THR C 597 44.57 -13.00 71.69
CA THR C 597 45.24 -12.91 70.41
C THR C 597 46.10 -14.16 70.24
N PRO C 598 46.17 -14.75 69.04
CA PRO C 598 45.53 -14.26 67.81
C PRO C 598 44.00 -14.36 67.85
N ASN C 599 43.34 -13.45 67.15
CA ASN C 599 41.89 -13.40 67.09
C ASN C 599 41.46 -13.01 65.68
N ASP C 600 40.17 -13.15 65.42
CA ASP C 600 39.62 -12.82 64.11
C ASP C 600 38.52 -11.77 64.24
N ARG C 601 38.82 -10.74 65.06
CA ARG C 601 38.05 -9.50 65.23
C ARG C 601 36.54 -9.64 65.05
N GLN C 602 35.98 -8.90 64.10
CA GLN C 602 34.53 -8.77 63.98
C GLN C 602 33.86 -9.99 63.37
N PHE C 603 34.62 -10.99 62.92
CA PHE C 603 34.00 -12.13 62.23
C PHE C 603 33.16 -13.00 63.16
N CYS C 604 33.13 -12.70 64.45
CA CYS C 604 32.18 -13.35 65.34
C CYS C 604 30.78 -12.75 65.24
N MET C 605 30.60 -11.63 64.56
CA MET C 605 29.29 -10.98 64.46
C MET C 605 28.74 -11.20 63.04
N ASN C 606 27.91 -12.23 62.90
CA ASN C 606 27.29 -12.59 61.62
C ASN C 606 25.78 -12.71 61.73
N GLY C 607 25.18 -12.09 62.74
CA GLY C 607 23.78 -12.36 63.04
C GLY C 607 22.79 -11.46 62.29
N LEU C 608 21.58 -11.99 62.09
CA LEU C 608 20.48 -11.16 61.64
C LEU C 608 19.93 -10.30 62.75
N VAL C 609 20.27 -10.62 64.00
CA VAL C 609 19.86 -9.83 65.16
C VAL C 609 21.11 -9.57 66.01
N PHE C 610 21.12 -8.41 66.65
CA PHE C 610 22.17 -8.08 67.60
C PHE C 610 22.17 -9.09 68.75
N ALA C 611 23.23 -9.04 69.56
CA ALA C 611 23.33 -9.96 70.69
C ALA C 611 22.19 -9.74 71.68
N ASP C 612 21.75 -8.49 71.86
CA ASP C 612 20.60 -8.23 72.72
C ASP C 612 19.28 -8.66 72.09
N ARG C 613 19.32 -9.24 70.88
CA ARG C 613 18.19 -9.72 70.08
C ARG C 613 17.47 -8.59 69.35
N THR C 614 18.01 -7.38 69.35
CA THR C 614 17.52 -6.35 68.44
C THR C 614 17.75 -6.79 67.00
N PRO C 615 16.78 -6.60 66.11
CA PRO C 615 16.99 -7.02 64.71
C PRO C 615 17.92 -6.06 63.97
N HIS C 616 18.77 -6.63 63.13
CA HIS C 616 19.42 -5.86 62.08
C HIS C 616 18.38 -5.53 60.99
N PRO C 617 18.68 -4.56 60.12
CA PRO C 617 17.76 -4.30 59.01
C PRO C 617 17.53 -5.49 58.10
N ALA C 618 18.57 -6.30 57.90
CA ALA C 618 18.50 -7.44 56.97
C ALA C 618 17.49 -8.48 57.39
N LEU C 619 16.98 -8.43 58.63
CA LEU C 619 16.06 -9.46 59.09
C LEU C 619 14.74 -9.41 58.31
N THR C 620 14.19 -8.22 58.12
CA THR C 620 12.92 -8.14 57.39
C THR C 620 13.10 -8.50 55.93
N GLU C 621 14.29 -8.27 55.36
CA GLU C 621 14.56 -8.76 54.01
C GLU C 621 14.42 -10.28 53.97
N ALA C 622 14.95 -10.96 54.98
CA ALA C 622 14.74 -12.40 55.07
C ALA C 622 13.26 -12.71 55.29
N LYS C 623 12.61 -11.97 56.19
CA LYS C 623 11.19 -12.18 56.42
C LYS C 623 10.39 -12.02 55.13
N HIS C 624 10.73 -11.00 54.33
CA HIS C 624 10.01 -10.77 53.08
C HIS C 624 10.27 -11.90 52.09
N GLN C 625 11.54 -12.25 51.89
CA GLN C 625 11.86 -13.25 50.87
C GLN C 625 11.36 -14.64 51.27
N GLN C 626 11.31 -14.94 52.57
CA GLN C 626 10.89 -16.25 53.04
C GLN C 626 9.39 -16.33 53.32
N GLN C 627 8.61 -15.33 52.92
CA GLN C 627 7.20 -15.33 53.29
C GLN C 627 6.44 -16.46 52.59
N PHE C 628 5.40 -16.94 53.26
CA PHE C 628 4.66 -18.13 52.82
C PHE C 628 3.55 -17.80 51.84
N PHE C 629 3.36 -16.53 51.48
CA PHE C 629 2.36 -16.13 50.50
C PHE C 629 3.05 -15.35 49.39
N GLN C 630 2.85 -15.79 48.14
CA GLN C 630 3.37 -15.11 46.96
C GLN C 630 2.22 -14.48 46.20
N PHE C 631 2.48 -13.32 45.60
CA PHE C 631 1.43 -12.52 44.97
C PHE C 631 1.82 -12.16 43.55
N ARG C 632 0.80 -12.09 42.68
CA ARG C 632 0.94 -11.58 41.33
C ARG C 632 -0.30 -10.76 41.00
N LEU C 633 -0.12 -9.75 40.13
CA LEU C 633 -1.18 -8.80 39.80
C LEU C 633 -1.39 -8.74 38.30
N SER C 634 -2.65 -8.79 37.88
CA SER C 634 -3.07 -8.73 36.48
C SER C 634 -4.14 -7.65 36.39
N GLY C 635 -3.73 -6.39 36.24
CA GLY C 635 -4.68 -5.29 36.21
C GLY C 635 -5.37 -5.06 37.54
N GLN C 636 -6.60 -5.58 37.68
CA GLN C 636 -7.33 -5.50 38.94
C GLN C 636 -7.44 -6.83 39.66
N THR C 637 -7.09 -7.93 38.99
CA THR C 637 -6.89 -9.19 39.68
C THR C 637 -5.69 -9.09 40.62
N ILE C 638 -5.65 -10.00 41.60
CA ILE C 638 -4.41 -10.36 42.28
C ILE C 638 -4.50 -11.84 42.64
N GLU C 639 -3.52 -12.62 42.19
CA GLU C 639 -3.44 -14.04 42.53
C GLU C 639 -2.63 -14.18 43.81
N VAL C 640 -3.22 -14.82 44.81
CA VAL C 640 -2.53 -15.12 46.06
C VAL C 640 -2.21 -16.61 46.08
N THR C 641 -0.94 -16.93 46.32
CA THR C 641 -0.46 -18.30 46.34
C THR C 641 0.05 -18.63 47.74
N SER C 642 -0.35 -19.78 48.25
CA SER C 642 0.09 -20.24 49.56
C SER C 642 1.23 -21.24 49.38
N GLU C 643 2.38 -20.93 49.98
CA GLU C 643 3.50 -21.86 49.98
C GLU C 643 3.50 -22.79 51.18
N TYR C 644 2.48 -22.69 52.03
CA TYR C 644 2.30 -23.68 53.09
C TYR C 644 2.00 -25.05 52.46
N LEU C 645 2.32 -26.09 53.22
CA LEU C 645 2.08 -27.46 52.78
C LEU C 645 0.94 -28.14 53.52
N PHE C 646 0.56 -27.67 54.70
CA PHE C 646 -0.38 -28.45 55.49
C PHE C 646 -1.57 -27.65 55.96
N ARG C 647 -1.40 -26.35 56.16
CA ARG C 647 -2.44 -25.51 56.73
C ARG C 647 -3.19 -24.72 55.65
N HIS C 648 -4.49 -24.54 55.88
CA HIS C 648 -5.25 -23.53 55.16
C HIS C 648 -5.02 -22.17 55.83
N SER C 649 -5.46 -21.10 55.15
CA SER C 649 -5.36 -19.75 55.68
C SER C 649 -6.39 -19.50 56.78
N ASP C 650 -6.35 -20.33 57.83
CA ASP C 650 -7.39 -20.26 58.85
C ASP C 650 -7.06 -19.24 59.95
N ASN C 651 -6.09 -18.35 59.71
CA ASN C 651 -5.83 -17.22 60.60
C ASN C 651 -5.11 -16.12 59.83
N GLU C 652 -5.68 -15.71 58.70
CA GLU C 652 -5.04 -14.74 57.83
C GLU C 652 -6.11 -13.96 57.08
N LEU C 653 -5.96 -12.65 57.03
CA LEU C 653 -6.73 -11.80 56.12
C LEU C 653 -5.76 -10.92 55.33
N LEU C 654 -6.24 -10.39 54.22
CA LEU C 654 -5.43 -9.57 53.32
C LEU C 654 -5.90 -8.13 53.41
N HIS C 655 -5.10 -7.29 54.06
CA HIS C 655 -5.32 -5.85 54.07
C HIS C 655 -4.63 -5.23 52.86
N TRP C 656 -5.35 -4.39 52.12
CA TRP C 656 -4.81 -3.75 50.94
C TRP C 656 -5.00 -2.24 51.00
N MET C 657 -4.14 -1.54 50.26
CA MET C 657 -4.13 -0.08 50.27
C MET C 657 -3.53 0.42 48.96
N VAL C 658 -4.12 1.46 48.39
CA VAL C 658 -3.59 2.13 47.21
C VAL C 658 -3.34 3.60 47.57
N ALA C 659 -2.15 4.08 47.26
CA ALA C 659 -1.76 5.45 47.59
C ALA C 659 -1.12 6.13 46.39
N LEU C 660 -1.21 7.45 46.38
CA LEU C 660 -0.61 8.29 45.34
C LEU C 660 0.51 9.09 46.00
N ASP C 661 1.74 8.63 45.83
CA ASP C 661 2.92 9.28 46.39
C ASP C 661 2.73 9.59 47.88
N GLY C 662 2.24 8.59 48.62
CA GLY C 662 2.13 8.65 50.06
C GLY C 662 0.70 8.80 50.57
N LYS C 663 -0.14 9.52 49.84
CA LYS C 663 -1.49 9.81 50.33
C LYS C 663 -2.41 8.62 50.10
N PRO C 664 -3.01 8.05 51.15
CA PRO C 664 -3.91 6.90 50.95
C PRO C 664 -5.21 7.32 50.28
N LEU C 665 -5.67 6.48 49.35
CA LEU C 665 -6.92 6.73 48.62
C LEU C 665 -7.99 5.68 48.88
N ALA C 666 -7.60 4.42 49.10
CA ALA C 666 -8.57 3.36 49.34
C ALA C 666 -7.89 2.23 50.12
N SER C 667 -8.57 1.77 51.17
CA SER C 667 -8.13 0.63 51.96
C SER C 667 -9.10 -0.54 51.71
N GLY C 668 -9.08 -1.52 52.58
CA GLY C 668 -9.94 -2.69 52.48
C GLY C 668 -9.21 -3.93 52.94
N GLU C 669 -9.98 -4.93 53.35
CA GLU C 669 -9.43 -6.18 53.83
C GLU C 669 -10.31 -7.34 53.37
N VAL C 670 -9.71 -8.25 52.60
CA VAL C 670 -10.39 -9.44 52.11
C VAL C 670 -10.05 -10.62 53.02
N PRO C 671 -10.98 -11.53 53.28
CA PRO C 671 -10.61 -12.77 53.98
C PRO C 671 -9.76 -13.66 53.08
N LEU C 672 -8.92 -14.48 53.71
CA LEU C 672 -8.02 -15.37 53.00
C LEU C 672 -8.39 -16.82 53.31
N ASP C 673 -8.70 -17.58 52.26
CA ASP C 673 -9.11 -18.98 52.36
C ASP C 673 -8.45 -19.75 51.20
N VAL C 674 -7.13 -19.85 51.23
CA VAL C 674 -6.40 -20.60 50.21
C VAL C 674 -5.82 -21.85 50.86
N ALA C 675 -6.01 -23.00 50.20
CA ALA C 675 -5.53 -24.27 50.69
C ALA C 675 -4.01 -24.34 50.57
N PRO C 676 -3.38 -25.30 51.25
CA PRO C 676 -1.92 -25.46 51.08
C PRO C 676 -1.55 -25.71 49.63
N GLN C 677 -0.59 -24.93 49.14
CA GLN C 677 -0.10 -24.93 47.76
C GLN C 677 -1.15 -24.47 46.76
N GLY C 678 -2.27 -23.92 47.22
CA GLY C 678 -3.32 -23.48 46.34
C GLY C 678 -3.19 -22.03 45.95
N LYS C 679 -4.19 -21.56 45.21
CA LYS C 679 -4.29 -20.17 44.80
C LYS C 679 -5.65 -19.63 45.23
N GLN C 680 -5.76 -18.29 45.21
CA GLN C 680 -7.01 -17.64 45.57
C GLN C 680 -7.11 -16.31 44.84
N LEU C 681 -8.25 -16.07 44.19
CA LEU C 681 -8.45 -14.88 43.39
C LEU C 681 -9.06 -13.76 44.21
N ILE C 682 -8.52 -12.55 44.08
CA ILE C 682 -9.06 -11.36 44.72
C ILE C 682 -9.29 -10.30 43.65
N GLU C 683 -10.56 -10.06 43.32
CA GLU C 683 -10.91 -8.94 42.47
C GLU C 683 -10.89 -7.66 43.28
N LEU C 684 -10.19 -6.66 42.77
CA LEU C 684 -10.14 -5.38 43.44
C LEU C 684 -11.39 -4.56 43.10
N PRO C 685 -12.03 -3.93 44.09
CA PRO C 685 -13.03 -2.93 43.75
C PRO C 685 -12.39 -1.82 42.93
N GLU C 686 -13.12 -1.32 41.93
CA GLU C 686 -12.48 -0.42 40.97
C GLU C 686 -11.99 0.81 41.71
N LEU C 687 -10.69 0.82 42.02
CA LEU C 687 -10.10 1.86 42.84
C LEU C 687 -10.17 3.20 42.13
N PRO C 688 -10.33 4.30 42.87
CA PRO C 688 -10.40 5.61 42.23
C PRO C 688 -9.07 5.98 41.61
N GLN C 689 -9.13 6.53 40.40
CA GLN C 689 -7.95 6.93 39.63
C GLN C 689 -8.07 8.42 39.35
N PRO C 690 -7.53 9.28 40.21
CA PRO C 690 -7.67 10.72 40.01
C PRO C 690 -6.68 11.26 38.99
N GLU C 691 -6.99 12.46 38.49
CA GLU C 691 -6.17 13.14 37.52
C GLU C 691 -4.93 13.78 38.12
N SER C 692 -4.78 13.73 39.45
CA SER C 692 -3.57 14.26 40.08
C SER C 692 -2.35 13.51 39.58
N ALA C 693 -1.22 14.21 39.54
CA ALA C 693 0.00 13.62 39.02
C ALA C 693 0.64 12.71 40.05
N GLY C 694 1.58 11.89 39.58
CA GLY C 694 2.31 10.95 40.41
C GLY C 694 2.04 9.52 39.99
N GLN C 695 2.47 8.59 40.85
CA GLN C 695 2.31 7.17 40.62
C GLN C 695 1.47 6.58 41.74
N LEU C 696 0.46 5.78 41.38
CA LEU C 696 -0.40 5.13 42.35
C LEU C 696 0.16 3.76 42.69
N TRP C 697 0.44 3.52 43.97
CA TRP C 697 1.06 2.28 44.42
C TRP C 697 0.04 1.40 45.12
N LEU C 698 0.05 0.11 44.79
CA LEU C 698 -0.70 -0.91 45.52
C LEU C 698 0.20 -1.54 46.57
N THR C 699 -0.37 -1.78 47.75
CA THR C 699 0.36 -2.44 48.83
C THR C 699 -0.61 -3.34 49.57
N VAL C 700 -0.35 -4.64 49.55
CA VAL C 700 -1.16 -5.63 50.25
C VAL C 700 -0.31 -6.24 51.36
N ARG C 701 -0.95 -6.52 52.49
CA ARG C 701 -0.31 -7.15 53.63
C ARG C 701 -1.17 -8.32 54.09
N VAL C 702 -0.52 -9.37 54.54
CA VAL C 702 -1.20 -10.50 55.18
C VAL C 702 -1.07 -10.31 56.68
N VAL C 703 -2.21 -10.18 57.34
CA VAL C 703 -2.24 -9.93 58.78
C VAL C 703 -3.00 -11.07 59.44
N GLN C 704 -2.43 -11.60 60.52
CA GLN C 704 -3.06 -12.69 61.25
C GLN C 704 -3.86 -12.13 62.42
N PRO C 705 -5.18 -12.19 62.37
CA PRO C 705 -6.00 -11.49 63.38
C PRO C 705 -5.81 -11.99 64.80
N ASN C 706 -5.57 -13.28 64.98
CA ASN C 706 -5.44 -13.87 66.31
C ASN C 706 -3.98 -14.07 66.68
N ALA C 707 -3.72 -14.08 67.98
CA ALA C 707 -2.39 -14.39 68.47
C ALA C 707 -2.16 -15.89 68.45
N THR C 708 -0.91 -16.28 68.18
CA THR C 708 -0.52 -17.67 68.30
C THR C 708 0.08 -17.93 69.67
N ALA C 709 1.02 -18.88 69.71
CA ALA C 709 2.00 -18.94 70.77
C ALA C 709 3.27 -18.19 70.40
N TRP C 710 3.42 -17.81 69.13
CA TRP C 710 4.59 -17.09 68.64
C TRP C 710 4.24 -15.72 68.07
N SER C 711 2.96 -15.37 67.99
CA SER C 711 2.53 -14.12 67.39
C SER C 711 1.92 -13.20 68.43
N GLU C 712 1.82 -11.94 68.06
CA GLU C 712 0.86 -11.00 68.62
C GLU C 712 -0.28 -10.84 67.64
N ALA C 713 -1.45 -10.44 68.14
CA ALA C 713 -2.58 -10.19 67.27
C ALA C 713 -2.27 -9.04 66.33
N GLY C 714 -2.57 -9.23 65.06
CA GLY C 714 -2.24 -8.24 64.05
C GLY C 714 -0.87 -8.39 63.42
N HIS C 715 -0.24 -9.54 63.61
CA HIS C 715 1.10 -9.76 63.05
C HIS C 715 1.05 -9.81 61.52
N ILE C 716 2.01 -9.15 60.90
CA ILE C 716 2.15 -9.16 59.44
C ILE C 716 3.06 -10.32 59.05
N SER C 717 2.61 -11.16 58.13
CA SER C 717 3.39 -12.32 57.71
C SER C 717 3.89 -12.24 56.29
N ALA C 718 3.36 -11.33 55.46
CA ALA C 718 3.77 -11.18 54.07
C ALA C 718 3.22 -9.88 53.52
N TRP C 719 3.88 -9.38 52.48
CA TRP C 719 3.45 -8.15 51.81
C TRP C 719 4.06 -8.10 50.41
N GLN C 720 3.56 -7.18 49.60
CA GLN C 720 4.02 -6.98 48.23
C GLN C 720 3.50 -5.65 47.72
N GLN C 721 4.27 -5.02 46.84
CA GLN C 721 3.94 -3.71 46.27
C GLN C 721 4.01 -3.77 44.75
N TRP C 722 3.15 -2.98 44.11
CA TRP C 722 3.20 -2.81 42.65
C TRP C 722 3.01 -1.34 42.32
N ARG C 723 3.56 -0.94 41.18
CA ARG C 723 3.28 0.37 40.60
C ARG C 723 2.09 0.23 39.65
N LEU C 724 1.03 1.00 39.91
CA LEU C 724 -0.18 0.92 39.10
C LEU C 724 -0.13 1.97 38.00
N ALA C 725 -1.18 2.79 37.92
CA ALA C 725 -1.21 3.87 36.95
C ALA C 725 -0.27 4.99 37.37
N GLU C 726 0.31 5.64 36.36
CA GLU C 726 1.20 6.78 36.57
C GLU C 726 0.76 7.93 35.68
N ASN C 727 0.60 9.10 36.28
CA ASN C 727 0.29 10.33 35.55
C ASN C 727 1.47 11.28 35.68
N LEU C 728 2.11 11.60 34.56
CA LEU C 728 3.26 12.50 34.55
C LEU C 728 2.78 13.95 34.62
N SER C 729 3.20 14.68 35.65
CA SER C 729 2.76 16.06 35.83
C SER C 729 3.17 16.92 34.65
N VAL C 730 2.16 17.43 33.94
CA VAL C 730 2.43 18.23 32.75
C VAL C 730 2.50 19.73 33.04
N THR C 731 2.04 20.18 34.20
CA THR C 731 2.09 21.60 34.50
C THR C 731 3.53 22.05 34.73
N LEU C 732 3.87 23.22 34.20
CA LEU C 732 5.23 23.77 34.26
C LEU C 732 5.76 23.84 35.69
N ALA C 738 9.99 37.14 40.82
CA ALA C 738 11.27 37.66 41.28
C ALA C 738 12.42 37.00 40.53
N ILE C 739 13.51 37.73 40.39
CA ILE C 739 14.72 37.25 39.73
C ILE C 739 15.87 37.37 40.71
N PRO C 740 16.64 36.31 40.96
CA PRO C 740 17.79 36.44 41.86
C PRO C 740 18.90 37.24 41.22
N HIS C 741 19.61 38.00 42.05
CA HIS C 741 20.73 38.80 41.54
C HIS C 741 22.05 38.13 41.92
N LEU C 742 23.01 38.22 41.00
CA LEU C 742 24.27 37.50 41.09
C LEU C 742 25.37 38.41 41.61
N THR C 743 26.28 37.84 42.41
CA THR C 743 27.38 38.56 43.02
C THR C 743 28.69 37.93 42.57
N THR C 744 29.61 38.74 42.06
CA THR C 744 30.88 38.26 41.54
C THR C 744 32.02 38.88 42.34
N SER C 745 32.49 38.16 43.35
CA SER C 745 33.68 38.52 44.08
C SER C 745 34.91 38.14 43.27
N GLU C 746 36.10 38.37 43.84
CA GLU C 746 37.31 37.85 43.23
C GLU C 746 37.50 36.38 43.53
N MET C 747 36.86 35.86 44.59
CA MET C 747 37.00 34.47 44.97
C MET C 747 35.67 33.74 45.09
N ASP C 748 34.54 34.42 44.90
CA ASP C 748 33.24 33.80 45.16
C ASP C 748 32.21 34.24 44.14
N PHE C 749 31.29 33.31 43.82
CA PHE C 749 30.04 33.59 43.13
C PHE C 749 28.92 33.51 44.16
N CYS C 750 28.26 34.63 44.42
CA CYS C 750 27.19 34.70 45.40
C CYS C 750 25.88 35.06 44.71
N ILE C 751 24.78 34.57 45.25
CA ILE C 751 23.46 34.81 44.68
C ILE C 751 22.46 35.02 45.82
N GLU C 752 21.51 35.93 45.60
CA GLU C 752 20.56 36.31 46.64
C GLU C 752 19.16 36.39 46.04
N LEU C 753 18.18 36.02 46.86
CA LEU C 753 16.77 36.08 46.47
C LEU C 753 15.87 35.98 47.70
N GLY C 754 15.33 37.11 48.12
CA GLY C 754 14.50 37.10 49.33
C GLY C 754 15.35 36.87 50.56
N ASN C 755 14.98 35.88 51.35
CA ASN C 755 15.77 35.49 52.51
C ASN C 755 16.95 34.60 52.14
N LYS C 756 16.87 33.90 51.01
CA LYS C 756 17.88 32.92 50.65
C LYS C 756 19.09 33.56 50.01
N ARG C 757 20.27 33.00 50.29
CA ARG C 757 21.52 33.46 49.71
C ARG C 757 22.43 32.26 49.50
N TRP C 758 23.04 32.18 48.32
CA TRP C 758 23.94 31.10 47.95
C TRP C 758 25.37 31.64 47.86
N GLN C 759 26.35 30.75 48.07
CA GLN C 759 27.76 31.15 48.08
C GLN C 759 28.60 30.05 47.44
N PHE C 760 29.12 30.33 46.26
CA PHE C 760 30.03 29.42 45.55
C PHE C 760 31.46 29.90 45.76
N ASN C 761 32.34 28.98 46.16
CA ASN C 761 33.76 29.28 46.28
C ASN C 761 34.40 29.03 44.92
N ARG C 762 34.91 30.09 44.30
CA ARG C 762 35.52 29.96 42.97
C ARG C 762 36.95 29.43 43.03
N GLN C 763 37.52 29.24 44.22
CA GLN C 763 38.80 28.58 44.34
C GLN C 763 38.64 27.07 44.51
N SER C 764 37.64 26.65 45.30
CA SER C 764 37.32 25.23 45.44
C SER C 764 36.37 24.76 44.34
N GLY C 765 35.27 25.47 44.15
CA GLY C 765 34.32 25.17 43.09
C GLY C 765 32.99 24.64 43.53
N PHE C 766 32.70 24.61 44.83
CA PHE C 766 31.46 24.06 45.35
C PHE C 766 30.70 25.13 46.12
N LEU C 767 29.43 24.84 46.37
CA LEU C 767 28.60 25.73 47.17
C LEU C 767 29.11 25.73 48.61
N SER C 768 29.67 26.86 49.05
CA SER C 768 30.29 26.92 50.36
C SER C 768 29.29 27.10 51.49
N GLN C 769 28.20 27.81 51.24
CA GLN C 769 27.28 28.14 52.31
C GLN C 769 25.97 28.64 51.73
N MET C 770 24.87 28.35 52.41
CA MET C 770 23.58 28.94 52.14
C MET C 770 23.07 29.64 53.39
N TRP C 771 22.23 30.66 53.20
CA TRP C 771 21.72 31.44 54.31
C TRP C 771 20.21 31.51 54.28
N ILE C 772 19.63 31.49 55.48
CA ILE C 772 18.24 31.83 55.75
C ILE C 772 18.29 32.89 56.84
N GLY C 773 17.85 34.10 56.53
CA GLY C 773 17.98 35.17 57.48
C GLY C 773 19.44 35.36 57.87
N ASP C 774 19.66 35.65 59.15
CA ASP C 774 21.00 35.69 59.71
C ASP C 774 21.42 34.33 60.25
N LYS C 775 20.98 33.24 59.62
CA LYS C 775 21.18 31.88 60.12
C LYS C 775 21.89 31.06 59.04
N LYS C 776 23.18 30.81 59.25
CA LYS C 776 23.93 29.96 58.35
C LYS C 776 23.37 28.54 58.38
N GLN C 777 23.58 27.80 57.30
CA GLN C 777 22.92 26.50 57.13
C GLN C 777 23.83 25.32 56.84
N LEU C 778 25.11 25.53 56.51
CA LEU C 778 26.00 24.39 56.26
C LEU C 778 27.38 24.60 56.87
N LEU C 779 27.92 23.50 57.41
CA LEU C 779 29.25 23.45 58.00
C LEU C 779 30.27 22.80 57.09
N THR C 780 29.82 22.14 56.02
CA THR C 780 30.62 21.47 55.01
C THR C 780 30.24 22.00 53.64
N PRO C 781 31.19 22.23 52.75
CA PRO C 781 30.82 22.49 51.36
C PRO C 781 30.13 21.29 50.73
N LEU C 782 29.09 21.55 49.95
CA LEU C 782 28.38 20.48 49.27
C LEU C 782 29.28 19.95 48.16
N ARG C 783 29.90 18.79 48.39
CA ARG C 783 30.87 18.23 47.48
C ARG C 783 30.48 16.82 47.08
N ASP C 784 31.17 16.32 46.06
CA ASP C 784 30.96 14.97 45.57
C ASP C 784 31.30 13.94 46.66
N GLN C 785 30.99 12.68 46.36
CA GLN C 785 31.47 11.56 47.16
C GLN C 785 31.44 10.31 46.29
N PHE C 786 32.60 9.67 46.14
CA PHE C 786 32.73 8.46 45.34
C PHE C 786 33.09 7.24 46.18
N THR C 787 33.12 7.40 47.50
CA THR C 787 33.54 6.36 48.41
C THR C 787 32.50 6.19 49.52
N ARG C 788 32.59 5.08 50.23
CA ARG C 788 31.77 4.86 51.40
C ARG C 788 32.63 4.28 52.51
N ALA C 789 32.20 4.50 53.76
CA ALA C 789 32.84 3.84 54.88
C ALA C 789 32.69 2.33 54.70
N PRO C 790 33.80 1.61 54.50
CA PRO C 790 33.71 0.22 54.04
C PRO C 790 32.93 -0.68 55.00
N LEU C 791 31.99 -1.42 54.44
CA LEU C 791 31.28 -2.43 55.19
C LEU C 791 32.18 -3.65 55.38
N ASP C 792 31.69 -4.59 56.20
CA ASP C 792 32.49 -5.77 56.49
C ASP C 792 32.78 -6.58 55.22
N ASN C 793 31.86 -6.60 54.26
CA ASN C 793 32.10 -7.32 53.03
C ASN C 793 32.95 -6.51 52.06
N ASP C 794 32.96 -5.19 52.21
CA ASP C 794 33.95 -4.38 51.52
C ASP C 794 35.35 -4.77 51.96
N ILE C 795 35.54 -5.03 53.25
CA ILE C 795 36.87 -5.27 53.79
C ILE C 795 37.25 -6.75 53.66
N GLY C 796 36.30 -7.65 53.89
CA GLY C 796 36.62 -9.06 53.85
C GLY C 796 37.56 -9.42 54.99
N VAL C 797 38.63 -10.15 54.65
CA VAL C 797 39.60 -10.58 55.64
C VAL C 797 40.81 -9.66 55.72
N SER C 798 40.83 -8.60 54.92
CA SER C 798 42.01 -7.75 54.83
C SER C 798 42.19 -6.94 56.11
N GLU C 799 43.41 -6.95 56.64
CA GLU C 799 43.77 -6.17 57.82
C GLU C 799 45.03 -5.37 57.52
N ALA C 800 45.45 -4.54 58.47
CA ALA C 800 46.70 -3.80 58.31
C ALA C 800 47.88 -4.74 58.14
N THR C 801 47.85 -5.89 58.82
CA THR C 801 48.85 -6.95 58.64
C THR C 801 48.77 -7.50 57.22
N ARG C 802 47.97 -8.55 57.02
CA ARG C 802 47.83 -9.18 55.72
C ARG C 802 46.69 -8.53 54.96
N ILE C 803 47.00 -7.95 53.80
CA ILE C 803 46.03 -7.26 52.97
C ILE C 803 45.52 -8.22 51.90
N ASP C 804 44.20 -8.27 51.72
CA ASP C 804 43.60 -9.01 50.61
C ASP C 804 43.42 -8.07 49.43
N PRO C 805 44.34 -8.09 48.46
CA PRO C 805 44.30 -7.09 47.38
C PRO C 805 43.04 -7.16 46.55
N ASN C 806 42.32 -8.28 46.55
CA ASN C 806 41.11 -8.37 45.73
C ASN C 806 39.87 -7.87 46.45
N ALA C 807 39.95 -7.64 47.77
CA ALA C 807 38.83 -7.04 48.49
C ALA C 807 38.53 -5.64 47.97
N TRP C 808 37.26 -5.24 48.09
CA TRP C 808 36.79 -4.00 47.49
C TRP C 808 37.50 -2.79 48.07
N VAL C 809 37.69 -2.76 49.40
CA VAL C 809 38.31 -1.59 50.02
C VAL C 809 39.77 -1.47 49.61
N GLU C 810 40.43 -2.60 49.37
CA GLU C 810 41.83 -2.55 48.99
C GLU C 810 42.00 -2.11 47.54
N ARG C 811 41.10 -2.57 46.66
CA ARG C 811 41.14 -2.09 45.28
C ARG C 811 40.76 -0.63 45.18
N TRP C 812 39.94 -0.13 46.11
CA TRP C 812 39.58 1.28 46.10
C TRP C 812 40.76 2.16 46.47
N LYS C 813 41.41 1.87 47.60
CA LYS C 813 42.51 2.71 48.05
C LYS C 813 43.75 2.57 47.17
N ALA C 814 44.00 1.36 46.64
CA ALA C 814 45.08 1.19 45.68
C ALA C 814 44.87 2.03 44.43
N ALA C 815 43.61 2.38 44.13
CA ALA C 815 43.31 3.31 43.06
C ALA C 815 43.22 4.75 43.56
N GLY C 816 43.29 4.96 44.87
CA GLY C 816 43.26 6.30 45.42
C GLY C 816 41.90 6.92 45.58
N HIS C 817 40.84 6.10 45.67
CA HIS C 817 39.49 6.64 45.82
C HIS C 817 39.36 7.48 47.08
N TYR C 818 39.98 7.04 48.17
CA TYR C 818 39.88 7.77 49.42
C TYR C 818 40.83 8.95 49.48
N GLN C 819 41.99 8.85 48.83
CA GLN C 819 42.99 9.91 48.82
C GLN C 819 42.78 10.93 47.69
N ALA C 820 41.76 10.74 46.86
CA ALA C 820 41.53 11.64 45.74
C ALA C 820 41.06 13.01 46.23
N GLU C 821 41.76 14.05 45.81
CA GLU C 821 41.38 15.42 46.10
C GLU C 821 40.88 16.09 44.83
N ALA C 822 39.88 16.96 44.99
CA ALA C 822 39.28 17.60 43.83
C ALA C 822 40.23 18.61 43.21
N ALA C 823 40.23 18.65 41.88
CA ALA C 823 41.00 19.63 41.12
C ALA C 823 40.06 20.34 40.17
N LEU C 824 39.80 21.62 40.41
CA LEU C 824 38.85 22.37 39.62
C LEU C 824 39.32 22.56 38.18
N LEU C 825 38.39 22.38 37.24
CA LEU C 825 38.67 22.60 35.83
C LEU C 825 37.90 23.76 35.24
N GLN C 826 36.71 24.06 35.75
CA GLN C 826 35.90 25.16 35.25
C GLN C 826 34.95 25.62 36.34
N CYS C 827 34.65 26.91 36.32
CA CYS C 827 33.74 27.52 37.29
C CYS C 827 33.25 28.86 36.76
N THR C 828 32.20 28.84 35.95
CA THR C 828 31.67 30.01 35.25
C THR C 828 30.35 30.45 35.88
N ALA C 829 29.94 31.68 35.58
CA ALA C 829 28.65 32.19 36.01
C ALA C 829 27.91 32.77 34.82
N ASP C 830 26.57 32.74 34.89
CA ASP C 830 25.72 33.24 33.82
C ASP C 830 24.43 33.78 34.41
N THR C 831 23.95 34.88 33.86
CA THR C 831 22.67 35.45 34.23
C THR C 831 21.65 35.11 33.14
N LEU C 832 20.65 34.33 33.51
CA LEU C 832 19.55 34.00 32.62
C LEU C 832 18.32 34.77 33.04
N ALA C 833 17.36 34.90 32.11
CA ALA C 833 16.12 35.60 32.41
C ALA C 833 15.40 34.96 33.59
N ASP C 834 15.35 33.62 33.61
CA ASP C 834 14.62 32.94 34.66
C ASP C 834 15.43 32.80 35.95
N ALA C 835 16.74 32.66 35.85
CA ALA C 835 17.54 32.29 37.02
C ALA C 835 19.00 32.65 36.77
N VAL C 836 19.86 32.23 37.68
CA VAL C 836 21.31 32.30 37.54
C VAL C 836 21.85 30.87 37.52
N LEU C 837 22.83 30.61 36.66
CA LEU C 837 23.35 29.28 36.44
C LEU C 837 24.87 29.30 36.50
N ILE C 838 25.43 28.59 37.49
CA ILE C 838 26.86 28.48 37.69
C ILE C 838 27.26 27.04 37.36
N THR C 839 28.21 26.89 36.44
CA THR C 839 28.58 25.58 35.90
C THR C 839 29.99 25.20 36.34
N THR C 840 30.10 24.09 37.06
CA THR C 840 31.38 23.60 37.56
C THR C 840 31.80 22.34 36.82
N ALA C 841 33.08 22.01 36.95
CA ALA C 841 33.64 20.81 36.32
C ALA C 841 34.90 20.44 37.11
N HIS C 842 34.82 19.37 37.89
CA HIS C 842 35.91 18.95 38.75
C HIS C 842 36.45 17.60 38.32
N ALA C 843 37.75 17.42 38.49
CA ALA C 843 38.42 16.17 38.20
C ALA C 843 39.11 15.64 39.46
N TRP C 844 38.97 14.35 39.71
CA TRP C 844 39.61 13.71 40.85
C TRP C 844 40.80 12.89 40.36
N GLN C 845 41.97 13.15 40.92
CA GLN C 845 43.21 12.57 40.46
C GLN C 845 43.89 11.78 41.57
N HIS C 846 44.84 10.93 41.18
CA HIS C 846 45.73 10.22 42.08
C HIS C 846 46.89 9.62 41.31
N GLN C 847 48.11 10.05 41.62
CA GLN C 847 49.32 9.57 40.95
C GLN C 847 49.21 9.71 39.44
N GLY C 848 48.56 10.78 38.99
CA GLY C 848 48.45 11.04 37.57
C GLY C 848 47.08 10.77 36.99
N LYS C 849 46.65 9.51 37.02
CA LYS C 849 45.38 9.13 36.38
C LYS C 849 44.21 9.89 36.99
N THR C 850 43.33 10.39 36.12
CA THR C 850 42.11 11.04 36.57
C THR C 850 41.04 9.97 36.74
N LEU C 851 40.53 9.83 37.96
CA LEU C 851 39.60 8.75 38.24
C LEU C 851 38.16 9.16 37.96
N PHE C 852 37.80 10.40 38.27
CA PHE C 852 36.43 10.88 38.07
C PHE C 852 36.47 12.33 37.60
N ILE C 853 35.47 12.69 36.79
CA ILE C 853 35.21 14.07 36.42
C ILE C 853 33.74 14.35 36.72
N SER C 854 33.46 15.48 37.36
CA SER C 854 32.12 15.80 37.87
C SER C 854 31.69 17.16 37.30
N ARG C 855 31.03 17.12 36.16
CA ARG C 855 30.48 18.33 35.56
C ARG C 855 29.09 18.61 36.16
N LYS C 856 28.95 19.76 36.81
CA LYS C 856 27.72 20.11 37.49
C LYS C 856 27.20 21.46 36.99
N THR C 857 25.88 21.63 37.13
CA THR C 857 25.23 22.92 36.90
C THR C 857 24.19 23.14 37.98
N TYR C 858 24.25 24.30 38.63
CA TYR C 858 23.30 24.70 39.66
C TYR C 858 22.41 25.80 39.08
N ARG C 859 21.09 25.66 39.26
CA ARG C 859 20.11 26.62 38.76
C ARG C 859 19.27 27.12 39.93
N ILE C 860 19.61 28.30 40.45
CA ILE C 860 18.85 28.93 41.53
C ILE C 860 17.84 29.86 40.87
N ASP C 861 16.57 29.48 40.91
CA ASP C 861 15.51 30.20 40.21
C ASP C 861 14.72 31.06 41.19
N GLY C 862 13.94 32.00 40.63
CA GLY C 862 13.01 32.76 41.44
C GLY C 862 12.00 31.90 42.18
N SER C 863 11.85 30.64 41.76
CA SER C 863 11.07 29.68 42.53
C SER C 863 11.64 29.46 43.93
N GLY C 864 12.89 29.85 44.15
CA GLY C 864 13.56 29.56 45.41
C GLY C 864 14.23 28.21 45.47
N GLN C 865 14.37 27.53 44.34
CA GLN C 865 14.90 26.17 44.30
C GLN C 865 16.22 26.14 43.53
N MET C 866 17.02 25.11 43.82
CA MET C 866 18.47 25.07 43.59
C MET C 866 18.84 23.87 42.71
N ALA C 867 18.68 24.00 41.40
CA ALA C 867 18.65 22.85 40.50
C ALA C 867 20.06 22.39 40.12
N ILE C 868 20.50 21.30 40.75
CA ILE C 868 21.84 20.75 40.53
C ILE C 868 21.75 19.61 39.54
N THR C 869 22.45 19.75 38.41
CA THR C 869 22.67 18.66 37.48
C THR C 869 24.08 18.13 37.68
N VAL C 870 24.23 16.81 37.66
CA VAL C 870 25.53 16.17 37.82
C VAL C 870 25.71 15.15 36.71
N ASP C 871 26.81 15.30 35.96
CA ASP C 871 27.16 14.40 34.87
C ASP C 871 28.57 13.87 35.15
N VAL C 872 28.65 12.66 35.74
CA VAL C 872 29.90 12.10 36.20
C VAL C 872 30.42 11.06 35.20
N GLU C 873 31.68 11.16 34.84
CA GLU C 873 32.39 10.09 34.15
C GLU C 873 33.27 9.35 35.14
N VAL C 874 33.35 8.03 34.98
CA VAL C 874 34.18 7.19 35.83
C VAL C 874 35.09 6.36 34.92
N ALA C 875 36.39 6.40 35.17
CA ALA C 875 37.36 5.79 34.27
C ALA C 875 37.10 4.29 34.13
N SER C 876 37.33 3.78 32.92
CA SER C 876 37.05 2.40 32.55
C SER C 876 38.00 1.38 33.17
N ASP C 877 39.01 1.83 33.92
CA ASP C 877 40.00 0.93 34.49
C ASP C 877 40.21 1.11 35.98
N THR C 878 39.63 2.09 36.58
CA THR C 878 39.78 2.06 38.03
C THR C 878 38.54 1.44 38.66
N PRO C 879 38.73 0.73 39.77
CA PRO C 879 37.62 -0.03 40.37
C PRO C 879 36.34 0.78 40.48
N HIS C 880 35.21 0.12 40.25
CA HIS C 880 33.93 0.81 40.24
C HIS C 880 33.69 1.45 41.60
N PRO C 881 33.21 2.69 41.63
CA PRO C 881 33.08 3.40 42.91
C PRO C 881 31.95 2.83 43.75
N ALA C 882 32.04 3.11 45.05
CA ALA C 882 31.01 2.63 45.97
C ALA C 882 29.72 3.43 45.83
N ARG C 883 29.84 4.71 45.46
CA ARG C 883 28.66 5.55 45.30
C ARG C 883 28.99 6.70 44.35
N ILE C 884 27.95 7.30 43.79
CA ILE C 884 28.06 8.43 42.89
C ILE C 884 27.09 9.48 43.40
N GLY C 885 27.57 10.47 44.13
CA GLY C 885 26.71 11.51 44.66
C GLY C 885 27.36 12.65 45.40
N LEU C 886 26.64 13.19 46.37
CA LEU C 886 27.09 14.37 47.10
C LEU C 886 26.93 14.16 48.59
N ASN C 887 27.66 14.98 49.35
CA ASN C 887 27.56 14.96 50.80
C ASN C 887 27.80 16.36 51.33
N CYS C 888 27.29 16.61 52.53
CA CYS C 888 27.39 17.91 53.18
C CYS C 888 27.02 17.74 54.65
N GLN C 889 27.28 18.79 55.43
CA GLN C 889 26.98 18.81 56.85
C GLN C 889 26.06 19.99 57.13
N LEU C 890 24.82 19.68 57.52
CA LEU C 890 23.83 20.71 57.78
C LEU C 890 24.02 21.29 59.17
N ALA C 891 23.74 22.59 59.30
CA ALA C 891 23.87 23.23 60.61
C ALA C 891 22.86 22.69 61.61
N GLN C 892 21.66 22.37 61.15
CA GLN C 892 20.57 22.01 62.06
C GLN C 892 20.57 20.51 62.35
N VAL C 893 20.10 20.19 63.55
CA VAL C 893 19.78 18.82 63.94
C VAL C 893 18.28 18.80 64.26
N ALA C 894 17.52 18.06 63.48
CA ALA C 894 16.07 17.96 63.66
C ALA C 894 15.71 16.62 64.25
N GLU C 895 14.59 16.58 64.97
CA GLU C 895 14.20 15.40 65.71
C GLU C 895 13.56 14.32 64.85
N ARG C 896 13.10 14.65 63.65
CA ARG C 896 12.45 13.68 62.79
C ARG C 896 12.91 13.87 61.35
N VAL C 897 12.76 12.80 60.56
CA VAL C 897 13.13 12.79 59.15
C VAL C 897 11.97 12.23 58.35
N ASN C 898 11.57 12.94 57.29
CA ASN C 898 10.43 12.60 56.46
C ASN C 898 10.89 12.47 55.01
N TRP C 899 10.55 11.36 54.36
CA TRP C 899 10.98 11.17 52.99
C TRP C 899 9.98 10.29 52.24
N LEU C 900 9.99 10.43 50.92
CA LEU C 900 9.16 9.64 50.02
C LEU C 900 10.07 8.69 49.24
N GLY C 901 9.97 7.41 49.56
CA GLY C 901 10.85 6.42 48.96
C GLY C 901 10.73 5.10 49.70
N LEU C 902 11.68 4.22 49.40
CA LEU C 902 11.65 2.87 49.97
C LEU C 902 12.01 2.92 51.46
N GLY C 903 11.14 2.32 52.28
CA GLY C 903 11.32 2.29 53.70
C GLY C 903 10.41 1.27 54.37
N PRO C 904 10.24 1.38 55.69
CA PRO C 904 10.87 2.39 56.55
C PRO C 904 12.33 2.09 56.89
N GLN C 905 12.69 0.81 56.90
CA GLN C 905 14.01 0.42 57.39
C GLN C 905 15.08 0.69 56.33
N GLU C 906 16.33 0.56 56.77
CA GLU C 906 17.47 0.76 55.88
C GLU C 906 17.43 -0.25 54.74
N ASN C 907 17.69 0.23 53.53
CA ASN C 907 17.75 -0.63 52.35
C ASN C 907 18.85 -0.16 51.42
N TYR C 908 19.43 -1.11 50.69
CA TYR C 908 20.51 -0.91 49.74
C TYR C 908 20.11 -1.60 48.44
N PRO C 909 20.72 -1.25 47.31
CA PRO C 909 20.23 -1.76 46.01
C PRO C 909 19.98 -3.27 45.95
N ASP C 910 20.96 -4.08 46.32
CA ASP C 910 20.76 -5.52 46.32
C ASP C 910 20.12 -6.02 47.61
N ARG C 911 19.51 -5.11 48.37
CA ARG C 911 18.72 -5.49 49.54
C ARG C 911 17.62 -4.47 49.79
N LEU C 912 16.67 -4.35 48.85
CA LEU C 912 15.57 -3.41 49.02
C LEU C 912 14.20 -4.02 48.80
N THR C 913 14.09 -5.30 48.48
CA THR C 913 12.79 -5.89 48.17
C THR C 913 11.84 -5.80 49.35
N ALA C 914 12.36 -5.88 50.58
CA ALA C 914 11.50 -5.80 51.75
C ALA C 914 10.94 -4.40 51.94
N ALA C 915 11.68 -3.38 51.53
CA ALA C 915 11.23 -2.01 51.71
C ALA C 915 10.05 -1.69 50.79
N CYS C 916 9.19 -0.78 51.25
CA CYS C 916 8.02 -0.37 50.50
C CYS C 916 8.11 1.11 50.18
N PHE C 917 7.59 1.49 49.01
CA PHE C 917 7.50 2.89 48.63
C PHE C 917 6.32 3.52 49.36
N ASP C 918 6.58 4.61 50.07
CA ASP C 918 5.58 5.28 50.89
C ASP C 918 6.21 6.55 51.46
N ARG C 919 5.39 7.34 52.13
CA ARG C 919 5.87 8.48 52.91
C ARG C 919 6.22 7.98 54.31
N TRP C 920 7.50 8.04 54.66
CA TRP C 920 7.99 7.52 55.92
C TRP C 920 8.46 8.65 56.81
N ASP C 921 8.27 8.50 58.12
CA ASP C 921 8.57 9.56 59.08
C ASP C 921 8.98 8.89 60.38
N LEU C 922 10.27 8.90 60.66
CA LEU C 922 10.85 8.28 61.85
C LEU C 922 11.91 9.22 62.40
N PRO C 923 12.23 9.11 63.69
CA PRO C 923 13.28 9.98 64.25
C PRO C 923 14.63 9.64 63.63
N LEU C 924 15.50 10.65 63.57
CA LEU C 924 16.82 10.46 62.97
C LEU C 924 17.61 9.35 63.65
N SER C 925 17.24 9.00 64.89
CA SER C 925 17.83 7.83 65.54
C SER C 925 17.77 6.60 64.65
N ASP C 926 16.65 6.41 63.96
CA ASP C 926 16.42 5.22 63.16
C ASP C 926 17.08 5.29 61.78
N MET C 927 17.51 6.47 61.34
CA MET C 927 18.24 6.58 60.08
C MET C 927 19.72 6.23 60.23
N TYR C 928 20.13 5.79 61.42
CA TYR C 928 21.47 5.24 61.63
C TYR C 928 21.31 3.89 62.29
N THR C 929 21.86 2.85 61.68
CA THR C 929 21.75 1.57 62.35
C THR C 929 23.06 1.23 63.05
N PRO C 930 23.01 0.94 64.35
CA PRO C 930 24.24 0.80 65.15
C PRO C 930 24.94 -0.54 64.96
N TYR C 931 25.47 -0.76 63.76
CA TYR C 931 26.34 -1.91 63.53
C TYR C 931 27.58 -1.78 64.44
N VAL C 932 27.84 -2.83 65.22
CA VAL C 932 28.92 -2.78 66.20
C VAL C 932 30.23 -2.37 65.56
N PHE C 933 30.56 -2.98 64.42
CA PHE C 933 31.62 -2.42 63.59
C PHE C 933 31.00 -1.34 62.71
N PRO C 934 31.32 -0.06 62.96
CA PRO C 934 30.62 1.02 62.23
C PRO C 934 30.98 1.01 60.75
N SER C 935 30.00 1.33 59.92
CA SER C 935 30.17 1.25 58.47
C SER C 935 29.20 2.21 57.82
N GLU C 936 29.10 2.09 56.48
CA GLU C 936 28.08 2.84 55.71
C GLU C 936 26.73 2.22 56.13
N ASN C 937 25.82 3.03 56.64
CA ASN C 937 24.57 2.52 57.20
C ASN C 937 23.44 3.51 56.98
N GLY C 938 22.22 3.03 57.21
CA GLY C 938 21.02 3.84 57.19
C GLY C 938 20.53 4.28 55.84
N LEU C 939 21.05 3.72 54.76
CA LEU C 939 20.65 4.17 53.42
C LEU C 939 19.21 3.83 53.12
N ARG C 940 18.56 4.72 52.37
CA ARG C 940 17.24 4.49 51.81
C ARG C 940 17.32 4.80 50.32
N CYS C 941 16.81 3.89 49.49
CA CYS C 941 16.91 3.98 48.05
C CYS C 941 15.57 4.32 47.43
N GLY C 942 15.60 4.58 46.11
CA GLY C 942 14.37 4.90 45.39
C GLY C 942 13.67 6.12 45.92
N THR C 943 14.42 7.07 46.44
CA THR C 943 13.86 8.25 47.07
C THR C 943 13.72 9.37 46.06
N ARG C 944 12.59 10.07 46.11
CA ARG C 944 12.36 11.20 45.23
C ARG C 944 12.08 12.51 45.96
N GLU C 945 11.86 12.49 47.27
CA GLU C 945 11.96 13.71 48.04
C GLU C 945 12.21 13.38 49.52
N LEU C 946 12.97 14.26 50.16
CA LEU C 946 13.45 14.08 51.53
C LEU C 946 13.32 15.40 52.24
N ASN C 947 12.72 15.39 53.43
CA ASN C 947 12.46 16.63 54.16
C ASN C 947 13.04 16.53 55.55
N TYR C 948 14.09 17.30 55.79
CA TYR C 948 14.80 17.35 57.07
C TYR C 948 14.80 18.79 57.54
N GLY C 949 13.95 19.10 58.52
CA GLY C 949 13.82 20.45 59.02
C GLY C 949 13.17 21.37 58.01
N PRO C 950 13.84 22.49 57.70
CA PRO C 950 13.32 23.43 56.70
C PRO C 950 13.71 23.06 55.28
N HIS C 951 14.64 22.15 55.09
CA HIS C 951 15.14 21.79 53.76
C HIS C 951 14.23 20.77 53.09
N GLN C 952 14.34 20.69 51.77
CA GLN C 952 13.67 19.67 50.99
C GLN C 952 14.47 19.39 49.74
N TRP C 953 14.82 18.12 49.53
CA TRP C 953 15.49 17.69 48.32
C TRP C 953 14.53 16.87 47.47
N ARG C 954 14.75 16.90 46.16
CA ARG C 954 13.89 16.17 45.23
C ARG C 954 14.74 15.70 44.04
N GLY C 955 14.39 14.53 43.52
CA GLY C 955 15.12 13.94 42.42
C GLY C 955 14.80 12.45 42.32
N ASP C 956 15.80 11.61 42.06
CA ASP C 956 15.65 10.15 42.18
C ASP C 956 16.98 9.61 42.71
N PHE C 957 17.13 9.67 44.03
CA PHE C 957 18.41 9.51 44.69
C PHE C 957 18.32 8.43 45.76
N GLN C 958 19.44 8.22 46.44
CA GLN C 958 19.53 7.41 47.64
C GLN C 958 20.21 8.25 48.72
N PHE C 959 19.75 8.11 49.96
CA PHE C 959 20.24 8.99 51.02
C PHE C 959 20.44 8.22 52.31
N ASN C 960 21.49 8.60 53.05
CA ASN C 960 21.62 8.31 54.46
C ASN C 960 21.83 9.65 55.15
N ILE C 961 21.49 9.70 56.43
CA ILE C 961 21.70 10.95 57.18
C ILE C 961 21.82 10.62 58.65
N SER C 962 22.88 11.15 59.28
CA SER C 962 23.25 10.79 60.64
C SER C 962 24.15 11.90 61.18
N ARG C 963 24.54 11.75 62.44
CA ARG C 963 25.46 12.68 63.08
C ARG C 963 26.91 12.27 62.93
N TYR C 964 27.21 11.30 62.07
CA TYR C 964 28.54 10.74 61.95
C TYR C 964 29.05 10.87 60.52
N SER C 965 30.26 11.42 60.38
CA SER C 965 30.96 11.49 59.10
C SER C 965 31.07 10.13 58.44
N GLN C 966 31.33 10.11 57.15
CA GLN C 966 31.70 8.85 56.51
C GLN C 966 33.12 8.47 56.83
N GLN C 967 33.95 9.43 57.22
CA GLN C 967 35.31 9.10 57.62
C GLN C 967 35.38 8.67 59.07
N GLN C 968 34.51 9.21 59.94
CA GLN C 968 34.50 8.72 61.31
C GLN C 968 34.03 7.28 61.37
N LEU C 969 32.97 6.95 60.64
CA LEU C 969 32.57 5.55 60.50
C LEU C 969 33.70 4.70 59.94
N MET C 970 34.54 5.29 59.09
CA MET C 970 35.63 4.56 58.46
C MET C 970 36.81 4.35 59.41
N GLU C 971 37.13 5.36 60.20
CA GLU C 971 38.28 5.32 61.10
C GLU C 971 37.97 4.69 62.44
N THR C 972 36.72 4.30 62.70
CA THR C 972 36.31 3.82 64.00
C THR C 972 36.04 2.32 63.96
N SER C 973 36.42 1.66 65.05
CA SER C 973 36.35 0.20 65.19
C SER C 973 35.08 -0.28 65.89
N HIS C 974 34.54 0.51 66.81
CA HIS C 974 33.41 0.10 67.64
C HIS C 974 32.38 1.23 67.70
N ARG C 975 31.11 0.84 67.75
CA ARG C 975 30.03 1.83 67.73
C ARG C 975 30.05 2.71 68.99
N HIS C 976 30.50 2.18 70.12
CA HIS C 976 30.49 2.95 71.35
C HIS C 976 31.54 4.04 71.40
N LEU C 977 32.49 4.04 70.47
CA LEU C 977 33.48 5.12 70.35
C LEU C 977 33.00 6.25 69.44
N LEU C 978 31.79 6.15 68.89
CA LEU C 978 31.29 7.18 67.99
C LEU C 978 30.72 8.35 68.80
N HIS C 979 31.08 9.56 68.40
CA HIS C 979 30.55 10.77 69.00
C HIS C 979 29.79 11.56 67.95
N ALA C 980 28.64 12.10 68.34
CA ALA C 980 27.85 12.92 67.42
C ALA C 980 28.65 14.15 67.02
N GLU C 981 28.75 14.39 65.72
CA GLU C 981 29.43 15.57 65.22
C GLU C 981 28.50 16.76 65.21
N GLU C 982 29.08 17.96 65.09
CA GLU C 982 28.28 19.18 65.02
C GLU C 982 27.40 19.15 63.77
N GLY C 983 26.10 19.29 63.96
CA GLY C 983 25.18 19.23 62.85
C GLY C 983 24.84 17.81 62.45
N THR C 984 24.41 17.66 61.20
CA THR C 984 24.04 16.36 60.65
C THR C 984 24.69 16.18 59.29
N TRP C 985 25.36 15.04 59.11
CA TRP C 985 25.94 14.69 57.82
C TRP C 985 24.89 14.02 56.94
N LEU C 986 24.79 14.47 55.69
CA LEU C 986 23.83 13.92 54.75
C LEU C 986 24.57 13.52 53.48
N ASN C 987 24.43 12.25 53.09
CA ASN C 987 24.92 11.76 51.82
C ASN C 987 23.73 11.50 50.90
N ILE C 988 23.64 12.27 49.82
CA ILE C 988 22.67 12.04 48.76
C ILE C 988 23.45 11.59 47.53
N ASP C 989 23.06 10.45 46.94
CA ASP C 989 23.70 10.03 45.70
C ASP C 989 22.68 9.40 44.76
N GLY C 990 22.82 9.71 43.47
CA GLY C 990 22.00 9.07 42.46
C GLY C 990 22.35 7.62 42.23
N PHE C 991 23.54 7.19 42.63
CA PHE C 991 23.94 5.80 42.44
C PHE C 991 24.60 5.31 43.70
N HIS C 992 24.55 4.00 43.92
CA HIS C 992 25.15 3.39 45.11
C HIS C 992 25.38 1.92 44.83
N MET C 993 26.62 1.47 44.98
CA MET C 993 26.94 0.06 44.80
C MET C 993 26.24 -0.79 45.85
N GLY C 994 25.83 -1.98 45.46
CA GLY C 994 25.25 -2.93 46.39
C GLY C 994 26.22 -3.32 47.49
N ILE C 995 25.66 -3.96 48.51
CA ILE C 995 26.47 -4.35 49.66
C ILE C 995 27.01 -5.76 49.57
N GLY C 996 26.46 -6.60 48.68
CA GLY C 996 26.85 -7.99 48.61
C GLY C 996 26.49 -8.72 49.89
N GLY C 997 27.02 -9.94 50.02
CA GLY C 997 26.78 -10.71 51.22
C GLY C 997 26.70 -12.21 51.03
N ASP C 998 26.99 -12.70 49.80
CA ASP C 998 27.07 -14.14 49.61
C ASP C 998 28.14 -14.75 50.50
N ASP C 999 29.21 -13.99 50.77
CA ASP C 999 30.13 -14.28 51.86
C ASP C 999 30.84 -12.98 52.20
N SER C 1000 31.67 -13.01 53.24
CA SER C 1000 32.36 -11.83 53.73
C SER C 1000 33.88 -12.00 53.64
N TRP C 1001 34.35 -12.75 52.66
CA TRP C 1001 35.78 -12.88 52.43
C TRP C 1001 36.14 -12.85 50.95
N SER C 1002 35.18 -13.01 50.06
CA SER C 1002 35.34 -12.79 48.65
C SER C 1002 34.43 -11.64 48.21
N PRO C 1003 34.85 -10.84 47.22
CA PRO C 1003 33.93 -9.83 46.67
C PRO C 1003 32.63 -10.49 46.25
N SER C 1004 31.51 -9.99 46.76
CA SER C 1004 30.23 -10.66 46.60
C SER C 1004 29.14 -9.75 46.05
N VAL C 1005 29.51 -8.64 45.43
CA VAL C 1005 28.55 -7.75 44.77
C VAL C 1005 28.55 -8.13 43.30
N SER C 1006 27.43 -8.68 42.82
CA SER C 1006 27.35 -9.13 41.44
C SER C 1006 27.30 -7.93 40.49
N ALA C 1007 27.61 -8.21 39.23
CA ALA C 1007 27.84 -7.17 38.23
C ALA C 1007 26.71 -6.16 38.17
N GLU C 1008 25.46 -6.62 38.29
CA GLU C 1008 24.32 -5.74 38.09
C GLU C 1008 24.19 -4.68 39.18
N PHE C 1009 24.97 -4.77 40.26
CA PHE C 1009 24.92 -3.79 41.33
C PHE C 1009 26.23 -3.02 41.49
N GLN C 1010 27.18 -3.19 40.58
CA GLN C 1010 28.41 -2.43 40.59
C GLN C 1010 28.29 -1.24 39.65
N LEU C 1011 28.62 -0.05 40.15
CA LEU C 1011 28.54 1.16 39.34
C LEU C 1011 29.55 1.09 38.20
N SER C 1012 29.13 0.53 37.07
CA SER C 1012 30.02 0.15 35.99
C SER C 1012 29.73 0.84 34.67
N ALA C 1013 28.81 1.81 34.62
CA ALA C 1013 28.36 2.34 33.33
C ALA C 1013 29.45 3.14 32.63
N GLY C 1014 30.13 4.03 33.37
CA GLY C 1014 31.11 4.90 32.76
C GLY C 1014 30.67 6.35 32.80
N ARG C 1015 29.52 6.63 32.18
CA ARG C 1015 28.86 7.92 32.27
C ARG C 1015 27.66 7.81 33.21
N TYR C 1016 27.37 8.89 33.92
CA TYR C 1016 26.38 8.85 34.98
C TYR C 1016 25.73 10.22 35.14
N HIS C 1017 24.44 10.21 35.48
CA HIS C 1017 23.65 11.43 35.54
C HIS C 1017 22.55 11.32 36.58
N TYR C 1018 22.44 12.33 37.44
CA TYR C 1018 21.35 12.42 38.39
C TYR C 1018 21.04 13.89 38.63
N GLN C 1019 19.82 14.16 39.10
CA GLN C 1019 19.34 15.52 39.28
C GLN C 1019 18.68 15.64 40.64
N LEU C 1020 19.19 16.53 41.47
CA LEU C 1020 18.54 16.97 42.69
C LEU C 1020 18.27 18.47 42.57
N VAL C 1021 17.29 18.95 43.33
CA VAL C 1021 17.07 20.39 43.47
C VAL C 1021 16.70 20.66 44.92
N TRP C 1022 17.46 21.55 45.55
CA TRP C 1022 17.30 21.92 46.95
C TRP C 1022 16.23 23.01 47.08
N CYS C 1023 15.47 22.96 48.17
CA CYS C 1023 14.47 23.99 48.41
C CYS C 1023 14.13 24.02 49.90
N GLN C 1024 13.81 25.21 50.38
CA GLN C 1024 13.39 25.39 51.77
C GLN C 1024 11.87 25.32 51.87
N LYS C 1025 11.39 25.32 53.11
CA LYS C 1025 9.96 25.21 53.36
C LYS C 1025 9.56 26.00 54.60
N ILE D 5 -41.09 54.30 -95.08
CA ILE D 5 -42.43 54.23 -94.52
C ILE D 5 -42.47 53.34 -93.29
N THR D 6 -41.91 52.13 -93.44
CA THR D 6 -42.13 51.08 -92.46
C THR D 6 -40.95 50.84 -91.52
N ASP D 7 -39.71 50.93 -92.01
CA ASP D 7 -38.55 50.86 -91.10
C ASP D 7 -38.48 52.09 -90.14
N SER D 8 -39.60 52.79 -90.16
CA SER D 8 -39.87 53.92 -89.29
C SER D 8 -39.68 53.57 -87.82
N LEU D 9 -39.16 54.53 -87.05
CA LEU D 9 -39.25 54.46 -85.60
C LEU D 9 -40.69 54.32 -85.16
N ALA D 10 -41.60 55.08 -85.80
CA ALA D 10 -43.00 55.05 -85.41
C ALA D 10 -43.59 53.65 -85.57
N VAL D 11 -43.27 52.97 -86.66
CA VAL D 11 -43.78 51.61 -86.84
C VAL D 11 -43.12 50.67 -85.85
N VAL D 12 -41.80 50.78 -85.68
CA VAL D 12 -41.07 49.83 -84.85
C VAL D 12 -41.38 50.07 -83.38
N LEU D 13 -41.35 51.32 -82.93
CA LEU D 13 -41.60 51.60 -81.53
C LEU D 13 -43.05 51.34 -81.15
N GLN D 14 -43.97 51.41 -82.12
CA GLN D 14 -45.36 51.11 -81.81
C GLN D 14 -45.55 49.68 -81.33
N ARG D 15 -44.67 48.77 -81.78
CA ARG D 15 -44.72 47.39 -81.34
C ARG D 15 -44.57 47.26 -79.83
N ARG D 16 -43.73 48.10 -79.23
CA ARG D 16 -43.35 47.98 -77.82
C ARG D 16 -42.90 46.55 -77.50
N ASP D 17 -42.00 46.03 -78.35
CA ASP D 17 -41.48 44.69 -78.15
C ASP D 17 -40.72 44.54 -76.84
N TRP D 18 -40.36 45.64 -76.20
CA TRP D 18 -39.66 45.61 -74.91
C TRP D 18 -40.62 45.57 -73.73
N GLU D 19 -41.92 45.45 -73.97
CA GLU D 19 -42.91 45.25 -72.91
C GLU D 19 -43.78 44.05 -73.25
N ASN D 20 -43.15 43.00 -73.76
CA ASN D 20 -43.84 41.77 -74.14
C ASN D 20 -42.84 40.62 -73.97
N PRO D 21 -42.97 39.83 -72.90
CA PRO D 21 -41.99 38.75 -72.66
C PRO D 21 -42.14 37.60 -73.64
N GLY D 22 -43.16 37.61 -74.49
CA GLY D 22 -43.27 36.66 -75.57
C GLY D 22 -42.49 37.01 -76.82
N VAL D 23 -41.95 38.23 -76.87
CA VAL D 23 -41.07 38.66 -77.95
C VAL D 23 -39.74 39.00 -77.28
N THR D 24 -38.79 38.07 -77.33
CA THR D 24 -37.45 38.31 -76.81
C THR D 24 -36.44 38.58 -77.90
N GLN D 25 -36.86 38.51 -79.17
CA GLN D 25 -35.98 38.72 -80.31
C GLN D 25 -36.82 38.80 -81.56
N LEU D 26 -36.29 39.45 -82.58
CA LEU D 26 -36.87 39.42 -83.92
C LEU D 26 -35.72 39.29 -84.91
N ASN D 27 -35.86 38.35 -85.84
CA ASN D 27 -34.86 38.10 -86.90
C ASN D 27 -33.48 37.84 -86.32
N ARG D 28 -33.41 37.27 -85.13
CA ARG D 28 -32.13 36.92 -84.52
C ARG D 28 -31.74 35.51 -84.93
N LEU D 29 -30.47 35.35 -85.29
CA LEU D 29 -29.98 34.06 -85.74
C LEU D 29 -29.84 33.09 -84.56
N ALA D 30 -29.83 31.80 -84.90
CA ALA D 30 -29.65 30.75 -83.90
C ALA D 30 -28.33 30.92 -83.16
N ALA D 31 -28.29 30.37 -81.94
CA ALA D 31 -27.10 30.42 -81.09
C ALA D 31 -26.19 29.23 -81.39
N HIS D 32 -24.90 29.41 -81.13
CA HIS D 32 -23.89 28.44 -81.55
C HIS D 32 -22.62 28.68 -80.75
N PRO D 33 -21.69 27.74 -80.76
CA PRO D 33 -20.35 27.99 -80.18
C PRO D 33 -19.62 29.08 -80.95
N PRO D 34 -18.54 29.63 -80.40
CA PRO D 34 -17.84 30.73 -81.08
C PRO D 34 -17.37 30.34 -82.47
N PHE D 35 -17.60 31.24 -83.43
CA PHE D 35 -17.26 31.03 -84.82
C PHE D 35 -16.24 32.07 -85.28
N ALA D 36 -15.43 31.68 -86.25
CA ALA D 36 -14.59 32.61 -87.00
C ALA D 36 -14.58 32.32 -88.48
N SER D 37 -15.10 31.17 -88.91
CA SER D 37 -15.14 30.73 -90.31
C SER D 37 -13.81 31.02 -91.02
N TRP D 38 -12.73 30.51 -90.43
CA TRP D 38 -11.46 30.46 -91.14
C TRP D 38 -11.64 29.81 -92.49
N ARG D 39 -11.02 30.39 -93.52
CA ARG D 39 -10.89 29.74 -94.82
C ARG D 39 -9.56 29.03 -94.97
N ASN D 40 -8.86 28.79 -93.86
CA ASN D 40 -7.58 28.12 -93.83
C ASN D 40 -7.56 27.18 -92.64
N SER D 41 -7.19 25.92 -92.88
CA SER D 41 -7.22 24.92 -91.81
C SER D 41 -6.19 25.24 -90.72
N GLU D 42 -4.98 25.65 -91.11
CA GLU D 42 -3.95 25.90 -90.11
C GLU D 42 -4.21 27.16 -89.31
N GLU D 43 -4.91 28.13 -89.90
CA GLU D 43 -5.30 29.32 -89.14
C GLU D 43 -6.24 28.94 -87.99
N ALA D 44 -7.13 27.97 -88.25
CA ALA D 44 -8.03 27.49 -87.20
C ALA D 44 -7.26 26.75 -86.13
N ARG D 45 -6.36 25.85 -86.53
CA ARG D 45 -5.63 25.04 -85.55
C ARG D 45 -4.77 25.90 -84.64
N THR D 46 -4.17 26.96 -85.17
CA THR D 46 -3.32 27.82 -84.37
C THR D 46 -4.10 28.84 -83.55
N ASP D 47 -5.41 28.96 -83.77
CA ASP D 47 -6.25 29.98 -83.14
C ASP D 47 -5.75 31.39 -83.46
N ARG D 48 -5.29 31.59 -84.69
CA ARG D 48 -4.90 32.91 -85.16
C ARG D 48 -6.14 33.70 -85.54
N PRO D 49 -6.01 35.02 -85.74
CA PRO D 49 -7.14 35.80 -86.25
C PRO D 49 -7.66 35.27 -87.58
N SER D 50 -8.86 35.70 -87.93
CA SER D 50 -9.50 35.30 -89.19
C SER D 50 -9.91 36.53 -89.96
N GLN D 51 -9.69 36.48 -91.28
CA GLN D 51 -10.08 37.58 -92.16
C GLN D 51 -11.58 37.72 -92.29
N GLN D 52 -12.36 36.81 -91.72
CA GLN D 52 -13.81 36.82 -91.82
C GLN D 52 -14.48 37.31 -90.53
N LEU D 53 -13.70 37.59 -89.49
CA LEU D 53 -14.22 38.04 -88.20
C LEU D 53 -13.65 39.44 -87.95
N ARG D 54 -14.36 40.46 -88.45
CA ARG D 54 -13.99 41.84 -88.19
C ARG D 54 -14.51 42.29 -86.84
N SER D 55 -13.76 43.18 -86.20
CA SER D 55 -14.20 43.85 -84.99
C SER D 55 -14.78 45.22 -85.34
N LEU D 56 -15.92 45.54 -84.73
CA LEU D 56 -16.52 46.86 -84.87
C LEU D 56 -16.34 47.70 -83.62
N ASN D 57 -15.45 47.28 -82.72
CA ASN D 57 -15.17 48.08 -81.54
C ASN D 57 -14.44 49.36 -81.93
N GLY D 58 -14.57 50.37 -81.09
CA GLY D 58 -13.94 51.64 -81.37
C GLY D 58 -14.85 52.81 -81.12
N GLU D 59 -14.73 53.87 -81.93
CA GLU D 59 -15.48 55.09 -81.71
C GLU D 59 -16.78 55.04 -82.49
N TRP D 60 -17.89 55.08 -81.76
CA TRP D 60 -19.24 55.16 -82.32
C TRP D 60 -19.82 56.55 -82.03
N ARG D 61 -20.85 56.92 -82.78
CA ARG D 61 -21.63 58.11 -82.48
C ARG D 61 -22.76 57.72 -81.54
N PHE D 62 -22.93 58.49 -80.46
CA PHE D 62 -23.87 58.13 -79.41
C PHE D 62 -24.73 59.33 -79.05
N ALA D 63 -26.00 59.08 -78.74
CA ALA D 63 -26.90 60.12 -78.29
C ALA D 63 -27.86 59.51 -77.26
N TRP D 64 -28.09 60.25 -76.18
CA TRP D 64 -28.93 59.79 -75.08
C TRP D 64 -30.29 60.48 -75.15
N PHE D 65 -31.35 59.70 -74.90
CA PHE D 65 -32.70 60.22 -74.89
C PHE D 65 -33.45 59.69 -73.68
N PRO D 66 -34.36 60.48 -73.11
CA PRO D 66 -35.07 60.02 -71.90
C PRO D 66 -36.06 58.92 -72.16
N ALA D 67 -36.47 58.71 -73.41
CA ALA D 67 -37.45 57.71 -73.80
C ALA D 67 -37.33 57.50 -75.29
N PRO D 68 -37.59 56.28 -75.79
CA PRO D 68 -37.42 56.04 -77.23
C PRO D 68 -38.34 56.88 -78.09
N GLU D 69 -39.52 57.23 -77.58
CA GLU D 69 -40.41 58.08 -78.36
C GLU D 69 -39.83 59.46 -78.60
N ALA D 70 -38.81 59.86 -77.85
CA ALA D 70 -38.18 61.16 -78.04
C ALA D 70 -37.11 61.16 -79.12
N VAL D 71 -36.76 60.00 -79.66
CA VAL D 71 -35.73 59.90 -80.68
C VAL D 71 -36.30 60.38 -82.01
N PRO D 72 -35.68 61.37 -82.66
CA PRO D 72 -36.20 61.83 -83.95
C PRO D 72 -36.00 60.79 -85.04
N GLU D 73 -36.93 60.81 -86.01
CA GLU D 73 -36.91 59.87 -87.15
C GLU D 73 -35.69 60.12 -88.04
N SER D 74 -35.10 61.32 -87.97
CA SER D 74 -33.94 61.62 -88.81
C SER D 74 -32.74 60.77 -88.43
N TRP D 75 -32.68 60.29 -87.18
CA TRP D 75 -31.54 59.54 -86.71
C TRP D 75 -31.32 58.25 -87.49
N LEU D 76 -32.32 57.78 -88.23
CA LEU D 76 -32.21 56.50 -88.91
C LEU D 76 -31.52 56.60 -90.26
N GLU D 77 -31.59 57.73 -90.95
CA GLU D 77 -30.90 57.87 -92.22
C GLU D 77 -29.66 58.75 -92.18
N CYS D 78 -29.46 59.53 -91.11
CA CYS D 78 -28.24 60.31 -90.97
C CYS D 78 -27.94 60.51 -89.49
N ASP D 79 -26.76 61.07 -89.23
CA ASP D 79 -26.24 61.21 -87.88
C ASP D 79 -26.78 62.47 -87.21
N LEU D 80 -27.07 62.35 -85.93
CA LEU D 80 -27.52 63.52 -85.17
C LEU D 80 -26.33 64.44 -84.89
N PRO D 81 -26.42 65.71 -85.24
CA PRO D 81 -25.31 66.63 -84.91
C PRO D 81 -25.09 66.76 -83.41
N GLU D 82 -26.16 66.62 -82.61
CA GLU D 82 -26.07 66.66 -81.16
C GLU D 82 -25.36 65.45 -80.57
N ALA D 83 -25.15 64.40 -81.35
CA ALA D 83 -24.56 63.17 -80.82
C ALA D 83 -23.06 63.37 -80.56
N ASP D 84 -22.60 62.79 -79.46
CA ASP D 84 -21.18 62.75 -79.15
C ASP D 84 -20.55 61.48 -79.69
N THR D 85 -19.22 61.48 -79.78
CA THR D 85 -18.47 60.30 -80.20
C THR D 85 -17.95 59.57 -78.97
N VAL D 86 -18.16 58.26 -78.96
CA VAL D 86 -18.04 57.45 -77.75
C VAL D 86 -17.37 56.14 -78.11
N VAL D 87 -16.57 55.61 -77.18
CA VAL D 87 -15.94 54.31 -77.39
C VAL D 87 -16.97 53.21 -77.11
N VAL D 88 -16.99 52.21 -77.98
CA VAL D 88 -17.82 51.02 -77.82
C VAL D 88 -16.89 49.81 -77.84
N PRO D 89 -17.02 48.85 -76.90
CA PRO D 89 -18.06 48.72 -75.89
C PRO D 89 -17.99 49.71 -74.72
N SER D 90 -19.17 50.05 -74.19
CA SER D 90 -19.28 50.99 -73.09
C SER D 90 -20.59 50.73 -72.36
N ASN D 91 -20.65 51.20 -71.12
CA ASN D 91 -21.89 51.45 -70.41
C ASN D 91 -22.04 52.97 -70.34
N TRP D 92 -23.14 53.49 -70.89
CA TRP D 92 -23.21 54.94 -71.03
C TRP D 92 -23.34 55.67 -69.69
N GLN D 93 -23.45 54.94 -68.59
CA GLN D 93 -23.52 55.59 -67.28
C GLN D 93 -22.16 56.16 -66.87
N MET D 94 -21.07 55.43 -67.13
CA MET D 94 -19.75 55.93 -66.79
C MET D 94 -19.24 56.99 -67.76
N HIS D 95 -19.91 57.17 -68.89
CA HIS D 95 -19.70 58.37 -69.69
C HIS D 95 -20.47 59.56 -69.14
N GLY D 96 -21.32 59.35 -68.12
CA GLY D 96 -22.00 60.41 -67.43
C GLY D 96 -23.41 60.71 -67.91
N TYR D 97 -23.92 59.94 -68.86
CA TYR D 97 -25.18 60.31 -69.50
C TYR D 97 -26.36 60.18 -68.55
N ASP D 98 -26.35 59.15 -67.70
CA ASP D 98 -27.27 59.12 -66.57
C ASP D 98 -26.59 58.34 -65.44
N ALA D 99 -27.28 58.27 -64.32
CA ALA D 99 -26.67 57.68 -63.14
C ALA D 99 -26.76 56.16 -63.18
N PRO D 100 -25.71 55.47 -62.75
CA PRO D 100 -25.86 54.05 -62.43
C PRO D 100 -26.62 53.88 -61.13
N ILE D 101 -27.50 52.88 -61.08
CA ILE D 101 -28.27 52.57 -59.89
C ILE D 101 -27.75 51.29 -59.29
N TYR D 102 -27.40 51.32 -58.01
CA TYR D 102 -27.10 50.11 -57.27
C TYR D 102 -28.26 49.80 -56.33
N THR D 103 -29.05 48.80 -56.70
CA THR D 103 -30.07 48.25 -55.82
C THR D 103 -29.88 46.75 -55.76
N ASN D 104 -30.08 46.18 -54.57
CA ASN D 104 -29.91 44.74 -54.39
C ASN D 104 -31.16 43.98 -54.82
N VAL D 105 -32.11 43.82 -53.90
CA VAL D 105 -33.30 43.03 -54.19
C VAL D 105 -34.35 43.84 -54.92
N THR D 106 -34.67 45.02 -54.39
CA THR D 106 -35.73 45.84 -54.96
C THR D 106 -35.43 46.20 -56.42
N TYR D 107 -36.38 45.92 -57.30
CA TYR D 107 -36.21 46.26 -58.71
C TYR D 107 -36.01 47.76 -58.86
N PRO D 108 -35.08 48.20 -59.70
CA PRO D 108 -34.89 49.64 -59.93
C PRO D 108 -36.08 50.31 -60.58
N ILE D 109 -36.99 49.54 -61.16
CA ILE D 109 -38.20 50.07 -61.77
C ILE D 109 -39.40 49.62 -60.94
N THR D 110 -40.57 50.18 -61.25
CA THR D 110 -41.78 49.74 -60.59
C THR D 110 -42.09 48.30 -61.02
N VAL D 111 -42.40 47.45 -60.04
CA VAL D 111 -42.70 46.05 -60.32
C VAL D 111 -44.12 45.93 -60.84
N ASN D 112 -44.29 46.01 -62.16
CA ASN D 112 -45.56 45.73 -62.81
C ASN D 112 -45.29 45.06 -64.15
N PRO D 113 -44.90 43.79 -64.13
CA PRO D 113 -44.57 43.09 -65.37
C PRO D 113 -45.79 42.96 -66.25
N PRO D 114 -45.61 42.99 -67.58
CA PRO D 114 -44.30 43.10 -68.24
C PRO D 114 -43.90 44.53 -68.58
N PHE D 115 -44.48 45.51 -67.90
CA PHE D 115 -44.33 46.90 -68.29
C PHE D 115 -43.13 47.55 -67.60
N VAL D 116 -42.64 48.62 -68.21
CA VAL D 116 -41.49 49.37 -67.71
C VAL D 116 -41.82 50.85 -67.79
N PRO D 117 -41.06 51.70 -67.09
CA PRO D 117 -41.33 53.14 -67.15
C PRO D 117 -41.36 53.67 -68.58
N THR D 118 -42.25 54.63 -68.84
CA THR D 118 -42.30 55.23 -70.17
C THR D 118 -41.07 56.09 -70.42
N GLU D 119 -40.60 56.80 -69.38
CA GLU D 119 -39.32 57.50 -69.47
C GLU D 119 -38.23 56.47 -69.27
N ASN D 120 -37.87 55.83 -70.39
CA ASN D 120 -36.95 54.70 -70.44
C ASN D 120 -35.66 55.16 -71.10
N PRO D 121 -34.58 55.40 -70.34
CA PRO D 121 -33.37 55.97 -70.93
C PRO D 121 -32.90 55.16 -72.13
N THR D 122 -32.69 55.87 -73.24
CA THR D 122 -32.46 55.26 -74.54
C THR D 122 -31.14 55.75 -75.11
N GLY D 123 -30.23 54.81 -75.40
CA GLY D 123 -28.99 55.11 -76.07
C GLY D 123 -29.09 54.72 -77.53
N CYS D 124 -28.88 55.70 -78.40
CA CYS D 124 -28.98 55.53 -79.85
C CYS D 124 -27.57 55.51 -80.43
N TYR D 125 -26.98 54.32 -80.51
CA TYR D 125 -25.64 54.18 -81.05
C TYR D 125 -25.69 54.11 -82.57
N SER D 126 -24.69 54.71 -83.21
CA SER D 126 -24.58 54.64 -84.66
C SER D 126 -23.11 54.51 -85.04
N LEU D 127 -22.87 53.79 -86.12
CA LEU D 127 -21.51 53.60 -86.62
C LEU D 127 -21.53 53.53 -88.14
N THR D 128 -20.70 54.35 -88.77
CA THR D 128 -20.49 54.31 -90.21
C THR D 128 -19.25 53.49 -90.50
N PHE D 129 -19.38 52.48 -91.36
CA PHE D 129 -18.30 51.55 -91.62
C PHE D 129 -18.38 51.11 -93.08
N ASN D 130 -17.32 50.46 -93.53
CA ASN D 130 -17.21 49.98 -94.90
C ASN D 130 -17.14 48.46 -94.90
N VAL D 131 -17.61 47.86 -95.98
CA VAL D 131 -17.51 46.42 -96.16
C VAL D 131 -16.76 46.15 -97.46
N ASP D 132 -15.95 45.10 -97.47
CA ASP D 132 -15.32 44.65 -98.69
C ASP D 132 -16.39 44.16 -99.66
N GLU D 133 -16.25 44.55 -100.94
CA GLU D 133 -17.16 44.02 -101.95
C GLU D 133 -17.07 42.51 -102.04
N SER D 134 -15.92 41.94 -101.66
CA SER D 134 -15.82 40.48 -101.53
C SER D 134 -16.93 39.93 -100.64
N TRP D 135 -17.28 40.65 -99.58
CA TRP D 135 -18.24 40.13 -98.61
C TRP D 135 -19.67 40.15 -99.12
N LEU D 136 -19.93 40.93 -100.16
CA LEU D 136 -21.26 40.99 -100.75
C LEU D 136 -21.34 40.29 -102.09
N GLN D 137 -20.19 39.93 -102.68
CA GLN D 137 -20.20 39.06 -103.84
C GLN D 137 -20.77 37.70 -103.46
N GLU D 138 -20.16 37.04 -102.48
CA GLU D 138 -20.61 35.73 -102.03
C GLU D 138 -20.79 35.76 -100.52
N GLY D 139 -21.54 34.79 -100.02
CA GLY D 139 -21.55 34.48 -98.60
C GLY D 139 -22.57 35.25 -97.79
N GLN D 140 -22.58 34.95 -96.50
CA GLN D 140 -23.48 35.54 -95.53
C GLN D 140 -22.69 36.41 -94.56
N THR D 141 -23.07 37.68 -94.45
CA THR D 141 -22.44 38.62 -93.53
C THR D 141 -23.39 38.89 -92.38
N ARG D 142 -22.96 38.53 -91.16
CA ARG D 142 -23.76 38.72 -89.96
C ARG D 142 -23.03 39.63 -88.99
N ILE D 143 -23.79 40.38 -88.21
CA ILE D 143 -23.26 41.22 -87.15
C ILE D 143 -23.55 40.54 -85.83
N ILE D 144 -22.63 40.68 -84.88
CA ILE D 144 -22.72 40.00 -83.60
C ILE D 144 -22.56 41.03 -82.48
N PHE D 145 -23.57 41.14 -81.64
CA PHE D 145 -23.51 42.01 -80.46
C PHE D 145 -23.34 41.08 -79.26
N ASP D 146 -22.10 41.00 -78.75
CA ASP D 146 -21.83 40.07 -77.65
C ASP D 146 -22.55 40.46 -76.36
N GLY D 147 -22.97 41.71 -76.22
CA GLY D 147 -23.68 42.13 -75.03
C GLY D 147 -24.29 43.51 -75.14
N VAL D 148 -25.62 43.57 -75.13
CA VAL D 148 -26.35 44.83 -75.16
C VAL D 148 -27.35 44.81 -74.01
N ASN D 149 -27.35 45.87 -73.20
CA ASN D 149 -28.11 45.94 -71.97
C ASN D 149 -29.03 47.15 -72.05
N SER D 150 -30.35 46.93 -72.02
CA SER D 150 -30.98 45.62 -71.79
C SER D 150 -31.70 45.04 -73.01
N ALA D 151 -31.98 45.89 -74.01
CA ALA D 151 -32.67 45.44 -75.21
C ALA D 151 -32.43 46.48 -76.29
N PHE D 152 -32.53 46.04 -77.55
CA PHE D 152 -32.17 46.96 -78.63
C PHE D 152 -32.87 46.59 -79.92
N HIS D 153 -33.17 47.61 -80.72
CA HIS D 153 -33.56 47.47 -82.10
C HIS D 153 -32.37 47.79 -83.00
N LEU D 154 -32.28 47.09 -84.12
CA LEU D 154 -31.15 47.21 -85.03
C LEU D 154 -31.62 47.72 -86.39
N TRP D 155 -31.06 48.83 -86.84
CA TRP D 155 -31.18 49.29 -88.20
C TRP D 155 -29.80 49.28 -88.86
N CYS D 156 -29.79 49.07 -90.17
CA CYS D 156 -28.57 49.19 -90.97
C CYS D 156 -28.94 49.84 -92.30
N ASN D 157 -28.32 50.98 -92.60
CA ASN D 157 -28.68 51.80 -93.76
C ASN D 157 -30.15 52.21 -93.71
N GLY D 158 -30.67 52.43 -92.50
CA GLY D 158 -32.04 52.90 -92.34
C GLY D 158 -33.10 51.83 -92.40
N ARG D 159 -32.77 50.62 -92.85
CA ARG D 159 -33.74 49.54 -92.92
C ARG D 159 -33.65 48.71 -91.63
N TRP D 160 -34.79 48.46 -91.02
CA TRP D 160 -34.82 47.74 -89.76
C TRP D 160 -34.42 46.28 -89.97
N VAL D 161 -33.54 45.79 -89.10
CA VAL D 161 -33.01 44.43 -89.19
C VAL D 161 -33.63 43.52 -88.14
N GLY D 162 -33.61 43.92 -86.87
CA GLY D 162 -34.08 43.03 -85.85
C GLY D 162 -34.03 43.64 -84.47
N TYR D 163 -34.31 42.79 -83.48
CA TYR D 163 -34.49 43.20 -82.10
C TYR D 163 -33.94 42.08 -81.21
N GLY D 164 -33.48 42.44 -80.02
CA GLY D 164 -32.87 41.44 -79.14
C GLY D 164 -33.01 41.78 -77.68
N GLN D 165 -32.99 40.73 -76.86
CA GLN D 165 -32.99 40.86 -75.39
C GLN D 165 -31.96 39.88 -74.83
N ASP D 166 -31.95 39.73 -73.50
CA ASP D 166 -30.91 39.02 -72.74
C ASP D 166 -29.59 39.78 -72.81
N SER D 167 -29.21 40.42 -71.71
CA SER D 167 -28.08 41.34 -71.72
C SER D 167 -26.76 40.63 -71.93
N ARG D 168 -26.63 39.38 -71.51
CA ARG D 168 -25.32 38.75 -71.35
C ARG D 168 -25.08 37.60 -72.34
N LEU D 169 -25.81 37.58 -73.45
CA LEU D 169 -25.59 36.59 -74.49
C LEU D 169 -25.58 37.27 -75.85
N PRO D 170 -24.83 36.73 -76.81
CA PRO D 170 -24.71 37.41 -78.10
C PRO D 170 -26.00 37.36 -78.91
N SER D 171 -26.26 38.46 -79.63
CA SER D 171 -27.37 38.56 -80.55
C SER D 171 -26.83 38.78 -81.96
N GLU D 172 -27.09 37.82 -82.84
CA GLU D 172 -26.53 37.85 -84.19
C GLU D 172 -27.64 38.05 -85.22
N PHE D 173 -27.37 38.89 -86.22
CA PHE D 173 -28.34 39.21 -87.25
C PHE D 173 -27.67 39.17 -88.63
N ASP D 174 -28.38 38.62 -89.60
CA ASP D 174 -27.91 38.60 -90.98
C ASP D 174 -28.04 40.00 -91.58
N LEU D 175 -26.92 40.55 -92.04
CA LEU D 175 -26.90 41.86 -92.67
C LEU D 175 -26.71 41.80 -94.18
N SER D 176 -26.64 40.59 -94.75
CA SER D 176 -26.28 40.42 -96.17
C SER D 176 -27.11 41.32 -97.08
N ALA D 177 -28.44 41.24 -96.97
CA ALA D 177 -29.33 41.98 -97.84
C ALA D 177 -29.41 43.45 -97.49
N PHE D 178 -28.86 43.87 -96.35
CA PHE D 178 -28.90 45.26 -95.94
C PHE D 178 -27.65 46.04 -96.33
N LEU D 179 -26.53 45.36 -96.56
CA LEU D 179 -25.27 46.05 -96.78
C LEU D 179 -25.14 46.52 -98.22
N ARG D 180 -24.58 47.70 -98.39
CA ARG D 180 -24.23 48.24 -99.70
C ARG D 180 -22.71 48.22 -99.85
N ALA D 181 -22.26 48.16 -101.10
CA ALA D 181 -20.83 48.29 -101.37
C ALA D 181 -20.39 49.70 -101.00
N GLY D 182 -19.29 49.79 -100.27
CA GLY D 182 -18.80 51.07 -99.80
C GLY D 182 -19.31 51.39 -98.41
N GLU D 183 -19.86 52.58 -98.26
CA GLU D 183 -20.18 53.13 -96.94
C GLU D 183 -21.55 52.65 -96.46
N ASN D 184 -21.59 52.10 -95.24
CA ASN D 184 -22.81 51.66 -94.56
C ASN D 184 -22.95 52.37 -93.23
N ARG D 185 -24.14 52.32 -92.66
CA ARG D 185 -24.39 52.91 -91.35
C ARG D 185 -25.27 51.97 -90.53
N LEU D 186 -24.87 51.72 -89.28
CA LEU D 186 -25.70 51.00 -88.32
C LEU D 186 -26.37 52.00 -87.38
N ALA D 187 -27.65 51.74 -87.08
CA ALA D 187 -28.38 52.50 -86.08
C ALA D 187 -28.88 51.50 -85.04
N VAL D 188 -28.39 51.62 -83.81
CA VAL D 188 -28.74 50.72 -82.71
C VAL D 188 -29.39 51.55 -81.62
N MET D 189 -30.65 51.24 -81.31
CA MET D 189 -31.39 51.93 -80.25
C MET D 189 -31.43 51.02 -79.03
N VAL D 190 -30.72 51.41 -77.97
CA VAL D 190 -30.59 50.60 -76.76
C VAL D 190 -31.56 51.12 -75.71
N LEU D 191 -32.35 50.22 -75.14
CA LEU D 191 -33.31 50.56 -74.09
C LEU D 191 -32.79 50.06 -72.76
N ARG D 192 -32.74 50.95 -71.77
CA ARG D 192 -32.23 50.58 -70.46
C ARG D 192 -33.13 49.55 -69.78
N TRP D 193 -34.44 49.66 -69.98
CA TRP D 193 -35.39 48.75 -69.37
C TRP D 193 -36.15 47.99 -70.45
N SER D 194 -36.53 46.76 -70.11
CA SER D 194 -37.38 45.93 -70.97
C SER D 194 -38.02 44.87 -70.09
N ASP D 195 -38.92 44.08 -70.69
CA ASP D 195 -39.48 42.96 -69.96
C ASP D 195 -38.40 41.95 -69.56
N GLY D 196 -37.24 41.99 -70.23
CA GLY D 196 -36.12 41.19 -69.78
C GLY D 196 -35.52 41.68 -68.47
N SER D 197 -35.73 42.95 -68.13
CA SER D 197 -35.19 43.46 -66.87
C SER D 197 -35.81 42.79 -65.67
N TYR D 198 -36.99 42.20 -65.84
CA TYR D 198 -37.61 41.45 -64.76
C TYR D 198 -36.85 40.16 -64.45
N LEU D 199 -36.09 39.64 -65.40
CA LEU D 199 -35.23 38.48 -65.17
C LEU D 199 -33.78 38.87 -64.93
N GLU D 200 -33.50 40.16 -64.82
CA GLU D 200 -32.13 40.61 -64.63
C GLU D 200 -32.01 41.47 -63.37
N ASP D 201 -32.44 40.93 -62.23
CA ASP D 201 -32.38 41.63 -60.95
C ASP D 201 -31.18 41.20 -60.12
N GLN D 202 -30.03 40.98 -60.76
CA GLN D 202 -28.83 40.61 -60.03
C GLN D 202 -28.39 41.75 -59.10
N ASP D 203 -27.91 41.37 -57.91
CA ASP D 203 -27.45 42.35 -56.92
C ASP D 203 -26.19 43.05 -57.41
N MET D 204 -26.37 44.11 -58.20
CA MET D 204 -25.23 44.77 -58.84
C MET D 204 -25.70 46.12 -59.36
N TRP D 205 -24.74 46.91 -59.80
CA TRP D 205 -25.07 48.17 -60.46
C TRP D 205 -25.94 47.90 -61.68
N ARG D 206 -26.99 48.70 -61.83
CA ARG D 206 -27.85 48.60 -63.00
C ARG D 206 -27.34 49.61 -64.01
N MET D 207 -26.68 49.11 -65.05
CA MET D 207 -26.17 49.94 -66.14
C MET D 207 -26.83 49.52 -67.46
N SER D 208 -26.36 50.10 -68.56
CA SER D 208 -26.96 49.82 -69.85
C SER D 208 -26.00 50.27 -70.94
N GLY D 209 -26.22 49.73 -72.15
CA GLY D 209 -25.49 50.12 -73.32
C GLY D 209 -24.99 48.92 -74.09
N ILE D 210 -24.14 49.20 -75.08
CA ILE D 210 -23.46 48.15 -75.84
C ILE D 210 -22.14 47.93 -75.13
N PHE D 211 -22.15 47.00 -74.18
CA PHE D 211 -21.05 46.87 -73.23
C PHE D 211 -20.17 45.65 -73.51
N ARG D 212 -20.40 44.93 -74.60
CA ARG D 212 -19.50 43.89 -75.06
C ARG D 212 -19.20 44.09 -76.55
N ASP D 213 -18.34 43.24 -77.09
CA ASP D 213 -17.79 43.47 -78.42
C ASP D 213 -18.85 43.37 -79.51
N VAL D 214 -18.78 44.30 -80.46
CA VAL D 214 -19.54 44.21 -81.71
C VAL D 214 -18.60 43.73 -82.81
N SER D 215 -19.11 42.84 -83.66
CA SER D 215 -18.25 42.23 -84.67
C SER D 215 -19.08 41.84 -85.89
N LEU D 216 -18.38 41.75 -87.02
CA LEU D 216 -18.95 41.24 -88.26
C LEU D 216 -18.31 39.90 -88.57
N LEU D 217 -19.15 38.93 -88.92
CA LEU D 217 -18.69 37.60 -89.29
C LEU D 217 -19.19 37.29 -90.70
N HIS D 218 -18.28 36.88 -91.57
CA HIS D 218 -18.62 36.49 -92.93
C HIS D 218 -18.45 34.98 -93.07
N LYS D 219 -19.52 34.30 -93.46
CA LYS D 219 -19.52 32.86 -93.66
C LYS D 219 -20.03 32.52 -95.05
N PRO D 220 -19.55 31.43 -95.64
CA PRO D 220 -20.13 30.98 -96.91
C PRO D 220 -21.58 30.56 -96.72
N THR D 221 -22.36 30.66 -97.80
CA THR D 221 -23.78 30.34 -97.69
C THR D 221 -24.01 28.88 -97.33
N THR D 222 -23.09 28.00 -97.70
CA THR D 222 -23.04 26.65 -97.16
C THR D 222 -21.97 26.62 -96.08
N GLN D 223 -22.37 26.33 -94.84
CA GLN D 223 -21.55 26.69 -93.69
C GLN D 223 -21.70 25.64 -92.59
N ILE D 224 -20.82 25.75 -91.59
CA ILE D 224 -20.99 25.04 -90.33
C ILE D 224 -21.89 25.86 -89.44
N SER D 225 -23.09 25.36 -89.15
CA SER D 225 -24.05 26.11 -88.35
C SER D 225 -23.94 25.84 -86.85
N ASP D 226 -23.41 24.67 -86.48
CA ASP D 226 -23.29 24.28 -85.09
C ASP D 226 -22.35 23.09 -85.02
N PHE D 227 -21.67 22.94 -83.89
CA PHE D 227 -20.89 21.73 -83.65
C PHE D 227 -20.73 21.54 -82.14
N HIS D 228 -20.97 20.31 -81.68
CA HIS D 228 -20.75 19.91 -80.30
C HIS D 228 -19.62 18.89 -80.24
N VAL D 229 -18.73 19.05 -79.26
CA VAL D 229 -17.68 18.07 -79.01
C VAL D 229 -17.93 17.44 -77.64
N ALA D 230 -17.86 16.11 -77.59
CA ALA D 230 -18.03 15.36 -76.35
C ALA D 230 -16.88 14.37 -76.21
N THR D 231 -16.56 14.02 -74.96
CA THR D 231 -15.48 13.09 -74.67
C THR D 231 -15.98 12.03 -73.69
N ARG D 232 -16.00 10.78 -74.13
CA ARG D 232 -16.33 9.63 -73.29
C ARG D 232 -15.07 8.83 -73.00
N PHE D 233 -15.04 8.20 -71.82
CA PHE D 233 -13.83 7.55 -71.33
C PHE D 233 -14.13 6.11 -70.93
N ASN D 234 -13.07 5.36 -70.65
CA ASN D 234 -13.17 4.00 -70.15
C ASN D 234 -12.91 4.00 -68.64
N ASP D 235 -12.87 2.80 -68.06
CA ASP D 235 -12.83 2.64 -66.60
C ASP D 235 -11.74 3.49 -65.95
N ASP D 236 -10.52 3.45 -66.50
CA ASP D 236 -9.38 4.11 -65.87
C ASP D 236 -8.85 5.29 -66.69
N PHE D 237 -9.63 5.81 -67.62
CA PHE D 237 -9.28 6.99 -68.41
C PHE D 237 -8.05 6.78 -69.30
N SER D 238 -7.67 5.53 -69.53
CA SER D 238 -6.58 5.25 -70.47
C SER D 238 -7.01 5.37 -71.91
N ARG D 239 -8.32 5.32 -72.19
CA ARG D 239 -8.84 5.40 -73.55
C ARG D 239 -10.04 6.34 -73.58
N ALA D 240 -10.04 7.25 -74.55
CA ALA D 240 -11.13 8.18 -74.73
C ALA D 240 -11.64 8.11 -76.17
N VAL D 241 -12.93 8.41 -76.33
CA VAL D 241 -13.54 8.59 -77.63
C VAL D 241 -14.05 10.02 -77.71
N LEU D 242 -13.62 10.75 -78.73
CA LEU D 242 -14.10 12.12 -78.95
C LEU D 242 -15.18 12.08 -80.01
N GLU D 243 -16.42 12.30 -79.59
CA GLU D 243 -17.52 12.48 -80.52
C GLU D 243 -17.59 13.95 -80.90
N ALA D 244 -17.82 14.21 -82.19
CA ALA D 244 -17.99 15.57 -82.67
C ALA D 244 -19.16 15.56 -83.65
N GLU D 245 -20.26 16.20 -83.26
CA GLU D 245 -21.40 16.38 -84.14
C GLU D 245 -21.25 17.71 -84.86
N VAL D 246 -21.48 17.69 -86.18
CA VAL D 246 -21.36 18.88 -87.00
C VAL D 246 -22.68 19.08 -87.74
N GLN D 247 -23.13 20.33 -87.79
CA GLN D 247 -24.37 20.70 -88.46
C GLN D 247 -24.07 21.77 -89.50
N MET D 248 -24.79 21.71 -90.62
CA MET D 248 -24.56 22.64 -91.72
C MET D 248 -25.86 23.31 -92.12
N CYS D 249 -25.72 24.46 -92.76
CA CYS D 249 -26.80 25.16 -93.45
C CYS D 249 -26.37 25.40 -94.89
N GLY D 250 -27.36 25.59 -95.75
CA GLY D 250 -27.12 25.86 -97.16
C GLY D 250 -27.51 24.71 -98.06
N GLU D 251 -26.96 24.72 -99.27
CA GLU D 251 -27.30 23.74 -100.28
C GLU D 251 -26.59 22.42 -99.94
N LEU D 252 -27.38 21.40 -99.62
CA LEU D 252 -26.84 20.07 -99.38
C LEU D 252 -26.53 19.39 -100.69
N ARG D 253 -25.28 18.95 -100.85
CA ARG D 253 -24.86 18.26 -102.06
C ARG D 253 -24.03 17.05 -101.67
N ASP D 254 -24.17 15.95 -102.43
CA ASP D 254 -23.55 14.69 -102.08
C ASP D 254 -22.03 14.73 -102.07
N TYR D 255 -21.42 15.77 -102.62
CA TYR D 255 -19.96 15.86 -102.63
C TYR D 255 -19.42 16.59 -101.41
N LEU D 256 -20.27 16.97 -100.47
CA LEU D 256 -19.85 17.68 -99.27
C LEU D 256 -19.36 16.69 -98.22
N ARG D 257 -18.29 17.07 -97.52
CA ARG D 257 -17.68 16.22 -96.52
C ARG D 257 -17.26 17.06 -95.32
N VAL D 258 -16.98 16.39 -94.21
CA VAL D 258 -16.54 17.03 -92.97
C VAL D 258 -15.38 16.22 -92.41
N THR D 259 -14.33 16.92 -92.00
CA THR D 259 -13.18 16.31 -91.35
C THR D 259 -13.00 16.97 -89.99
N VAL D 260 -12.82 16.16 -88.96
CA VAL D 260 -12.53 16.64 -87.62
C VAL D 260 -11.12 16.18 -87.26
N SER D 261 -10.30 17.11 -86.80
CA SER D 261 -8.91 16.83 -86.48
C SER D 261 -8.65 17.21 -85.03
N LEU D 262 -7.88 16.38 -84.33
CA LEU D 262 -7.52 16.63 -82.94
C LEU D 262 -6.02 16.81 -82.85
N TRP D 263 -5.59 17.96 -82.34
CA TRP D 263 -4.18 18.33 -82.31
C TRP D 263 -3.73 18.61 -80.89
N GLN D 264 -2.42 18.54 -80.69
CA GLN D 264 -1.81 19.07 -79.48
C GLN D 264 -0.41 19.53 -79.83
N GLY D 265 -0.22 20.84 -79.90
CA GLY D 265 0.98 21.37 -80.51
C GLY D 265 0.86 21.19 -82.01
N GLU D 266 1.92 20.66 -82.64
CA GLU D 266 1.87 20.26 -84.04
C GLU D 266 1.66 18.75 -84.20
N THR D 267 1.37 18.05 -83.13
CA THR D 267 1.08 16.62 -83.20
C THR D 267 -0.40 16.43 -83.51
N GLN D 268 -0.70 15.83 -84.66
CA GLN D 268 -2.06 15.41 -84.99
C GLN D 268 -2.31 14.08 -84.29
N VAL D 269 -3.19 14.09 -83.28
CA VAL D 269 -3.42 12.90 -82.46
C VAL D 269 -4.44 11.97 -83.11
N ALA D 270 -5.44 12.52 -83.80
CA ALA D 270 -6.42 11.70 -84.49
C ALA D 270 -7.15 12.57 -85.50
N SER D 271 -7.88 11.91 -86.39
CA SER D 271 -8.74 12.62 -87.34
C SER D 271 -9.64 11.61 -88.04
N GLY D 272 -10.76 12.12 -88.56
CA GLY D 272 -11.69 11.33 -89.35
C GLY D 272 -12.47 12.22 -90.28
N THR D 273 -13.04 11.60 -91.31
CA THR D 273 -13.77 12.30 -92.36
C THR D 273 -15.03 11.51 -92.70
N ALA D 274 -16.09 12.23 -93.07
CA ALA D 274 -17.34 11.57 -93.41
C ALA D 274 -18.16 12.49 -94.29
N PRO D 275 -19.10 11.95 -95.06
CA PRO D 275 -20.13 12.78 -95.69
C PRO D 275 -21.24 13.08 -94.68
N PHE D 276 -22.16 13.93 -95.11
CA PHE D 276 -23.28 14.26 -94.24
C PHE D 276 -24.33 13.14 -94.25
N GLY D 277 -25.13 13.10 -93.20
CA GLY D 277 -26.09 12.04 -93.00
C GLY D 277 -25.84 11.29 -91.72
N GLY D 278 -26.61 11.62 -90.67
CA GLY D 278 -26.47 10.96 -89.40
C GLY D 278 -27.20 9.63 -89.37
N GLU D 279 -27.03 8.92 -88.26
CA GLU D 279 -27.74 7.66 -88.06
C GLU D 279 -29.25 7.90 -88.06
N ILE D 280 -30.00 6.86 -88.42
CA ILE D 280 -31.45 6.91 -88.27
C ILE D 280 -31.79 7.25 -86.83
N ILE D 281 -32.74 8.17 -86.65
CA ILE D 281 -33.10 8.56 -85.29
C ILE D 281 -34.57 8.30 -84.99
N ASP D 282 -35.43 8.31 -86.01
CA ASP D 282 -36.83 7.93 -85.79
C ASP D 282 -37.41 7.41 -87.11
N GLU D 283 -38.75 7.27 -87.13
CA GLU D 283 -39.45 6.67 -88.27
C GLU D 283 -39.29 7.46 -89.55
N ARG D 284 -38.92 8.74 -89.48
CA ARG D 284 -38.73 9.55 -90.67
C ARG D 284 -37.30 9.57 -91.16
N GLY D 285 -36.39 8.86 -90.51
CA GLY D 285 -35.01 8.80 -90.95
C GLY D 285 -34.07 9.54 -90.00
N GLY D 286 -33.03 10.14 -90.56
CA GLY D 286 -32.04 10.84 -89.76
C GLY D 286 -31.83 12.28 -90.16
N TYR D 287 -30.84 12.93 -89.57
CA TYR D 287 -30.47 14.29 -89.96
C TYR D 287 -29.55 14.22 -91.17
N ALA D 288 -30.07 14.65 -92.33
CA ALA D 288 -29.23 14.69 -93.53
C ALA D 288 -28.22 15.82 -93.47
N ASP D 289 -28.57 16.92 -92.80
CA ASP D 289 -27.71 18.08 -92.65
C ASP D 289 -26.74 17.97 -91.48
N ARG D 290 -26.44 16.76 -91.01
CA ARG D 290 -25.58 16.55 -89.86
C ARG D 290 -24.73 15.29 -90.05
N VAL D 291 -23.65 15.25 -89.29
CA VAL D 291 -22.80 14.06 -89.22
C VAL D 291 -22.04 14.12 -87.91
N THR D 292 -21.83 12.95 -87.30
CA THR D 292 -21.11 12.84 -86.04
C THR D 292 -19.84 12.05 -86.29
N LEU D 293 -18.71 12.55 -85.80
CA LEU D 293 -17.42 11.94 -86.03
C LEU D 293 -16.83 11.46 -84.71
N ARG D 294 -16.35 10.22 -84.70
CA ARG D 294 -15.78 9.60 -83.51
C ARG D 294 -14.28 9.40 -83.71
N LEU D 295 -13.48 9.81 -82.73
CA LEU D 295 -12.04 9.72 -82.79
C LEU D 295 -11.52 9.03 -81.53
N ASN D 296 -10.89 7.88 -81.70
CA ASN D 296 -10.25 7.21 -80.58
C ASN D 296 -8.98 7.96 -80.16
N VAL D 297 -8.74 8.03 -78.85
CA VAL D 297 -7.56 8.68 -78.29
C VAL D 297 -7.09 7.82 -77.12
N GLU D 298 -5.96 7.14 -77.27
CA GLU D 298 -5.40 6.35 -76.19
C GLU D 298 -4.54 7.25 -75.30
N ASN D 299 -4.59 6.98 -74.00
CA ASN D 299 -3.87 7.71 -72.96
C ASN D 299 -3.92 9.22 -73.18
N PRO D 300 -5.11 9.82 -73.13
CA PRO D 300 -5.22 11.25 -73.37
C PRO D 300 -4.76 12.07 -72.16
N LYS D 301 -4.16 13.22 -72.45
CA LYS D 301 -3.85 14.20 -71.42
C LYS D 301 -5.15 14.76 -70.86
N LEU D 302 -5.43 14.47 -69.59
CA LEU D 302 -6.71 14.85 -68.99
C LEU D 302 -6.68 16.29 -68.52
N TRP D 303 -7.79 17.00 -68.79
CA TRP D 303 -7.92 18.39 -68.38
C TRP D 303 -8.32 18.48 -66.91
N SER D 304 -7.75 19.47 -66.24
CA SER D 304 -7.94 19.69 -64.81
C SER D 304 -7.72 21.16 -64.55
N ALA D 305 -8.17 21.62 -63.39
CA ALA D 305 -7.73 22.95 -62.97
C ALA D 305 -6.28 22.91 -62.49
N GLU D 306 -5.81 21.73 -62.07
CA GLU D 306 -4.41 21.57 -61.67
C GLU D 306 -3.51 21.48 -62.89
N ILE D 307 -3.86 20.64 -63.86
CA ILE D 307 -3.13 20.56 -65.12
C ILE D 307 -4.10 20.74 -66.29
N PRO D 308 -4.21 21.93 -66.86
CA PRO D 308 -5.20 22.19 -67.92
C PRO D 308 -4.75 21.72 -69.30
N ASN D 309 -4.57 20.41 -69.44
CA ASN D 309 -4.15 19.83 -70.71
C ASN D 309 -5.22 20.04 -71.76
N LEU D 310 -4.90 20.78 -72.81
CA LEU D 310 -5.86 21.12 -73.86
C LEU D 310 -5.38 20.56 -75.19
N TYR D 311 -6.29 19.90 -75.89
CA TYR D 311 -6.13 19.63 -77.31
C TYR D 311 -6.89 20.70 -78.09
N ARG D 312 -6.71 20.71 -79.40
CA ARG D 312 -7.50 21.57 -80.27
C ARG D 312 -8.20 20.72 -81.33
N ALA D 313 -9.51 20.86 -81.43
CA ALA D 313 -10.29 20.21 -82.46
C ALA D 313 -10.50 21.19 -83.61
N VAL D 314 -10.32 20.70 -84.83
CA VAL D 314 -10.53 21.51 -86.02
C VAL D 314 -11.62 20.86 -86.86
N VAL D 315 -12.62 21.64 -87.23
CA VAL D 315 -13.77 21.17 -87.99
C VAL D 315 -13.67 21.75 -89.39
N GLU D 316 -13.46 20.90 -90.38
CA GLU D 316 -13.30 21.32 -91.77
C GLU D 316 -14.53 20.91 -92.56
N LEU D 317 -15.20 21.90 -93.16
CA LEU D 317 -16.28 21.67 -94.10
C LEU D 317 -15.71 21.82 -95.51
N HIS D 318 -15.62 20.72 -96.24
CA HIS D 318 -14.96 20.72 -97.53
C HIS D 318 -15.71 19.82 -98.49
N THR D 319 -15.22 19.77 -99.73
CA THR D 319 -15.73 18.89 -100.76
C THR D 319 -14.88 17.63 -100.83
N ALA D 320 -15.40 16.63 -101.57
CA ALA D 320 -14.63 15.40 -101.76
C ALA D 320 -13.32 15.67 -102.50
N ASP D 321 -13.35 16.54 -103.51
CA ASP D 321 -12.13 16.91 -104.23
C ASP D 321 -11.22 17.83 -103.42
N GLY D 322 -11.59 18.11 -102.15
CA GLY D 322 -10.71 18.72 -101.18
C GLY D 322 -10.79 20.23 -101.04
N THR D 323 -11.59 20.90 -101.86
CA THR D 323 -11.78 22.34 -101.69
C THR D 323 -12.39 22.61 -100.31
N LEU D 324 -11.68 23.37 -99.49
CA LEU D 324 -12.17 23.72 -98.16
C LEU D 324 -13.17 24.87 -98.28
N ILE D 325 -14.38 24.66 -97.77
CA ILE D 325 -15.37 25.72 -97.76
C ILE D 325 -15.21 26.62 -96.52
N GLU D 326 -14.99 26.02 -95.35
CA GLU D 326 -14.99 26.75 -94.10
C GLU D 326 -14.39 25.87 -93.01
N ALA D 327 -13.76 26.51 -92.03
CA ALA D 327 -13.15 25.80 -90.91
C ALA D 327 -13.49 26.49 -89.60
N GLU D 328 -13.90 25.69 -88.61
CA GLU D 328 -14.06 26.16 -87.24
C GLU D 328 -13.25 25.28 -86.31
N ALA D 329 -13.04 25.77 -85.09
CA ALA D 329 -12.17 25.07 -84.16
C ALA D 329 -12.53 25.47 -82.74
N CYS D 330 -12.06 24.66 -81.79
CA CYS D 330 -12.20 24.98 -80.37
C CYS D 330 -11.18 24.16 -79.59
N ASP D 331 -10.78 24.68 -78.44
CA ASP D 331 -10.01 23.91 -77.49
C ASP D 331 -10.85 22.75 -76.97
N VAL D 332 -10.18 21.68 -76.54
CA VAL D 332 -10.85 20.48 -76.08
C VAL D 332 -10.12 19.99 -74.83
N GLY D 333 -10.85 19.88 -73.73
CA GLY D 333 -10.29 19.33 -72.52
C GLY D 333 -10.85 17.96 -72.24
N PHE D 334 -10.01 16.94 -72.20
CA PHE D 334 -10.50 15.59 -71.94
C PHE D 334 -10.76 15.48 -70.44
N ARG D 335 -12.03 15.61 -70.06
CA ARG D 335 -12.42 15.56 -68.66
C ARG D 335 -13.84 15.04 -68.57
N GLU D 336 -14.08 14.20 -67.58
CA GLU D 336 -15.41 13.65 -67.31
C GLU D 336 -15.91 14.21 -66.00
N VAL D 337 -17.11 14.79 -66.03
CA VAL D 337 -17.77 15.30 -64.83
C VAL D 337 -19.01 14.44 -64.60
N ARG D 338 -19.11 13.86 -63.42
CA ARG D 338 -20.31 13.10 -63.07
C ARG D 338 -20.45 13.07 -61.57
N ILE D 339 -21.69 12.91 -61.12
CA ILE D 339 -21.99 12.69 -59.71
C ILE D 339 -22.26 11.20 -59.50
N GLU D 340 -21.50 10.58 -58.59
CA GLU D 340 -21.67 9.16 -58.31
C GLU D 340 -21.58 8.93 -56.82
N ASN D 341 -22.48 8.11 -56.29
CA ASN D 341 -22.60 7.87 -54.85
C ASN D 341 -22.53 9.18 -54.08
N GLY D 342 -23.24 10.19 -54.57
CA GLY D 342 -23.37 11.44 -53.87
C GLY D 342 -22.16 12.36 -53.90
N LEU D 343 -21.13 12.03 -54.67
CA LEU D 343 -19.94 12.87 -54.77
C LEU D 343 -19.82 13.42 -56.18
N LEU D 344 -19.41 14.68 -56.28
CA LEU D 344 -19.08 15.29 -57.58
C LEU D 344 -17.67 14.85 -57.97
N LEU D 345 -17.56 14.10 -59.06
CA LEU D 345 -16.30 13.53 -59.52
C LEU D 345 -15.81 14.28 -60.75
N LEU D 346 -14.52 14.60 -60.77
CA LEU D 346 -13.84 15.07 -61.97
C LEU D 346 -12.77 14.04 -62.31
N ASN D 347 -12.89 13.40 -63.47
CA ASN D 347 -11.97 12.35 -63.89
C ASN D 347 -11.86 11.24 -62.84
N GLY D 348 -12.98 10.94 -62.20
CA GLY D 348 -13.05 9.84 -61.27
C GLY D 348 -12.62 10.14 -59.86
N LYS D 349 -12.20 11.36 -59.58
CA LYS D 349 -11.76 11.72 -58.24
C LYS D 349 -12.63 12.85 -57.67
N PRO D 350 -12.92 12.82 -56.38
CA PRO D 350 -13.87 13.80 -55.82
C PRO D 350 -13.27 15.19 -55.76
N LEU D 351 -13.98 16.16 -56.33
CA LEU D 351 -13.58 17.56 -56.27
C LEU D 351 -13.74 18.11 -54.86
N LEU D 352 -12.95 19.14 -54.55
CA LEU D 352 -13.12 19.95 -53.35
C LEU D 352 -13.03 21.40 -53.84
N ILE D 353 -14.18 22.01 -54.11
CA ILE D 353 -14.27 23.25 -54.84
C ILE D 353 -13.72 24.39 -53.98
N ARG D 354 -12.60 24.97 -54.40
CA ARG D 354 -12.08 26.20 -53.80
C ARG D 354 -12.54 27.34 -54.71
N GLY D 355 -13.81 27.70 -54.57
CA GLY D 355 -14.47 28.56 -55.53
C GLY D 355 -14.72 29.97 -55.01
N VAL D 356 -15.03 30.84 -55.95
CA VAL D 356 -15.43 32.20 -55.64
C VAL D 356 -16.44 32.65 -56.68
N ASN D 357 -17.40 33.47 -56.26
CA ASN D 357 -18.27 34.15 -57.21
C ASN D 357 -17.56 35.39 -57.73
N ARG D 358 -17.62 35.60 -59.05
CA ARG D 358 -16.97 36.74 -59.69
C ARG D 358 -17.95 37.47 -60.58
N HIS D 359 -18.22 38.72 -60.26
CA HIS D 359 -18.97 39.58 -61.16
C HIS D 359 -18.03 40.17 -62.21
N GLU D 360 -18.63 40.64 -63.31
CA GLU D 360 -17.89 41.36 -64.34
C GLU D 360 -17.95 42.84 -63.99
N HIS D 361 -16.93 43.31 -63.27
CA HIS D 361 -16.91 44.67 -62.76
C HIS D 361 -15.55 45.31 -62.96
N HIS D 362 -15.54 46.59 -63.36
CA HIS D 362 -14.33 47.38 -63.47
C HIS D 362 -14.69 48.74 -62.89
N PRO D 363 -13.88 49.27 -61.97
CA PRO D 363 -14.26 50.54 -61.30
C PRO D 363 -14.34 51.72 -62.24
N LEU D 364 -13.75 51.65 -63.44
CA LEU D 364 -13.78 52.74 -64.42
C LEU D 364 -14.67 52.43 -65.61
N HIS D 365 -14.52 51.23 -66.18
CA HIS D 365 -15.31 50.83 -67.35
C HIS D 365 -16.59 50.11 -66.97
N GLY D 366 -16.91 50.04 -65.68
CA GLY D 366 -18.15 49.44 -65.23
C GLY D 366 -18.25 47.94 -65.45
N GLN D 367 -19.15 47.53 -66.36
CA GLN D 367 -19.35 46.12 -66.65
C GLN D 367 -18.79 45.73 -68.01
N VAL D 368 -17.97 46.59 -68.61
CA VAL D 368 -17.17 46.22 -69.77
C VAL D 368 -15.94 45.47 -69.28
N MET D 369 -15.62 44.36 -69.93
CA MET D 369 -14.49 43.52 -69.54
C MET D 369 -13.44 43.52 -70.65
N ASP D 370 -12.19 43.37 -70.24
CA ASP D 370 -11.06 43.30 -71.16
C ASP D 370 -10.19 42.12 -70.79
N GLU D 371 -9.27 41.79 -71.70
CA GLU D 371 -8.41 40.62 -71.52
C GLU D 371 -7.54 40.76 -70.29
N GLN D 372 -6.97 41.96 -70.07
CA GLN D 372 -5.95 42.12 -69.04
C GLN D 372 -6.56 42.05 -67.63
N THR D 373 -7.73 42.65 -67.45
CA THR D 373 -8.42 42.50 -66.17
C THR D 373 -8.80 41.04 -65.93
N MET D 374 -9.28 40.35 -66.97
CA MET D 374 -9.62 38.95 -66.84
C MET D 374 -8.40 38.12 -66.44
N VAL D 375 -7.27 38.34 -67.12
CA VAL D 375 -6.05 37.63 -66.78
C VAL D 375 -5.61 37.97 -65.36
N GLN D 376 -5.69 39.24 -64.99
CA GLN D 376 -5.32 39.64 -63.64
C GLN D 376 -6.20 38.98 -62.59
N ASP D 377 -7.50 38.89 -62.86
CA ASP D 377 -8.41 38.21 -61.94
C ASP D 377 -8.04 36.73 -61.82
N ILE D 378 -7.74 36.08 -62.94
CA ILE D 378 -7.47 34.64 -62.91
C ILE D 378 -6.16 34.36 -62.20
N LEU D 379 -5.11 35.11 -62.55
CA LEU D 379 -3.83 34.96 -61.86
C LEU D 379 -3.98 35.18 -60.36
N LEU D 380 -4.65 36.26 -59.96
CA LEU D 380 -4.89 36.52 -58.55
C LEU D 380 -5.63 35.36 -57.89
N MET D 381 -6.62 34.79 -58.58
CA MET D 381 -7.39 33.69 -58.01
C MET D 381 -6.51 32.46 -57.80
N LYS D 382 -5.82 32.02 -58.85
CA LYS D 382 -5.00 30.82 -58.74
C LYS D 382 -3.87 30.99 -57.73
N GLN D 383 -3.31 32.20 -57.63
CA GLN D 383 -2.25 32.47 -56.67
C GLN D 383 -2.75 32.41 -55.24
N ASN D 384 -4.07 32.50 -55.02
CA ASN D 384 -4.64 32.38 -53.69
C ASN D 384 -5.43 31.08 -53.53
N ASN D 385 -5.08 30.07 -54.33
CA ASN D 385 -5.53 28.68 -54.13
C ASN D 385 -7.00 28.51 -54.44
N PHE D 386 -7.44 29.07 -55.56
CA PHE D 386 -8.85 28.97 -55.96
C PHE D 386 -8.99 27.96 -57.08
N ASN D 387 -9.83 26.94 -56.84
CA ASN D 387 -10.13 25.91 -57.83
C ASN D 387 -10.98 26.47 -58.97
N ALA D 388 -12.02 27.22 -58.64
CA ALA D 388 -13.16 27.38 -59.52
C ALA D 388 -13.74 28.79 -59.41
N VAL D 389 -14.64 29.11 -60.33
CA VAL D 389 -15.30 30.40 -60.29
C VAL D 389 -16.73 30.23 -60.81
N ARG D 390 -17.67 30.89 -60.13
CA ARG D 390 -19.07 30.84 -60.48
C ARG D 390 -19.44 32.11 -61.24
N CYS D 391 -20.04 31.96 -62.41
CA CYS D 391 -20.46 33.09 -63.23
C CYS D 391 -21.69 33.74 -62.58
N SER D 392 -21.42 34.63 -61.63
CA SER D 392 -22.46 35.30 -60.87
C SER D 392 -22.80 36.64 -61.53
N HIS D 393 -24.01 36.76 -62.09
CA HIS D 393 -24.99 35.67 -62.20
C HIS D 393 -25.53 35.66 -63.62
N TYR D 394 -24.68 35.29 -64.58
CA TYR D 394 -25.01 35.42 -65.99
C TYR D 394 -23.88 34.85 -66.83
N PRO D 395 -24.10 34.55 -68.11
CA PRO D 395 -22.98 34.13 -68.96
C PRO D 395 -21.99 35.27 -69.15
N ASN D 396 -20.71 34.92 -69.08
CA ASN D 396 -19.65 35.92 -69.09
C ASN D 396 -19.23 36.28 -70.52
N HIS D 397 -18.40 37.30 -70.62
CA HIS D 397 -17.69 37.60 -71.86
C HIS D 397 -17.05 36.33 -72.42
N PRO D 398 -17.17 36.07 -73.72
CA PRO D 398 -16.77 34.75 -74.25
C PRO D 398 -15.32 34.38 -74.00
N LEU D 399 -14.43 35.37 -73.87
CA LEU D 399 -13.02 35.04 -73.66
C LEU D 399 -12.77 34.50 -72.26
N TRP D 400 -13.66 34.79 -71.31
CA TRP D 400 -13.50 34.30 -69.95
C TRP D 400 -13.42 32.79 -69.91
N TYR D 401 -14.26 32.10 -70.69
CA TYR D 401 -14.21 30.64 -70.69
C TYR D 401 -12.97 30.14 -71.39
N THR D 402 -12.49 30.87 -72.39
CA THR D 402 -11.26 30.49 -73.08
C THR D 402 -10.07 30.55 -72.11
N LEU D 403 -10.01 31.59 -71.28
CA LEU D 403 -8.89 31.72 -70.36
C LEU D 403 -8.96 30.72 -69.22
N CYS D 404 -10.18 30.44 -68.74
CA CYS D 404 -10.36 29.39 -67.73
C CYS D 404 -9.99 28.02 -68.31
N ASP D 405 -10.26 27.80 -69.59
CA ASP D 405 -9.81 26.58 -70.25
C ASP D 405 -8.30 26.42 -70.17
N ARG D 406 -7.57 27.53 -70.26
CA ARG D 406 -6.13 27.51 -70.43
C ARG D 406 -5.36 27.69 -69.13
N TYR D 407 -5.83 28.55 -68.22
CA TYR D 407 -5.20 28.64 -66.92
C TYR D 407 -5.73 27.59 -65.94
N GLY D 408 -6.84 26.95 -66.25
CA GLY D 408 -7.35 25.90 -65.41
C GLY D 408 -8.17 26.41 -64.23
N LEU D 409 -9.43 26.74 -64.48
CA LEU D 409 -10.39 27.02 -63.42
C LEU D 409 -11.67 26.30 -63.76
N TYR D 410 -12.22 25.56 -62.80
CA TYR D 410 -13.57 25.02 -62.97
C TYR D 410 -14.57 26.17 -62.97
N VAL D 411 -15.56 26.09 -63.85
CA VAL D 411 -16.47 27.21 -64.07
C VAL D 411 -17.90 26.71 -63.95
N VAL D 412 -18.71 27.43 -63.17
CA VAL D 412 -20.15 27.25 -63.16
C VAL D 412 -20.73 28.31 -64.08
N ASP D 413 -21.28 27.89 -65.21
CA ASP D 413 -21.93 28.79 -66.15
C ASP D 413 -23.37 28.97 -65.72
N GLU D 414 -23.79 30.22 -65.52
CA GLU D 414 -25.08 30.53 -64.93
C GLU D 414 -25.95 31.30 -65.91
N ALA D 415 -27.18 30.85 -66.09
CA ALA D 415 -28.11 31.55 -66.97
C ALA D 415 -28.44 32.93 -66.40
N ASN D 416 -28.74 33.87 -67.30
CA ASN D 416 -29.03 35.26 -66.92
C ASN D 416 -30.51 35.34 -66.52
N ILE D 417 -30.80 34.80 -65.34
CA ILE D 417 -32.16 34.80 -64.78
C ILE D 417 -32.05 35.07 -63.29
N GLU D 418 -32.47 36.26 -62.87
CA GLU D 418 -32.66 36.56 -61.45
C GLU D 418 -33.91 37.41 -61.30
N THR D 419 -34.87 36.91 -60.51
CA THR D 419 -36.13 37.61 -60.24
C THR D 419 -36.27 37.89 -58.75
N HIS D 420 -35.17 38.31 -58.12
CA HIS D 420 -35.11 38.40 -56.66
C HIS D 420 -36.19 39.32 -56.11
N GLY D 421 -36.42 40.46 -56.76
CA GLY D 421 -37.34 41.43 -56.22
C GLY D 421 -38.82 41.07 -56.33
N MET D 422 -39.15 39.93 -56.90
CA MET D 422 -40.55 39.53 -57.03
C MET D 422 -41.09 39.04 -55.70
N VAL D 423 -42.41 39.18 -55.54
CA VAL D 423 -43.09 38.70 -54.33
C VAL D 423 -44.22 37.78 -54.76
N PRO D 424 -44.12 36.47 -54.53
CA PRO D 424 -42.91 35.83 -54.00
C PRO D 424 -41.83 35.69 -55.07
N MET D 425 -40.69 35.09 -54.72
CA MET D 425 -39.55 35.08 -55.64
C MET D 425 -39.83 34.27 -56.89
N ASN D 426 -40.72 33.30 -56.82
CA ASN D 426 -41.01 32.43 -57.96
C ASN D 426 -42.17 32.92 -58.82
N ARG D 427 -42.60 34.18 -58.64
CA ARG D 427 -43.83 34.65 -59.28
C ARG D 427 -43.75 34.54 -60.80
N LEU D 428 -42.60 34.87 -61.38
CA LEU D 428 -42.42 34.75 -62.82
C LEU D 428 -41.97 33.35 -63.22
N THR D 429 -41.04 32.77 -62.46
CA THR D 429 -40.49 31.48 -62.84
C THR D 429 -41.47 30.34 -62.67
N ASP D 430 -42.56 30.53 -61.92
CA ASP D 430 -43.61 29.55 -61.89
C ASP D 430 -44.68 29.81 -62.94
N ASP D 431 -44.61 30.95 -63.62
CA ASP D 431 -45.60 31.32 -64.63
C ASP D 431 -45.19 30.77 -65.99
N PRO D 432 -46.00 29.90 -66.60
CA PRO D 432 -45.62 29.37 -67.94
C PRO D 432 -45.57 30.45 -69.02
N ARG D 433 -46.16 31.62 -68.80
CA ARG D 433 -46.04 32.70 -69.77
C ARG D 433 -44.63 33.26 -69.81
N TRP D 434 -43.81 33.01 -68.79
CA TRP D 434 -42.42 33.42 -68.79
C TRP D 434 -41.47 32.28 -69.09
N LEU D 435 -42.01 31.08 -69.35
CA LEU D 435 -41.18 29.96 -69.76
C LEU D 435 -40.40 30.24 -71.04
N PRO D 436 -40.98 30.83 -72.09
CA PRO D 436 -40.16 31.14 -73.28
C PRO D 436 -38.98 32.06 -72.99
N ALA D 437 -39.24 33.19 -72.34
CA ALA D 437 -38.16 34.14 -72.04
C ALA D 437 -37.06 33.47 -71.23
N MET D 438 -37.44 32.63 -70.28
CA MET D 438 -36.43 31.98 -69.44
C MET D 438 -35.68 30.91 -70.22
N SER D 439 -36.40 30.16 -71.05
CA SER D 439 -35.75 29.07 -71.77
C SER D 439 -34.70 29.59 -72.73
N GLU D 440 -34.98 30.72 -73.39
CA GLU D 440 -34.01 31.34 -74.28
C GLU D 440 -32.77 31.77 -73.52
N ARG D 441 -32.91 32.17 -72.26
CA ARG D 441 -31.75 32.52 -71.46
C ARG D 441 -30.95 31.29 -71.04
N VAL D 442 -31.56 30.12 -70.99
CA VAL D 442 -30.87 28.91 -70.59
C VAL D 442 -30.33 28.16 -71.80
N THR D 443 -31.17 27.94 -72.82
CA THR D 443 -30.73 27.16 -73.98
C THR D 443 -29.61 27.87 -74.73
N ARG D 444 -29.70 29.18 -74.88
CA ARG D 444 -28.67 29.88 -75.64
C ARG D 444 -27.35 29.94 -74.89
N MET D 445 -27.36 29.80 -73.57
CA MET D 445 -26.11 29.69 -72.83
C MET D 445 -25.47 28.33 -73.08
N VAL D 446 -26.26 27.27 -72.99
CA VAL D 446 -25.74 25.94 -73.29
C VAL D 446 -25.24 25.87 -74.73
N GLN D 447 -25.99 26.44 -75.67
CA GLN D 447 -25.61 26.37 -77.08
C GLN D 447 -24.30 27.11 -77.35
N ARG D 448 -23.99 28.12 -76.54
CA ARG D 448 -22.79 28.93 -76.74
C ARG D 448 -21.57 28.37 -76.03
N ASP D 449 -21.73 27.76 -74.86
CA ASP D 449 -20.59 27.45 -74.00
C ASP D 449 -20.41 25.96 -73.74
N ARG D 450 -21.21 25.10 -74.38
CA ARG D 450 -21.14 23.68 -74.10
C ARG D 450 -19.82 23.02 -74.50
N ASN D 451 -18.98 23.69 -75.32
CA ASN D 451 -17.71 23.09 -75.74
C ASN D 451 -16.53 23.47 -74.86
N HIS D 452 -16.68 24.43 -73.96
CA HIS D 452 -15.60 24.82 -73.07
C HIS D 452 -15.42 23.78 -71.97
N PRO D 453 -14.25 23.14 -71.85
CA PRO D 453 -14.06 22.17 -70.77
C PRO D 453 -14.10 22.80 -69.39
N SER D 454 -13.75 24.07 -69.25
CA SER D 454 -13.77 24.69 -67.93
C SER D 454 -15.17 24.74 -67.33
N VAL D 455 -16.19 24.87 -68.17
CA VAL D 455 -17.57 24.79 -67.69
C VAL D 455 -17.83 23.36 -67.27
N ILE D 456 -17.94 23.12 -65.96
CA ILE D 456 -18.24 21.80 -65.44
C ILE D 456 -19.64 21.70 -64.86
N ILE D 457 -20.31 22.82 -64.60
CA ILE D 457 -21.65 22.80 -64.02
C ILE D 457 -22.47 23.91 -64.68
N TRP D 458 -23.67 23.56 -65.14
CA TRP D 458 -24.67 24.52 -65.58
C TRP D 458 -25.53 24.92 -64.39
N SER D 459 -25.79 26.21 -64.26
CA SER D 459 -26.74 26.70 -63.27
C SER D 459 -27.85 27.47 -63.95
N LEU D 460 -29.09 27.24 -63.51
CA LEU D 460 -30.28 27.81 -64.11
C LEU D 460 -30.50 29.28 -63.75
N GLY D 461 -29.65 29.87 -62.92
CA GLY D 461 -29.83 31.25 -62.54
C GLY D 461 -29.60 31.49 -61.08
N ASN D 462 -30.20 32.56 -60.53
CA ASN D 462 -29.96 32.90 -59.14
C ASN D 462 -31.17 33.62 -58.56
N GLU D 463 -31.53 33.22 -57.34
CA GLU D 463 -32.51 33.92 -56.49
C GLU D 463 -33.78 34.25 -57.28
N SER D 464 -34.45 33.19 -57.71
CA SER D 464 -35.70 33.35 -58.44
C SER D 464 -36.72 32.35 -57.94
N GLY D 465 -36.60 31.95 -56.67
CA GLY D 465 -37.42 30.95 -56.03
C GLY D 465 -37.30 29.66 -56.83
N HIS D 466 -38.28 28.79 -56.66
CA HIS D 466 -38.35 27.56 -57.44
C HIS D 466 -39.72 27.51 -58.10
N GLY D 467 -39.72 27.54 -59.44
CA GLY D 467 -40.94 27.43 -60.21
C GLY D 467 -40.82 26.28 -61.19
N ALA D 468 -41.96 25.93 -61.80
CA ALA D 468 -41.98 24.85 -62.77
C ALA D 468 -41.16 25.17 -64.02
N ASN D 469 -40.86 26.45 -64.29
CA ASN D 469 -39.95 26.73 -65.41
C ASN D 469 -38.51 26.40 -65.04
N HIS D 470 -38.11 26.72 -63.81
CA HIS D 470 -36.84 26.21 -63.29
C HIS D 470 -36.75 24.71 -63.47
N ASP D 471 -37.88 24.02 -63.43
CA ASP D 471 -37.87 22.56 -63.53
C ASP D 471 -37.96 22.03 -64.94
N ALA D 472 -38.68 22.71 -65.84
CA ALA D 472 -38.66 22.28 -67.23
C ALA D 472 -37.29 22.50 -67.85
N LEU D 473 -36.59 23.57 -67.44
CA LEU D 473 -35.28 23.90 -67.99
C LEU D 473 -34.17 23.02 -67.42
N TYR D 474 -34.33 22.52 -66.21
CA TYR D 474 -33.35 21.58 -65.67
C TYR D 474 -33.30 20.32 -66.53
N ARG D 475 -34.47 19.73 -66.79
CA ARG D 475 -34.49 18.50 -67.58
C ARG D 475 -34.10 18.75 -69.02
N TRP D 476 -34.38 19.96 -69.54
CA TRP D 476 -33.95 20.26 -70.90
C TRP D 476 -32.43 20.16 -71.03
N ILE D 477 -31.70 20.74 -70.08
CA ILE D 477 -30.24 20.65 -70.09
C ILE D 477 -29.81 19.19 -69.95
N LYS D 478 -30.39 18.48 -68.99
CA LYS D 478 -30.04 17.08 -68.78
C LYS D 478 -30.28 16.24 -70.02
N SER D 479 -31.29 16.58 -70.81
CA SER D 479 -31.55 15.88 -72.06
C SER D 479 -30.65 16.34 -73.19
N VAL D 480 -30.13 17.55 -73.11
CA VAL D 480 -29.32 18.13 -74.17
C VAL D 480 -27.83 17.90 -73.91
N ASP D 481 -27.43 17.95 -72.65
CA ASP D 481 -26.03 17.87 -72.27
C ASP D 481 -25.90 17.04 -71.01
N PRO D 482 -25.85 15.72 -71.14
CA PRO D 482 -25.55 14.88 -69.96
C PRO D 482 -24.13 15.05 -69.44
N SER D 483 -23.29 15.81 -70.13
CA SER D 483 -21.89 15.97 -69.74
C SER D 483 -21.72 16.69 -68.42
N ARG D 484 -22.70 17.47 -67.97
CA ARG D 484 -22.49 18.34 -66.82
C ARG D 484 -23.68 18.31 -65.86
N PRO D 485 -23.41 18.32 -64.56
CA PRO D 485 -24.51 18.45 -63.60
C PRO D 485 -25.14 19.83 -63.68
N VAL D 486 -26.42 19.89 -63.34
CA VAL D 486 -27.17 21.13 -63.27
C VAL D 486 -27.40 21.47 -61.80
N GLN D 487 -27.15 22.72 -61.44
CA GLN D 487 -27.36 23.18 -60.08
C GLN D 487 -28.23 24.43 -60.08
N TYR D 488 -29.03 24.60 -59.04
CA TYR D 488 -29.82 25.80 -58.88
C TYR D 488 -30.23 25.96 -57.43
N GLU D 489 -29.89 27.11 -56.84
CA GLU D 489 -30.08 27.33 -55.41
C GLU D 489 -31.52 27.72 -55.05
N GLY D 490 -32.24 28.40 -55.94
CA GLY D 490 -33.56 28.91 -55.59
C GLY D 490 -34.50 27.92 -54.95
N GLY D 491 -35.42 28.39 -54.13
CA GLY D 491 -36.43 27.53 -53.56
C GLY D 491 -35.94 26.56 -52.50
N GLY D 492 -34.90 26.92 -51.76
CA GLY D 492 -34.46 26.10 -50.65
C GLY D 492 -33.24 25.25 -50.89
N ALA D 493 -32.55 25.46 -52.01
CA ALA D 493 -31.23 24.91 -52.31
C ALA D 493 -31.22 23.42 -52.59
N ASP D 494 -32.37 22.73 -52.52
CA ASP D 494 -32.37 21.28 -52.73
C ASP D 494 -33.60 20.82 -53.49
N THR D 495 -34.14 21.67 -54.35
CA THR D 495 -35.34 21.31 -55.09
C THR D 495 -35.03 20.18 -56.08
N THR D 496 -36.06 19.83 -56.85
CA THR D 496 -35.88 18.84 -57.90
C THR D 496 -35.14 19.40 -59.10
N ALA D 497 -34.75 20.68 -59.08
CA ALA D 497 -34.08 21.34 -60.18
C ALA D 497 -32.58 21.49 -59.98
N THR D 498 -32.00 20.74 -59.04
CA THR D 498 -30.57 20.84 -58.79
C THR D 498 -30.02 19.47 -58.50
N ASP D 499 -28.92 19.12 -59.17
CA ASP D 499 -28.19 17.91 -58.88
C ASP D 499 -27.34 18.05 -57.63
N ILE D 500 -27.18 19.27 -57.13
CA ILE D 500 -26.24 19.58 -56.06
C ILE D 500 -26.96 20.45 -55.04
N ILE D 501 -26.86 20.09 -53.76
CA ILE D 501 -27.35 20.98 -52.73
C ILE D 501 -26.47 22.22 -52.75
N CYS D 502 -27.02 23.36 -53.16
CA CYS D 502 -26.23 24.55 -53.43
C CYS D 502 -26.72 25.74 -52.61
N PRO D 503 -26.71 25.63 -51.28
CA PRO D 503 -27.21 26.73 -50.46
C PRO D 503 -26.30 27.94 -50.52
N MET D 504 -26.84 29.07 -50.09
CA MET D 504 -26.07 30.30 -49.96
C MET D 504 -26.11 30.76 -48.52
N TYR D 505 -24.93 30.94 -47.93
CA TYR D 505 -24.74 31.42 -46.57
C TYR D 505 -25.34 30.47 -45.53
N ALA D 506 -25.47 29.20 -45.87
CA ALA D 506 -25.76 28.19 -44.86
C ALA D 506 -24.57 28.04 -43.92
N ARG D 507 -24.86 27.96 -42.63
CA ARG D 507 -23.78 27.92 -41.65
C ARG D 507 -23.30 26.50 -41.40
N VAL D 508 -22.12 26.39 -40.79
CA VAL D 508 -21.46 25.10 -40.62
C VAL D 508 -22.22 24.24 -39.61
N ASP D 509 -22.45 24.79 -38.41
CA ASP D 509 -23.11 24.05 -37.35
C ASP D 509 -24.47 24.62 -36.96
N GLU D 510 -24.72 25.90 -37.21
CA GLU D 510 -25.96 26.54 -36.77
C GLU D 510 -27.04 26.40 -37.83
N ASP D 511 -28.19 25.88 -37.41
CA ASP D 511 -29.37 25.87 -38.28
C ASP D 511 -30.01 27.24 -38.28
N GLN D 512 -30.47 27.67 -39.46
CA GLN D 512 -31.30 28.87 -39.61
C GLN D 512 -32.60 28.38 -40.23
N PRO D 513 -33.57 27.98 -39.42
CA PRO D 513 -34.76 27.27 -39.94
C PRO D 513 -35.88 28.22 -40.35
N PHE D 514 -35.62 29.04 -41.37
CA PHE D 514 -36.67 29.84 -41.98
C PHE D 514 -37.77 28.92 -42.50
N PRO D 515 -39.02 29.37 -42.49
CA PRO D 515 -40.10 28.58 -43.09
C PRO D 515 -39.93 28.47 -44.60
N ALA D 516 -40.34 27.31 -45.13
CA ALA D 516 -40.33 27.01 -46.56
C ALA D 516 -38.93 26.81 -47.13
N VAL D 517 -37.97 27.64 -46.71
CA VAL D 517 -36.62 27.59 -47.28
C VAL D 517 -35.57 27.65 -46.17
N PRO D 518 -35.51 26.66 -45.28
CA PRO D 518 -34.52 26.73 -44.21
C PRO D 518 -33.10 26.64 -44.74
N LYS D 519 -32.20 27.36 -44.09
CA LYS D 519 -30.76 27.21 -44.30
C LYS D 519 -30.22 26.32 -43.18
N TRP D 520 -30.35 25.01 -43.40
CA TRP D 520 -29.82 24.05 -42.43
C TRP D 520 -28.30 24.18 -42.32
N SER D 521 -27.77 23.69 -41.20
CA SER D 521 -26.34 23.47 -41.13
C SER D 521 -25.92 22.52 -42.24
N ILE D 522 -24.80 22.82 -42.89
CA ILE D 522 -24.37 21.99 -44.01
C ILE D 522 -24.08 20.56 -43.57
N LYS D 523 -23.53 20.39 -42.35
CA LYS D 523 -23.32 19.05 -41.82
C LYS D 523 -24.64 18.30 -41.64
N LYS D 524 -25.65 18.98 -41.10
CA LYS D 524 -26.95 18.33 -40.91
C LYS D 524 -27.69 18.17 -42.24
N TRP D 525 -27.50 19.11 -43.17
CA TRP D 525 -28.20 19.06 -44.44
C TRP D 525 -27.88 17.80 -45.23
N LEU D 526 -26.63 17.31 -45.14
CA LEU D 526 -26.27 16.11 -45.88
C LEU D 526 -27.04 14.90 -45.36
N SER D 527 -27.26 14.82 -44.06
CA SER D 527 -27.85 13.65 -43.42
C SER D 527 -29.37 13.65 -43.40
N LEU D 528 -30.00 14.67 -43.97
CA LEU D 528 -31.47 14.72 -43.95
C LEU D 528 -32.05 13.48 -44.62
N PRO D 529 -33.17 12.96 -44.12
CA PRO D 529 -33.71 11.70 -44.66
C PRO D 529 -33.93 11.79 -46.16
N GLY D 530 -33.44 10.78 -46.88
CA GLY D 530 -33.54 10.70 -48.32
C GLY D 530 -32.50 11.48 -49.09
N GLU D 531 -31.80 12.41 -48.43
CA GLU D 531 -30.81 13.25 -49.11
C GLU D 531 -29.55 12.45 -49.44
N THR D 532 -29.15 12.49 -50.71
CA THR D 532 -27.94 11.81 -51.16
C THR D 532 -26.97 12.69 -51.92
N ARG D 533 -27.40 13.89 -52.34
CA ARG D 533 -26.59 14.70 -53.24
C ARG D 533 -25.41 15.33 -52.51
N PRO D 534 -24.37 15.72 -53.25
CA PRO D 534 -23.29 16.51 -52.65
C PRO D 534 -23.79 17.90 -52.30
N LEU D 535 -23.01 18.59 -51.48
CA LEU D 535 -23.31 19.95 -51.06
C LEU D 535 -22.11 20.82 -51.40
N ILE D 536 -22.34 21.77 -52.31
CA ILE D 536 -21.34 22.78 -52.67
C ILE D 536 -22.06 24.11 -52.57
N LEU D 537 -21.68 24.91 -51.57
CA LEU D 537 -22.35 26.19 -51.33
C LEU D 537 -22.22 27.08 -52.56
N CYS D 538 -23.37 27.47 -53.12
CA CYS D 538 -23.35 28.40 -54.25
C CYS D 538 -22.72 29.72 -53.84
N GLN D 539 -22.95 30.14 -52.59
CA GLN D 539 -22.39 31.36 -52.04
C GLN D 539 -22.17 31.14 -50.56
N TYR D 540 -21.00 31.55 -50.05
CA TYR D 540 -20.74 31.43 -48.63
C TYR D 540 -19.68 32.45 -48.26
N ALA D 541 -19.68 32.83 -46.97
CA ALA D 541 -18.72 33.77 -46.42
C ALA D 541 -18.80 35.13 -47.09
N HIS D 542 -19.82 35.92 -46.73
CA HIS D 542 -20.07 37.24 -47.30
C HIS D 542 -18.93 38.20 -46.98
N ALA D 543 -18.05 38.47 -47.96
CA ALA D 543 -16.81 39.19 -47.70
C ALA D 543 -17.01 40.71 -47.78
N MET D 544 -17.91 41.21 -46.95
CA MET D 544 -18.29 42.63 -46.96
C MET D 544 -17.37 43.40 -46.00
N GLY D 545 -16.46 44.19 -46.57
CA GLY D 545 -15.52 44.92 -45.74
C GLY D 545 -14.63 43.97 -44.97
N ASN D 546 -14.51 44.20 -43.66
CA ASN D 546 -13.69 43.33 -42.81
C ASN D 546 -14.56 42.18 -42.32
N SER D 547 -14.44 41.04 -42.98
CA SER D 547 -15.24 39.87 -42.64
C SER D 547 -14.48 38.59 -42.90
N LEU D 548 -15.20 37.54 -43.28
CA LEU D 548 -14.68 36.18 -43.38
C LEU D 548 -14.27 35.63 -42.01
N GLY D 549 -14.89 36.15 -40.95
CA GLY D 549 -14.76 35.54 -39.64
C GLY D 549 -15.52 34.23 -39.62
N GLY D 550 -14.87 33.17 -39.13
CA GLY D 550 -15.43 31.85 -39.19
C GLY D 550 -15.18 31.12 -40.49
N PHE D 551 -14.25 31.61 -41.32
CA PHE D 551 -13.96 30.96 -42.59
C PHE D 551 -13.30 29.60 -42.39
N ALA D 552 -12.36 29.50 -41.44
CA ALA D 552 -11.68 28.24 -41.19
C ALA D 552 -12.67 27.14 -40.80
N LYS D 553 -13.73 27.52 -40.08
CA LYS D 553 -14.72 26.54 -39.65
C LYS D 553 -15.36 25.82 -40.84
N TYR D 554 -15.52 26.51 -41.96
CA TYR D 554 -16.07 25.87 -43.17
C TYR D 554 -15.10 24.83 -43.71
N TRP D 555 -13.82 25.18 -43.83
CA TRP D 555 -12.87 24.29 -44.49
C TRP D 555 -12.52 23.11 -43.61
N GLN D 556 -12.60 23.25 -42.29
CA GLN D 556 -12.60 22.06 -41.45
C GLN D 556 -13.67 21.09 -41.93
N ALA D 557 -14.92 21.58 -41.97
CA ALA D 557 -16.03 20.71 -42.36
C ALA D 557 -15.84 20.20 -43.78
N PHE D 558 -15.38 21.06 -44.69
CA PHE D 558 -15.15 20.63 -46.07
C PHE D 558 -14.20 19.44 -46.12
N ARG D 559 -13.10 19.50 -45.36
CA ARG D 559 -12.13 18.41 -45.38
C ARG D 559 -12.60 17.19 -44.61
N GLN D 560 -13.37 17.38 -43.54
CA GLN D 560 -13.83 16.25 -42.73
C GLN D 560 -14.94 15.47 -43.41
N TYR D 561 -15.83 16.16 -44.13
CA TYR D 561 -17.03 15.53 -44.68
C TYR D 561 -16.85 15.30 -46.17
N PRO D 562 -16.88 14.04 -46.63
CA PRO D 562 -16.74 13.77 -48.07
C PRO D 562 -17.71 14.55 -48.93
N ARG D 563 -19.00 14.50 -48.62
CA ARG D 563 -19.99 15.13 -49.47
C ARG D 563 -20.03 16.64 -49.33
N LEU D 564 -19.31 17.21 -48.36
CA LEU D 564 -19.10 18.65 -48.30
C LEU D 564 -17.91 18.96 -49.20
N GLN D 565 -18.20 19.27 -50.47
CA GLN D 565 -17.15 19.45 -51.47
C GLN D 565 -16.83 20.92 -51.72
N GLY D 566 -16.94 21.77 -50.70
CA GLY D 566 -16.54 23.15 -50.82
C GLY D 566 -17.68 24.08 -51.20
N GLY D 567 -17.30 25.23 -51.75
CA GLY D 567 -18.27 26.23 -52.12
C GLY D 567 -17.60 27.39 -52.80
N PHE D 568 -18.41 28.40 -53.13
CA PHE D 568 -17.95 29.60 -53.83
C PHE D 568 -18.08 30.80 -52.88
N VAL D 569 -16.94 31.43 -52.58
CA VAL D 569 -16.95 32.61 -51.72
C VAL D 569 -17.72 33.73 -52.39
N TRP D 570 -18.42 34.53 -51.58
CA TRP D 570 -19.07 35.76 -52.06
C TRP D 570 -18.35 36.95 -51.47
N ASP D 571 -17.62 37.70 -52.30
CA ASP D 571 -17.38 37.34 -53.70
C ASP D 571 -15.98 37.84 -54.05
N TRP D 572 -15.67 37.93 -55.35
CA TRP D 572 -14.31 38.30 -55.73
C TRP D 572 -14.06 39.81 -55.57
N VAL D 573 -14.89 40.64 -56.20
CA VAL D 573 -14.61 42.06 -56.40
C VAL D 573 -15.59 42.93 -55.62
N ASP D 574 -15.07 43.99 -55.02
CA ASP D 574 -15.91 45.08 -54.57
C ASP D 574 -16.50 45.79 -55.78
N GLN D 575 -17.84 45.85 -55.87
CA GLN D 575 -18.44 46.58 -56.98
C GLN D 575 -18.36 48.07 -56.73
N SER D 576 -17.14 48.55 -56.49
CA SER D 576 -16.92 49.97 -56.28
C SER D 576 -16.88 50.70 -57.61
N LEU D 577 -17.32 51.95 -57.60
CA LEU D 577 -17.22 52.82 -58.76
C LEU D 577 -16.33 54.02 -58.42
N ILE D 578 -15.81 54.68 -59.45
CA ILE D 578 -14.87 55.77 -59.29
C ILE D 578 -15.56 57.08 -59.62
N LYS D 579 -15.63 57.98 -58.64
CA LYS D 579 -16.04 59.35 -58.82
C LYS D 579 -14.85 60.27 -58.56
N TYR D 580 -15.00 61.54 -58.97
CA TYR D 580 -13.95 62.52 -58.83
C TYR D 580 -14.45 63.69 -58.00
N ASP D 581 -13.54 64.30 -57.24
CA ASP D 581 -13.91 65.22 -56.18
C ASP D 581 -13.55 66.66 -56.55
N GLU D 582 -13.35 67.48 -55.53
CA GLU D 582 -12.83 68.84 -55.61
C GLU D 582 -11.86 69.06 -56.76
N ASN D 583 -10.73 68.37 -56.68
CA ASN D 583 -9.57 68.62 -57.52
C ASN D 583 -9.32 67.47 -58.49
N GLY D 584 -10.34 66.69 -58.79
CA GLY D 584 -10.16 65.55 -59.68
C GLY D 584 -9.43 64.38 -59.06
N ASN D 585 -9.46 64.27 -57.74
CA ASN D 585 -8.91 63.08 -57.08
C ASN D 585 -9.94 61.96 -57.10
N PRO D 586 -9.59 60.78 -57.59
CA PRO D 586 -10.57 59.68 -57.64
C PRO D 586 -10.85 59.13 -56.25
N TRP D 587 -12.14 58.87 -55.99
CA TRP D 587 -12.55 58.14 -54.80
C TRP D 587 -13.55 57.07 -55.20
N SER D 588 -13.68 56.07 -54.33
CA SER D 588 -14.42 54.86 -54.62
C SER D 588 -15.84 54.99 -54.08
N ALA D 589 -16.82 54.99 -54.98
CA ALA D 589 -18.21 55.21 -54.61
C ALA D 589 -18.95 53.88 -54.51
N TYR D 590 -20.06 53.91 -53.78
CA TYR D 590 -20.98 52.77 -53.68
C TYR D 590 -22.40 53.31 -53.83
N GLY D 591 -23.37 52.52 -53.36
CA GLY D 591 -24.77 52.82 -53.55
C GLY D 591 -25.19 54.20 -53.08
N GLY D 592 -25.87 54.95 -53.96
CA GLY D 592 -26.38 56.27 -53.65
C GLY D 592 -25.46 57.41 -54.00
N ASP D 593 -24.17 57.15 -54.21
CA ASP D 593 -23.21 58.21 -54.50
C ASP D 593 -23.40 58.83 -55.89
N PHE D 594 -24.39 58.38 -56.66
CA PHE D 594 -24.69 58.96 -57.95
C PHE D 594 -26.09 59.58 -57.97
N GLY D 595 -26.63 59.94 -56.82
CA GLY D 595 -28.02 60.32 -56.77
C GLY D 595 -29.00 59.21 -57.03
N ASP D 596 -28.51 57.97 -57.16
CA ASP D 596 -29.39 56.82 -57.38
C ASP D 596 -30.17 56.52 -56.11
N THR D 597 -31.50 56.42 -56.24
CA THR D 597 -32.35 56.19 -55.08
C THR D 597 -33.65 55.53 -55.54
N PRO D 598 -34.17 54.55 -54.78
CA PRO D 598 -33.53 53.97 -53.60
C PRO D 598 -32.31 53.12 -53.94
N ASN D 599 -31.40 52.95 -53.00
CA ASN D 599 -30.19 52.18 -53.19
C ASN D 599 -29.87 51.38 -51.94
N ASP D 600 -28.87 50.51 -52.04
CA ASP D 600 -28.48 49.63 -50.96
C ASP D 600 -27.01 49.83 -50.60
N ARG D 601 -26.58 51.10 -50.58
CA ARG D 601 -25.29 51.59 -50.10
C ARG D 601 -24.12 50.63 -50.29
N GLN D 602 -23.46 50.25 -49.19
CA GLN D 602 -22.19 49.55 -49.28
C GLN D 602 -22.34 48.09 -49.69
N PHE D 603 -23.55 47.55 -49.77
CA PHE D 603 -23.70 46.12 -50.01
C PHE D 603 -23.24 45.70 -51.40
N CYS D 604 -22.85 46.64 -52.26
CA CYS D 604 -22.23 46.27 -53.52
C CYS D 604 -20.75 45.92 -53.36
N MET D 605 -20.17 46.15 -52.19
CA MET D 605 -18.76 45.86 -51.96
C MET D 605 -18.66 44.61 -51.10
N ASN D 606 -18.55 43.45 -51.77
CA ASN D 606 -18.49 42.16 -51.10
C ASN D 606 -17.21 41.39 -51.43
N GLY D 607 -16.18 42.07 -51.90
CA GLY D 607 -15.08 41.40 -52.54
C GLY D 607 -13.93 41.01 -51.60
N LEU D 608 -13.20 39.97 -52.01
CA LEU D 608 -11.92 39.66 -51.39
C LEU D 608 -10.82 40.59 -51.86
N VAL D 609 -11.04 41.31 -52.96
CA VAL D 609 -10.10 42.30 -53.46
C VAL D 609 -10.87 43.58 -53.76
N PHE D 610 -10.20 44.71 -53.57
CA PHE D 610 -10.75 46.00 -53.95
C PHE D 610 -11.01 46.05 -55.45
N ALA D 611 -11.75 47.07 -55.88
CA ALA D 611 -12.06 47.21 -57.30
C ALA D 611 -10.80 47.35 -58.16
N ASP D 612 -9.77 48.03 -57.64
CA ASP D 612 -8.49 48.07 -58.35
C ASP D 612 -7.75 46.74 -58.30
N ARG D 613 -8.34 45.74 -57.65
CA ARG D 613 -7.82 44.38 -57.43
C ARG D 613 -6.71 44.34 -56.38
N THR D 614 -6.53 45.40 -55.60
CA THR D 614 -5.76 45.29 -54.36
C THR D 614 -6.44 44.26 -53.45
N PRO D 615 -5.68 43.42 -52.77
CA PRO D 615 -6.31 42.43 -51.89
C PRO D 615 -6.80 43.05 -50.60
N HIS D 616 -7.96 42.57 -50.13
CA HIS D 616 -8.35 42.77 -48.75
C HIS D 616 -7.52 41.83 -47.86
N PRO D 617 -7.48 42.09 -46.55
CA PRO D 617 -6.78 41.16 -45.66
C PRO D 617 -7.37 39.76 -45.67
N ALA D 618 -8.69 39.65 -45.85
CA ALA D 618 -9.34 38.35 -45.81
C ALA D 618 -8.90 37.45 -46.96
N LEU D 619 -8.28 38.00 -48.00
CA LEU D 619 -7.90 37.19 -49.16
C LEU D 619 -6.92 36.10 -48.76
N THR D 620 -5.88 36.47 -48.00
CA THR D 620 -4.88 35.47 -47.63
C THR D 620 -5.43 34.49 -46.60
N GLU D 621 -6.45 34.87 -45.82
CA GLU D 621 -7.14 33.89 -45.00
C GLU D 621 -7.77 32.81 -45.87
N ALA D 622 -8.33 33.20 -47.01
CA ALA D 622 -8.81 32.23 -47.97
C ALA D 622 -7.66 31.43 -48.56
N LYS D 623 -6.57 32.11 -48.94
CA LYS D 623 -5.44 31.42 -49.52
C LYS D 623 -4.88 30.38 -48.54
N HIS D 624 -4.75 30.74 -47.27
CA HIS D 624 -4.29 29.80 -46.27
C HIS D 624 -5.28 28.65 -46.14
N GLN D 625 -6.54 28.97 -45.90
CA GLN D 625 -7.53 27.93 -45.61
C GLN D 625 -7.74 27.00 -46.80
N GLN D 626 -7.54 27.49 -48.02
CA GLN D 626 -7.78 26.72 -49.24
C GLN D 626 -6.52 26.05 -49.79
N GLN D 627 -5.42 26.06 -49.03
CA GLN D 627 -4.16 25.58 -49.57
C GLN D 627 -4.21 24.08 -49.83
N PHE D 628 -3.44 23.65 -50.83
CA PHE D 628 -3.47 22.27 -51.33
C PHE D 628 -2.56 21.33 -50.54
N PHE D 629 -1.88 21.83 -49.51
CA PHE D 629 -0.99 21.01 -48.69
C PHE D 629 -1.38 21.18 -47.23
N GLN D 630 -1.69 20.07 -46.56
CA GLN D 630 -2.00 20.08 -45.13
C GLN D 630 -0.86 19.44 -44.37
N PHE D 631 -0.60 19.96 -43.17
CA PHE D 631 0.57 19.59 -42.40
C PHE D 631 0.17 19.14 -41.01
N ARG D 632 0.85 18.10 -40.53
CA ARG D 632 0.80 17.69 -39.14
C ARG D 632 2.23 17.51 -38.66
N LEU D 633 2.44 17.70 -37.35
CA LEU D 633 3.76 17.58 -36.76
C LEU D 633 3.66 16.80 -35.46
N SER D 634 4.55 15.81 -35.30
CA SER D 634 4.69 15.10 -34.04
C SER D 634 6.17 15.00 -33.72
N GLY D 635 6.64 15.80 -32.77
CA GLY D 635 8.04 15.78 -32.39
C GLY D 635 8.96 16.43 -33.40
N GLN D 636 9.71 15.63 -34.13
CA GLN D 636 10.62 16.10 -35.18
C GLN D 636 10.19 15.62 -36.55
N THR D 637 8.93 15.22 -36.70
CA THR D 637 8.39 14.73 -37.96
C THR D 637 7.24 15.63 -38.39
N ILE D 638 7.25 16.07 -39.64
CA ILE D 638 6.08 16.75 -40.20
C ILE D 638 5.51 15.88 -41.32
N GLU D 639 4.27 15.46 -41.11
CA GLU D 639 3.42 14.81 -42.10
C GLU D 639 2.93 15.86 -43.11
N VAL D 640 3.29 15.72 -44.38
CA VAL D 640 2.81 16.60 -45.44
C VAL D 640 1.85 15.80 -46.31
N THR D 641 0.64 16.33 -46.48
CA THR D 641 -0.41 15.69 -47.27
C THR D 641 -0.77 16.58 -48.44
N SER D 642 -0.85 15.99 -49.63
CA SER D 642 -1.21 16.71 -50.84
C SER D 642 -2.70 16.53 -51.10
N GLU D 643 -3.43 17.63 -51.17
CA GLU D 643 -4.85 17.58 -51.52
C GLU D 643 -5.08 17.66 -53.01
N TYR D 644 -4.01 17.71 -53.81
CA TYR D 644 -4.15 17.61 -55.25
C TYR D 644 -4.69 16.23 -55.63
N LEU D 645 -5.28 16.15 -56.83
CA LEU D 645 -5.91 14.93 -57.29
C LEU D 645 -5.22 14.30 -58.49
N PHE D 646 -4.43 15.05 -59.24
CA PHE D 646 -3.87 14.55 -60.50
C PHE D 646 -2.36 14.77 -60.59
N ARG D 647 -1.85 15.84 -59.98
CA ARG D 647 -0.45 16.23 -60.13
C ARG D 647 0.40 15.74 -58.97
N HIS D 648 1.65 15.42 -59.29
CA HIS D 648 2.67 15.24 -58.27
C HIS D 648 3.21 16.60 -57.85
N SER D 649 3.91 16.63 -56.71
CA SER D 649 4.54 17.84 -56.21
C SER D 649 5.76 18.22 -57.04
N ASP D 650 5.62 18.32 -58.36
CA ASP D 650 6.76 18.45 -59.26
C ASP D 650 7.20 19.89 -59.50
N ASN D 651 6.83 20.82 -58.63
CA ASN D 651 7.34 22.19 -58.67
C ASN D 651 7.15 22.83 -57.30
N GLU D 652 7.50 22.11 -56.24
CA GLU D 652 7.30 22.58 -54.89
C GLU D 652 8.45 22.09 -54.00
N LEU D 653 9.02 22.99 -53.22
CA LEU D 653 9.91 22.65 -52.14
C LEU D 653 9.35 23.19 -50.83
N LEU D 654 9.82 22.64 -49.72
CA LEU D 654 9.34 23.01 -48.39
C LEU D 654 10.46 23.72 -47.63
N HIS D 655 10.39 25.04 -47.58
CA HIS D 655 11.29 25.81 -46.73
C HIS D 655 10.76 25.79 -45.31
N TRP D 656 11.66 25.64 -44.34
CA TRP D 656 11.28 25.60 -42.93
C TRP D 656 12.21 26.47 -42.11
N MET D 657 11.69 26.97 -41.00
CA MET D 657 12.42 27.88 -40.13
C MET D 657 11.93 27.73 -38.70
N VAL D 658 12.87 27.76 -37.75
CA VAL D 658 12.57 27.78 -36.33
C VAL D 658 13.04 29.11 -35.76
N ALA D 659 12.20 29.71 -34.91
CA ALA D 659 12.52 30.99 -34.31
C ALA D 659 12.11 30.97 -32.84
N LEU D 660 12.80 31.78 -32.05
CA LEU D 660 12.47 31.99 -30.64
C LEU D 660 12.05 33.45 -30.50
N ASP D 661 10.73 33.69 -30.48
CA ASP D 661 10.16 35.03 -30.32
C ASP D 661 10.78 36.01 -31.33
N GLY D 662 10.82 35.58 -32.60
CA GLY D 662 11.29 36.40 -33.69
C GLY D 662 12.68 36.06 -34.18
N LYS D 663 13.57 35.61 -33.30
CA LYS D 663 14.96 35.36 -33.65
C LYS D 663 15.08 34.07 -34.45
N PRO D 664 15.51 34.12 -35.72
CA PRO D 664 15.69 32.87 -36.48
C PRO D 664 16.88 32.06 -35.96
N LEU D 665 16.65 30.76 -35.79
CA LEU D 665 17.67 29.84 -35.26
C LEU D 665 18.14 28.80 -36.26
N ALA D 666 17.27 28.33 -37.16
CA ALA D 666 17.65 27.29 -38.10
C ALA D 666 16.82 27.42 -39.37
N SER D 667 17.49 27.44 -40.52
CA SER D 667 16.84 27.49 -41.82
C SER D 667 16.69 26.06 -42.34
N GLY D 668 16.39 25.91 -43.63
CA GLY D 668 16.30 24.57 -44.21
C GLY D 668 15.27 24.45 -45.31
N GLU D 669 15.61 23.71 -46.37
CA GLU D 669 14.74 23.56 -47.54
C GLU D 669 14.82 22.11 -48.03
N VAL D 670 13.76 21.34 -47.77
CA VAL D 670 13.68 19.95 -48.20
C VAL D 670 12.83 19.87 -49.46
N PRO D 671 13.20 19.06 -50.45
CA PRO D 671 12.33 18.90 -51.63
C PRO D 671 11.01 18.25 -51.25
N LEU D 672 10.03 18.43 -52.12
CA LEU D 672 8.70 17.87 -51.94
C LEU D 672 8.35 16.99 -53.13
N ASP D 673 8.06 15.72 -52.85
CA ASP D 673 7.66 14.75 -53.88
C ASP D 673 6.45 13.97 -53.35
N VAL D 674 5.31 14.65 -53.24
CA VAL D 674 4.07 14.06 -52.77
C VAL D 674 3.21 13.70 -53.97
N ALA D 675 2.75 12.45 -54.01
CA ALA D 675 1.79 12.04 -55.02
C ALA D 675 0.43 12.66 -54.71
N PRO D 676 -0.45 12.73 -55.71
CA PRO D 676 -1.80 13.27 -55.44
C PRO D 676 -2.51 12.45 -54.37
N GLN D 677 -3.05 13.17 -53.37
CA GLN D 677 -3.67 12.63 -52.17
C GLN D 677 -2.72 11.75 -51.37
N GLY D 678 -1.43 11.77 -51.68
CA GLY D 678 -0.45 11.02 -50.91
C GLY D 678 0.11 11.84 -49.77
N LYS D 679 1.08 11.24 -49.07
CA LYS D 679 1.73 11.88 -47.94
C LYS D 679 3.25 11.74 -48.10
N GLN D 680 3.97 12.60 -47.38
CA GLN D 680 5.43 12.57 -47.40
C GLN D 680 5.94 12.96 -46.02
N LEU D 681 6.86 12.17 -45.48
CA LEU D 681 7.42 12.42 -44.16
C LEU D 681 8.77 13.13 -44.30
N ILE D 682 8.97 14.16 -43.48
CA ILE D 682 10.20 14.94 -43.48
C ILE D 682 10.73 14.97 -42.04
N GLU D 683 11.79 14.22 -41.78
CA GLU D 683 12.44 14.29 -40.48
C GLU D 683 13.24 15.59 -40.37
N LEU D 684 12.99 16.35 -39.31
CA LEU D 684 13.73 17.59 -39.15
C LEU D 684 15.09 17.31 -38.51
N PRO D 685 16.15 17.98 -38.98
CA PRO D 685 17.45 17.83 -38.33
C PRO D 685 17.38 18.30 -36.88
N GLU D 686 18.33 17.80 -36.09
CA GLU D 686 18.40 18.11 -34.66
C GLU D 686 18.36 19.62 -34.42
N LEU D 687 17.17 20.19 -34.34
CA LEU D 687 17.04 21.63 -34.19
C LEU D 687 17.62 22.06 -32.84
N PRO D 688 18.34 23.18 -32.80
CA PRO D 688 18.95 23.61 -31.53
C PRO D 688 17.88 24.04 -30.53
N GLN D 689 18.08 23.68 -29.27
CA GLN D 689 17.15 23.96 -28.18
C GLN D 689 17.90 24.73 -27.10
N PRO D 690 17.97 26.05 -27.19
CA PRO D 690 18.70 26.83 -26.18
C PRO D 690 17.87 27.05 -24.93
N GLU D 691 18.58 27.42 -23.85
CA GLU D 691 17.97 27.69 -22.57
C GLU D 691 17.39 29.10 -22.46
N SER D 692 17.53 29.92 -23.52
CA SER D 692 16.93 31.24 -23.52
C SER D 692 15.42 31.14 -23.36
N ALA D 693 14.85 32.08 -22.61
CA ALA D 693 13.42 32.03 -22.32
C ALA D 693 12.60 32.40 -23.55
N GLY D 694 11.33 31.97 -23.53
CA GLY D 694 10.42 32.34 -24.59
C GLY D 694 9.81 31.15 -25.32
N GLN D 695 9.26 31.42 -26.51
CA GLN D 695 8.55 30.44 -27.31
C GLN D 695 9.35 30.11 -28.56
N LEU D 696 9.52 28.82 -28.84
CA LEU D 696 10.13 28.37 -30.08
C LEU D 696 9.03 28.03 -31.06
N TRP D 697 9.07 28.67 -32.23
CA TRP D 697 8.06 28.50 -33.27
C TRP D 697 8.72 27.93 -34.52
N LEU D 698 8.05 26.97 -35.14
CA LEU D 698 8.46 26.41 -36.43
C LEU D 698 7.47 26.86 -37.49
N THR D 699 8.01 27.32 -38.63
CA THR D 699 7.20 27.77 -39.74
C THR D 699 7.69 27.08 -41.00
N VAL D 700 6.82 26.32 -41.65
CA VAL D 700 7.14 25.71 -42.93
C VAL D 700 6.32 26.40 -44.01
N ARG D 701 6.93 26.63 -45.16
CA ARG D 701 6.28 27.24 -46.31
C ARG D 701 6.50 26.36 -47.52
N VAL D 702 5.52 26.33 -48.42
CA VAL D 702 5.66 25.64 -49.68
C VAL D 702 5.91 26.70 -50.75
N VAL D 703 7.05 26.61 -51.41
CA VAL D 703 7.48 27.60 -52.39
C VAL D 703 7.70 26.89 -53.72
N GLN D 704 7.14 27.48 -54.79
CA GLN D 704 7.27 26.90 -56.12
C GLN D 704 8.47 27.52 -56.81
N PRO D 705 9.55 26.76 -57.04
CA PRO D 705 10.78 27.39 -57.55
C PRO D 705 10.65 27.95 -58.96
N ASN D 706 9.83 27.35 -59.81
CA ASN D 706 9.70 27.77 -61.19
C ASN D 706 8.48 28.65 -61.40
N ALA D 707 8.55 29.51 -62.41
CA ALA D 707 7.45 30.38 -62.73
C ALA D 707 6.35 29.58 -63.41
N THR D 708 5.11 29.94 -63.08
CA THR D 708 3.95 29.29 -63.74
C THR D 708 3.28 30.34 -64.62
N ALA D 709 2.40 29.91 -65.52
CA ALA D 709 1.67 30.90 -66.28
C ALA D 709 0.84 31.80 -65.37
N TRP D 710 0.75 31.49 -64.07
CA TRP D 710 -0.15 32.20 -63.15
C TRP D 710 0.52 32.74 -61.88
N SER D 711 1.80 32.45 -61.64
CA SER D 711 2.51 33.01 -60.49
C SER D 711 3.96 33.23 -60.87
N GLU D 712 4.69 33.87 -59.97
CA GLU D 712 6.11 34.12 -60.19
C GLU D 712 6.96 32.98 -59.62
N ALA D 713 8.24 32.97 -59.98
CA ALA D 713 9.16 32.08 -59.30
C ALA D 713 9.30 32.50 -57.84
N GLY D 714 9.28 31.52 -56.94
CA GLY D 714 9.30 31.82 -55.53
C GLY D 714 7.95 32.06 -54.92
N HIS D 715 6.87 31.77 -55.65
CA HIS D 715 5.53 31.93 -55.11
C HIS D 715 5.29 30.94 -53.98
N ILE D 716 4.65 31.42 -52.91
CA ILE D 716 4.29 30.60 -51.76
C ILE D 716 2.86 30.14 -51.95
N SER D 717 2.61 28.84 -51.79
CA SER D 717 1.25 28.33 -51.92
C SER D 717 0.66 27.78 -50.63
N ALA D 718 1.48 27.48 -49.61
CA ALA D 718 0.94 27.01 -48.34
C ALA D 718 1.95 27.29 -47.23
N TRP D 719 1.46 27.26 -46.00
CA TRP D 719 2.30 27.45 -44.83
C TRP D 719 1.55 26.95 -43.60
N GLN D 720 2.29 26.76 -42.51
CA GLN D 720 1.73 26.34 -41.24
C GLN D 720 2.71 26.68 -40.13
N GLN D 721 2.18 26.87 -38.92
CA GLN D 721 2.97 27.24 -37.76
C GLN D 721 2.61 26.35 -36.57
N TRP D 722 3.62 25.95 -35.81
CA TRP D 722 3.43 25.27 -34.53
C TRP D 722 4.26 25.95 -33.47
N ARG D 723 3.78 25.91 -32.23
CA ARG D 723 4.55 26.36 -31.07
C ARG D 723 5.20 25.14 -30.44
N LEU D 724 6.53 25.14 -30.41
CA LEU D 724 7.27 23.95 -30.00
C LEU D 724 7.61 24.07 -28.53
N ALA D 725 8.88 23.84 -28.19
CA ALA D 725 9.31 23.92 -26.81
C ALA D 725 9.33 25.37 -26.35
N GLU D 726 8.83 25.59 -25.14
CA GLU D 726 8.91 26.88 -24.47
C GLU D 726 9.23 26.63 -23.00
N ASN D 727 10.09 27.47 -22.43
CA ASN D 727 10.32 27.42 -21.00
C ASN D 727 10.32 28.85 -20.47
N LEU D 728 9.77 28.99 -19.27
CA LEU D 728 9.34 30.27 -18.76
C LEU D 728 10.52 31.11 -18.28
N SER D 729 10.42 32.42 -18.48
CA SER D 729 11.39 33.35 -17.92
C SER D 729 11.27 33.34 -16.40
N VAL D 730 12.28 32.78 -15.74
CA VAL D 730 12.27 32.68 -14.28
C VAL D 730 13.09 33.79 -13.62
N THR D 731 13.92 34.50 -14.36
CA THR D 731 14.79 35.51 -13.77
C THR D 731 14.02 36.64 -13.10
N ALA D 738 17.24 53.36 -8.16
CA ALA D 738 16.43 54.55 -8.01
C ALA D 738 14.98 54.17 -7.74
N ILE D 739 14.30 54.97 -6.91
CA ILE D 739 12.94 54.69 -6.46
C ILE D 739 12.07 55.88 -6.83
N PRO D 740 10.91 55.70 -7.49
CA PRO D 740 10.13 56.86 -7.92
C PRO D 740 9.49 57.59 -6.76
N HIS D 741 9.45 58.92 -6.87
CA HIS D 741 8.75 59.76 -5.91
C HIS D 741 7.33 60.00 -6.39
N LEU D 742 6.39 60.05 -5.45
CA LEU D 742 4.99 60.32 -5.80
C LEU D 742 4.56 61.66 -5.23
N THR D 743 3.64 62.30 -5.94
CA THR D 743 3.25 63.68 -5.69
C THR D 743 1.73 63.71 -5.58
N THR D 744 1.21 64.16 -4.45
CA THR D 744 -0.23 64.11 -4.21
C THR D 744 -0.80 65.52 -4.22
N SER D 745 -1.43 65.89 -5.33
CA SER D 745 -2.14 67.16 -5.45
C SER D 745 -3.45 67.09 -4.67
N GLU D 746 -4.35 68.03 -4.93
CA GLU D 746 -5.72 67.88 -4.52
C GLU D 746 -6.57 67.27 -5.63
N MET D 747 -6.13 67.40 -6.89
CA MET D 747 -6.82 66.85 -8.05
C MET D 747 -5.94 65.94 -8.89
N ASP D 748 -4.72 65.64 -8.44
CA ASP D 748 -3.74 64.97 -9.28
C ASP D 748 -2.89 64.01 -8.46
N PHE D 749 -2.55 62.87 -9.05
CA PHE D 749 -1.56 61.94 -8.52
C PHE D 749 -0.42 61.88 -9.53
N CYS D 750 0.74 62.41 -9.17
CA CYS D 750 1.88 62.48 -10.07
C CYS D 750 3.02 61.62 -9.54
N ILE D 751 3.74 60.99 -10.47
CA ILE D 751 4.92 60.19 -10.14
C ILE D 751 6.06 60.62 -11.05
N GLU D 752 7.27 60.57 -10.52
CA GLU D 752 8.45 61.00 -11.25
C GLU D 752 9.60 60.04 -10.99
N LEU D 753 10.38 59.77 -12.03
CA LEU D 753 11.53 58.88 -11.94
C LEU D 753 12.46 59.08 -13.13
N GLY D 754 13.63 59.65 -12.90
CA GLY D 754 14.51 60.00 -14.00
C GLY D 754 13.90 61.10 -14.82
N ASN D 755 13.82 60.89 -16.13
CA ASN D 755 13.11 61.82 -17.01
C ASN D 755 11.64 61.46 -17.16
N LYS D 756 11.24 60.27 -16.73
CA LYS D 756 9.85 59.85 -16.85
C LYS D 756 9.01 60.49 -15.75
N ARG D 757 7.81 60.93 -16.11
CA ARG D 757 6.85 61.47 -15.17
C ARG D 757 5.46 61.15 -15.68
N TRP D 758 4.58 60.67 -14.80
CA TRP D 758 3.21 60.32 -15.14
C TRP D 758 2.24 61.12 -14.29
N GLN D 759 1.04 61.36 -14.84
CA GLN D 759 0.06 62.23 -14.19
C GLN D 759 -1.31 61.55 -14.27
N PHE D 760 -1.86 61.21 -13.11
CA PHE D 760 -3.20 60.65 -12.99
C PHE D 760 -4.12 61.72 -12.40
N ASN D 761 -5.23 61.99 -13.09
CA ASN D 761 -6.21 62.97 -12.60
C ASN D 761 -7.16 62.29 -11.62
N ARG D 762 -7.15 62.76 -10.38
CA ARG D 762 -8.00 62.19 -9.34
C ARG D 762 -9.47 62.61 -9.45
N GLN D 763 -9.82 63.43 -10.45
CA GLN D 763 -11.22 63.77 -10.70
C GLN D 763 -11.83 62.87 -11.76
N SER D 764 -11.10 62.60 -12.84
CA SER D 764 -11.57 61.64 -13.83
C SER D 764 -11.18 60.22 -13.44
N GLY D 765 -9.94 60.03 -12.98
CA GLY D 765 -9.46 58.72 -12.59
C GLY D 765 -8.53 58.04 -13.58
N PHE D 766 -8.01 58.77 -14.56
CA PHE D 766 -7.24 58.18 -15.63
C PHE D 766 -5.81 58.74 -15.61
N LEU D 767 -4.91 57.99 -16.25
CA LEU D 767 -3.56 58.47 -16.55
C LEU D 767 -3.69 59.51 -17.65
N SER D 768 -3.63 60.80 -17.28
CA SER D 768 -3.95 61.85 -18.24
C SER D 768 -2.76 62.17 -19.13
N GLN D 769 -1.54 62.12 -18.61
CA GLN D 769 -0.39 62.25 -19.49
C GLN D 769 0.90 61.83 -18.80
N MET D 770 1.90 61.50 -19.63
CA MET D 770 3.25 61.18 -19.22
C MET D 770 4.24 62.02 -20.01
N TRP D 771 5.39 62.30 -19.38
CA TRP D 771 6.45 63.09 -19.99
C TRP D 771 7.74 62.30 -20.01
N ILE D 772 8.58 62.58 -21.00
CA ILE D 772 10.01 62.32 -20.93
C ILE D 772 10.72 63.56 -21.46
N GLY D 773 11.62 64.13 -20.65
CA GLY D 773 12.19 65.41 -21.03
C GLY D 773 11.14 66.50 -21.08
N ASP D 774 11.39 67.50 -21.93
CA ASP D 774 10.39 68.51 -22.25
C ASP D 774 9.49 68.08 -23.40
N LYS D 775 9.23 66.77 -23.53
CA LYS D 775 8.48 66.24 -24.67
C LYS D 775 7.21 65.55 -24.15
N LYS D 776 6.10 66.26 -24.23
CA LYS D 776 4.79 65.67 -23.96
C LYS D 776 4.52 64.52 -24.93
N GLN D 777 3.69 63.56 -24.49
CA GLN D 777 3.48 62.39 -25.34
C GLN D 777 2.07 61.80 -25.34
N LEU D 778 1.10 62.50 -24.74
CA LEU D 778 -0.29 61.99 -24.68
C LEU D 778 -1.28 63.13 -24.93
N LEU D 779 -2.16 62.96 -25.93
CA LEU D 779 -3.18 63.99 -26.27
C LEU D 779 -4.49 63.61 -25.56
N THR D 780 -4.78 62.31 -25.47
CA THR D 780 -6.00 61.81 -24.81
C THR D 780 -5.61 60.89 -23.64
N PRO D 781 -6.23 61.01 -22.45
CA PRO D 781 -5.89 60.16 -21.30
C PRO D 781 -5.99 58.69 -21.68
N LEU D 782 -5.37 57.85 -20.83
CA LEU D 782 -5.37 56.40 -21.04
C LEU D 782 -6.63 55.82 -20.39
N ARG D 783 -7.62 55.48 -21.22
CA ARG D 783 -8.93 55.09 -20.72
C ARG D 783 -9.42 53.82 -21.41
N ASP D 784 -10.56 53.35 -20.92
CA ASP D 784 -11.19 52.11 -21.37
C ASP D 784 -11.60 52.11 -22.83
N GLN D 785 -12.27 51.04 -23.23
CA GLN D 785 -12.73 50.82 -24.60
C GLN D 785 -13.65 49.61 -24.63
N PHE D 786 -14.96 49.84 -24.62
CA PHE D 786 -15.91 48.74 -24.66
C PHE D 786 -16.61 48.64 -26.00
N THR D 787 -16.26 49.49 -26.96
CA THR D 787 -16.94 49.58 -28.24
C THR D 787 -15.91 49.61 -29.36
N ARG D 788 -16.39 49.36 -30.58
CA ARG D 788 -15.57 49.50 -31.77
C ARG D 788 -16.38 50.21 -32.85
N ALA D 789 -15.68 50.84 -33.77
CA ALA D 789 -16.34 51.43 -34.92
C ALA D 789 -17.01 50.30 -35.71
N PRO D 790 -18.33 50.29 -35.84
CA PRO D 790 -19.04 49.07 -36.25
C PRO D 790 -18.67 48.64 -37.65
N LEU D 791 -18.33 47.36 -37.81
CA LEU D 791 -18.07 46.83 -39.13
C LEU D 791 -19.38 46.63 -39.88
N ASP D 792 -19.25 46.36 -41.17
CA ASP D 792 -20.42 46.04 -41.98
C ASP D 792 -21.20 44.87 -41.39
N ASN D 793 -20.50 43.91 -40.78
CA ASN D 793 -21.20 42.78 -40.14
C ASN D 793 -21.89 43.20 -38.86
N ASP D 794 -21.32 44.18 -38.15
CA ASP D 794 -22.00 44.70 -36.95
C ASP D 794 -23.25 45.48 -37.33
N ILE D 795 -23.23 46.18 -38.47
CA ILE D 795 -24.36 47.01 -38.86
C ILE D 795 -25.44 46.18 -39.51
N GLY D 796 -25.07 45.29 -40.44
CA GLY D 796 -26.08 44.54 -41.16
C GLY D 796 -26.87 45.47 -42.06
N VAL D 797 -28.18 45.24 -42.12
CA VAL D 797 -29.06 46.07 -42.93
C VAL D 797 -29.59 47.27 -42.17
N SER D 798 -29.15 47.50 -40.94
CA SER D 798 -29.69 48.59 -40.14
C SER D 798 -29.28 49.94 -40.72
N GLU D 799 -30.25 50.84 -40.86
CA GLU D 799 -30.01 52.21 -41.30
C GLU D 799 -30.70 53.17 -40.35
N ALA D 800 -30.44 54.47 -40.55
CA ALA D 800 -31.16 55.48 -39.77
C ALA D 800 -32.66 55.39 -39.99
N THR D 801 -33.09 54.99 -41.18
CA THR D 801 -34.50 54.76 -41.47
C THR D 801 -35.02 53.59 -40.66
N ARG D 802 -34.99 52.39 -41.25
CA ARG D 802 -35.41 51.17 -40.57
C ARG D 802 -34.21 50.53 -39.89
N ILE D 803 -34.27 50.43 -38.56
CA ILE D 803 -33.21 49.79 -37.80
C ILE D 803 -33.51 48.31 -37.66
N ASP D 804 -32.45 47.49 -37.67
CA ASP D 804 -32.56 46.07 -37.39
C ASP D 804 -32.19 45.86 -35.92
N PRO D 805 -33.16 45.69 -35.02
CA PRO D 805 -32.84 45.67 -33.58
C PRO D 805 -31.96 44.50 -33.16
N ASN D 806 -31.86 43.45 -33.99
CA ASN D 806 -31.00 42.31 -33.68
C ASN D 806 -29.56 42.49 -34.14
N ALA D 807 -29.29 43.45 -35.03
CA ALA D 807 -27.93 43.72 -35.44
C ALA D 807 -27.09 44.15 -34.25
N TRP D 808 -25.79 43.84 -34.31
CA TRP D 808 -24.93 44.00 -33.15
C TRP D 808 -24.80 45.46 -32.73
N VAL D 809 -24.69 46.38 -33.70
CA VAL D 809 -24.52 47.78 -33.33
C VAL D 809 -25.79 48.34 -32.71
N GLU D 810 -26.96 47.79 -33.07
CA GLU D 810 -28.20 48.31 -32.50
C GLU D 810 -28.46 47.75 -31.10
N ARG D 811 -28.03 46.52 -30.84
CA ARG D 811 -28.09 46.03 -29.46
C ARG D 811 -27.10 46.77 -28.58
N TRP D 812 -25.96 47.16 -29.13
CA TRP D 812 -25.01 47.99 -28.38
C TRP D 812 -25.60 49.37 -28.10
N LYS D 813 -26.15 50.01 -29.14
CA LYS D 813 -26.72 51.34 -28.98
C LYS D 813 -27.87 51.34 -28.00
N ALA D 814 -28.80 50.39 -28.15
CA ALA D 814 -29.95 50.32 -27.24
C ALA D 814 -29.53 50.15 -25.78
N ALA D 815 -28.44 49.41 -25.53
CA ALA D 815 -27.92 49.28 -24.17
C ALA D 815 -27.03 50.45 -23.77
N GLY D 816 -26.72 51.34 -24.70
CA GLY D 816 -25.95 52.53 -24.36
C GLY D 816 -24.46 52.32 -24.28
N HIS D 817 -23.92 51.33 -24.99
CA HIS D 817 -22.47 51.14 -24.99
C HIS D 817 -21.75 52.35 -25.55
N TYR D 818 -22.34 53.02 -26.54
CA TYR D 818 -21.69 54.16 -27.15
C TYR D 818 -21.92 55.45 -26.37
N GLN D 819 -23.03 55.55 -25.64
CA GLN D 819 -23.33 56.73 -24.85
C GLN D 819 -22.85 56.63 -23.40
N ALA D 820 -22.25 55.50 -23.02
CA ALA D 820 -21.82 55.33 -21.64
C ALA D 820 -20.57 56.16 -21.37
N GLU D 821 -20.64 57.00 -20.35
CA GLU D 821 -19.51 57.77 -19.86
C GLU D 821 -19.09 57.25 -18.50
N ALA D 822 -17.80 57.35 -18.21
CA ALA D 822 -17.25 56.75 -16.99
C ALA D 822 -17.70 57.51 -15.75
N ALA D 823 -17.94 56.77 -14.67
CA ALA D 823 -18.30 57.33 -13.36
C ALA D 823 -17.39 56.68 -12.33
N LEU D 824 -16.38 57.42 -11.88
CA LEU D 824 -15.35 56.84 -11.04
C LEU D 824 -15.87 56.52 -9.64
N LEU D 825 -15.46 55.36 -9.12
CA LEU D 825 -15.79 54.93 -7.77
C LEU D 825 -14.67 55.13 -6.76
N GLN D 826 -13.41 55.03 -7.19
CA GLN D 826 -12.28 54.87 -6.28
C GLN D 826 -11.01 55.32 -6.98
N CYS D 827 -10.18 56.09 -6.27
CA CYS D 827 -8.95 56.62 -6.87
C CYS D 827 -7.96 56.91 -5.73
N THR D 828 -7.07 55.96 -5.47
CA THR D 828 -6.07 56.09 -4.42
C THR D 828 -4.66 56.00 -4.98
N ALA D 829 -3.69 56.37 -4.15
CA ALA D 829 -2.28 56.16 -4.44
C ALA D 829 -1.60 55.66 -3.18
N ASP D 830 -0.52 54.91 -3.36
CA ASP D 830 0.17 54.32 -2.22
C ASP D 830 1.67 54.28 -2.49
N THR D 831 2.45 54.51 -1.44
CA THR D 831 3.91 54.43 -1.52
C THR D 831 4.34 53.04 -1.07
N LEU D 832 4.89 52.27 -2.00
CA LEU D 832 5.51 50.99 -1.69
C LEU D 832 7.03 51.14 -1.79
N ALA D 833 7.74 50.23 -1.12
CA ALA D 833 9.20 50.27 -1.16
C ALA D 833 9.72 50.18 -2.58
N ASP D 834 9.16 49.26 -3.38
CA ASP D 834 9.66 49.04 -4.72
C ASP D 834 9.13 50.09 -5.71
N ALA D 835 7.91 50.56 -5.52
CA ALA D 835 7.27 51.38 -6.55
C ALA D 835 6.13 52.17 -5.95
N VAL D 836 5.41 52.90 -6.81
CA VAL D 836 4.15 53.56 -6.48
C VAL D 836 3.06 52.92 -7.33
N LEU D 837 1.90 52.70 -6.72
CA LEU D 837 0.83 51.93 -7.36
C LEU D 837 -0.51 52.62 -7.12
N ILE D 838 -1.05 53.21 -8.17
CA ILE D 838 -2.38 53.80 -8.17
C ILE D 838 -3.39 52.72 -8.51
N THR D 839 -4.48 52.66 -7.74
CA THR D 839 -5.58 51.77 -8.05
C THR D 839 -6.81 52.61 -8.36
N THR D 840 -7.45 52.31 -9.49
CA THR D 840 -8.69 52.95 -9.88
C THR D 840 -9.80 51.92 -9.94
N ALA D 841 -11.03 52.42 -10.07
CA ALA D 841 -12.21 51.56 -10.20
C ALA D 841 -13.31 52.44 -10.79
N HIS D 842 -13.59 52.23 -12.07
CA HIS D 842 -14.63 52.97 -12.78
C HIS D 842 -15.83 52.08 -13.04
N ALA D 843 -16.99 52.72 -13.20
CA ALA D 843 -18.22 52.04 -13.55
C ALA D 843 -18.92 52.83 -14.64
N TRP D 844 -19.56 52.11 -15.57
CA TRP D 844 -20.26 52.73 -16.68
C TRP D 844 -21.73 52.38 -16.57
N GLN D 845 -22.59 53.38 -16.69
CA GLN D 845 -24.02 53.21 -16.58
C GLN D 845 -24.71 53.85 -17.78
N HIS D 846 -25.99 53.54 -17.93
CA HIS D 846 -26.85 54.19 -18.92
C HIS D 846 -28.29 53.95 -18.50
N GLN D 847 -29.05 55.04 -18.31
CA GLN D 847 -30.43 54.95 -17.83
C GLN D 847 -30.52 54.09 -16.57
N GLY D 848 -29.51 54.22 -15.70
CA GLY D 848 -29.50 53.52 -14.43
C GLY D 848 -28.64 52.28 -14.38
N LYS D 849 -28.91 51.31 -15.27
CA LYS D 849 -28.27 50.01 -15.18
C LYS D 849 -26.76 50.11 -15.25
N THR D 850 -26.09 49.33 -14.39
CA THR D 850 -24.64 49.24 -14.41
C THR D 850 -24.20 48.34 -15.55
N LEU D 851 -23.51 48.91 -16.53
CA LEU D 851 -23.01 48.16 -17.67
C LEU D 851 -21.67 47.51 -17.35
N PHE D 852 -20.68 48.30 -16.98
CA PHE D 852 -19.30 47.85 -16.86
C PHE D 852 -18.68 48.34 -15.57
N ILE D 853 -17.74 47.53 -15.06
CA ILE D 853 -16.83 47.93 -13.99
C ILE D 853 -15.43 47.52 -14.41
N SER D 854 -14.46 48.42 -14.19
CA SER D 854 -13.08 48.16 -14.60
C SER D 854 -12.14 48.65 -13.49
N ARG D 855 -11.81 47.74 -12.56
CA ARG D 855 -10.85 48.05 -11.51
C ARG D 855 -9.44 47.83 -12.02
N LYS D 856 -8.59 48.84 -11.88
CA LYS D 856 -7.25 48.83 -12.47
C LYS D 856 -6.20 49.16 -11.42
N THR D 857 -4.96 48.75 -11.71
CA THR D 857 -3.79 49.14 -10.93
C THR D 857 -2.62 49.40 -11.87
N TYR D 858 -1.95 50.54 -11.69
CA TYR D 858 -0.80 50.93 -12.50
C TYR D 858 0.42 51.05 -11.60
N ARG D 859 1.44 50.22 -11.85
CA ARG D 859 2.63 50.16 -11.00
C ARG D 859 3.85 50.63 -11.79
N ILE D 860 4.38 51.79 -11.42
CA ILE D 860 5.58 52.35 -12.02
C ILE D 860 6.75 52.04 -11.08
N ASP D 861 7.63 51.14 -11.50
CA ASP D 861 8.73 50.70 -10.65
C ASP D 861 10.02 51.45 -11.02
N GLY D 862 11.07 51.18 -10.24
CA GLY D 862 12.26 52.03 -10.30
C GLY D 862 12.93 52.05 -11.65
N SER D 863 12.91 50.92 -12.37
CA SER D 863 13.53 50.89 -13.69
C SER D 863 12.75 51.67 -14.73
N GLY D 864 11.52 52.08 -14.42
CA GLY D 864 10.77 52.98 -15.26
C GLY D 864 9.73 52.36 -16.17
N GLN D 865 9.10 51.26 -15.76
CA GLN D 865 8.08 50.60 -16.56
C GLN D 865 6.79 50.44 -15.76
N MET D 866 5.67 50.38 -16.48
CA MET D 866 4.36 50.82 -16.01
C MET D 866 3.35 49.67 -16.06
N ALA D 867 3.25 48.92 -14.97
CA ALA D 867 2.48 47.67 -14.94
C ALA D 867 1.01 47.97 -14.70
N ILE D 868 0.20 47.86 -15.75
CA ILE D 868 -1.24 48.13 -15.70
C ILE D 868 -1.99 46.81 -15.63
N THR D 869 -2.77 46.63 -14.56
CA THR D 869 -3.65 45.48 -14.40
C THR D 869 -5.09 45.95 -14.55
N VAL D 870 -5.89 45.22 -15.32
CA VAL D 870 -7.30 45.57 -15.52
C VAL D 870 -8.16 44.35 -15.19
N ASP D 871 -9.16 44.56 -14.33
CA ASP D 871 -10.10 43.53 -13.90
C ASP D 871 -11.51 44.03 -14.23
N VAL D 872 -12.07 43.56 -15.35
CA VAL D 872 -13.33 44.08 -15.87
C VAL D 872 -14.46 43.11 -15.56
N GLU D 873 -15.59 43.66 -15.12
CA GLU D 873 -16.84 42.94 -15.01
C GLU D 873 -17.80 43.46 -16.07
N VAL D 874 -18.61 42.55 -16.64
CA VAL D 874 -19.58 42.88 -17.67
C VAL D 874 -20.92 42.27 -17.27
N ALA D 875 -21.98 43.06 -17.37
CA ALA D 875 -23.28 42.65 -16.82
C ALA D 875 -23.82 41.42 -17.52
N SER D 876 -24.64 40.65 -16.79
CA SER D 876 -25.21 39.42 -17.33
C SER D 876 -26.22 39.65 -18.45
N ASP D 877 -26.67 40.89 -18.67
CA ASP D 877 -27.73 41.16 -19.62
C ASP D 877 -27.43 42.28 -20.60
N THR D 878 -26.33 43.00 -20.42
CA THR D 878 -25.77 43.84 -21.45
C THR D 878 -25.39 42.98 -22.65
N PRO D 879 -25.60 43.48 -23.87
CA PRO D 879 -25.00 42.80 -25.03
C PRO D 879 -23.49 42.71 -24.87
N HIS D 880 -22.93 41.59 -25.34
CA HIS D 880 -21.51 41.35 -25.17
C HIS D 880 -20.72 42.45 -25.87
N PRO D 881 -19.75 43.07 -25.19
CA PRO D 881 -19.05 44.21 -25.80
C PRO D 881 -18.20 43.78 -26.98
N ALA D 882 -17.89 44.76 -27.83
CA ALA D 882 -17.06 44.49 -28.99
C ALA D 882 -15.60 44.28 -28.60
N ARG D 883 -15.15 44.95 -27.55
CA ARG D 883 -13.77 44.82 -27.11
C ARG D 883 -13.71 45.16 -25.63
N ILE D 884 -12.63 44.71 -24.99
CA ILE D 884 -12.33 45.03 -23.60
C ILE D 884 -10.86 45.38 -23.54
N GLY D 885 -10.54 46.66 -23.63
CA GLY D 885 -9.17 47.11 -23.61
C GLY D 885 -9.06 48.57 -23.24
N LEU D 886 -8.02 49.22 -23.75
CA LEU D 886 -7.77 50.63 -23.52
C LEU D 886 -7.44 51.30 -24.85
N ASN D 887 -7.49 52.64 -24.86
CA ASN D 887 -7.12 53.42 -26.03
C ASN D 887 -6.43 54.70 -25.60
N CYS D 888 -5.67 55.28 -26.53
CA CYS D 888 -4.86 56.44 -26.24
C CYS D 888 -4.63 57.27 -27.50
N GLN D 889 -4.26 58.52 -27.28
CA GLN D 889 -3.77 59.40 -28.34
C GLN D 889 -2.33 59.76 -28.01
N LEU D 890 -1.39 59.20 -28.77
CA LEU D 890 0.03 59.42 -28.55
C LEU D 890 0.51 60.56 -29.44
N ALA D 891 1.33 61.44 -28.87
CA ALA D 891 1.84 62.58 -29.62
C ALA D 891 2.77 62.15 -30.75
N GLN D 892 3.48 61.05 -30.57
CA GLN D 892 4.44 60.61 -31.57
C GLN D 892 3.73 60.12 -32.83
N VAL D 893 4.32 60.42 -33.97
CA VAL D 893 3.92 59.87 -35.26
C VAL D 893 5.18 59.32 -35.90
N ALA D 894 5.37 58.01 -35.84
CA ALA D 894 6.59 57.38 -36.33
C ALA D 894 6.36 56.71 -37.67
N GLU D 895 7.46 56.50 -38.41
CA GLU D 895 7.39 55.96 -39.76
C GLU D 895 7.12 54.46 -39.79
N ARG D 896 7.46 53.74 -38.71
CA ARG D 896 7.32 52.29 -38.68
C ARG D 896 6.73 51.87 -37.34
N VAL D 897 6.15 50.66 -37.31
CA VAL D 897 5.67 50.02 -36.09
C VAL D 897 6.19 48.59 -36.06
N ASN D 898 6.80 48.22 -34.94
CA ASN D 898 7.37 46.89 -34.76
C ASN D 898 6.61 46.16 -33.68
N TRP D 899 6.26 44.90 -33.95
CA TRP D 899 5.55 44.09 -32.97
C TRP D 899 5.83 42.61 -33.22
N LEU D 900 5.72 41.82 -32.15
CA LEU D 900 5.87 40.37 -32.19
C LEU D 900 4.52 39.75 -31.87
N GLY D 901 3.87 39.22 -32.88
CA GLY D 901 2.55 38.65 -32.72
C GLY D 901 2.06 38.12 -34.05
N LEU D 902 0.76 37.90 -34.15
CA LEU D 902 0.20 37.37 -35.38
C LEU D 902 0.20 38.47 -36.46
N GLY D 903 0.81 38.17 -37.59
CA GLY D 903 0.93 39.11 -38.69
C GLY D 903 1.37 38.41 -39.96
N PRO D 904 1.84 39.18 -40.95
CA PRO D 904 1.98 40.64 -40.93
C PRO D 904 0.67 41.39 -41.13
N GLN D 905 -0.27 40.79 -41.85
CA GLN D 905 -1.49 41.50 -42.22
C GLN D 905 -2.47 41.53 -41.04
N GLU D 906 -3.57 42.25 -41.23
CA GLU D 906 -4.59 42.37 -40.22
C GLU D 906 -5.24 41.02 -39.94
N ASN D 907 -5.56 40.80 -38.66
CA ASN D 907 -6.18 39.54 -38.26
C ASN D 907 -7.07 39.79 -37.04
N TYR D 908 -8.09 38.95 -36.88
CA TYR D 908 -9.04 39.02 -35.79
C TYR D 908 -9.25 37.64 -35.21
N PRO D 909 -9.85 37.54 -34.00
CA PRO D 909 -10.03 36.22 -33.37
C PRO D 909 -10.59 35.14 -34.29
N ASP D 910 -11.74 35.39 -34.92
CA ASP D 910 -12.29 34.40 -35.83
C ASP D 910 -11.72 34.53 -37.24
N ARG D 911 -10.59 35.21 -37.41
CA ARG D 911 -9.92 35.28 -38.70
C ARG D 911 -8.42 35.56 -38.48
N LEU D 912 -7.73 34.59 -37.88
CA LEU D 912 -6.30 34.73 -37.63
C LEU D 912 -5.47 33.54 -38.07
N THR D 913 -6.08 32.49 -38.62
CA THR D 913 -5.32 31.29 -38.97
C THR D 913 -4.23 31.58 -40.00
N ALA D 914 -4.47 32.54 -40.90
CA ALA D 914 -3.49 32.83 -41.94
C ALA D 914 -2.29 33.58 -41.38
N ALA D 915 -2.49 34.36 -40.32
CA ALA D 915 -1.39 35.13 -39.75
C ALA D 915 -0.41 34.21 -39.04
N CYS D 916 0.84 34.64 -39.00
CA CYS D 916 1.92 33.89 -38.36
C CYS D 916 2.50 34.69 -37.21
N PHE D 917 2.93 33.97 -36.17
CA PHE D 917 3.65 34.56 -35.04
C PHE D 917 5.11 34.74 -35.46
N ASP D 918 5.53 35.99 -35.58
CA ASP D 918 6.88 36.37 -36.04
C ASP D 918 7.00 37.86 -35.83
N ARG D 919 8.22 38.37 -35.85
CA ARG D 919 8.39 39.81 -35.61
C ARG D 919 8.16 40.57 -36.90
N TRP D 920 7.18 41.45 -36.88
CA TRP D 920 6.70 42.16 -38.06
C TRP D 920 7.06 43.64 -37.94
N ASP D 921 7.57 44.20 -39.03
CA ASP D 921 7.96 45.60 -39.12
C ASP D 921 7.42 46.15 -40.43
N LEU D 922 6.44 47.03 -40.34
CA LEU D 922 5.79 47.62 -41.50
C LEU D 922 5.63 49.12 -41.26
N PRO D 923 5.47 49.90 -42.33
CA PRO D 923 5.10 51.31 -42.15
C PRO D 923 3.70 51.42 -41.55
N LEU D 924 3.48 52.51 -40.82
CA LEU D 924 2.16 52.75 -40.23
C LEU D 924 1.06 52.71 -41.27
N SER D 925 1.37 52.97 -42.55
CA SER D 925 0.38 52.87 -43.60
C SER D 925 -0.31 51.50 -43.60
N ASP D 926 0.45 50.43 -43.34
CA ASP D 926 -0.07 49.07 -43.50
C ASP D 926 -0.90 48.58 -42.33
N MET D 927 -0.84 49.25 -41.17
CA MET D 927 -1.66 48.84 -40.04
C MET D 927 -3.02 49.51 -40.04
N TYR D 928 -3.35 50.23 -41.10
CA TYR D 928 -4.71 50.66 -41.39
C TYR D 928 -5.10 50.08 -42.74
N THR D 929 -6.23 49.38 -42.79
CA THR D 929 -6.66 48.88 -44.08
C THR D 929 -7.79 49.75 -44.62
N PRO D 930 -7.65 50.28 -45.84
CA PRO D 930 -8.63 51.27 -46.36
C PRO D 930 -9.92 50.62 -46.85
N TYR D 931 -10.68 50.04 -45.92
CA TYR D 931 -12.04 49.62 -46.25
C TYR D 931 -12.85 50.85 -46.66
N VAL D 932 -13.44 50.80 -47.85
CA VAL D 932 -14.07 52.00 -48.42
C VAL D 932 -15.16 52.52 -47.49
N PHE D 933 -15.95 51.61 -46.91
CA PHE D 933 -16.75 51.99 -45.75
C PHE D 933 -15.86 51.86 -44.51
N PRO D 934 -15.46 52.96 -43.89
CA PRO D 934 -14.48 52.88 -42.81
C PRO D 934 -15.07 52.23 -41.57
N SER D 935 -14.21 51.52 -40.84
CA SER D 935 -14.62 50.85 -39.62
C SER D 935 -13.39 50.40 -38.87
N GLU D 936 -13.61 49.67 -37.77
CA GLU D 936 -12.54 49.02 -37.05
C GLU D 936 -11.71 48.20 -38.02
N ASN D 937 -10.39 48.34 -37.94
CA ASN D 937 -9.54 47.74 -38.94
C ASN D 937 -8.11 47.67 -38.42
N GLY D 938 -7.27 46.95 -39.17
CA GLY D 938 -5.84 46.90 -38.93
C GLY D 938 -5.41 46.15 -37.68
N LEU D 939 -6.35 45.53 -36.97
CA LEU D 939 -6.00 44.89 -35.71
C LEU D 939 -5.12 43.67 -35.93
N ARG D 940 -4.16 43.49 -35.04
CA ARG D 940 -3.33 42.29 -34.97
C ARG D 940 -3.58 41.61 -33.63
N CYS D 941 -3.61 40.28 -33.62
CA CYS D 941 -4.00 39.52 -32.44
C CYS D 941 -2.82 38.75 -31.88
N GLY D 942 -3.02 38.22 -30.68
CA GLY D 942 -2.01 37.39 -30.03
C GLY D 942 -0.65 38.06 -29.93
N THR D 943 -0.66 39.36 -29.66
CA THR D 943 0.56 40.16 -29.61
C THR D 943 1.00 40.32 -28.16
N ARG D 944 2.28 40.12 -27.91
CA ARG D 944 2.85 40.36 -26.59
C ARG D 944 4.10 41.22 -26.59
N GLU D 945 4.38 41.94 -27.69
CA GLU D 945 5.31 43.05 -27.64
C GLU D 945 4.89 44.04 -28.73
N LEU D 946 4.91 45.32 -28.38
CA LEU D 946 4.41 46.34 -29.29
C LEU D 946 5.29 47.58 -29.11
N ASN D 947 5.99 47.97 -30.18
CA ASN D 947 7.02 49.00 -30.15
C ASN D 947 6.66 50.06 -31.19
N TYR D 948 6.25 51.25 -30.75
CA TYR D 948 5.96 52.35 -31.67
C TYR D 948 6.78 53.57 -31.26
N GLY D 949 7.82 53.86 -32.04
CA GLY D 949 8.72 54.94 -31.74
C GLY D 949 9.47 54.68 -30.46
N PRO D 950 9.31 55.58 -29.48
CA PRO D 950 10.06 55.41 -28.22
C PRO D 950 9.42 54.47 -27.21
N HIS D 951 8.14 54.13 -27.34
CA HIS D 951 7.43 53.41 -26.29
C HIS D 951 7.38 51.91 -26.59
N GLN D 952 7.09 51.13 -25.55
CA GLN D 952 7.01 49.68 -25.64
C GLN D 952 5.89 49.19 -24.72
N TRP D 953 4.94 48.47 -25.30
CA TRP D 953 3.91 47.78 -24.54
C TRP D 953 4.15 46.28 -24.66
N ARG D 954 3.82 45.55 -23.59
CA ARG D 954 3.71 44.10 -23.75
C ARG D 954 2.86 43.49 -22.66
N GLY D 955 2.23 42.39 -23.03
CA GLY D 955 1.30 41.64 -22.20
C GLY D 955 0.83 40.46 -23.03
N ASP D 956 -0.48 40.36 -23.30
CA ASP D 956 -0.98 39.44 -24.32
C ASP D 956 -2.28 40.05 -24.83
N PHE D 957 -2.16 40.90 -25.83
CA PHE D 957 -3.19 41.85 -26.19
C PHE D 957 -3.44 41.82 -27.69
N GLN D 958 -4.50 42.53 -28.09
CA GLN D 958 -4.80 42.81 -29.48
C GLN D 958 -4.58 44.28 -29.73
N PHE D 959 -4.21 44.66 -30.95
CA PHE D 959 -3.83 46.04 -31.15
C PHE D 959 -4.14 46.52 -32.56
N ASN D 960 -4.70 47.73 -32.63
CA ASN D 960 -4.80 48.51 -33.85
C ASN D 960 -3.98 49.79 -33.65
N ILE D 961 -3.54 50.38 -34.76
CA ILE D 961 -2.73 51.60 -34.68
C ILE D 961 -2.82 52.37 -35.99
N SER D 962 -3.25 53.63 -35.89
CA SER D 962 -3.09 54.63 -36.95
C SER D 962 -3.73 55.96 -36.57
N ARG D 963 -3.80 56.87 -37.55
CA ARG D 963 -4.15 58.26 -37.33
C ARG D 963 -5.65 58.51 -37.28
N TYR D 964 -6.48 57.49 -37.10
CA TYR D 964 -7.93 57.68 -37.17
C TYR D 964 -8.59 57.18 -35.89
N SER D 965 -9.31 58.08 -35.23
CA SER D 965 -10.16 57.75 -34.10
C SER D 965 -11.09 56.60 -34.44
N GLN D 966 -11.57 55.92 -33.39
CA GLN D 966 -12.69 55.01 -33.58
C GLN D 966 -14.01 55.77 -33.71
N GLN D 967 -14.06 57.00 -33.20
CA GLN D 967 -15.22 57.85 -33.42
C GLN D 967 -15.26 58.40 -34.84
N GLN D 968 -14.10 58.67 -35.45
CA GLN D 968 -14.09 59.19 -36.82
C GLN D 968 -14.48 58.10 -37.80
N LEU D 969 -13.86 56.92 -37.70
CA LEU D 969 -14.30 55.78 -38.51
C LEU D 969 -15.76 55.46 -38.25
N MET D 970 -16.26 55.78 -37.06
CA MET D 970 -17.66 55.51 -36.74
C MET D 970 -18.60 56.38 -37.55
N GLU D 971 -18.38 57.70 -37.53
CA GLU D 971 -19.29 58.65 -38.13
C GLU D 971 -18.89 59.05 -39.55
N THR D 972 -17.94 58.35 -40.15
CA THR D 972 -17.58 58.50 -41.55
C THR D 972 -18.18 57.35 -42.34
N SER D 973 -18.50 57.61 -43.61
CA SER D 973 -19.06 56.58 -44.48
C SER D 973 -18.19 56.29 -45.71
N HIS D 974 -17.15 57.06 -45.96
CA HIS D 974 -16.28 56.84 -47.11
C HIS D 974 -14.84 57.10 -46.71
N ARG D 975 -13.94 56.19 -47.11
CA ARG D 975 -12.54 56.28 -46.70
C ARG D 975 -11.88 57.57 -47.17
N HIS D 976 -12.33 58.13 -48.31
CA HIS D 976 -11.69 59.34 -48.82
C HIS D 976 -12.03 60.58 -48.02
N LEU D 977 -13.03 60.52 -47.15
CA LEU D 977 -13.39 61.64 -46.27
C LEU D 977 -12.63 61.63 -44.96
N LEU D 978 -11.75 60.65 -44.74
CA LEU D 978 -11.02 60.53 -43.49
C LEU D 978 -9.76 61.40 -43.53
N HIS D 979 -9.56 62.17 -42.48
CA HIS D 979 -8.38 63.01 -42.32
C HIS D 979 -7.54 62.49 -41.16
N ALA D 980 -6.21 62.50 -41.34
CA ALA D 980 -5.32 62.12 -40.27
C ALA D 980 -5.50 63.05 -39.09
N GLU D 981 -5.65 62.47 -37.90
CA GLU D 981 -5.81 63.25 -36.68
C GLU D 981 -4.45 63.58 -36.07
N GLU D 982 -4.46 64.53 -35.15
CA GLU D 982 -3.23 64.91 -34.45
C GLU D 982 -2.72 63.73 -33.64
N GLY D 983 -1.49 63.30 -33.93
CA GLY D 983 -0.92 62.17 -33.23
C GLY D 983 -1.33 60.84 -33.85
N THR D 984 -1.31 59.80 -33.02
CA THR D 984 -1.70 58.46 -33.46
C THR D 984 -2.58 57.81 -32.41
N TRP D 985 -3.70 57.24 -32.85
CA TRP D 985 -4.62 56.55 -31.96
C TRP D 985 -4.20 55.10 -31.79
N LEU D 986 -4.19 54.62 -30.55
CA LEU D 986 -3.78 53.26 -30.24
C LEU D 986 -4.82 52.64 -29.33
N ASN D 987 -5.45 51.56 -29.80
CA ASN D 987 -6.47 50.84 -29.02
C ASN D 987 -5.96 49.41 -28.86
N ILE D 988 -5.38 49.08 -27.71
CA ILE D 988 -4.94 47.72 -27.43
C ILE D 988 -5.90 47.09 -26.43
N ASP D 989 -6.32 45.85 -26.71
CA ASP D 989 -7.33 45.18 -25.93
C ASP D 989 -6.84 43.83 -25.44
N GLY D 990 -7.22 43.46 -24.21
CA GLY D 990 -7.04 42.10 -23.78
C GLY D 990 -8.01 41.12 -24.41
N PHE D 991 -9.14 41.63 -24.92
CA PHE D 991 -10.17 40.82 -25.53
C PHE D 991 -10.76 41.58 -26.70
N HIS D 992 -11.23 40.85 -27.71
CA HIS D 992 -11.85 41.48 -28.87
C HIS D 992 -12.84 40.52 -29.49
N MET D 993 -14.09 40.96 -29.60
CA MET D 993 -15.11 40.16 -30.25
C MET D 993 -14.75 39.91 -31.71
N GLY D 994 -15.11 38.72 -32.20
CA GLY D 994 -14.86 38.38 -33.58
C GLY D 994 -15.65 39.25 -34.54
N ILE D 995 -15.26 39.18 -35.81
CA ILE D 995 -15.90 39.99 -36.83
C ILE D 995 -17.07 39.28 -37.51
N GLY D 996 -17.10 37.95 -37.50
CA GLY D 996 -18.14 37.23 -38.20
C GLY D 996 -17.96 37.34 -39.72
N GLY D 997 -19.00 36.92 -40.42
CA GLY D 997 -18.97 36.98 -41.87
C GLY D 997 -19.64 35.83 -42.58
N ASP D 998 -20.37 34.97 -41.86
CA ASP D 998 -21.19 33.97 -42.53
C ASP D 998 -22.25 34.64 -43.39
N ASP D 999 -22.79 35.75 -42.91
CA ASP D 999 -23.50 36.70 -43.75
C ASP D 999 -23.37 38.08 -43.10
N SER D 1000 -23.88 39.09 -43.80
CA SER D 1000 -23.79 40.47 -43.34
C SER D 1000 -25.16 41.08 -43.14
N TRP D 1001 -26.14 40.26 -42.76
CA TRP D 1001 -27.46 40.76 -42.40
C TRP D 1001 -28.02 40.08 -41.16
N SER D 1002 -27.32 39.13 -40.58
CA SER D 1002 -27.70 38.51 -39.33
C SER D 1002 -26.47 38.43 -38.46
N PRO D 1003 -26.64 38.48 -37.13
CA PRO D 1003 -25.49 38.26 -36.24
C PRO D 1003 -24.79 36.96 -36.58
N SER D 1004 -23.50 37.03 -36.91
CA SER D 1004 -22.79 35.89 -37.47
C SER D 1004 -21.46 35.59 -36.76
N VAL D 1005 -21.27 36.14 -35.57
CA VAL D 1005 -20.10 35.80 -34.75
C VAL D 1005 -20.54 34.70 -33.79
N SER D 1006 -20.00 33.50 -33.95
CA SER D 1006 -20.43 32.37 -33.12
C SER D 1006 -20.07 32.60 -31.66
N ALA D 1007 -20.71 31.81 -30.79
CA ALA D 1007 -20.65 32.04 -29.35
C ALA D 1007 -19.22 32.12 -28.84
N GLU D 1008 -18.32 31.31 -29.38
CA GLU D 1008 -16.96 31.22 -28.86
C GLU D 1008 -16.15 32.48 -29.10
N PHE D 1009 -16.61 33.41 -29.95
CA PHE D 1009 -15.92 34.66 -30.18
C PHE D 1009 -16.65 35.86 -29.61
N GLN D 1010 -17.74 35.64 -28.88
CA GLN D 1010 -18.45 36.71 -28.19
C GLN D 1010 -17.91 36.86 -26.78
N LEU D 1011 -17.41 38.05 -26.44
CA LEU D 1011 -16.94 38.34 -25.10
C LEU D 1011 -18.06 38.15 -24.09
N SER D 1012 -18.21 36.93 -23.57
CA SER D 1012 -19.37 36.53 -22.78
C SER D 1012 -19.02 36.00 -21.40
N ALA D 1013 -17.77 36.14 -20.95
CA ALA D 1013 -17.37 35.48 -19.72
C ALA D 1013 -18.01 36.13 -18.50
N GLY D 1014 -18.03 37.45 -18.43
CA GLY D 1014 -18.53 38.13 -17.26
C GLY D 1014 -17.44 38.86 -16.50
N ARG D 1015 -16.43 38.10 -16.07
CA ARG D 1015 -15.21 38.64 -15.49
C ARG D 1015 -14.09 38.55 -16.52
N TYR D 1016 -13.16 39.51 -16.46
CA TYR D 1016 -12.14 39.63 -17.49
C TYR D 1016 -10.89 40.25 -16.90
N HIS D 1017 -9.73 39.82 -17.40
CA HIS D 1017 -8.45 40.25 -16.85
C HIS D 1017 -7.39 40.27 -17.94
N TYR D 1018 -6.62 41.36 -18.00
CA TYR D 1018 -5.48 41.45 -18.89
C TYR D 1018 -4.45 42.37 -18.25
N GLN D 1019 -3.21 42.22 -18.70
CA GLN D 1019 -2.08 42.94 -18.11
C GLN D 1019 -1.20 43.47 -19.23
N LEU D 1020 -1.02 44.78 -19.25
CA LEU D 1020 -0.02 45.43 -20.07
C LEU D 1020 0.99 46.10 -19.14
N VAL D 1021 2.16 46.39 -19.68
CA VAL D 1021 3.13 47.21 -18.97
C VAL D 1021 3.83 48.11 -19.98
N TRP D 1022 3.70 49.41 -19.79
CA TRP D 1022 4.25 50.40 -20.70
C TRP D 1022 5.71 50.67 -20.38
N CYS D 1023 6.52 50.85 -21.41
CA CYS D 1023 7.92 51.15 -21.16
C CYS D 1023 8.48 51.92 -22.36
N GLN D 1024 9.52 52.70 -22.09
CA GLN D 1024 10.22 53.46 -23.11
C GLN D 1024 11.54 52.78 -23.43
N LYS D 1025 12.24 53.30 -24.44
CA LYS D 1025 13.58 52.83 -24.79
C LYS D 1025 14.17 53.70 -25.90
#